data_7T8C
#
_entry.id   7T8C
#
_cell.length_a   1.00
_cell.length_b   1.00
_cell.length_c   1.00
_cell.angle_alpha   90.00
_cell.angle_beta   90.00
_cell.angle_gamma   90.00
#
_symmetry.space_group_name_H-M   'P 1'
#
_entity_poly.entity_id   1
_entity_poly.type   'polypeptide(L)'
_entity_poly.pdbx_seq_one_letter_code
;MWVLLRSGYPLRILLPLRGEWMGRRGLPRNLAPGPPRRRYRKETLQALDMPVLPVTATEIRQYLRGHGIPFQDGHSCLRA
LSPFAESSQLKGQTGVTTSFSLFIDKTTGHFLCMTSLAEGSWEDFQASVEGRGDGAREGFLLSKAPEFEDSEEVRRIWNR
AIPLWELPDQEEVQLADTMFGLTKVTDDTLKRFSVRYLRPARSLVFPWFSPGGSGLRGLKLLEAKCQGDGVSYEETTIPR
PSAYHNLFGLPLISRRDAEVVLTSRELDSLALNQSTGLPTLTLPRGTTCLPPALLPYLEQFRRIVFWLGDDLRSLEAAKL
FARKLNPKRCFLVRPGDQQPRPLEALNGGFNLSRILRTALPAWHKSIVSFRQLREEVLGELSNVEQAAGLRWSRFPDLNR
ILKGHRKGELTVFTGPTGSGKTTFISEYALDLCSQGVNTLWGSFEISNVRLARVMLTQFAEGRLEDQLDKYDHWADRFED
LPLYFMTFHGQQSIRTVIDTMQHAVYVYDICHVIIDNLQFMMGHEQLSTDRIAAQDYIIGVFRKFATDNNCHVTLVIHPR
KEDDDKELQTASIFGSAKASQEADNVLILQDRKLVTGPGKRYLQVSKNRFDGDVGVFPLEFNKNSLTFSIPPKNKARLKK
IKDDTGPVAKKPSSGKKGATTQNSEICSGQAPTPDQPDTSKRSKAAALEHHHHHH
;
_entity_poly.pdbx_strand_id   A,B,C,D,E,F,G
#
# COMPACT_ATOMS: atom_id res chain seq x y z
N PRO A 54 3.71 31.46 11.15
CA PRO A 54 3.32 30.23 10.46
C PRO A 54 2.19 30.46 9.45
N VAL A 55 2.09 31.68 8.94
CA VAL A 55 1.07 32.06 7.97
C VAL A 55 1.79 32.43 6.67
N THR A 56 1.42 31.76 5.58
CA THR A 56 2.02 32.00 4.28
C THR A 56 1.29 33.11 3.54
N ALA A 57 1.87 33.53 2.42
CA ALA A 57 1.24 34.57 1.60
C ALA A 57 -0.07 34.09 1.02
N THR A 58 -0.17 32.82 0.65
CA THR A 58 -1.42 32.29 0.12
C THR A 58 -2.53 32.36 1.17
N GLU A 59 -2.20 32.06 2.42
CA GLU A 59 -3.19 32.15 3.49
C GLU A 59 -3.67 33.58 3.67
N ILE A 60 -2.77 34.56 3.51
CA ILE A 60 -3.16 35.96 3.58
C ILE A 60 -4.13 36.30 2.45
N ARG A 61 -3.81 35.83 1.23
CA ARG A 61 -4.64 36.16 0.08
C ARG A 61 -6.05 35.56 0.21
N GLN A 62 -6.13 34.30 0.63
CA GLN A 62 -7.44 33.65 0.73
C GLN A 62 -8.27 34.25 1.84
N TYR A 63 -7.64 34.69 2.93
CA TYR A 63 -8.39 35.35 4.00
C TYR A 63 -8.99 36.67 3.52
N LEU A 64 -8.23 37.42 2.72
CA LEU A 64 -8.77 38.65 2.12
C LEU A 64 -9.92 38.33 1.18
N ARG A 65 -9.80 37.23 0.42
CA ARG A 65 -10.89 36.81 -0.46
C ARG A 65 -12.13 36.41 0.34
N GLY A 66 -11.95 36.03 1.61
CA GLY A 66 -13.10 35.71 2.44
C GLY A 66 -14.01 36.90 2.65
N HIS A 67 -13.43 38.08 2.90
CA HIS A 67 -14.18 39.31 3.01
C HIS A 67 -14.38 40.01 1.67
N GLY A 68 -13.79 39.48 0.59
CA GLY A 68 -13.93 40.09 -0.71
C GLY A 68 -13.22 41.41 -0.88
N ILE A 69 -12.18 41.67 -0.08
CA ILE A 69 -11.43 42.91 -0.16
C ILE A 69 -10.51 42.87 -1.37
N PRO A 70 -10.63 43.80 -2.32
CA PRO A 70 -9.72 43.82 -3.48
C PRO A 70 -8.31 44.19 -3.05
N PHE A 71 -7.37 43.27 -3.26
CA PHE A 71 -5.99 43.48 -2.87
C PHE A 71 -5.08 43.33 -4.08
N GLN A 72 -4.02 44.13 -4.10
CA GLN A 72 -3.03 44.12 -5.16
C GLN A 72 -1.68 43.72 -4.59
N ASP A 73 -1.02 42.75 -5.23
CA ASP A 73 0.28 42.25 -4.77
C ASP A 73 1.36 43.27 -5.13
N GLY A 74 1.75 44.08 -4.17
CA GLY A 74 2.77 45.09 -4.40
C GLY A 74 4.07 44.82 -3.66
N HIS A 75 5.10 44.43 -4.40
CA HIS A 75 6.43 44.14 -3.87
C HIS A 75 6.36 43.27 -2.62
N SER A 76 6.58 43.86 -1.45
CA SER A 76 6.62 43.13 -0.19
C SER A 76 5.27 43.08 0.50
N CYS A 77 4.69 44.23 0.83
CA CYS A 77 3.43 44.30 1.55
C CYS A 77 2.28 44.52 0.57
N LEU A 78 1.28 43.66 0.63
CA LEU A 78 0.14 43.78 -0.27
C LEU A 78 -0.68 45.02 0.07
N ARG A 79 -1.24 45.65 -0.95
CA ARG A 79 -2.03 46.86 -0.81
C ARG A 79 -3.50 46.58 -1.12
N ALA A 80 -4.39 47.11 -0.30
CA ALA A 80 -5.82 46.92 -0.48
C ALA A 80 -6.56 48.10 0.11
N LEU A 81 -7.81 48.26 -0.30
CA LEU A 81 -8.65 49.33 0.23
C LEU A 81 -8.88 49.12 1.72
N SER A 82 -8.75 50.20 2.48
CA SER A 82 -8.89 50.12 3.93
C SER A 82 -10.37 50.03 4.30
N PRO A 83 -10.81 48.97 4.98
CA PRO A 83 -12.21 48.88 5.41
C PRO A 83 -12.52 49.58 6.72
N PHE A 84 -11.51 50.05 7.44
CA PHE A 84 -11.71 50.68 8.74
C PHE A 84 -11.30 52.14 8.71
N SER A 99 -5.14 54.62 -3.59
CA SER A 99 -6.28 54.61 -2.68
C SER A 99 -6.22 53.40 -1.75
N PHE A 100 -5.37 52.43 -2.09
CA PHE A 100 -5.20 51.23 -1.28
C PHE A 100 -4.34 51.57 -0.07
N SER A 101 -4.99 52.13 0.95
CA SER A 101 -4.27 52.57 2.14
C SER A 101 -3.85 51.38 3.01
N LEU A 102 -4.66 50.33 3.07
CA LEU A 102 -4.35 49.19 3.93
C LEU A 102 -3.18 48.41 3.38
N PHE A 103 -2.21 48.12 4.24
CA PHE A 103 -1.01 47.35 3.88
C PHE A 103 -0.89 46.15 4.82
N ILE A 104 -0.65 44.99 4.24
CA ILE A 104 -0.52 43.74 4.99
C ILE A 104 0.88 43.19 4.75
N ASP A 105 1.61 42.95 5.83
CA ASP A 105 2.97 42.41 5.72
C ASP A 105 2.94 40.98 5.20
N LYS A 106 3.88 40.67 4.31
CA LYS A 106 3.93 39.33 3.72
C LYS A 106 4.27 38.27 4.75
N THR A 107 5.21 38.58 5.65
CA THR A 107 5.71 37.59 6.60
C THR A 107 5.05 37.65 7.96
N THR A 108 4.66 38.83 8.44
CA THR A 108 4.09 38.97 9.77
C THR A 108 2.62 39.35 9.76
N GLY A 109 2.11 39.91 8.67
CA GLY A 109 0.72 40.30 8.60
C GLY A 109 0.39 41.52 9.43
N HIS A 110 1.42 42.29 9.81
CA HIS A 110 1.21 43.50 10.59
C HIS A 110 0.54 44.57 9.74
N PHE A 111 -0.74 44.83 9.99
CA PHE A 111 -1.50 45.77 9.19
C PHE A 111 -1.13 47.21 9.56
N LEU A 112 -1.25 48.10 8.57
CA LEU A 112 -0.97 49.51 8.77
C LEU A 112 -1.69 50.31 7.68
N CYS A 113 -2.40 51.35 8.10
CA CYS A 113 -3.19 52.17 7.19
C CYS A 113 -2.59 53.57 7.12
N MET A 114 -2.48 54.09 5.89
CA MET A 114 -1.94 55.44 5.71
C MET A 114 -2.89 56.52 6.19
N THR A 115 -4.19 56.22 6.32
CA THR A 115 -5.19 57.18 6.76
C THR A 115 -5.73 56.87 8.15
N SER A 116 -6.20 55.65 8.38
CA SER A 116 -6.74 55.30 9.69
C SER A 116 -5.65 55.22 10.75
N LEU A 117 -4.42 54.90 10.35
CA LEU A 117 -3.28 54.80 11.26
C LEU A 117 -3.55 53.79 12.37
N ALA A 118 -3.83 52.56 11.96
CA ALA A 118 -4.08 51.45 12.87
C ALA A 118 -3.04 50.37 12.64
N GLU A 119 -2.45 49.87 13.72
CA GLU A 119 -1.40 48.87 13.64
C GLU A 119 -1.69 47.75 14.64
N GLY A 120 -1.17 46.57 14.34
CA GLY A 120 -1.34 45.43 15.21
C GLY A 120 -0.89 44.15 14.53
N SER A 121 -1.11 43.04 15.21
CA SER A 121 -0.72 41.74 14.70
C SER A 121 -1.77 41.22 13.71
N TRP A 122 -1.45 40.10 13.07
CA TRP A 122 -2.39 39.48 12.14
C TRP A 122 -3.64 38.99 12.87
N GLU A 123 -3.48 38.43 14.06
CA GLU A 123 -4.62 38.02 14.85
C GLU A 123 -5.48 39.23 15.25
N ASP A 124 -4.84 40.38 15.48
CA ASP A 124 -5.60 41.61 15.73
C ASP A 124 -6.44 41.99 14.52
N PHE A 125 -5.88 41.84 13.32
CA PHE A 125 -6.64 42.11 12.10
C PHE A 125 -7.83 41.18 11.97
N GLN A 126 -7.64 39.89 12.29
CA GLN A 126 -8.74 38.94 12.24
C GLN A 126 -9.84 39.31 13.23
N ALA A 127 -9.46 39.73 14.44
CA ALA A 127 -10.47 40.14 15.43
C ALA A 127 -11.06 41.51 15.12
N SER A 128 -10.37 42.33 14.34
CA SER A 128 -10.87 43.66 14.04
C SER A 128 -12.07 43.62 13.10
N VAL A 129 -12.08 42.64 12.17
CA VAL A 129 -13.16 42.54 11.19
C VAL A 129 -14.38 41.89 11.84
N GLU A 130 -14.22 41.42 13.08
CA GLU A 130 -15.30 40.79 13.83
C GLU A 130 -15.85 41.77 14.85
N GLY A 131 -17.18 41.91 14.88
CA GLY A 131 -17.83 42.81 15.79
C GLY A 131 -18.75 43.80 15.11
N GLU A 147 -4.71 53.35 19.78
CA GLU A 147 -4.27 52.25 20.64
C GLU A 147 -3.04 52.63 21.43
N PHE A 148 -2.16 53.42 20.81
CA PHE A 148 -0.94 53.88 21.45
C PHE A 148 -0.80 55.39 21.26
N GLU A 149 -0.15 56.03 22.23
CA GLU A 149 0.07 57.47 22.20
C GLU A 149 1.54 57.85 22.12
N ASP A 150 2.40 57.18 22.88
CA ASP A 150 3.85 57.44 22.90
C ASP A 150 4.13 58.91 23.19
N SER A 151 3.42 59.45 24.19
CA SER A 151 3.55 60.84 24.59
C SER A 151 4.64 60.95 25.65
N GLU A 152 5.69 61.69 25.33
CA GLU A 152 6.82 61.89 26.24
C GLU A 152 7.19 63.36 26.26
N GLU A 153 7.86 63.77 27.34
CA GLU A 153 8.30 65.15 27.48
C GLU A 153 9.49 65.42 26.57
N VAL A 154 9.23 65.48 25.26
CA VAL A 154 10.29 65.73 24.29
C VAL A 154 10.16 67.11 23.64
N ARG A 155 8.99 67.74 23.70
CA ARG A 155 8.84 69.08 23.15
C ARG A 155 9.67 70.11 23.91
N ARG A 156 9.97 69.84 25.18
CA ARG A 156 10.81 70.76 25.95
C ARG A 156 12.20 70.87 25.35
N ILE A 157 12.79 69.74 24.95
CA ILE A 157 14.11 69.75 24.35
C ILE A 157 14.10 70.53 23.04
N TRP A 158 13.06 70.31 22.22
CA TRP A 158 12.95 71.03 20.95
C TRP A 158 12.82 72.53 21.19
N ASN A 159 12.01 72.93 22.17
CA ASN A 159 11.84 74.35 22.46
C ASN A 159 13.10 74.99 23.02
N ARG A 160 13.98 74.22 23.65
CA ARG A 160 15.20 74.76 24.23
C ARG A 160 16.41 74.59 23.31
N ALA A 161 16.18 74.40 22.02
CA ALA A 161 17.25 74.27 21.05
C ALA A 161 17.01 75.25 19.90
N ILE A 162 18.11 75.74 19.32
CA ILE A 162 18.05 76.76 18.29
C ILE A 162 18.41 76.15 16.94
N PRO A 163 17.67 76.46 15.88
CA PRO A 163 18.05 75.98 14.55
C PRO A 163 19.42 76.49 14.15
N LEU A 164 20.16 75.64 13.45
CA LEU A 164 21.53 75.99 13.04
C LEU A 164 21.53 77.17 12.07
N TRP A 165 20.59 77.22 11.13
CA TRP A 165 20.55 78.29 10.15
C TRP A 165 20.02 79.60 10.72
N GLU A 166 19.44 79.59 11.92
CA GLU A 166 18.91 80.79 12.56
C GLU A 166 19.82 81.29 13.68
N LEU A 167 21.11 80.94 13.64
CA LEU A 167 22.04 81.36 14.68
C LEU A 167 22.82 82.55 14.20
N PRO A 168 22.65 83.75 14.78
CA PRO A 168 23.43 84.91 14.35
C PRO A 168 24.89 84.87 14.79
N ASP A 169 25.25 83.96 15.68
CA ASP A 169 26.63 83.86 16.14
C ASP A 169 27.54 83.41 15.01
N GLN A 170 28.81 83.80 15.10
CA GLN A 170 29.81 83.45 14.10
C GLN A 170 30.79 82.40 14.59
N GLU A 171 31.37 82.60 15.78
CA GLU A 171 32.30 81.61 16.32
C GLU A 171 31.60 80.30 16.64
N GLU A 172 30.38 80.37 17.18
CA GLU A 172 29.67 79.15 17.58
C GLU A 172 29.36 78.27 16.37
N VAL A 173 28.88 78.87 15.28
CA VAL A 173 28.51 78.08 14.11
C VAL A 173 29.76 77.52 13.43
N GLN A 174 30.84 78.30 13.37
CA GLN A 174 32.08 77.81 12.77
C GLN A 174 32.64 76.64 13.56
N LEU A 175 32.61 76.72 14.89
CA LEU A 175 33.04 75.60 15.71
C LEU A 175 32.12 74.40 15.52
N ALA A 176 30.81 74.64 15.36
CA ALA A 176 29.86 73.56 15.22
C ALA A 176 30.12 72.73 13.97
N ASP A 177 30.39 73.39 12.84
CA ASP A 177 30.57 72.65 11.59
C ASP A 177 31.91 71.92 11.55
N THR A 178 32.94 72.47 12.20
CA THR A 178 34.26 71.83 12.18
C THR A 178 34.23 70.49 12.92
N MET A 179 33.56 70.46 14.08
CA MET A 179 33.52 69.21 14.84
C MET A 179 32.62 68.16 14.21
N PHE A 180 31.53 68.59 13.58
CA PHE A 180 30.59 67.68 12.94
C PHE A 180 30.86 67.50 11.45
N GLY A 181 31.92 68.13 10.93
CA GLY A 181 32.22 68.00 9.51
C GLY A 181 31.17 68.58 8.60
N LEU A 182 30.64 69.74 8.94
CA LEU A 182 29.60 70.41 8.15
C LEU A 182 30.14 71.63 7.43
N THR A 183 31.39 71.56 6.96
CA THR A 183 32.01 72.68 6.28
C THR A 183 31.29 73.00 4.97
N LYS A 184 30.91 71.97 4.21
CA LYS A 184 30.28 72.15 2.92
C LYS A 184 28.76 72.15 2.98
N VAL A 185 28.18 72.01 4.17
CA VAL A 185 26.73 72.01 4.32
C VAL A 185 26.21 73.43 4.22
N THR A 186 25.22 73.65 3.37
CA THR A 186 24.63 74.96 3.16
C THR A 186 23.41 75.14 4.06
N ASP A 187 23.07 76.41 4.31
CA ASP A 187 21.93 76.72 5.16
C ASP A 187 20.61 76.31 4.53
N ASP A 188 20.55 76.22 3.19
CA ASP A 188 19.31 75.81 2.53
C ASP A 188 18.93 74.38 2.91
N THR A 189 19.93 73.49 2.98
CA THR A 189 19.65 72.11 3.39
C THR A 189 19.16 72.05 4.82
N LEU A 190 19.71 72.91 5.70
CA LEU A 190 19.29 72.93 7.09
C LEU A 190 17.81 73.30 7.21
N LYS A 191 17.37 74.30 6.44
CA LYS A 191 15.96 74.67 6.46
C LYS A 191 15.07 73.55 5.94
N ARG A 192 15.51 72.88 4.87
CA ARG A 192 14.69 71.83 4.26
C ARG A 192 14.52 70.65 5.21
N PHE A 193 15.58 70.25 5.90
CA PHE A 193 15.53 69.12 6.83
C PHE A 193 15.21 69.53 8.25
N SER A 194 15.10 70.83 8.54
CA SER A 194 14.78 71.34 9.88
C SER A 194 15.77 70.82 10.92
N VAL A 195 17.06 70.88 10.59
CA VAL A 195 18.10 70.44 11.52
C VAL A 195 18.28 71.50 12.60
N ARG A 196 18.21 71.07 13.85
CA ARG A 196 18.29 71.96 15.00
C ARG A 196 19.54 71.64 15.82
N TYR A 197 19.97 72.63 16.62
CA TYR A 197 21.17 72.51 17.43
C TYR A 197 20.84 72.92 18.86
N LEU A 198 21.39 72.19 19.82
CA LEU A 198 21.17 72.45 21.23
C LEU A 198 22.42 73.03 21.85
N ARG A 199 22.25 74.06 22.69
CA ARG A 199 23.34 74.79 23.32
C ARG A 199 23.92 74.11 24.57
N PRO A 200 23.09 73.56 25.48
CA PRO A 200 23.68 73.04 26.73
C PRO A 200 24.75 71.98 26.54
N ALA A 201 24.61 71.10 25.56
CA ALA A 201 25.57 70.02 25.35
C ALA A 201 26.28 70.09 24.01
N ARG A 202 25.96 71.06 23.16
CA ARG A 202 26.57 71.22 21.84
C ARG A 202 26.42 69.94 21.01
N SER A 203 25.17 69.60 20.73
CA SER A 203 24.82 68.39 20.00
C SER A 203 23.80 68.71 18.91
N LEU A 204 23.80 67.90 17.86
CA LEU A 204 22.84 68.03 16.79
C LEU A 204 21.48 67.47 17.22
N VAL A 205 20.42 67.96 16.59
CA VAL A 205 19.06 67.51 16.85
C VAL A 205 18.45 67.06 15.53
N PHE A 206 17.93 65.84 15.50
CA PHE A 206 17.26 65.30 14.33
C PHE A 206 15.84 64.93 14.70
N PRO A 207 14.84 65.70 14.30
CA PRO A 207 13.46 65.46 14.72
C PRO A 207 12.82 64.26 14.03
N TRP A 208 11.79 63.73 14.68
CA TRP A 208 10.97 62.66 14.14
C TRP A 208 9.56 63.19 13.94
N PHE A 209 9.06 63.10 12.72
CA PHE A 209 7.74 63.60 12.36
C PHE A 209 6.77 62.44 12.17
N SER A 210 5.54 62.61 12.66
CA SER A 210 4.52 61.58 12.50
C SER A 210 4.14 61.44 11.03
N PRO A 211 3.83 60.22 10.59
CA PRO A 211 3.42 60.03 9.19
C PRO A 211 2.18 60.82 8.81
N GLY A 212 1.29 61.10 9.76
CA GLY A 212 0.08 61.85 9.52
C GLY A 212 0.21 63.35 9.63
N GLY A 213 1.43 63.86 9.76
CA GLY A 213 1.62 65.30 9.89
C GLY A 213 1.37 65.84 11.28
N SER A 214 1.39 64.98 12.30
CA SER A 214 1.14 65.40 13.68
C SER A 214 2.41 66.03 14.26
N GLY A 215 2.46 66.14 15.58
CA GLY A 215 3.60 66.72 16.26
C GLY A 215 4.82 65.81 16.21
N LEU A 216 5.87 66.28 16.88
CA LEU A 216 7.13 65.53 16.90
C LEU A 216 6.96 64.22 17.65
N ARG A 217 7.60 63.17 17.13
CA ARG A 217 7.55 61.85 17.74
C ARG A 217 8.80 61.51 18.54
N GLY A 218 9.94 62.09 18.19
CA GLY A 218 11.18 61.81 18.90
C GLY A 218 12.29 62.70 18.39
N LEU A 219 13.41 62.66 19.10
CA LEU A 219 14.59 63.44 18.76
C LEU A 219 15.82 62.55 18.83
N LYS A 220 16.72 62.71 17.85
CA LYS A 220 17.99 62.01 17.81
C LYS A 220 19.11 63.02 17.99
N LEU A 221 20.01 62.73 18.93
CA LEU A 221 21.10 63.64 19.28
C LEU A 221 22.43 63.00 18.96
N LEU A 222 23.28 63.75 18.25
CA LEU A 222 24.64 63.32 17.93
C LEU A 222 25.62 64.31 18.53
N GLU A 223 26.58 63.81 19.30
CA GLU A 223 27.57 64.63 19.97
C GLU A 223 28.96 64.24 19.50
N ALA A 224 29.80 65.24 19.25
CA ALA A 224 31.16 65.03 18.76
C ALA A 224 32.13 65.18 19.92
N LYS A 225 32.95 64.15 20.16
CA LYS A 225 33.93 64.16 21.22
C LYS A 225 35.25 63.62 20.69
N CYS A 226 36.35 64.05 21.32
CA CYS A 226 37.68 63.63 20.93
C CYS A 226 38.55 63.31 22.14
N VAL A 231 38.05 62.55 16.99
CA VAL A 231 36.73 62.85 16.44
C VAL A 231 35.85 61.60 16.52
N SER A 232 34.97 61.57 17.52
CA SER A 232 34.06 60.46 17.72
C SER A 232 32.64 60.98 17.89
N TYR A 233 31.69 60.28 17.28
CA TYR A 233 30.28 60.66 17.33
C TYR A 233 29.54 59.73 18.27
N GLU A 234 28.79 60.29 19.21
CA GLU A 234 27.99 59.54 20.17
C GLU A 234 26.51 59.71 19.83
N GLU A 235 25.78 58.62 19.78
CA GLU A 235 24.37 58.61 19.39
C GLU A 235 23.50 58.47 20.64
N THR A 236 22.58 59.41 20.82
CA THR A 236 21.62 59.38 21.90
C THR A 236 20.27 59.82 21.37
N THR A 237 19.23 59.04 21.63
CA THR A 237 17.90 59.29 21.10
C THR A 237 16.85 59.16 22.20
N ILE A 238 15.77 59.92 22.05
CA ILE A 238 14.60 59.85 22.92
C ILE A 238 13.39 59.59 22.04
N PRO A 239 12.61 58.53 22.27
CA PRO A 239 12.73 57.53 23.34
C PRO A 239 13.85 56.50 23.10
N ARG A 240 13.73 55.34 23.76
CA ARG A 240 14.79 54.34 23.71
C ARG A 240 15.02 53.88 22.27
N PRO A 241 16.25 53.48 21.94
CA PRO A 241 16.54 53.06 20.57
C PRO A 241 15.70 51.89 20.09
N SER A 242 15.23 51.03 21.01
CA SER A 242 14.38 49.91 20.61
C SER A 242 13.06 50.36 20.02
N ALA A 243 12.58 51.56 20.36
CA ALA A 243 11.35 52.10 19.84
C ALA A 243 11.56 53.20 18.81
N TYR A 244 12.81 53.59 18.54
CA TYR A 244 13.10 54.64 17.57
C TYR A 244 12.91 54.09 16.16
N HIS A 245 11.91 54.61 15.45
CA HIS A 245 11.54 54.15 14.11
C HIS A 245 11.38 55.33 13.18
N ASN A 246 12.35 56.24 13.19
CA ASN A 246 12.27 57.47 12.42
C ASN A 246 13.01 57.31 11.10
N LEU A 247 12.35 57.70 10.00
CA LEU A 247 12.96 57.77 8.69
C LEU A 247 13.11 59.24 8.32
N PHE A 248 14.35 59.74 8.37
CA PHE A 248 14.61 61.14 8.08
C PHE A 248 14.26 61.46 6.63
N GLY A 249 13.54 62.57 6.44
CA GLY A 249 13.12 62.97 5.11
C GLY A 249 11.83 62.34 4.63
N LEU A 250 11.13 61.59 5.47
CA LEU A 250 9.87 60.99 5.06
C LEU A 250 8.83 62.03 4.67
N PRO A 251 8.58 63.10 5.44
CA PRO A 251 7.68 64.15 4.94
C PRO A 251 8.19 64.82 3.67
N LEU A 252 9.51 64.95 3.51
CA LEU A 252 10.06 65.66 2.36
C LEU A 252 9.78 64.93 1.05
N ILE A 253 9.90 63.61 1.05
CA ILE A 253 9.72 62.84 -0.19
C ILE A 253 8.24 62.84 -0.56
N SER A 254 7.97 62.92 -1.86
CA SER A 254 6.62 62.99 -2.38
C SER A 254 6.18 61.64 -2.93
N ARG A 255 4.89 61.58 -3.30
CA ARG A 255 4.33 60.34 -3.85
C ARG A 255 4.80 60.07 -5.27
N ARG A 256 5.26 61.11 -5.98
CA ARG A 256 5.71 60.97 -7.36
C ARG A 256 7.20 60.67 -7.46
N ASP A 257 7.79 60.09 -6.42
CA ASP A 257 9.22 59.74 -6.40
C ASP A 257 9.37 58.23 -6.40
N ALA A 258 10.16 57.72 -7.34
CA ALA A 258 10.39 56.29 -7.47
C ALA A 258 11.79 55.85 -7.08
N GLU A 259 12.72 56.79 -6.91
CA GLU A 259 14.10 56.47 -6.56
C GLU A 259 14.42 57.04 -5.19
N VAL A 260 15.01 56.20 -4.34
CA VAL A 260 15.41 56.60 -2.99
C VAL A 260 16.72 55.91 -2.66
N VAL A 261 17.60 56.63 -1.97
CA VAL A 261 18.89 56.11 -1.53
C VAL A 261 18.93 56.12 -0.02
N LEU A 262 19.17 54.96 0.58
CA LEU A 262 19.21 54.83 2.03
C LEU A 262 20.62 55.06 2.54
N THR A 263 20.72 55.81 3.64
CA THR A 263 22.00 56.12 4.26
C THR A 263 22.02 55.62 5.70
N SER A 264 23.18 55.13 6.14
CA SER A 264 23.31 54.63 7.50
C SER A 264 23.31 55.77 8.52
N ARG A 265 23.73 56.96 8.12
CA ARG A 265 23.76 58.12 9.00
C ARG A 265 22.78 59.16 8.49
N GLU A 266 22.74 60.31 9.17
CA GLU A 266 21.88 61.42 8.78
C GLU A 266 22.63 62.57 8.15
N LEU A 267 23.86 62.84 8.57
CA LEU A 267 24.63 63.93 7.98
C LEU A 267 24.95 63.66 6.52
N ASP A 268 25.30 62.42 6.19
CA ASP A 268 25.58 62.08 4.79
C ASP A 268 24.33 62.20 3.93
N SER A 269 23.14 61.97 4.52
CA SER A 269 21.91 62.17 3.78
C SER A 269 21.72 63.63 3.39
N LEU A 270 22.08 64.55 4.29
CA LEU A 270 21.97 65.97 3.99
C LEU A 270 22.87 66.34 2.81
N ALA A 271 24.11 65.83 2.81
CA ALA A 271 25.01 66.10 1.70
C ALA A 271 24.54 65.43 0.42
N LEU A 272 24.01 64.20 0.52
CA LEU A 272 23.53 63.50 -0.67
C LEU A 272 22.37 64.24 -1.32
N ASN A 273 21.42 64.72 -0.52
CA ASN A 273 20.30 65.47 -1.07
C ASN A 273 20.72 66.85 -1.58
N GLN A 274 21.77 67.42 -0.99
CA GLN A 274 22.23 68.74 -1.40
C GLN A 274 22.74 68.71 -2.84
N SER A 275 23.51 67.68 -3.20
CA SER A 275 24.14 67.63 -4.52
C SER A 275 23.26 66.92 -5.55
N THR A 276 22.93 65.66 -5.30
CA THR A 276 22.14 64.89 -6.25
C THR A 276 20.72 65.46 -6.38
N GLY A 277 20.10 65.80 -5.25
CA GLY A 277 18.74 66.27 -5.24
C GLY A 277 17.70 65.18 -5.27
N LEU A 278 18.10 63.91 -5.34
CA LEU A 278 17.18 62.80 -5.36
C LEU A 278 16.68 62.49 -3.95
N PRO A 279 15.50 61.90 -3.83
CA PRO A 279 14.97 61.54 -2.50
C PRO A 279 15.90 60.56 -1.79
N THR A 280 15.99 60.71 -0.48
CA THR A 280 16.85 59.87 0.35
C THR A 280 16.22 59.69 1.72
N LEU A 281 16.56 58.59 2.37
CA LEU A 281 16.07 58.26 3.70
C LEU A 281 17.20 57.69 4.54
N THR A 282 17.03 57.73 5.85
CA THR A 282 18.02 57.24 6.79
C THR A 282 17.43 56.10 7.63
N LEU A 283 18.23 55.07 7.86
CA LEU A 283 17.81 53.97 8.71
C LEU A 283 17.71 54.46 10.16
N PRO A 284 16.81 53.86 10.96
CA PRO A 284 16.61 54.33 12.33
C PRO A 284 17.86 54.23 13.20
N ARG A 285 18.46 53.05 13.28
CA ARG A 285 19.68 52.84 14.04
C ARG A 285 20.84 52.48 13.12
N GLY A 286 20.84 53.06 11.93
CA GLY A 286 21.91 52.77 10.97
C GLY A 286 21.87 51.33 10.52
N THR A 287 23.04 50.72 10.41
CA THR A 287 23.18 49.35 9.96
C THR A 287 22.82 48.32 11.02
N THR A 288 22.16 48.73 12.11
CA THR A 288 21.80 47.79 13.16
C THR A 288 20.66 46.89 12.73
N CYS A 289 19.50 47.47 12.44
CA CYS A 289 18.33 46.69 12.04
C CYS A 289 17.34 47.59 11.32
N LEU A 290 16.47 46.97 10.53
CA LEU A 290 15.40 47.68 9.83
C LEU A 290 14.06 47.08 10.25
N PRO A 291 13.30 47.76 11.11
CA PRO A 291 12.02 47.20 11.55
C PRO A 291 11.07 47.05 10.38
N PRO A 292 10.25 46.00 10.38
CA PRO A 292 9.28 45.83 9.28
C PRO A 292 8.23 46.93 9.21
N ALA A 293 8.01 47.68 10.29
CA ALA A 293 7.01 48.75 10.27
C ALA A 293 7.38 49.84 9.27
N LEU A 294 8.67 50.01 8.98
CA LEU A 294 9.11 51.01 8.03
C LEU A 294 9.04 50.52 6.58
N LEU A 295 8.83 49.23 6.36
CA LEU A 295 8.77 48.71 4.99
C LEU A 295 7.63 49.31 4.16
N PRO A 296 6.39 49.44 4.67
CA PRO A 296 5.33 50.02 3.82
C PRO A 296 5.63 51.43 3.33
N TYR A 297 6.38 52.22 4.11
CA TYR A 297 6.71 53.57 3.67
C TYR A 297 7.61 53.57 2.45
N LEU A 298 8.40 52.52 2.26
CA LEU A 298 9.30 52.40 1.11
C LEU A 298 8.68 51.62 -0.03
N GLU A 299 7.41 51.22 0.08
CA GLU A 299 6.78 50.43 -0.98
C GLU A 299 6.61 51.23 -2.26
N GLN A 300 6.38 52.54 -2.16
CA GLN A 300 6.11 53.35 -3.35
C GLN A 300 7.31 53.38 -4.29
N PHE A 301 8.52 53.47 -3.74
CA PHE A 301 9.71 53.56 -4.57
C PHE A 301 9.96 52.26 -5.32
N ARG A 302 10.36 52.38 -6.59
CA ARG A 302 10.67 51.24 -7.42
C ARG A 302 12.15 50.91 -7.47
N ARG A 303 13.01 51.93 -7.48
CA ARG A 303 14.45 51.76 -7.48
C ARG A 303 15.01 52.24 -6.15
N ILE A 304 15.74 51.37 -5.46
CA ILE A 304 16.33 51.68 -4.16
C ILE A 304 17.82 51.39 -4.24
N VAL A 305 18.63 52.34 -3.79
CA VAL A 305 20.08 52.19 -3.78
C VAL A 305 20.55 52.22 -2.33
N PHE A 306 21.30 51.20 -1.93
CA PHE A 306 21.82 51.11 -0.58
C PHE A 306 23.21 51.74 -0.50
N TRP A 307 23.40 52.60 0.51
CA TRP A 307 24.69 53.26 0.75
C TRP A 307 24.80 53.44 2.26
N LEU A 308 25.45 52.47 2.91
CA LEU A 308 25.42 52.36 4.36
C LEU A 308 26.80 52.38 4.99
N GLY A 309 27.79 52.93 4.31
CA GLY A 309 29.12 53.05 4.89
C GLY A 309 30.18 52.69 3.88
N ASP A 310 31.40 52.51 4.39
CA ASP A 310 32.58 52.21 3.58
C ASP A 310 33.33 51.01 4.15
N ASP A 311 32.60 49.96 4.51
CA ASP A 311 33.20 48.77 5.09
C ASP A 311 32.47 47.54 4.56
N LEU A 312 33.18 46.41 4.61
CA LEU A 312 32.58 45.15 4.19
C LEU A 312 31.39 44.78 5.06
N ARG A 313 31.42 45.18 6.34
CA ARG A 313 30.28 44.94 7.21
C ARG A 313 29.04 45.68 6.72
N SER A 314 29.22 46.92 6.25
CA SER A 314 28.08 47.67 5.72
C SER A 314 27.49 47.00 4.49
N LEU A 315 28.33 46.48 3.61
CA LEU A 315 27.84 45.78 2.42
C LEU A 315 27.05 44.53 2.82
N GLU A 316 27.55 43.77 3.79
CA GLU A 316 26.83 42.58 4.26
C GLU A 316 25.50 42.98 4.89
N ALA A 317 25.48 44.05 5.67
CA ALA A 317 24.23 44.54 6.24
C ALA A 317 23.25 44.97 5.17
N ALA A 318 23.75 45.62 4.12
CA ALA A 318 22.88 46.03 3.02
C ALA A 318 22.28 44.82 2.32
N LYS A 319 23.06 43.76 2.13
CA LYS A 319 22.55 42.55 1.49
C LYS A 319 21.43 41.91 2.32
N LEU A 320 21.58 41.88 3.64
CA LEU A 320 20.52 41.35 4.49
C LEU A 320 19.26 42.20 4.37
N PHE A 321 19.41 43.52 4.32
CA PHE A 321 18.26 44.40 4.14
C PHE A 321 17.64 44.21 2.76
N ALA A 322 18.46 43.88 1.76
CA ALA A 322 17.94 43.70 0.41
C ALA A 322 16.96 42.54 0.33
N ARG A 323 17.24 41.45 1.04
CA ARG A 323 16.37 40.28 0.98
C ARG A 323 14.96 40.60 1.47
N LYS A 324 14.84 41.55 2.40
CA LYS A 324 13.52 41.91 2.91
C LYS A 324 12.68 42.63 1.84
N LEU A 325 13.33 43.41 0.99
CA LEU A 325 12.61 44.30 0.08
C LEU A 325 12.69 43.83 -1.37
N ASN A 326 12.61 42.52 -1.61
CA ASN A 326 12.59 41.95 -2.95
C ASN A 326 13.78 42.43 -3.78
N PRO A 327 14.97 41.84 -3.58
CA PRO A 327 16.20 42.41 -4.16
C PRO A 327 16.14 42.71 -5.66
N LYS A 328 15.10 42.25 -6.35
CA LYS A 328 14.96 42.53 -7.76
C LYS A 328 14.71 44.02 -8.04
N ARG A 329 14.35 44.80 -7.02
CA ARG A 329 14.04 46.21 -7.20
C ARG A 329 15.00 47.14 -6.47
N CYS A 330 16.15 46.63 -6.03
CA CYS A 330 17.10 47.43 -5.28
C CYS A 330 18.51 47.22 -5.80
N PHE A 331 19.37 48.21 -5.53
CA PHE A 331 20.75 48.22 -5.99
C PHE A 331 21.68 48.49 -4.82
N LEU A 332 22.96 48.20 -5.02
CA LEU A 332 23.97 48.34 -3.99
C LEU A 332 25.13 49.20 -4.48
N VAL A 333 25.77 49.89 -3.55
CA VAL A 333 26.99 50.64 -3.80
C VAL A 333 28.10 49.96 -3.02
N ARG A 334 29.07 49.38 -3.73
CA ARG A 334 30.13 48.65 -3.07
C ARG A 334 31.11 49.62 -2.40
N PRO A 335 31.60 49.27 -1.20
CA PRO A 335 32.61 50.12 -0.55
C PRO A 335 33.94 50.04 -1.27
N GLY A 336 34.72 51.10 -1.14
CA GLY A 336 36.02 51.15 -1.77
C GLY A 336 36.76 52.42 -1.39
N ASP A 337 38.04 52.46 -1.77
CA ASP A 337 38.85 53.65 -1.50
C ASP A 337 38.31 54.87 -2.23
N GLN A 338 37.88 54.67 -3.48
CA GLN A 338 37.32 55.75 -4.29
C GLN A 338 35.82 55.91 -4.10
N GLN A 339 35.22 55.16 -3.19
CA GLN A 339 33.78 55.22 -2.92
C GLN A 339 33.56 55.45 -1.43
N PRO A 340 33.78 56.68 -0.97
CA PRO A 340 33.59 56.98 0.45
C PRO A 340 32.12 57.24 0.76
N ARG A 341 31.85 57.57 2.02
CA ARG A 341 30.50 57.89 2.42
C ARG A 341 30.06 59.23 1.82
N PRO A 342 28.76 59.44 1.64
CA PRO A 342 28.31 60.70 1.01
C PRO A 342 28.78 61.95 1.74
N LEU A 343 28.84 61.92 3.08
CA LEU A 343 29.34 63.07 3.82
C LEU A 343 30.81 63.36 3.48
N GLU A 344 31.63 62.30 3.44
CA GLU A 344 33.04 62.49 3.12
C GLU A 344 33.25 62.77 1.63
N ALA A 345 32.40 62.20 0.77
CA ALA A 345 32.56 62.40 -0.66
C ALA A 345 32.39 63.86 -1.04
N LEU A 346 31.39 64.53 -0.47
CA LEU A 346 31.20 65.96 -0.75
C LEU A 346 32.31 66.80 -0.13
N ASN A 347 32.73 66.46 1.10
CA ASN A 347 33.82 67.19 1.74
C ASN A 347 35.13 66.97 0.99
N GLY A 348 35.38 65.75 0.53
CA GLY A 348 36.61 65.46 -0.19
C GLY A 348 36.65 65.93 -1.62
N GLY A 349 35.53 66.41 -2.15
CA GLY A 349 35.45 66.91 -3.51
C GLY A 349 35.21 65.88 -4.57
N PHE A 350 35.15 64.59 -4.22
CA PHE A 350 34.89 63.56 -5.21
C PHE A 350 33.45 63.65 -5.71
N ASN A 351 33.28 63.43 -7.01
CA ASN A 351 31.95 63.46 -7.61
C ASN A 351 31.14 62.27 -7.11
N LEU A 352 29.91 62.55 -6.68
CA LEU A 352 29.02 61.50 -6.17
C LEU A 352 28.01 61.01 -7.19
N SER A 353 27.78 61.78 -8.27
CA SER A 353 26.88 61.32 -9.32
C SER A 353 27.40 60.06 -9.99
N ARG A 354 28.71 59.99 -10.22
CA ARG A 354 29.31 58.79 -10.79
C ARG A 354 29.13 57.59 -9.86
N ILE A 355 29.29 57.81 -8.55
CA ILE A 355 29.13 56.73 -7.58
C ILE A 355 27.71 56.19 -7.63
N LEU A 356 26.71 57.07 -7.69
CA LEU A 356 25.33 56.64 -7.77
C LEU A 356 25.04 55.95 -9.11
N ARG A 357 25.72 56.36 -10.17
CA ARG A 357 25.45 55.79 -11.49
C ARG A 357 25.96 54.36 -11.60
N THR A 358 27.05 54.02 -10.92
CA THR A 358 27.66 52.70 -11.02
C THR A 358 27.12 51.71 -10.00
N ALA A 359 25.90 51.93 -9.51
CA ALA A 359 25.29 51.01 -8.57
C ALA A 359 25.01 49.67 -9.24
N LEU A 360 25.36 48.58 -8.56
CA LEU A 360 25.13 47.27 -9.13
C LEU A 360 23.88 46.63 -8.54
N PRO A 361 23.16 45.84 -9.34
CA PRO A 361 21.95 45.19 -8.82
C PRO A 361 22.26 44.25 -7.67
N ALA A 362 21.36 44.24 -6.68
CA ALA A 362 21.48 43.35 -5.54
C ALA A 362 20.89 41.97 -5.81
N TRP A 363 20.14 41.82 -6.90
CA TRP A 363 19.58 40.53 -7.31
C TRP A 363 20.36 40.00 -8.49
N HIS A 364 20.76 38.73 -8.40
CA HIS A 364 21.51 38.07 -9.46
C HIS A 364 20.85 36.75 -9.79
N LYS A 365 21.06 36.29 -11.02
CA LYS A 365 20.63 34.97 -11.40
C LYS A 365 21.53 33.92 -10.73
N SER A 366 21.24 32.65 -11.02
CA SER A 366 22.10 31.58 -10.54
C SER A 366 23.48 31.61 -11.18
N ILE A 367 23.67 32.39 -12.24
CA ILE A 367 24.92 32.48 -12.97
C ILE A 367 25.28 33.95 -13.14
N VAL A 368 26.53 34.30 -12.82
CA VAL A 368 27.00 35.68 -12.87
C VAL A 368 28.36 35.71 -13.54
N SER A 369 28.74 36.91 -14.01
CA SER A 369 30.04 37.14 -14.62
C SER A 369 30.92 37.94 -13.67
N PHE A 370 32.12 38.30 -14.15
CA PHE A 370 33.07 39.04 -13.34
C PHE A 370 32.73 40.52 -13.22
N ARG A 371 31.82 41.03 -14.05
CA ARG A 371 31.48 42.45 -14.01
C ARG A 371 30.89 42.84 -12.66
N GLN A 372 30.03 42.00 -12.10
CA GLN A 372 29.40 42.28 -10.82
C GLN A 372 30.29 41.91 -9.63
N LEU A 373 31.58 41.69 -9.86
CA LEU A 373 32.51 41.33 -8.79
C LEU A 373 33.80 42.15 -8.80
N ARG A 374 33.96 43.10 -9.72
CA ARG A 374 35.19 43.87 -9.80
C ARG A 374 35.41 44.69 -8.52
N GLU A 375 34.35 45.31 -8.00
CA GLU A 375 34.50 46.12 -6.80
C GLU A 375 34.77 45.27 -5.57
N GLU A 376 34.12 44.11 -5.48
CA GLU A 376 34.28 43.26 -4.30
C GLU A 376 35.71 42.73 -4.19
N VAL A 377 36.28 42.28 -5.31
CA VAL A 377 37.65 41.76 -5.28
C VAL A 377 38.65 42.87 -4.98
N LEU A 378 38.39 44.08 -5.47
CA LEU A 378 39.26 45.21 -5.15
C LEU A 378 39.21 45.54 -3.67
N GLY A 379 38.01 45.50 -3.07
CA GLY A 379 37.88 45.78 -1.66
C GLY A 379 38.62 44.77 -0.79
N GLU A 380 38.49 43.48 -1.13
CA GLU A 380 39.19 42.45 -0.37
C GLU A 380 40.70 42.57 -0.52
N LEU A 381 41.17 43.12 -1.65
CA LEU A 381 42.60 43.29 -1.87
C LEU A 381 43.20 44.39 -1.00
N SER A 382 42.40 45.39 -0.61
CA SER A 382 42.89 46.49 0.22
C SER A 382 42.31 46.48 1.63
N ASN A 383 41.47 45.51 1.96
CA ASN A 383 40.84 45.40 3.28
C ASN A 383 40.96 43.97 3.79
N VAL A 384 42.16 43.42 3.74
CA VAL A 384 42.40 42.05 4.19
C VAL A 384 42.02 41.89 5.66
N GLU A 385 42.12 42.96 6.45
CA GLU A 385 41.68 42.91 7.85
C GLU A 385 40.16 42.83 7.93
N GLN A 386 39.45 43.35 6.95
CA GLN A 386 37.99 43.30 6.91
C GLN A 386 37.46 42.05 6.22
N ALA A 387 38.35 41.21 5.67
CA ALA A 387 37.90 39.98 5.02
C ALA A 387 37.24 39.02 6.01
N ALA A 388 37.58 39.12 7.29
CA ALA A 388 37.00 38.31 8.33
C ALA A 388 36.00 39.13 9.14
N GLY A 389 35.51 38.56 10.24
CA GLY A 389 34.54 39.21 11.08
C GLY A 389 35.17 40.22 12.02
N LEU A 390 34.36 40.66 12.97
CA LEU A 390 34.80 41.68 13.93
C LEU A 390 35.83 41.10 14.89
N ARG A 391 36.56 42.00 15.54
CA ARG A 391 37.61 41.63 16.49
C ARG A 391 37.07 41.77 17.91
N TRP A 392 37.20 40.71 18.69
CA TRP A 392 36.74 40.74 20.07
C TRP A 392 37.62 41.66 20.91
N SER A 393 36.99 42.43 21.79
CA SER A 393 37.69 43.35 22.67
C SER A 393 38.02 42.74 24.03
N ARG A 394 37.68 41.47 24.25
CA ARG A 394 37.95 40.82 25.53
C ARG A 394 38.63 39.48 25.41
N PHE A 395 38.80 38.92 24.21
CA PHE A 395 39.44 37.62 24.01
C PHE A 395 40.50 37.74 22.92
N PRO A 396 41.63 38.39 23.22
CA PRO A 396 42.71 38.46 22.22
C PRO A 396 43.23 37.09 21.82
N ASP A 397 43.29 36.14 22.75
CA ASP A 397 43.77 34.80 22.43
C ASP A 397 42.82 34.09 21.48
N LEU A 398 41.51 34.26 21.67
CA LEU A 398 40.55 33.70 20.72
C LEU A 398 40.60 34.43 19.39
N ASN A 399 40.93 35.73 19.42
CA ASN A 399 40.99 36.50 18.18
C ASN A 399 42.17 36.07 17.31
N ARG A 400 43.28 35.69 17.92
CA ARG A 400 44.47 35.36 17.13
C ARG A 400 44.36 34.02 16.42
N ILE A 401 43.36 33.20 16.74
CA ILE A 401 43.17 31.90 16.12
C ILE A 401 41.94 31.89 15.22
N LEU A 402 40.79 32.33 15.74
CA LEU A 402 39.57 32.35 14.93
C LEU A 402 39.59 33.47 13.91
N LYS A 403 40.27 34.57 14.21
CA LYS A 403 40.53 35.71 13.33
C LYS A 403 39.27 36.49 12.95
N GLY A 404 38.11 36.13 13.46
CA GLY A 404 36.92 36.89 13.16
C GLY A 404 35.66 36.08 13.39
N HIS A 405 34.53 36.77 13.21
CA HIS A 405 33.19 36.19 13.38
C HIS A 405 32.39 36.53 12.12
N ARG A 406 32.37 35.60 11.18
CA ARG A 406 31.74 35.84 9.89
C ARG A 406 30.23 35.58 9.99
N LYS A 407 29.54 35.64 8.85
CA LYS A 407 28.11 35.41 8.78
C LYS A 407 27.82 34.13 8.00
N GLY A 408 26.83 33.37 8.47
CA GLY A 408 26.44 32.13 7.83
C GLY A 408 27.19 30.91 8.35
N GLU A 409 28.41 31.08 8.83
CA GLU A 409 29.16 29.97 9.38
C GLU A 409 28.54 29.48 10.67
N LEU A 410 28.59 28.17 10.89
CA LEU A 410 28.03 27.54 12.07
C LEU A 410 29.15 26.91 12.89
N THR A 411 29.15 27.18 14.20
CA THR A 411 30.14 26.65 15.11
C THR A 411 29.44 25.94 16.25
N VAL A 412 30.10 24.91 16.79
CA VAL A 412 29.57 24.10 17.88
C VAL A 412 30.51 24.21 19.08
N PHE A 413 29.93 24.45 20.25
CA PHE A 413 30.68 24.59 21.50
C PHE A 413 30.32 23.42 22.41
N THR A 414 31.32 22.87 23.10
CA THR A 414 31.09 21.73 23.96
C THR A 414 32.13 21.71 25.08
N GLY A 415 31.81 20.96 26.13
CA GLY A 415 32.69 20.80 27.26
C GLY A 415 32.04 20.02 28.38
N PRO A 416 32.84 19.54 29.33
CA PRO A 416 32.28 18.81 30.47
C PRO A 416 31.38 19.70 31.31
N THR A 417 30.35 19.08 31.90
CA THR A 417 29.41 19.80 32.74
C THR A 417 30.07 20.25 34.04
N GLY A 418 29.53 21.31 34.62
CA GLY A 418 30.06 21.87 35.85
C GLY A 418 31.21 22.82 35.68
N SER A 419 31.64 23.09 34.45
CA SER A 419 32.73 24.03 34.17
C SER A 419 32.22 25.42 33.87
N GLY A 420 30.91 25.65 33.99
CA GLY A 420 30.34 26.94 33.66
C GLY A 420 30.47 27.28 32.18
N LYS A 421 30.15 26.32 31.32
CA LYS A 421 30.25 26.53 29.88
C LYS A 421 29.13 27.41 29.38
N THR A 422 28.14 27.66 30.22
CA THR A 422 27.03 28.55 29.92
C THR A 422 27.36 30.00 30.23
N THR A 423 28.28 30.25 31.16
CA THR A 423 28.70 31.61 31.44
C THR A 423 29.62 32.14 30.34
N PHE A 424 30.51 31.28 29.82
CA PHE A 424 31.43 31.73 28.78
C PHE A 424 30.71 32.15 27.52
N ILE A 425 29.70 31.38 27.10
CA ILE A 425 28.98 31.72 25.88
C ILE A 425 28.23 33.03 26.05
N SER A 426 27.73 33.31 27.25
CA SER A 426 27.13 34.61 27.52
C SER A 426 28.16 35.72 27.39
N GLU A 427 29.37 35.49 27.92
CA GLU A 427 30.45 36.47 27.77
C GLU A 427 30.85 36.62 26.30
N TYR A 428 30.91 35.51 25.57
CA TYR A 428 31.28 35.56 24.16
C TYR A 428 30.25 36.36 23.36
N ALA A 429 28.95 36.13 23.61
CA ALA A 429 27.92 36.87 22.91
C ALA A 429 27.89 38.32 23.32
N LEU A 430 28.09 38.61 24.60
CA LEU A 430 28.02 39.99 25.09
C LEU A 430 29.10 40.86 24.49
N ASP A 431 30.32 40.33 24.38
CA ASP A 431 31.41 41.11 23.80
C ASP A 431 31.13 41.46 22.35
N LEU A 432 30.63 40.49 21.57
CA LEU A 432 30.25 40.79 20.19
C LEU A 432 29.03 41.71 20.14
N CYS A 433 28.11 41.55 21.10
CA CYS A 433 26.93 42.41 21.14
C CYS A 433 27.30 43.86 21.43
N SER A 434 28.36 44.08 22.20
CA SER A 434 28.77 45.45 22.54
C SER A 434 29.27 46.22 21.33
N GLN A 435 29.64 45.54 20.25
CA GLN A 435 30.14 46.20 19.05
C GLN A 435 29.04 46.48 18.02
N GLY A 436 27.80 46.17 18.35
CA GLY A 436 26.70 46.45 17.45
C GLY A 436 26.29 45.27 16.60
N VAL A 437 26.11 44.10 17.23
CA VAL A 437 25.68 42.88 16.55
C VAL A 437 24.42 42.39 17.22
N ASN A 438 23.39 42.11 16.42
CA ASN A 438 22.13 41.62 16.95
C ASN A 438 22.28 40.16 17.38
N THR A 439 21.94 39.88 18.64
CA THR A 439 22.07 38.55 19.21
C THR A 439 20.74 38.08 19.79
N LEU A 440 20.47 36.79 19.64
CA LEU A 440 19.25 36.17 20.14
C LEU A 440 19.62 34.97 21.01
N TRP A 441 18.93 34.83 22.14
CA TRP A 441 19.18 33.75 23.08
C TRP A 441 18.00 32.80 23.11
N GLY A 442 18.26 31.53 22.82
CA GLY A 442 17.24 30.51 22.90
C GLY A 442 17.62 29.44 23.90
N SER A 443 18.17 29.85 25.04
CA SER A 443 18.65 28.92 26.04
C SER A 443 17.52 28.07 26.60
N PHE A 444 17.77 26.77 26.73
CA PHE A 444 16.81 25.82 27.25
C PHE A 444 17.38 25.14 28.48
N GLU A 445 16.53 24.92 29.48
CA GLU A 445 16.93 24.31 30.75
C GLU A 445 17.97 25.16 31.48
N ILE A 446 17.95 26.47 31.24
CA ILE A 446 18.88 27.40 31.88
C ILE A 446 18.18 28.42 32.76
N SER A 447 16.85 28.52 32.70
CA SER A 447 16.09 29.53 33.44
C SER A 447 16.55 30.94 33.07
N ASN A 448 16.23 31.29 31.82
CA ASN A 448 16.69 32.52 31.16
C ASN A 448 16.58 33.76 32.03
N VAL A 449 15.66 33.76 33.01
CA VAL A 449 15.61 34.85 33.97
C VAL A 449 16.91 34.92 34.76
N ARG A 450 17.43 33.77 35.19
CA ARG A 450 18.74 33.73 35.82
C ARG A 450 19.84 34.09 34.83
N LEU A 451 19.69 33.67 33.57
CA LEU A 451 20.69 33.98 32.55
C LEU A 451 20.82 35.47 32.34
N ALA A 452 19.69 36.19 32.37
CA ALA A 452 19.74 37.65 32.23
C ALA A 452 20.54 38.29 33.36
N ARG A 453 20.37 37.78 34.58
CA ARG A 453 21.16 38.29 35.70
C ARG A 453 22.64 38.05 35.48
N VAL A 454 23.02 36.85 35.03
CA VAL A 454 24.42 36.53 34.81
C VAL A 454 25.01 37.42 33.72
N MET A 455 24.28 37.58 32.61
CA MET A 455 24.77 38.39 31.51
C MET A 455 24.89 39.86 31.91
N LEU A 456 23.94 40.36 32.70
CA LEU A 456 24.01 41.74 33.16
C LEU A 456 25.21 41.97 34.06
N THR A 457 25.52 41.01 34.94
CA THR A 457 26.71 41.13 35.78
C THR A 457 27.97 41.16 34.93
N GLN A 458 28.00 40.38 33.84
CA GLN A 458 29.14 40.44 32.92
C GLN A 458 29.25 41.81 32.28
N PHE A 459 28.12 42.44 31.95
CA PHE A 459 28.15 43.78 31.40
C PHE A 459 28.73 44.78 32.39
N ALA A 460 28.36 44.64 33.67
CA ALA A 460 28.90 45.54 34.70
C ALA A 460 30.38 45.30 34.96
N GLU A 461 30.94 44.18 34.47
CA GLU A 461 32.34 43.84 34.68
C GLU A 461 32.69 43.84 36.17
N GLY A 462 31.87 43.17 36.95
CA GLY A 462 32.09 43.11 38.38
C GLY A 462 30.90 42.47 39.08
N ARG A 463 30.80 42.73 40.38
CA ARG A 463 29.75 42.16 41.21
C ARG A 463 28.66 43.21 41.44
N LEU A 464 27.44 42.92 40.99
CA LEU A 464 26.33 43.85 41.13
C LEU A 464 25.69 43.80 42.52
N GLU A 465 26.02 42.79 43.34
CA GLU A 465 25.44 42.72 44.68
C GLU A 465 25.88 43.89 45.53
N ASP A 466 27.16 44.26 45.45
CA ASP A 466 27.65 45.41 46.21
C ASP A 466 27.21 46.73 45.58
N GLN A 467 27.04 46.76 44.27
CA GLN A 467 26.66 47.96 43.54
C GLN A 467 25.15 48.04 43.28
N LEU A 468 24.34 47.49 44.19
CA LEU A 468 22.91 47.52 44.01
C LEU A 468 22.36 48.94 44.03
N ASP A 469 23.05 49.86 44.71
CA ASP A 469 22.61 51.26 44.73
C ASP A 469 22.68 51.88 43.35
N LYS A 470 23.75 51.62 42.60
CA LYS A 470 23.91 52.13 41.25
C LYS A 470 23.48 51.07 40.23
N TYR A 471 22.19 50.75 40.27
CA TYR A 471 21.61 49.72 39.41
C TYR A 471 20.80 50.28 38.26
N ASP A 472 20.12 51.41 38.44
CA ASP A 472 19.35 52.01 37.36
C ASP A 472 20.25 52.47 36.22
N HIS A 473 21.44 53.00 36.56
CA HIS A 473 22.35 53.47 35.52
C HIS A 473 22.80 52.34 34.61
N TRP A 474 23.15 51.20 35.18
CA TRP A 474 23.55 50.05 34.36
C TRP A 474 22.35 49.42 33.66
N ALA A 475 21.17 49.49 34.27
CA ALA A 475 19.96 48.98 33.63
C ALA A 475 19.66 49.74 32.35
N ASP A 476 19.78 51.07 32.39
CA ASP A 476 19.57 51.87 31.20
C ASP A 476 20.62 51.56 30.13
N ARG A 477 21.89 51.41 30.56
CA ARG A 477 22.93 51.05 29.61
C ARG A 477 22.73 49.65 29.04
N PHE A 478 22.13 48.74 29.82
CA PHE A 478 21.87 47.40 29.34
C PHE A 478 20.76 47.36 28.30
N GLU A 479 19.77 48.24 28.42
CA GLU A 479 18.61 48.22 27.53
C GLU A 479 18.80 49.15 26.33
N ASP A 480 19.98 49.11 25.73
CA ASP A 480 20.21 49.77 24.44
C ASP A 480 21.00 48.93 23.45
N LEU A 481 21.66 47.85 23.87
CA LEU A 481 22.32 46.96 22.94
C LEU A 481 21.28 46.08 22.24
N PRO A 482 21.58 45.63 21.02
CA PRO A 482 20.69 44.65 20.38
C PRO A 482 20.83 43.28 21.03
N LEU A 483 19.85 42.90 21.86
CA LEU A 483 19.93 41.65 22.61
C LEU A 483 18.51 41.18 22.91
N TYR A 484 18.21 39.94 22.51
CA TYR A 484 16.86 39.41 22.61
C TYR A 484 16.93 37.97 23.12
N PHE A 485 15.81 37.51 23.68
CA PHE A 485 15.71 36.20 24.29
C PHE A 485 14.50 35.45 23.74
N MET A 486 14.58 34.13 23.77
CA MET A 486 13.48 33.26 23.35
C MET A 486 12.88 32.59 24.57
N THR A 487 11.56 32.67 24.70
CA THR A 487 10.82 32.07 25.81
C THR A 487 9.94 30.95 25.26
N PHE A 488 10.37 29.71 25.50
CA PHE A 488 9.61 28.52 25.13
C PHE A 488 9.13 27.84 26.40
N HIS A 489 7.81 27.83 26.60
CA HIS A 489 7.25 27.24 27.81
C HIS A 489 7.00 25.74 27.64
N GLY A 490 6.26 25.37 26.60
CA GLY A 490 5.95 23.97 26.36
C GLY A 490 6.41 23.46 25.00
N GLN A 491 6.58 24.38 24.05
CA GLN A 491 6.97 23.99 22.71
C GLN A 491 8.43 23.57 22.68
N GLN A 492 8.69 22.38 22.12
CA GLN A 492 10.05 21.86 22.02
C GLN A 492 10.37 21.26 20.66
N SER A 493 9.42 21.21 19.73
CA SER A 493 9.65 20.56 18.45
C SER A 493 10.65 21.35 17.61
N ILE A 494 11.37 20.63 16.75
CA ILE A 494 12.38 21.27 15.90
C ILE A 494 11.72 22.20 14.89
N ARG A 495 10.54 21.84 14.38
CA ARG A 495 9.85 22.70 13.42
C ARG A 495 9.46 24.02 14.06
N THR A 496 8.98 23.98 15.30
CA THR A 496 8.53 25.21 15.96
C THR A 496 9.66 26.20 16.15
N VAL A 497 10.82 25.71 16.60
CA VAL A 497 11.93 26.61 16.90
C VAL A 497 12.48 27.23 15.63
N ILE A 498 12.39 26.52 14.51
CA ILE A 498 12.96 27.01 13.25
C ILE A 498 12.18 28.23 12.76
N ASP A 499 10.85 28.15 12.75
CA ASP A 499 10.06 29.27 12.26
C ASP A 499 10.17 30.48 13.19
N THR A 500 10.23 30.25 14.50
CA THR A 500 10.40 31.36 15.44
C THR A 500 11.74 32.04 15.23
N MET A 501 12.81 31.26 15.03
CA MET A 501 14.10 31.85 14.71
C MET A 501 14.06 32.59 13.38
N GLN A 502 13.39 32.00 12.38
CA GLN A 502 13.22 32.70 11.11
C GLN A 502 12.38 33.96 11.29
N HIS A 503 11.34 33.89 12.11
CA HIS A 503 10.52 35.06 12.38
C HIS A 503 11.33 36.15 13.07
N ALA A 504 12.20 35.75 14.01
CA ALA A 504 13.01 36.74 14.74
C ALA A 504 13.94 37.49 13.80
N VAL A 505 14.54 36.79 12.83
CA VAL A 505 15.44 37.44 11.89
C VAL A 505 14.69 38.47 11.05
N TYR A 506 13.49 38.13 10.59
CA TYR A 506 12.72 39.04 9.77
C TYR A 506 12.32 40.30 10.55
N VAL A 507 11.95 40.14 11.82
CA VAL A 507 11.38 41.25 12.57
C VAL A 507 12.44 42.19 13.15
N TYR A 508 13.60 41.66 13.54
CA TYR A 508 14.60 42.47 14.23
C TYR A 508 16.01 42.31 13.68
N ASP A 509 16.17 41.70 12.50
CA ASP A 509 17.47 41.54 11.86
C ASP A 509 18.45 40.82 12.78
N ILE A 510 18.03 39.66 13.28
CA ILE A 510 18.86 38.87 14.18
C ILE A 510 20.05 38.35 13.40
N CYS A 511 21.25 38.81 13.76
CA CYS A 511 22.48 38.41 13.10
C CYS A 511 23.24 37.33 13.86
N HIS A 512 22.73 36.88 15.00
CA HIS A 512 23.42 35.88 15.80
C HIS A 512 22.41 35.16 16.67
N VAL A 513 22.40 33.83 16.59
CA VAL A 513 21.50 33.00 17.38
C VAL A 513 22.34 32.00 18.16
N ILE A 514 22.10 31.91 19.47
CA ILE A 514 22.81 30.98 20.35
C ILE A 514 21.78 30.18 21.14
N ILE A 515 21.91 28.86 21.11
CA ILE A 515 21.05 27.96 21.87
C ILE A 515 21.93 27.21 22.86
N ASP A 516 21.54 27.23 24.14
CA ASP A 516 22.38 26.67 25.19
C ASP A 516 22.31 25.15 25.21
N ASN A 517 21.10 24.59 25.29
CA ASN A 517 20.91 23.16 25.40
C ASN A 517 20.21 22.65 24.13
N LEU A 518 20.81 21.65 23.49
CA LEU A 518 20.20 21.02 22.32
C LEU A 518 19.42 19.77 22.67
N GLN A 519 19.75 19.11 23.78
CA GLN A 519 19.03 17.90 24.18
C GLN A 519 17.58 18.22 24.53
N PHE A 520 17.34 19.38 25.15
CA PHE A 520 15.98 19.78 25.49
C PHE A 520 15.11 19.93 24.24
N MET A 521 15.73 20.28 23.11
CA MET A 521 14.97 20.39 21.87
C MET A 521 14.55 19.03 21.34
N MET A 522 15.31 17.99 21.64
CA MET A 522 14.97 16.63 21.20
C MET A 522 13.68 16.15 21.83
N GLY A 523 13.50 16.46 23.11
CA GLY A 523 12.30 16.07 23.84
N THR A 529 20.53 4.16 18.83
CA THR A 529 20.96 4.87 17.63
C THR A 529 19.96 5.97 17.28
N ASP A 530 18.80 5.95 17.92
CA ASP A 530 17.78 6.96 17.66
C ASP A 530 18.26 8.34 18.08
N ARG A 531 18.94 8.43 19.23
CA ARG A 531 19.44 9.73 19.69
C ARG A 531 20.51 10.27 18.75
N ILE A 532 21.39 9.41 18.25
CA ILE A 532 22.43 9.85 17.33
C ILE A 532 21.81 10.34 16.02
N ALA A 533 20.84 9.58 15.49
CA ALA A 533 20.18 9.98 14.26
C ALA A 533 19.41 11.29 14.45
N ALA A 534 18.72 11.43 15.59
CA ALA A 534 17.98 12.66 15.86
C ALA A 534 18.92 13.85 16.01
N GLN A 535 20.06 13.65 16.69
CA GLN A 535 21.02 14.73 16.86
C GLN A 535 21.62 15.14 15.51
N ASP A 536 21.90 14.16 14.64
CA ASP A 536 22.44 14.48 13.33
C ASP A 536 21.43 15.28 12.51
N TYR A 537 20.15 14.90 12.59
CA TYR A 537 19.11 15.57 11.80
C TYR A 537 18.97 17.03 12.19
N ILE A 538 18.91 17.32 13.49
CA ILE A 538 18.67 18.69 13.93
C ILE A 538 19.86 19.58 13.62
N ILE A 539 21.09 19.04 13.73
CA ILE A 539 22.27 19.83 13.41
C ILE A 539 22.27 20.22 11.94
N GLY A 540 21.89 19.29 11.06
CA GLY A 540 21.79 19.62 9.65
C GLY A 540 20.74 20.69 9.38
N VAL A 541 19.64 20.66 10.12
CA VAL A 541 18.61 21.69 9.96
C VAL A 541 19.15 23.05 10.35
N PHE A 542 19.88 23.13 11.46
CA PHE A 542 20.48 24.40 11.86
C PHE A 542 21.50 24.87 10.85
N ARG A 543 22.31 23.96 10.31
CA ARG A 543 23.26 24.33 9.26
C ARG A 543 22.53 24.83 8.02
N LYS A 544 21.43 24.18 7.64
CA LYS A 544 20.62 24.66 6.52
C LYS A 544 20.02 26.03 6.83
N PHE A 545 19.51 26.21 8.05
CA PHE A 545 18.95 27.51 8.44
C PHE A 545 20.02 28.59 8.46
N ALA A 546 21.20 28.27 9.01
CA ALA A 546 22.26 29.27 9.10
C ALA A 546 22.77 29.68 7.72
N THR A 547 22.94 28.71 6.82
CA THR A 547 23.45 29.03 5.49
C THR A 547 22.42 29.79 4.66
N ASP A 548 21.16 29.37 4.73
CA ASP A 548 20.11 30.02 3.94
C ASP A 548 19.87 31.45 4.40
N ASN A 549 19.83 31.67 5.70
CA ASN A 549 19.54 32.98 6.25
C ASN A 549 20.77 33.81 6.53
N ASN A 550 21.97 33.27 6.31
CA ASN A 550 23.25 33.96 6.51
C ASN A 550 23.44 34.40 7.97
N CYS A 551 22.66 33.85 8.89
CA CYS A 551 22.78 34.22 10.30
C CYS A 551 23.71 33.25 11.03
N HIS A 552 24.68 33.79 11.75
CA HIS A 552 25.60 32.94 12.51
C HIS A 552 24.86 32.27 13.66
N VAL A 553 25.04 30.96 13.78
CA VAL A 553 24.37 30.18 14.81
C VAL A 553 25.42 29.39 15.58
N THR A 554 25.32 29.45 16.91
CA THR A 554 26.23 28.74 17.81
C THR A 554 25.41 27.77 18.65
N LEU A 555 25.82 26.50 18.64
CA LEU A 555 25.15 25.45 19.38
C LEU A 555 26.06 24.94 20.48
N VAL A 556 25.56 24.90 21.70
CA VAL A 556 26.30 24.33 22.82
C VAL A 556 25.75 22.94 23.09
N ILE A 557 26.63 21.94 23.15
CA ILE A 557 26.25 20.54 23.25
C ILE A 557 26.48 20.07 24.68
N HIS A 558 25.45 19.46 25.28
CA HIS A 558 25.56 18.89 26.61
C HIS A 558 25.73 17.37 26.49
N PRO A 559 26.85 16.80 26.95
CA PRO A 559 27.09 15.36 26.87
C PRO A 559 26.18 14.55 27.78
N GLY A 575 32.40 16.01 19.23
CA GLY A 575 32.09 14.84 20.03
C GLY A 575 31.11 13.90 19.35
N SER A 576 29.95 14.44 18.98
CA SER A 576 28.93 13.64 18.31
C SER A 576 29.39 13.23 16.91
N ALA A 577 28.97 12.05 16.50
CA ALA A 577 29.32 11.54 15.18
C ALA A 577 28.65 12.34 14.08
N LYS A 578 29.36 12.52 12.98
CA LYS A 578 28.93 13.24 11.77
C LYS A 578 28.70 14.73 12.01
N ALA A 579 28.95 15.24 13.23
CA ALA A 579 28.76 16.66 13.49
C ALA A 579 29.88 17.51 12.93
N SER A 580 31.10 17.00 12.90
CA SER A 580 32.24 17.79 12.43
C SER A 580 32.10 18.12 10.94
N GLN A 581 31.63 17.17 10.14
CA GLN A 581 31.50 17.41 8.70
C GLN A 581 30.49 18.51 8.41
N GLU A 582 29.34 18.50 9.11
CA GLU A 582 28.33 19.52 8.87
C GLU A 582 28.73 20.86 9.46
N ALA A 583 29.31 20.86 10.65
CA ALA A 583 29.71 22.10 11.29
C ALA A 583 30.95 22.69 10.61
N ASP A 584 31.11 24.01 10.77
CA ASP A 584 32.25 24.72 10.20
C ASP A 584 33.38 24.93 11.21
N ASN A 585 33.06 25.17 12.48
CA ASN A 585 34.05 25.36 13.51
C ASN A 585 33.65 24.59 14.76
N VAL A 586 34.65 24.21 15.55
CA VAL A 586 34.43 23.48 16.81
C VAL A 586 35.18 24.19 17.91
N LEU A 587 34.53 24.33 19.08
CA LEU A 587 35.15 24.89 20.28
C LEU A 587 34.93 23.92 21.42
N ILE A 588 36.01 23.57 22.12
CA ILE A 588 35.97 22.63 23.21
C ILE A 588 36.57 23.30 24.45
N LEU A 589 35.83 23.29 25.55
CA LEU A 589 36.28 23.90 26.81
C LEU A 589 36.50 22.78 27.82
N GLN A 590 37.72 22.26 27.84
CA GLN A 590 38.10 21.20 28.76
C GLN A 590 38.64 21.80 30.06
N ASP A 591 38.78 20.94 31.06
CA ASP A 591 39.25 21.33 32.39
C ASP A 591 40.52 20.57 32.73
N ARG A 592 41.34 21.18 33.58
CA ARG A 592 42.60 20.56 34.01
C ARG A 592 42.80 20.73 35.51
N GLY A 599 39.21 27.17 39.31
CA GLY A 599 38.39 27.44 38.14
C GLY A 599 39.19 27.84 36.91
N LYS A 600 40.18 27.03 36.57
CA LYS A 600 41.05 27.27 35.43
C LYS A 600 40.74 26.26 34.34
N ARG A 601 40.51 26.75 33.12
CA ARG A 601 40.20 25.88 32.00
C ARG A 601 40.95 26.32 30.74
N TYR A 602 40.77 25.60 29.64
CA TYR A 602 41.44 25.93 28.40
C TYR A 602 40.52 25.61 27.22
N LEU A 603 40.58 26.44 26.19
CA LEU A 603 39.76 26.29 24.99
C LEU A 603 40.62 25.75 23.85
N GLN A 604 40.12 24.72 23.18
CA GLN A 604 40.82 24.11 22.05
C GLN A 604 39.92 24.13 20.83
N VAL A 605 40.47 24.58 19.70
CA VAL A 605 39.77 24.61 18.42
C VAL A 605 40.52 23.72 17.45
N SER A 606 39.80 22.78 16.82
CA SER A 606 40.42 21.84 15.91
C SER A 606 39.79 21.86 14.52
N LYS A 607 39.01 22.89 14.19
CA LYS A 607 38.39 22.99 12.88
C LYS A 607 38.09 24.46 12.60
N ASN A 608 38.69 25.01 11.55
CA ASN A 608 38.48 26.39 11.15
C ASN A 608 38.18 26.40 9.65
N ARG A 609 36.90 26.64 9.31
CA ARG A 609 36.51 26.69 7.91
C ARG A 609 37.17 27.84 7.17
N PHE A 610 37.19 29.02 7.79
CA PHE A 610 37.65 30.21 7.08
C PHE A 610 39.17 30.25 6.97
N ASP A 611 39.89 29.77 7.99
CA ASP A 611 41.34 29.90 8.03
C ASP A 611 42.08 28.58 8.11
N GLY A 612 41.49 27.53 8.68
CA GLY A 612 42.22 26.29 8.86
C GLY A 612 43.27 26.33 9.93
N ASP A 613 43.13 27.23 10.91
CA ASP A 613 44.10 27.39 11.99
C ASP A 613 43.56 26.74 13.26
N VAL A 614 44.39 25.93 13.91
CA VAL A 614 44.01 25.24 15.13
C VAL A 614 44.94 25.68 16.25
N GLY A 615 44.53 25.39 17.48
CA GLY A 615 45.32 25.74 18.64
C GLY A 615 44.54 25.55 19.92
N VAL A 616 45.19 25.89 21.02
CA VAL A 616 44.58 25.77 22.35
C VAL A 616 45.25 26.78 23.27
N PHE A 617 44.43 27.47 24.07
CA PHE A 617 44.91 28.47 25.00
C PHE A 617 44.19 28.34 26.34
N PRO A 618 44.87 28.59 27.45
CA PRO A 618 44.23 28.51 28.76
C PRO A 618 43.41 29.76 29.07
N LEU A 619 42.54 29.62 30.06
CA LEU A 619 41.69 30.71 30.53
C LEU A 619 41.59 30.66 32.04
N GLU A 620 41.44 31.84 32.65
CA GLU A 620 41.24 31.97 34.09
C GLU A 620 39.88 32.61 34.33
N PHE A 621 39.05 31.94 35.13
CA PHE A 621 37.70 32.40 35.41
C PHE A 621 37.60 32.88 36.86
N ASN A 622 37.04 34.07 37.04
CA ASN A 622 36.83 34.65 38.36
C ASN A 622 35.33 34.74 38.63
N LYS A 623 34.88 34.15 39.73
CA LYS A 623 33.46 34.17 40.07
C LYS A 623 33.01 35.52 40.60
N ASN A 624 33.94 36.38 41.03
CA ASN A 624 33.56 37.69 41.54
C ASN A 624 32.93 38.55 40.44
N SER A 625 33.50 38.51 39.24
CA SER A 625 33.00 39.31 38.12
C SER A 625 32.36 38.47 37.03
N LEU A 626 32.44 37.14 37.11
CA LEU A 626 31.88 36.25 36.10
C LEU A 626 32.44 36.55 34.71
N THR A 627 33.72 36.93 34.67
CA THR A 627 34.40 37.26 33.42
C THR A 627 35.70 36.48 33.34
N PHE A 628 35.91 35.81 32.20
CA PHE A 628 37.14 35.06 32.00
C PHE A 628 38.31 36.02 31.72
N SER A 629 39.51 35.56 32.04
CA SER A 629 40.71 36.36 31.87
C SER A 629 41.89 35.43 31.60
N ILE A 630 43.00 36.01 31.19
CA ILE A 630 44.21 35.26 30.90
C ILE A 630 45.44 36.05 31.33
N PRO B 54 -13.16 15.29 26.53
CA PRO B 54 -12.77 14.86 25.19
C PRO B 54 -13.57 15.55 24.09
N VAL B 55 -14.08 16.75 24.39
CA VAL B 55 -14.87 17.53 23.45
C VAL B 55 -14.11 18.80 23.14
N THR B 56 -13.84 19.04 21.86
CA THR B 56 -13.11 20.22 21.43
C THR B 56 -14.06 21.39 21.19
N ALA B 57 -13.45 22.57 20.97
CA ALA B 57 -14.26 23.76 20.70
C ALA B 57 -15.02 23.63 19.39
N THR B 58 -14.43 22.99 18.39
CA THR B 58 -15.12 22.80 17.11
C THR B 58 -16.36 21.93 17.30
N GLU B 59 -16.27 20.89 18.12
CA GLU B 59 -17.43 20.04 18.40
C GLU B 59 -18.54 20.83 19.08
N ILE B 60 -18.16 21.76 19.97
CA ILE B 60 -19.16 22.62 20.61
C ILE B 60 -19.85 23.50 19.56
N ARG B 61 -19.06 24.08 18.65
CA ARG B 61 -19.62 24.99 17.65
C ARG B 61 -20.58 24.26 16.71
N GLN B 62 -20.18 23.08 16.24
CA GLN B 62 -21.03 22.34 15.30
C GLN B 62 -22.30 21.83 15.96
N TYR B 63 -22.23 21.49 17.25
CA TYR B 63 -23.45 21.07 17.96
C TYR B 63 -24.43 22.23 18.07
N LEU B 64 -23.93 23.44 18.35
CA LEU B 64 -24.80 24.61 18.36
C LEU B 64 -25.40 24.87 16.98
N ARG B 65 -24.60 24.66 15.93
CA ARG B 65 -25.13 24.81 14.57
C ARG B 65 -26.19 23.78 14.27
N GLY B 66 -26.18 22.65 14.97
CA GLY B 66 -27.24 21.67 14.78
C GLY B 66 -28.61 22.19 15.13
N HIS B 67 -28.72 22.92 16.25
CA HIS B 67 -29.94 23.58 16.64
C HIS B 67 -30.09 24.97 16.04
N GLY B 68 -29.07 25.46 15.33
CA GLY B 68 -29.14 26.77 14.73
C GLY B 68 -29.08 27.92 15.71
N ILE B 69 -28.52 27.71 16.89
CA ILE B 69 -28.43 28.75 17.91
C ILE B 69 -27.31 29.71 17.54
N PRO B 70 -27.60 31.00 17.37
CA PRO B 70 -26.54 31.98 17.06
C PRO B 70 -25.62 32.17 18.25
N PHE B 71 -24.34 31.83 18.06
CA PHE B 71 -23.35 31.91 19.12
C PHE B 71 -22.20 32.81 18.68
N GLN B 72 -21.65 33.55 19.64
CA GLN B 72 -20.53 34.44 19.42
C GLN B 72 -19.34 33.98 20.25
N ASP B 73 -18.18 33.87 19.61
CA ASP B 73 -16.96 33.41 20.27
C ASP B 73 -16.40 34.54 21.13
N GLY B 74 -16.69 34.49 22.43
CA GLY B 74 -16.21 35.52 23.34
C GLY B 74 -15.18 35.02 24.32
N HIS B 75 -13.93 35.44 24.12
CA HIS B 75 -12.80 35.07 24.97
C HIS B 75 -12.78 33.58 25.28
N SER B 76 -13.15 33.21 26.50
CA SER B 76 -13.10 31.83 26.95
C SER B 76 -14.41 31.08 26.71
N CYS B 77 -15.51 31.55 27.29
CA CYS B 77 -16.80 30.89 27.17
C CYS B 77 -17.63 31.56 26.08
N LEU B 78 -18.12 30.75 25.14
CA LEU B 78 -18.93 31.28 24.04
C LEU B 78 -20.27 31.78 24.57
N ARG B 79 -20.78 32.85 23.96
CA ARG B 79 -22.04 33.44 24.34
C ARG B 79 -23.07 33.23 23.25
N ALA B 80 -24.29 32.88 23.65
CA ALA B 80 -25.37 32.65 22.71
C ALA B 80 -26.70 32.94 23.40
N LEU B 81 -27.74 33.14 22.59
CA LEU B 81 -29.07 33.37 23.12
C LEU B 81 -29.55 32.14 23.89
N SER B 82 -30.12 32.38 25.06
CA SER B 82 -30.58 31.28 25.90
C SER B 82 -31.89 30.71 25.37
N PRO B 83 -31.95 29.43 25.02
CA PRO B 83 -33.22 28.84 24.56
C PRO B 83 -34.13 28.36 25.67
N PHE B 84 -33.66 28.34 26.92
CA PHE B 84 -34.46 27.83 28.03
C PHE B 84 -34.77 28.94 29.03
N SER B 99 -27.51 40.29 25.28
CA SER B 99 -28.71 39.45 25.32
C SER B 99 -28.35 37.97 25.29
N PHE B 100 -27.09 37.68 24.95
CA PHE B 100 -26.60 36.30 24.89
C PHE B 100 -26.33 35.82 26.32
N SER B 101 -27.40 35.40 26.98
CA SER B 101 -27.28 34.97 28.37
C SER B 101 -26.62 33.61 28.51
N LEU B 102 -26.84 32.71 27.55
CA LEU B 102 -26.28 31.37 27.65
C LEU B 102 -24.77 31.40 27.43
N PHE B 103 -24.03 30.75 28.32
CA PHE B 103 -22.58 30.66 28.24
C PHE B 103 -22.17 29.19 28.25
N ILE B 104 -21.28 28.83 27.33
CA ILE B 104 -20.79 27.46 27.20
C ILE B 104 -19.29 27.46 27.43
N ASP B 105 -18.83 26.65 28.38
CA ASP B 105 -17.40 26.59 28.68
C ASP B 105 -16.64 25.95 27.52
N LYS B 106 -15.47 26.51 27.21
CA LYS B 106 -14.67 26.02 26.09
C LYS B 106 -14.16 24.61 26.36
N THR B 107 -13.72 24.33 27.59
CA THR B 107 -13.08 23.06 27.91
C THR B 107 -14.02 22.04 28.53
N THR B 108 -15.00 22.47 29.32
CA THR B 108 -15.90 21.54 30.00
C THR B 108 -17.33 21.57 29.48
N GLY B 109 -17.73 22.64 28.81
CA GLY B 109 -19.09 22.73 28.30
C GLY B 109 -20.14 22.95 29.37
N HIS B 110 -19.70 23.37 30.56
CA HIS B 110 -20.63 23.64 31.65
C HIS B 110 -21.48 24.87 31.35
N PHE B 111 -22.75 24.65 31.02
CA PHE B 111 -23.61 25.77 30.64
C PHE B 111 -24.05 26.56 31.87
N LEU B 112 -24.30 27.84 31.65
CA LEU B 112 -24.76 28.73 32.72
C LEU B 112 -25.46 29.93 32.09
N CYS B 113 -26.64 30.25 32.59
CA CYS B 113 -27.47 31.33 32.05
C CYS B 113 -27.57 32.45 33.08
N MET B 114 -27.41 33.69 32.62
CA MET B 114 -27.52 34.83 33.51
C MET B 114 -28.94 35.09 33.97
N THR B 115 -29.93 34.58 33.24
CA THR B 115 -31.34 34.78 33.58
C THR B 115 -32.02 33.51 34.06
N SER B 116 -31.92 32.42 33.30
CA SER B 116 -32.55 31.17 33.70
C SER B 116 -31.86 30.55 34.91
N LEU B 117 -30.56 30.80 35.07
CA LEU B 117 -29.76 30.29 36.18
C LEU B 117 -29.81 28.76 36.23
N ALA B 118 -29.40 28.14 35.12
CA ALA B 118 -29.34 26.70 34.99
C ALA B 118 -27.90 26.28 34.74
N GLU B 119 -27.45 25.26 35.48
CA GLU B 119 -26.07 24.79 35.38
C GLU B 119 -26.06 23.27 35.28
N GLY B 120 -25.00 22.75 34.68
CA GLY B 120 -24.85 21.32 34.53
C GLY B 120 -23.72 20.98 33.59
N SER B 121 -23.57 19.70 33.32
CA SER B 121 -22.52 19.22 32.44
C SER B 121 -22.93 19.39 30.97
N TRP B 122 -21.98 19.10 30.08
CA TRP B 122 -22.27 19.17 28.65
C TRP B 122 -23.29 18.14 28.24
N GLU B 123 -23.20 16.93 28.81
CA GLU B 123 -24.20 15.90 28.54
C GLU B 123 -25.58 16.33 29.05
N ASP B 124 -25.62 17.07 30.16
CA ASP B 124 -26.88 17.61 30.63
C ASP B 124 -27.47 18.59 29.63
N PHE B 125 -26.61 19.43 29.02
CA PHE B 125 -27.09 20.36 27.99
C PHE B 125 -27.64 19.60 26.78
N GLN B 126 -26.98 18.52 26.39
CA GLN B 126 -27.47 17.71 25.27
C GLN B 126 -28.83 17.10 25.59
N ALA B 127 -29.01 16.60 26.81
CA ALA B 127 -30.29 16.03 27.21
C ALA B 127 -31.34 17.10 27.47
N SER B 128 -30.93 18.33 27.75
CA SER B 128 -31.90 19.39 28.05
C SER B 128 -32.65 19.82 26.80
N VAL B 129 -31.99 19.79 25.65
CA VAL B 129 -32.61 20.23 24.40
C VAL B 129 -33.52 19.13 23.87
N GLU B 130 -33.49 17.97 24.50
CA GLU B 130 -34.31 16.83 24.11
C GLU B 130 -35.48 16.70 25.06
N GLY B 131 -36.69 16.56 24.50
CA GLY B 131 -37.89 16.43 25.30
C GLY B 131 -38.95 17.46 24.94
N GLU B 147 -32.49 23.07 40.33
CA GLU B 147 -31.84 21.77 40.50
C GLU B 147 -31.15 21.67 41.86
N PHE B 148 -30.61 22.80 42.32
CA PHE B 148 -29.94 22.87 43.61
C PHE B 148 -30.46 24.06 44.39
N GLU B 149 -30.44 23.93 45.72
CA GLU B 149 -30.90 24.98 46.61
C GLU B 149 -29.79 25.54 47.49
N ASP B 150 -28.94 24.67 48.06
CA ASP B 150 -27.84 25.09 48.92
C ASP B 150 -28.35 25.94 50.09
N SER B 151 -29.44 25.50 50.70
CA SER B 151 -30.07 26.21 51.81
C SER B 151 -29.46 25.71 53.11
N GLU B 152 -28.82 26.62 53.85
CA GLU B 152 -28.17 26.30 55.11
C GLU B 152 -28.53 27.36 56.14
N GLU B 153 -28.42 27.00 57.41
CA GLU B 153 -28.70 27.93 58.49
C GLU B 153 -27.59 28.95 58.63
N VAL B 154 -27.49 29.86 57.67
CA VAL B 154 -26.46 30.89 57.68
C VAL B 154 -27.03 32.29 57.95
N ARG B 155 -28.33 32.49 57.78
CA ARG B 155 -28.93 33.79 58.07
C ARG B 155 -28.88 34.09 59.57
N ARG B 156 -28.83 33.07 60.40
CA ARG B 156 -28.73 33.30 61.85
C ARG B 156 -27.44 34.01 62.21
N ILE B 157 -26.32 33.61 61.59
CA ILE B 157 -25.04 34.26 61.86
C ILE B 157 -25.07 35.72 61.40
N TRP B 158 -25.65 35.97 60.23
CA TRP B 158 -25.75 37.34 59.74
C TRP B 158 -26.61 38.20 60.66
N ASN B 159 -27.72 37.65 61.15
CA ASN B 159 -28.60 38.40 62.04
C ASN B 159 -27.96 38.65 63.40
N ARG B 160 -27.02 37.82 63.83
CA ARG B 160 -26.36 37.98 65.12
C ARG B 160 -25.03 38.70 65.01
N ALA B 161 -24.80 39.45 63.93
CA ALA B 161 -23.58 40.21 63.74
C ALA B 161 -23.94 41.65 63.42
N ILE B 162 -23.08 42.57 63.85
CA ILE B 162 -23.34 44.01 63.70
C ILE B 162 -22.42 44.58 62.64
N PRO B 163 -22.91 45.43 61.74
CA PRO B 163 -22.04 46.08 60.77
C PRO B 163 -20.99 46.94 61.46
N LEU B 164 -19.78 46.96 60.90
CA LEU B 164 -18.69 47.71 61.50
C LEU B 164 -18.96 49.21 61.51
N TRP B 165 -19.57 49.76 60.45
CA TRP B 165 -19.83 51.18 60.38
C TRP B 165 -21.03 51.61 61.22
N GLU B 166 -21.81 50.66 61.73
CA GLU B 166 -22.97 50.95 62.56
C GLU B 166 -22.72 50.67 64.04
N LEU B 167 -21.45 50.65 64.46
CA LEU B 167 -21.11 50.37 65.84
C LEU B 167 -20.85 51.67 66.58
N PRO B 168 -21.70 52.05 67.54
CA PRO B 168 -21.45 53.29 68.30
C PRO B 168 -20.30 53.18 69.28
N ASP B 169 -19.80 51.98 69.55
CA ASP B 169 -18.70 51.82 70.48
C ASP B 169 -17.42 52.44 69.93
N GLN B 170 -16.54 52.86 70.83
CA GLN B 170 -15.27 53.48 70.47
C GLN B 170 -14.09 52.56 70.70
N GLU B 171 -13.99 51.95 71.89
CA GLU B 171 -12.87 51.04 72.15
C GLU B 171 -12.95 49.79 71.29
N GLU B 172 -14.17 49.27 71.08
CA GLU B 172 -14.32 48.03 70.31
C GLU B 172 -13.88 48.22 68.86
N VAL B 173 -14.28 49.32 68.23
CA VAL B 173 -13.94 49.53 66.84
C VAL B 173 -12.45 49.83 66.68
N GLN B 174 -11.87 50.58 67.62
CA GLN B 174 -10.44 50.86 67.56
C GLN B 174 -9.62 49.59 67.71
N LEU B 175 -10.02 48.70 68.63
CA LEU B 175 -9.35 47.41 68.76
C LEU B 175 -9.55 46.57 67.51
N ALA B 176 -10.72 46.65 66.89
CA ALA B 176 -11.02 45.83 65.71
C ALA B 176 -10.11 46.18 64.54
N ASP B 177 -9.88 47.48 64.30
CA ASP B 177 -9.08 47.86 63.15
C ASP B 177 -7.59 47.60 63.38
N THR B 178 -7.13 47.71 64.62
CA THR B 178 -5.72 47.48 64.90
C THR B 178 -5.31 46.03 64.64
N MET B 179 -6.16 45.08 65.05
CA MET B 179 -5.82 43.68 64.86
C MET B 179 -5.96 43.25 63.40
N PHE B 180 -6.92 43.82 62.67
CA PHE B 180 -7.14 43.48 61.27
C PHE B 180 -6.45 44.45 60.31
N GLY B 181 -5.70 45.41 60.84
CA GLY B 181 -5.02 46.38 59.98
C GLY B 181 -5.95 47.24 59.17
N LEU B 182 -7.03 47.74 59.79
CA LEU B 182 -8.01 48.57 59.12
C LEU B 182 -7.92 50.02 59.59
N THR B 183 -6.70 50.50 59.86
CA THR B 183 -6.52 51.85 60.34
C THR B 183 -6.94 52.88 59.29
N LYS B 184 -6.60 52.63 58.02
CA LYS B 184 -6.90 53.57 56.95
C LYS B 184 -8.22 53.28 56.25
N VAL B 185 -8.95 52.25 56.67
CA VAL B 185 -10.22 51.91 56.04
C VAL B 185 -11.29 52.89 56.52
N THR B 186 -12.01 53.48 55.58
CA THR B 186 -13.06 54.43 55.89
C THR B 186 -14.41 53.73 55.98
N ASP B 187 -15.34 54.38 56.69
CA ASP B 187 -16.67 53.82 56.86
C ASP B 187 -17.45 53.77 55.56
N ASP B 188 -17.13 54.63 54.59
CA ASP B 188 -17.84 54.61 53.31
C ASP B 188 -17.60 53.29 52.58
N THR B 189 -16.36 52.78 52.61
CA THR B 189 -16.07 51.50 51.98
C THR B 189 -16.83 50.37 52.66
N LEU B 190 -16.96 50.44 53.99
CA LEU B 190 -17.70 49.41 54.72
C LEU B 190 -19.15 49.34 54.28
N LYS B 191 -19.78 50.51 54.10
CA LYS B 191 -21.17 50.53 53.63
C LYS B 191 -21.28 49.97 52.21
N ARG B 192 -20.33 50.33 51.34
CA ARG B 192 -20.40 49.89 49.95
C ARG B 192 -20.25 48.38 49.83
N PHE B 193 -19.35 47.79 50.60
CA PHE B 193 -19.11 46.35 50.55
C PHE B 193 -19.92 45.57 51.58
N SER B 194 -20.68 46.26 52.44
CA SER B 194 -21.52 45.62 53.45
C SER B 194 -20.71 44.69 54.35
N VAL B 195 -19.55 45.17 54.80
CA VAL B 195 -18.69 44.38 55.69
C VAL B 195 -19.30 44.39 57.08
N ARG B 196 -19.48 43.19 57.64
CA ARG B 196 -20.11 43.02 58.95
C ARG B 196 -19.11 42.42 59.93
N TYR B 197 -19.39 42.63 61.23
CA TYR B 197 -18.52 42.17 62.29
C TYR B 197 -19.34 41.40 63.32
N LEU B 198 -18.78 40.29 63.81
CA LEU B 198 -19.46 39.44 64.79
C LEU B 198 -18.81 39.62 66.16
N ARG B 199 -19.64 39.72 67.19
CA ARG B 199 -19.19 39.95 68.56
C ARG B 199 -18.71 38.70 69.29
N PRO B 200 -19.39 37.55 69.19
CA PRO B 200 -18.97 36.40 70.03
C PRO B 200 -17.53 35.96 69.83
N ALA B 201 -17.00 36.03 68.61
CA ALA B 201 -15.64 35.58 68.36
C ALA B 201 -14.72 36.68 67.84
N ARG B 202 -15.23 37.90 67.66
CA ARG B 202 -14.43 39.04 67.18
C ARG B 202 -13.78 38.71 65.83
N SER B 203 -14.62 38.46 64.84
CA SER B 203 -14.17 38.09 63.51
C SER B 203 -14.92 38.91 62.46
N LEU B 204 -14.28 39.08 61.31
CA LEU B 204 -14.90 39.77 60.19
C LEU B 204 -15.91 38.85 59.50
N VAL B 205 -16.87 39.48 58.81
CA VAL B 205 -17.89 38.76 58.07
C VAL B 205 -17.89 39.28 56.64
N PHE B 206 -17.76 38.37 55.68
CA PHE B 206 -17.79 38.71 54.26
C PHE B 206 -18.93 37.96 53.59
N PRO B 207 -20.03 38.62 53.27
CA PRO B 207 -21.21 37.94 52.73
C PRO B 207 -21.03 37.49 51.29
N TRP B 208 -21.83 36.50 50.92
CA TRP B 208 -21.91 36.00 49.55
C TRP B 208 -23.31 36.28 49.02
N PHE B 209 -23.38 37.00 47.90
CA PHE B 209 -24.65 37.37 47.28
C PHE B 209 -24.89 36.55 46.03
N SER B 210 -26.15 36.13 45.85
CA SER B 210 -26.51 35.37 44.67
C SER B 210 -26.39 36.24 43.42
N PRO B 211 -25.99 35.65 42.29
CA PRO B 211 -25.91 36.43 41.05
C PRO B 211 -27.23 37.05 40.62
N GLY B 212 -28.35 36.43 40.97
CA GLY B 212 -29.66 36.93 40.63
C GLY B 212 -30.27 37.91 41.60
N GLY B 213 -29.49 38.38 42.58
CA GLY B 213 -30.02 39.30 43.57
C GLY B 213 -30.82 38.66 44.67
N SER B 214 -30.68 37.36 44.87
CA SER B 214 -31.43 36.65 45.90
C SER B 214 -30.78 36.87 47.27
N GLY B 215 -31.13 36.03 48.23
CA GLY B 215 -30.58 36.14 49.57
C GLY B 215 -29.12 35.74 49.64
N LEU B 216 -28.60 35.77 50.87
CA LEU B 216 -27.20 35.44 51.09
C LEU B 216 -26.93 33.97 50.77
N ARG B 217 -25.78 33.71 50.16
CA ARG B 217 -25.37 32.36 49.80
C ARG B 217 -24.35 31.76 50.75
N GLY B 218 -23.56 32.60 51.41
CA GLY B 218 -22.56 32.10 52.34
C GLY B 218 -21.87 33.26 53.05
N LEU B 219 -21.08 32.90 54.06
CA LEU B 219 -20.34 33.87 54.85
C LEU B 219 -18.90 33.41 55.01
N LYS B 220 -17.98 34.35 54.89
CA LYS B 220 -16.55 34.10 55.10
C LYS B 220 -16.10 34.85 56.35
N LEU B 221 -15.44 34.14 57.26
CA LEU B 221 -15.02 34.70 58.53
C LEU B 221 -13.50 34.70 58.62
N LEU B 222 -12.93 35.85 58.98
CA LEU B 222 -11.51 36.00 59.21
C LEU B 222 -11.27 36.42 60.65
N GLU B 223 -10.41 35.68 61.35
CA GLU B 223 -10.11 35.93 62.76
C GLU B 223 -8.63 36.22 62.91
N ALA B 224 -8.30 37.23 63.71
CA ALA B 224 -6.92 37.64 63.95
C ALA B 224 -6.45 37.09 65.28
N LYS B 225 -5.35 36.34 65.27
CA LYS B 225 -4.78 35.76 66.47
C LYS B 225 -3.27 35.97 66.48
N CYS B 226 -2.70 36.00 67.67
CA CYS B 226 -1.26 36.20 67.82
C CYS B 226 -0.70 35.28 68.89
N VAL B 231 0.54 38.29 64.80
CA VAL B 231 -0.58 38.65 63.94
C VAL B 231 -0.80 37.60 62.86
N SER B 232 -1.78 36.74 63.07
CA SER B 232 -2.10 35.67 62.14
C SER B 232 -3.60 35.68 61.84
N TYR B 233 -3.94 35.48 60.57
CA TYR B 233 -5.32 35.48 60.12
C TYR B 233 -5.77 34.05 59.85
N GLU B 234 -6.91 33.67 60.42
CA GLU B 234 -7.49 32.35 60.24
C GLU B 234 -8.75 32.46 59.39
N GLU B 235 -8.86 31.62 58.37
CA GLU B 235 -9.96 31.66 57.42
C GLU B 235 -10.96 30.55 57.74
N THR B 236 -12.22 30.93 57.93
CA THR B 236 -13.30 29.98 58.15
C THR B 236 -14.52 30.46 57.38
N THR B 237 -15.11 29.56 56.59
CA THR B 237 -16.24 29.89 55.73
C THR B 237 -17.34 28.85 55.86
N ILE B 238 -18.57 29.32 55.65
CA ILE B 238 -19.75 28.47 55.62
C ILE B 238 -20.46 28.71 54.28
N PRO B 239 -20.69 27.68 53.45
CA PRO B 239 -20.40 26.26 53.67
C PRO B 239 -18.92 25.89 53.49
N ARG B 240 -18.67 24.62 53.22
CA ARG B 240 -17.30 24.13 53.15
C ARG B 240 -16.52 24.86 52.06
N PRO B 241 -15.20 25.00 52.22
CA PRO B 241 -14.41 25.72 51.22
C PRO B 241 -14.48 25.10 49.83
N SER B 242 -14.73 23.80 49.73
CA SER B 242 -14.84 23.15 48.43
C SER B 242 -16.03 23.69 47.63
N ALA B 243 -17.06 24.19 48.29
CA ALA B 243 -18.23 24.74 47.61
C ALA B 243 -18.29 26.26 47.66
N TYR B 244 -17.33 26.91 48.32
CA TYR B 244 -17.31 28.37 48.41
C TYR B 244 -16.87 28.94 47.07
N HIS B 245 -17.78 29.64 46.39
CA HIS B 245 -17.55 30.20 45.06
C HIS B 245 -17.99 31.66 45.02
N ASN B 246 -17.57 32.43 46.02
CA ASN B 246 -18.00 33.82 46.15
C ASN B 246 -16.97 34.76 45.55
N LEU B 247 -17.43 35.68 44.71
CA LEU B 247 -16.61 36.76 44.17
C LEU B 247 -17.05 38.06 44.83
N PHE B 248 -16.23 38.57 45.75
CA PHE B 248 -16.57 39.79 46.47
C PHE B 248 -16.66 40.96 45.51
N GLY B 249 -17.72 41.75 45.65
CA GLY B 249 -17.94 42.90 44.79
C GLY B 249 -18.62 42.60 43.47
N LEU B 250 -19.08 41.37 43.27
CA LEU B 250 -19.79 41.04 42.03
C LEU B 250 -21.06 41.86 41.84
N PRO B 251 -21.94 42.03 42.82
CA PRO B 251 -23.06 42.97 42.63
C PRO B 251 -22.61 44.41 42.41
N LEU B 252 -21.50 44.82 43.03
CA LEU B 252 -21.07 46.20 42.94
C LEU B 252 -20.64 46.58 41.52
N ILE B 253 -19.93 45.68 40.84
CA ILE B 253 -19.44 45.98 39.50
C ILE B 253 -20.59 46.01 38.52
N SER B 254 -20.54 46.94 37.57
CA SER B 254 -21.59 47.14 36.59
C SER B 254 -21.21 46.51 35.25
N ARG B 255 -22.19 46.52 34.34
CA ARG B 255 -21.97 45.96 33.01
C ARG B 255 -21.08 46.85 32.15
N ARG B 256 -20.98 48.13 32.47
CA ARG B 256 -20.18 49.08 31.70
C ARG B 256 -18.74 49.18 32.21
N ASP B 257 -18.23 48.15 32.86
CA ASP B 257 -16.88 48.12 33.39
C ASP B 257 -16.05 47.10 32.62
N ALA B 258 -14.91 47.53 32.10
CA ALA B 258 -14.03 46.66 31.33
C ALA B 258 -12.73 46.31 32.04
N GLU B 259 -12.41 47.00 33.14
CA GLU B 259 -11.18 46.75 33.87
C GLU B 259 -11.51 46.23 35.27
N VAL B 260 -10.83 45.15 35.65
CA VAL B 260 -11.03 44.55 36.97
C VAL B 260 -9.67 44.05 37.45
N VAL B 261 -9.43 44.21 38.76
CA VAL B 261 -8.19 43.74 39.38
C VAL B 261 -8.56 42.69 40.42
N LEU B 262 -7.97 41.50 40.29
CA LEU B 262 -8.25 40.40 41.19
C LEU B 262 -7.28 40.43 42.37
N THR B 263 -7.81 40.19 43.56
CA THR B 263 -7.01 40.18 44.79
C THR B 263 -7.15 38.82 45.48
N SER B 264 -6.04 38.37 46.06
CA SER B 264 -6.04 37.08 46.76
C SER B 264 -6.82 37.15 48.07
N ARG B 265 -6.90 38.33 48.67
CA ARG B 265 -7.61 38.53 49.92
C ARG B 265 -8.81 39.44 49.68
N GLU B 266 -9.54 39.75 50.76
CA GLU B 266 -10.68 40.65 50.69
C GLU B 266 -10.40 42.02 51.29
N LEU B 267 -9.58 42.11 52.34
CA LEU B 267 -9.27 43.40 52.93
C LEU B 267 -8.50 44.29 51.96
N ASP B 268 -7.55 43.72 51.22
CA ASP B 268 -6.81 44.51 50.24
C ASP B 268 -7.71 45.00 49.12
N SER B 269 -8.77 44.24 48.79
CA SER B 269 -9.72 44.70 47.79
C SER B 269 -10.46 45.95 48.26
N LEU B 270 -10.79 46.01 49.55
CA LEU B 270 -11.45 47.20 50.10
C LEU B 270 -10.55 48.42 49.96
N ALA B 271 -9.26 48.27 50.29
CA ALA B 271 -8.33 49.38 50.15
C ALA B 271 -8.11 49.74 48.69
N LEU B 272 -8.03 48.73 47.81
CA LEU B 272 -7.82 49.00 46.39
C LEU B 272 -8.98 49.79 45.79
N ASN B 273 -10.21 49.41 46.13
CA ASN B 273 -11.37 50.13 45.62
C ASN B 273 -11.51 51.51 46.27
N GLN B 274 -11.02 51.66 47.50
CA GLN B 274 -11.12 52.95 48.19
C GLN B 274 -10.32 54.02 47.47
N SER B 275 -9.10 53.68 47.03
CA SER B 275 -8.20 54.67 46.43
C SER B 275 -8.37 54.76 44.92
N THR B 276 -8.13 53.66 44.21
CA THR B 276 -8.23 53.67 42.76
C THR B 276 -9.65 53.92 42.29
N GLY B 277 -10.63 53.27 42.94
CA GLY B 277 -12.01 53.37 42.52
C GLY B 277 -12.40 52.46 41.37
N LEU B 278 -11.45 51.70 40.83
CA LEU B 278 -11.72 50.79 39.73
C LEU B 278 -12.38 49.51 40.24
N PRO B 279 -13.15 48.81 39.41
CA PRO B 279 -13.76 47.55 39.84
C PRO B 279 -12.71 46.52 40.21
N THR B 280 -13.03 45.73 41.23
CA THR B 280 -12.13 44.69 41.72
C THR B 280 -12.93 43.51 42.23
N LEU B 281 -12.30 42.34 42.21
CA LEU B 281 -12.91 41.10 42.68
C LEU B 281 -11.89 40.31 43.48
N THR B 282 -12.39 39.38 44.28
CA THR B 282 -11.56 38.53 45.12
C THR B 282 -11.76 37.07 44.76
N LEU B 283 -10.67 36.32 44.72
CA LEU B 283 -10.74 34.88 44.47
C LEU B 283 -11.42 34.19 45.66
N PRO B 284 -12.11 33.07 45.40
CA PRO B 284 -12.85 32.40 46.48
C PRO B 284 -11.96 31.93 47.62
N ARG B 285 -10.93 31.15 47.32
CA ARG B 285 -9.98 30.65 48.31
C ARG B 285 -8.59 31.24 48.07
N GLY B 286 -8.55 32.49 47.61
CA GLY B 286 -7.27 33.12 47.34
C GLY B 286 -6.53 32.44 46.20
N THR B 287 -5.23 32.28 46.38
CA THR B 287 -4.37 31.67 45.37
C THR B 287 -4.48 30.15 45.32
N THR B 288 -5.51 29.57 45.96
CA THR B 288 -5.66 28.12 45.95
C THR B 288 -6.11 27.61 44.59
N CYS B 289 -7.29 28.03 44.15
CA CYS B 289 -7.82 27.59 42.88
C CYS B 289 -8.90 28.55 42.41
N LEU B 290 -9.16 28.55 41.11
CA LEU B 290 -10.22 29.35 40.50
C LEU B 290 -11.20 28.43 39.79
N PRO B 291 -12.38 28.17 40.37
CA PRO B 291 -13.33 27.27 39.71
C PRO B 291 -13.78 27.84 38.38
N PRO B 292 -14.00 26.98 37.39
CA PRO B 292 -14.47 27.48 36.08
C PRO B 292 -15.84 28.12 36.12
N ALA B 293 -16.65 27.84 37.16
CA ALA B 293 -17.98 28.43 37.24
C ALA B 293 -17.91 29.95 37.36
N LEU B 294 -16.81 30.48 37.90
CA LEU B 294 -16.65 31.91 38.05
C LEU B 294 -16.12 32.58 36.79
N LEU B 295 -15.65 31.80 35.81
CA LEU B 295 -15.13 32.39 34.58
C LEU B 295 -16.17 33.21 33.80
N PRO B 296 -17.41 32.75 33.59
CA PRO B 296 -18.36 33.58 32.83
C PRO B 296 -18.62 34.94 33.44
N TYR B 297 -18.54 35.07 34.77
CA TYR B 297 -18.76 36.37 35.40
C TYR B 297 -17.69 37.37 35.03
N LEU B 298 -16.48 36.91 34.70
CA LEU B 298 -15.38 37.77 34.33
C LEU B 298 -15.24 37.93 32.81
N GLU B 299 -16.18 37.37 32.04
CA GLU B 299 -16.09 37.47 30.58
C GLU B 299 -16.28 38.90 30.09
N GLN B 300 -17.10 39.69 30.78
CA GLN B 300 -17.40 41.04 30.31
C GLN B 300 -16.14 41.92 30.29
N PHE B 301 -15.29 41.78 31.31
CA PHE B 301 -14.10 42.63 31.40
C PHE B 301 -13.11 42.28 30.30
N ARG B 302 -12.51 43.33 29.72
CA ARG B 302 -11.50 43.17 28.67
C ARG B 302 -10.08 43.22 29.20
N ARG B 303 -9.81 44.08 30.18
CA ARG B 303 -8.49 44.19 30.80
C ARG B 303 -8.58 43.68 32.23
N ILE B 304 -7.73 42.70 32.57
CA ILE B 304 -7.71 42.10 33.89
C ILE B 304 -6.28 42.19 34.42
N VAL B 305 -6.13 42.66 35.65
CA VAL B 305 -4.83 42.79 36.30
C VAL B 305 -4.81 41.88 37.51
N PHE B 306 -3.81 41.00 37.57
CA PHE B 306 -3.66 40.07 38.68
C PHE B 306 -2.79 40.68 39.77
N TRP B 307 -3.26 40.59 41.02
CA TRP B 307 -2.53 41.10 42.18
C TRP B 307 -2.89 40.18 43.35
N LEU B 308 -2.07 39.15 43.56
CA LEU B 308 -2.42 38.05 44.45
C LEU B 308 -1.41 37.84 45.57
N GLY B 309 -0.63 38.87 45.91
CA GLY B 309 0.30 38.76 47.01
C GLY B 309 1.63 39.38 46.66
N ASP B 310 2.62 39.09 47.50
CA ASP B 310 3.97 39.64 47.39
C ASP B 310 5.01 38.53 47.47
N ASP B 311 4.76 37.44 46.76
CA ASP B 311 5.66 36.30 46.78
C ASP B 311 5.74 35.70 45.39
N LEU B 312 6.85 35.00 45.13
CA LEU B 312 7.03 34.32 43.84
C LEU B 312 5.96 33.26 43.63
N ARG B 313 5.48 32.64 44.72
CA ARG B 313 4.39 31.69 44.60
C ARG B 313 3.12 32.35 44.07
N SER B 314 2.83 33.57 44.54
CA SER B 314 1.65 34.28 44.05
C SER B 314 1.76 34.58 42.56
N LEU B 315 2.95 34.97 42.09
CA LEU B 315 3.15 35.24 40.68
C LEU B 315 2.94 33.97 39.85
N GLU B 316 3.47 32.84 40.32
CA GLU B 316 3.26 31.57 39.61
C GLU B 316 1.79 31.19 39.58
N ALA B 317 1.09 31.39 40.71
CA ALA B 317 -0.34 31.11 40.75
C ALA B 317 -1.10 32.01 39.78
N ALA B 318 -0.71 33.28 39.69
CA ALA B 318 -1.35 34.20 38.75
C ALA B 318 -1.14 33.74 37.32
N LYS B 319 0.06 33.27 36.99
CA LYS B 319 0.33 32.79 35.64
C LYS B 319 -0.53 31.59 35.27
N LEU B 320 -0.74 30.67 36.21
CA LEU B 320 -1.62 29.54 35.95
C LEU B 320 -3.05 30.01 35.72
N PHE B 321 -3.52 30.98 36.51
CA PHE B 321 -4.85 31.54 36.31
C PHE B 321 -4.94 32.27 34.97
N ALA B 322 -3.84 32.87 34.52
CA ALA B 322 -3.86 33.62 33.27
C ALA B 322 -4.15 32.72 32.09
N ARG B 323 -3.59 31.51 32.09
CA ARG B 323 -3.79 30.59 30.96
C ARG B 323 -5.26 30.24 30.77
N LYS B 324 -6.03 30.23 31.86
CA LYS B 324 -7.46 29.91 31.74
C LYS B 324 -8.22 31.02 31.03
N LEU B 325 -7.81 32.27 31.22
CA LEU B 325 -8.59 33.41 30.74
C LEU B 325 -7.95 34.12 29.57
N ASN B 326 -7.36 33.35 28.63
CA ASN B 326 -6.77 33.90 27.42
C ASN B 326 -5.77 35.01 27.72
N PRO B 327 -4.54 34.66 28.12
CA PRO B 327 -3.59 35.66 28.65
C PRO B 327 -3.40 36.91 27.80
N LYS B 328 -3.91 36.89 26.57
CA LYS B 328 -3.80 38.08 25.71
C LYS B 328 -4.62 39.25 26.23
N ARG B 329 -5.53 39.03 27.18
CA ARG B 329 -6.40 40.07 27.68
C ARG B 329 -6.19 40.36 29.17
N CYS B 330 -5.08 39.88 29.74
CA CYS B 330 -4.83 40.06 31.17
C CYS B 330 -3.39 40.51 31.39
N PHE B 331 -3.18 41.15 32.56
CA PHE B 331 -1.89 41.70 32.93
C PHE B 331 -1.52 41.21 34.33
N LEU B 332 -0.25 41.36 34.66
CA LEU B 332 0.30 40.90 35.93
C LEU B 332 1.02 42.02 36.65
N VAL B 333 1.01 41.95 37.98
CA VAL B 333 1.78 42.84 38.83
C VAL B 333 2.84 42.01 39.53
N ARG B 334 4.11 42.25 39.21
CA ARG B 334 5.18 41.46 39.77
C ARG B 334 5.40 41.81 41.23
N PRO B 335 5.67 40.81 42.08
CA PRO B 335 5.99 41.10 43.48
C PRO B 335 7.35 41.77 43.62
N GLY B 336 7.50 42.55 44.69
CA GLY B 336 8.75 43.24 44.94
C GLY B 336 8.69 43.95 46.28
N ASP B 337 9.87 44.45 46.67
CA ASP B 337 9.96 45.22 47.92
C ASP B 337 9.13 46.50 47.84
N GLN B 338 9.15 47.17 46.70
CA GLN B 338 8.40 48.39 46.48
C GLN B 338 7.00 48.13 45.95
N GLN B 339 6.60 46.87 45.85
CA GLN B 339 5.28 46.49 45.34
C GLN B 339 4.60 45.57 46.35
N PRO B 340 4.11 46.13 47.45
CA PRO B 340 3.45 45.31 48.47
C PRO B 340 2.00 45.04 48.10
N ARG B 341 1.30 44.34 48.98
CA ARG B 341 -0.11 44.06 48.76
C ARG B 341 -0.92 45.34 48.89
N PRO B 342 -2.10 45.41 48.25
CA PRO B 342 -2.89 46.64 48.31
C PRO B 342 -3.24 47.08 49.73
N LEU B 343 -3.51 46.13 50.63
CA LEU B 343 -3.80 46.49 52.01
C LEU B 343 -2.59 47.16 52.67
N GLU B 344 -1.41 46.59 52.46
CA GLU B 344 -0.20 47.18 53.06
C GLU B 344 0.23 48.44 52.33
N ALA B 345 -0.01 48.51 51.01
CA ALA B 345 0.39 49.69 50.25
C ALA B 345 -0.32 50.95 50.74
N LEU B 346 -1.63 50.85 51.00
CA LEU B 346 -2.37 52.00 51.50
C LEU B 346 -1.95 52.32 52.94
N ASN B 347 -1.76 51.29 53.77
CA ASN B 347 -1.32 51.53 55.14
C ASN B 347 0.09 52.12 55.18
N GLY B 348 0.98 51.63 54.31
CA GLY B 348 2.33 52.13 54.28
C GLY B 348 2.52 53.47 53.61
N GLY B 349 1.47 53.99 52.97
CA GLY B 349 1.53 55.28 52.31
C GLY B 349 2.06 55.28 50.90
N PHE B 350 2.50 54.13 50.40
CA PHE B 350 3.00 54.05 49.03
C PHE B 350 1.87 54.25 48.03
N ASN B 351 2.15 54.98 46.96
CA ASN B 351 1.15 55.21 45.92
C ASN B 351 0.87 53.90 45.18
N LEU B 352 -0.41 53.59 45.01
CA LEU B 352 -0.83 52.38 44.34
C LEU B 352 -1.21 52.59 42.88
N SER B 353 -1.47 53.83 42.47
CA SER B 353 -1.78 54.11 41.07
C SER B 353 -0.58 53.78 40.18
N ARG B 354 0.63 54.11 40.64
CA ARG B 354 1.83 53.77 39.89
C ARG B 354 1.99 52.26 39.74
N ILE B 355 1.69 51.53 40.82
CA ILE B 355 1.79 50.07 40.78
C ILE B 355 0.83 49.50 39.74
N LEU B 356 -0.40 49.99 39.71
CA LEU B 356 -1.36 49.52 38.72
C LEU B 356 -0.95 49.93 37.30
N ARG B 357 -0.29 51.08 37.16
CA ARG B 357 0.08 51.56 35.83
C ARG B 357 1.18 50.73 35.21
N THR B 358 2.10 50.20 36.02
CA THR B 358 3.25 49.46 35.52
C THR B 358 2.96 47.97 35.38
N ALA B 359 1.70 47.58 35.21
CA ALA B 359 1.37 46.18 35.02
C ALA B 359 1.91 45.67 33.69
N LEU B 360 2.53 44.50 33.71
CA LEU B 360 3.08 43.94 32.48
C LEU B 360 2.15 42.89 31.90
N PRO B 361 2.10 42.79 30.57
CA PRO B 361 1.23 41.78 29.95
C PRO B 361 1.63 40.36 30.36
N ALA B 362 0.62 39.52 30.56
CA ALA B 362 0.83 38.11 30.87
C ALA B 362 1.02 37.27 29.63
N TRP B 363 0.74 37.80 28.44
CA TRP B 363 0.93 37.10 27.18
C TRP B 363 2.15 37.69 26.47
N HIS B 364 3.04 36.82 26.03
CA HIS B 364 4.25 37.22 25.34
C HIS B 364 4.38 36.42 24.04
N LYS B 365 5.07 37.02 23.08
CA LYS B 365 5.41 36.29 21.87
C LYS B 365 6.47 35.24 22.17
N SER B 366 6.89 34.52 21.12
CA SER B 366 7.98 33.57 21.28
C SER B 366 9.31 34.27 21.56
N ILE B 367 9.39 35.58 21.37
CA ILE B 367 10.60 36.35 21.56
C ILE B 367 10.28 37.55 22.45
N VAL B 368 11.11 37.77 23.48
CA VAL B 368 10.89 38.84 24.44
C VAL B 368 12.21 39.56 24.69
N SER B 369 12.10 40.77 25.24
CA SER B 369 13.26 41.57 25.59
C SER B 369 13.42 41.61 27.11
N PHE B 370 14.39 42.38 27.59
CA PHE B 370 14.67 42.47 29.02
C PHE B 370 13.67 43.36 29.76
N ARG B 371 12.86 44.15 29.03
CA ARG B 371 11.93 45.06 29.70
C ARG B 371 10.89 44.29 30.52
N GLN B 372 10.40 43.18 29.99
CA GLN B 372 9.42 42.36 30.69
C GLN B 372 10.05 41.42 31.71
N LEU B 373 11.31 41.62 32.07
CA LEU B 373 11.99 40.78 33.05
C LEU B 373 12.72 41.56 34.13
N ARG B 374 12.65 42.89 34.13
CA ARG B 374 13.38 43.68 35.13
C ARG B 374 12.87 43.40 36.54
N GLU B 375 11.55 43.28 36.71
CA GLU B 375 11.00 43.03 38.04
C GLU B 375 11.31 41.61 38.51
N GLU B 376 11.26 40.64 37.60
CA GLU B 376 11.48 39.25 37.99
C GLU B 376 12.92 39.03 38.48
N VAL B 377 13.90 39.61 37.77
CA VAL B 377 15.30 39.44 38.17
C VAL B 377 15.56 40.16 39.48
N LEU B 378 14.92 41.30 39.71
CA LEU B 378 15.07 42.00 40.98
C LEU B 378 14.49 41.18 42.13
N GLY B 379 13.34 40.54 41.90
CA GLY B 379 12.76 39.72 42.94
C GLY B 379 13.62 38.53 43.32
N GLU B 380 14.18 37.86 42.30
CA GLU B 380 15.06 36.71 42.58
C GLU B 380 16.33 37.16 43.30
N LEU B 381 16.76 38.40 43.08
CA LEU B 381 17.96 38.91 43.73
C LEU B 381 17.75 39.16 45.22
N SER B 382 16.52 39.43 45.66
CA SER B 382 16.23 39.70 47.06
C SER B 382 15.38 38.61 47.70
N ASN B 383 15.01 37.57 46.98
CA ASN B 383 14.20 36.47 47.47
C ASN B 383 14.81 35.13 47.07
N VAL B 384 16.12 34.98 47.33
CA VAL B 384 16.81 33.74 46.98
C VAL B 384 16.19 32.54 47.69
N GLU B 385 15.59 32.75 48.86
CA GLU B 385 14.89 31.67 49.53
C GLU B 385 13.61 31.30 48.79
N GLN B 386 13.00 32.26 48.09
CA GLN B 386 11.80 32.00 47.30
C GLN B 386 12.09 31.54 45.89
N ALA B 387 13.37 31.48 45.49
CA ALA B 387 13.70 31.01 44.15
C ALA B 387 13.34 29.55 43.95
N ALA B 388 13.25 28.78 45.02
CA ALA B 388 12.86 27.37 44.96
C ALA B 388 11.42 27.22 45.48
N GLY B 389 11.00 25.98 45.63
CA GLY B 389 9.65 25.68 46.08
C GLY B 389 9.49 25.82 47.58
N LEU B 390 8.35 25.33 48.07
CA LEU B 390 8.03 25.43 49.49
C LEU B 390 8.93 24.52 50.31
N ARG B 391 8.99 24.80 51.61
CA ARG B 391 9.80 24.06 52.56
C ARG B 391 8.92 23.07 53.30
N TRP B 392 9.31 21.80 53.30
CA TRP B 392 8.56 20.78 54.01
C TRP B 392 8.67 20.97 55.52
N SER B 393 7.56 20.78 56.21
CA SER B 393 7.52 20.91 57.66
C SER B 393 7.74 19.60 58.40
N ARG B 394 7.97 18.50 57.66
CA ARG B 394 8.17 17.19 58.29
C ARG B 394 9.40 16.45 57.79
N PHE B 395 10.09 16.95 56.76
CA PHE B 395 11.28 16.29 56.22
C PHE B 395 12.41 17.31 56.09
N PRO B 396 13.01 17.72 57.21
CA PRO B 396 14.15 18.64 57.12
C PRO B 396 15.32 18.06 56.35
N ASP B 397 15.56 16.76 56.47
CA ASP B 397 16.66 16.14 55.74
C ASP B 397 16.42 16.17 54.23
N LEU B 398 15.17 15.92 53.81
CA LEU B 398 14.85 16.05 52.39
C LEU B 398 14.89 17.51 51.94
N ASN B 399 14.58 18.44 52.84
CA ASN B 399 14.59 19.85 52.48
C ASN B 399 16.01 20.35 52.24
N ARG B 400 16.99 19.84 52.99
CA ARG B 400 18.36 20.36 52.88
C ARG B 400 19.05 19.92 51.59
N ILE B 401 18.48 18.96 50.85
CA ILE B 401 19.07 18.46 49.61
C ILE B 401 18.25 18.89 48.40
N LEU B 402 16.94 18.65 48.43
CA LEU B 402 16.10 19.02 47.30
C LEU B 402 15.86 20.53 47.26
N LYS B 403 15.86 21.19 48.41
CA LYS B 403 15.79 22.64 48.59
C LYS B 403 14.46 23.25 48.15
N GLY B 404 13.50 22.45 47.71
CA GLY B 404 12.20 22.99 47.36
C GLY B 404 11.45 22.07 46.43
N HIS B 405 10.22 22.49 46.13
CA HIS B 405 9.29 21.75 45.26
C HIS B 405 8.78 22.75 44.22
N ARG B 406 9.42 22.77 43.05
CA ARG B 406 9.10 23.74 42.01
C ARG B 406 7.90 23.24 41.20
N LYS B 407 7.57 23.97 40.13
CA LYS B 407 6.47 23.63 39.24
C LYS B 407 7.01 23.24 37.87
N GLY B 408 6.39 22.23 37.26
CA GLY B 408 6.79 21.74 35.96
C GLY B 408 7.85 20.66 35.98
N GLU B 409 8.69 20.65 37.01
CA GLU B 409 9.71 19.61 37.13
C GLU B 409 9.06 18.26 37.41
N LEU B 410 9.65 17.21 36.84
CA LEU B 410 9.16 15.84 36.99
C LEU B 410 10.18 15.01 37.74
N THR B 411 9.73 14.29 38.75
CA THR B 411 10.59 13.43 39.57
C THR B 411 10.03 12.02 39.58
N VAL B 412 10.92 11.04 39.69
CA VAL B 412 10.56 9.62 39.70
C VAL B 412 11.01 9.02 41.02
N PHE B 413 10.11 8.27 41.66
CA PHE B 413 10.38 7.60 42.92
C PHE B 413 10.36 6.10 42.71
N THR B 414 11.29 5.40 43.36
CA THR B 414 11.40 3.95 43.17
C THR B 414 11.99 3.32 44.42
N GLY B 415 11.81 2.02 44.55
CA GLY B 415 12.35 1.25 45.65
C GLY B 415 11.86 -0.18 45.62
N PRO B 416 12.52 -1.05 46.39
CA PRO B 416 12.09 -2.44 46.46
C PRO B 416 10.70 -2.57 47.07
N THR B 417 9.96 -3.58 46.61
CA THR B 417 8.62 -3.82 47.10
C THR B 417 8.65 -4.31 48.54
N GLY B 418 7.55 -4.08 49.26
CA GLY B 418 7.43 -4.47 50.64
C GLY B 418 8.02 -3.50 51.65
N SER B 419 8.59 -2.38 51.18
CA SER B 419 9.16 -1.37 52.06
C SER B 419 8.17 -0.26 52.39
N GLY B 420 6.92 -0.39 51.94
CA GLY B 420 5.92 0.63 52.16
C GLY B 420 6.25 1.93 51.44
N LYS B 421 6.63 1.82 50.17
CA LYS B 421 7.00 2.99 49.38
C LYS B 421 5.76 3.78 48.98
N THR B 422 4.59 3.19 49.19
CA THR B 422 3.32 3.85 48.94
C THR B 422 2.86 4.69 50.12
N THR B 423 3.30 4.36 51.33
CA THR B 423 2.97 5.18 52.49
C THR B 423 3.79 6.46 52.51
N PHE B 424 5.07 6.37 52.12
CA PHE B 424 5.92 7.55 52.14
C PHE B 424 5.42 8.63 51.17
N ILE B 425 5.03 8.23 49.97
CA ILE B 425 4.57 9.20 48.98
C ILE B 425 3.28 9.88 49.46
N SER B 426 2.42 9.14 50.17
CA SER B 426 1.25 9.75 50.77
C SER B 426 1.66 10.78 51.83
N GLU B 427 2.67 10.44 52.65
CA GLU B 427 3.18 11.40 53.62
C GLU B 427 3.82 12.60 52.93
N TYR B 428 4.56 12.35 51.85
CA TYR B 428 5.20 13.44 51.13
C TYR B 428 4.17 14.39 50.53
N ALA B 429 3.11 13.84 49.93
CA ALA B 429 2.07 14.69 49.35
C ALA B 429 1.28 15.41 50.44
N LEU B 430 0.99 14.73 51.55
CA LEU B 430 0.18 15.33 52.60
C LEU B 430 0.86 16.53 53.23
N ASP B 431 2.17 16.44 53.47
CA ASP B 431 2.90 17.56 54.06
C ASP B 431 2.86 18.78 53.14
N LEU B 432 3.07 18.58 51.85
CA LEU B 432 2.96 19.68 50.90
C LEU B 432 1.52 20.16 50.78
N CYS B 433 0.56 19.23 50.87
CA CYS B 433 -0.85 19.61 50.80
C CYS B 433 -1.26 20.48 51.98
N SER B 434 -0.65 20.25 53.15
CA SER B 434 -1.01 21.02 54.33
C SER B 434 -0.63 22.50 54.21
N GLN B 435 0.27 22.84 53.29
CA GLN B 435 0.70 24.22 53.11
C GLN B 435 -0.10 24.95 52.05
N GLY B 436 -1.12 24.32 51.47
CA GLY B 436 -1.96 24.96 50.48
C GLY B 436 -1.55 24.67 49.04
N VAL B 437 -1.33 23.40 48.73
CA VAL B 437 -0.96 22.96 47.39
C VAL B 437 -1.99 21.94 46.93
N ASN B 438 -2.54 22.15 45.73
CA ASN B 438 -3.53 21.23 45.18
C ASN B 438 -2.84 19.94 44.74
N THR B 439 -3.33 18.81 45.24
CA THR B 439 -2.75 17.51 44.94
C THR B 439 -3.83 16.57 44.40
N LEU B 440 -3.42 15.73 43.45
CA LEU B 440 -4.31 14.75 42.84
C LEU B 440 -3.67 13.37 42.93
N TRP B 441 -4.48 12.37 43.26
CA TRP B 441 -4.01 11.00 43.42
C TRP B 441 -4.61 10.13 42.31
N GLY B 442 -3.74 9.49 41.53
CA GLY B 442 -4.15 8.56 40.52
C GLY B 442 -3.60 7.17 40.77
N SER B 443 -3.61 6.76 42.03
CA SER B 443 -3.01 5.47 42.41
C SER B 443 -3.75 4.32 41.75
N PHE B 444 -2.97 3.37 41.23
CA PHE B 444 -3.50 2.18 40.57
C PHE B 444 -3.00 0.94 41.30
N GLU B 445 -3.88 -0.05 41.42
CA GLU B 445 -3.58 -1.31 42.12
C GLU B 445 -3.27 -1.06 43.59
N ILE B 446 -3.83 0.02 44.16
CA ILE B 446 -3.61 0.36 45.56
C ILE B 446 -4.90 0.34 46.37
N SER B 447 -6.07 0.25 45.73
CA SER B 447 -7.36 0.29 46.41
C SER B 447 -7.51 1.61 47.18
N ASN B 448 -7.64 2.68 46.38
CA ASN B 448 -7.63 4.06 46.86
C ASN B 448 -8.52 4.30 48.09
N VAL B 449 -9.54 3.47 48.27
CA VAL B 449 -10.32 3.53 49.50
C VAL B 449 -9.44 3.24 50.70
N ARG B 450 -8.59 2.22 50.60
CA ARG B 450 -7.62 1.96 51.66
C ARG B 450 -6.59 3.09 51.74
N LEU B 451 -6.21 3.66 50.59
CA LEU B 451 -5.23 4.74 50.58
C LEU B 451 -5.75 5.95 51.34
N ALA B 452 -7.05 6.25 51.21
CA ALA B 452 -7.64 7.36 51.94
C ALA B 452 -7.53 7.14 53.45
N ARG B 453 -7.75 5.91 53.90
CA ARG B 453 -7.59 5.59 55.32
C ARG B 453 -6.16 5.83 55.78
N VAL B 454 -5.18 5.36 54.99
CA VAL B 454 -3.78 5.53 55.36
C VAL B 454 -3.41 7.01 55.42
N MET B 455 -3.82 7.77 54.42
CA MET B 455 -3.49 9.20 54.38
C MET B 455 -4.16 9.95 55.53
N LEU B 456 -5.40 9.58 55.86
CA LEU B 456 -6.09 10.24 56.97
C LEU B 456 -5.38 9.96 58.29
N THR B 457 -4.91 8.72 58.49
CA THR B 457 -4.16 8.40 59.70
C THR B 457 -2.88 9.23 59.78
N GLN B 458 -2.23 9.45 58.64
CA GLN B 458 -1.06 10.32 58.63
C GLN B 458 -1.42 11.75 59.02
N PHE B 459 -2.59 12.23 58.59
CA PHE B 459 -3.04 13.56 58.99
C PHE B 459 -3.24 13.64 60.49
N ALA B 460 -3.82 12.59 61.08
CA ALA B 460 -4.02 12.57 62.53
C ALA B 460 -2.73 12.47 63.31
N GLU B 461 -1.62 12.12 62.64
CA GLU B 461 -0.32 11.97 63.28
C GLU B 461 -0.38 10.97 64.45
N GLY B 462 -0.98 9.82 64.18
CA GLY B 462 -1.14 8.82 65.21
C GLY B 462 -2.04 7.69 64.72
N ARG B 463 -2.57 6.94 65.68
CA ARG B 463 -3.42 5.79 65.40
C ARG B 463 -4.88 6.19 65.61
N LEU B 464 -5.67 6.11 64.53
CA LEU B 464 -7.08 6.46 64.60
C LEU B 464 -7.95 5.36 65.17
N GLU B 465 -7.42 4.13 65.32
CA GLU B 465 -8.22 3.05 65.88
C GLU B 465 -8.60 3.34 67.33
N ASP B 466 -7.65 3.86 68.11
CA ASP B 466 -7.95 4.19 69.50
C ASP B 466 -8.77 5.48 69.61
N GLN B 467 -8.59 6.40 68.66
CA GLN B 467 -9.28 7.68 68.66
C GLN B 467 -10.54 7.67 67.78
N LEU B 468 -11.21 6.52 67.69
CA LEU B 468 -12.41 6.44 66.86
C LEU B 468 -13.52 7.33 67.41
N ASP B 469 -13.53 7.61 68.72
CA ASP B 469 -14.55 8.48 69.29
C ASP B 469 -14.42 9.89 68.74
N LYS B 470 -13.20 10.41 68.65
CA LYS B 470 -12.94 11.74 68.10
C LYS B 470 -12.58 11.65 66.63
N TYR B 471 -13.54 11.19 65.82
CA TYR B 471 -13.35 10.99 64.40
C TYR B 471 -14.00 12.06 63.54
N ASP B 472 -15.14 12.60 63.96
CA ASP B 472 -15.80 13.65 63.19
C ASP B 472 -14.95 14.92 63.14
N HIS B 473 -14.26 15.23 64.24
CA HIS B 473 -13.44 16.44 64.27
C HIS B 473 -12.31 16.37 63.25
N TRP B 474 -11.62 15.23 63.17
CA TRP B 474 -10.56 15.08 62.18
C TRP B 474 -11.12 14.94 60.78
N ALA B 475 -12.32 14.36 60.63
CA ALA B 475 -12.94 14.27 59.32
C ALA B 475 -13.23 15.65 58.75
N ASP B 476 -13.74 16.56 59.57
CA ASP B 476 -13.98 17.92 59.12
C ASP B 476 -12.67 18.62 58.77
N ARG B 477 -11.63 18.43 59.59
CA ARG B 477 -10.33 19.01 59.27
C ARG B 477 -9.73 18.40 58.02
N PHE B 478 -10.03 17.13 57.73
CA PHE B 478 -9.51 16.50 56.53
C PHE B 478 -10.18 17.02 55.26
N GLU B 479 -11.46 17.39 55.34
CA GLU B 479 -12.21 17.81 54.17
C GLU B 479 -12.17 19.33 53.98
N ASP B 480 -10.98 19.92 54.14
CA ASP B 480 -10.77 21.31 53.77
C ASP B 480 -9.46 21.56 53.04
N LEU B 481 -8.52 20.62 53.05
CA LEU B 481 -7.31 20.76 52.25
C LEU B 481 -7.62 20.48 50.78
N PRO B 482 -6.85 21.05 49.86
CA PRO B 482 -7.00 20.69 48.45
C PRO B 482 -6.42 19.31 48.19
N LEU B 483 -7.29 18.31 48.04
CA LEU B 483 -6.86 16.93 47.88
C LEU B 483 -7.93 16.16 47.11
N TYR B 484 -7.52 15.54 46.00
CA TYR B 484 -8.45 14.87 45.11
C TYR B 484 -7.87 13.53 44.68
N PHE B 485 -8.76 12.64 44.24
CA PHE B 485 -8.40 11.28 43.87
C PHE B 485 -8.95 10.95 42.48
N MET B 486 -8.29 10.03 41.79
CA MET B 486 -8.72 9.55 40.50
C MET B 486 -9.25 8.12 40.63
N THR B 487 -10.44 7.89 40.10
CA THR B 487 -11.08 6.57 40.14
C THR B 487 -11.17 6.04 38.72
N PHE B 488 -10.31 5.07 38.39
CA PHE B 488 -10.33 4.39 37.11
C PHE B 488 -10.76 2.94 37.33
N HIS B 489 -11.92 2.59 36.81
CA HIS B 489 -12.44 1.24 37.00
C HIS B 489 -11.93 0.28 35.93
N GLY B 490 -12.13 0.63 34.67
CA GLY B 490 -11.69 -0.22 33.57
C GLY B 490 -10.74 0.46 32.61
N GLN B 491 -10.77 1.78 32.57
CA GLN B 491 -9.91 2.52 31.65
C GLN B 491 -8.46 2.48 32.12
N GLN B 492 -7.55 2.10 31.21
CA GLN B 492 -6.14 2.03 31.53
C GLN B 492 -5.25 2.61 30.45
N SER B 493 -5.79 3.07 29.33
CA SER B 493 -4.97 3.57 28.24
C SER B 493 -4.27 4.87 28.61
N ILE B 494 -3.11 5.10 28.00
CA ILE B 494 -2.32 6.29 28.29
C ILE B 494 -3.06 7.54 27.82
N ARG B 495 -3.77 7.46 26.69
CA ARG B 495 -4.51 8.61 26.19
C ARG B 495 -5.61 9.02 27.15
N THR B 496 -6.31 8.04 27.73
CA THR B 496 -7.43 8.35 28.62
C THR B 496 -6.95 9.10 29.86
N VAL B 497 -5.86 8.63 30.47
CA VAL B 497 -5.39 9.22 31.72
C VAL B 497 -4.88 10.64 31.49
N ILE B 498 -4.35 10.92 30.29
CA ILE B 498 -3.78 12.23 30.02
C ILE B 498 -4.87 13.29 30.00
N ASP B 499 -5.96 13.02 29.29
CA ASP B 499 -7.03 14.02 29.19
C ASP B 499 -7.71 14.23 30.54
N THR B 500 -7.89 13.15 31.31
CA THR B 500 -8.49 13.29 32.64
C THR B 500 -7.60 14.13 33.55
N MET B 501 -6.29 13.89 33.51
CA MET B 501 -5.37 14.73 34.26
C MET B 501 -5.41 16.17 33.77
N GLN B 502 -5.45 16.36 32.45
CA GLN B 502 -5.60 17.72 31.91
C GLN B 502 -6.93 18.33 32.31
N HIS B 503 -8.00 17.53 32.30
CA HIS B 503 -9.30 18.03 32.74
C HIS B 503 -9.28 18.42 34.21
N ALA B 504 -8.59 17.64 35.03
CA ALA B 504 -8.53 17.93 36.47
C ALA B 504 -7.84 19.27 36.73
N VAL B 505 -6.76 19.55 35.99
CA VAL B 505 -6.05 20.81 36.18
C VAL B 505 -6.94 21.99 35.83
N TYR B 506 -7.70 21.88 34.73
CA TYR B 506 -8.57 22.98 34.31
C TYR B 506 -9.68 23.23 35.33
N VAL B 507 -10.24 22.17 35.90
CA VAL B 507 -11.43 22.33 36.74
C VAL B 507 -11.09 22.73 38.18
N TYR B 508 -9.97 22.28 38.72
CA TYR B 508 -9.65 22.51 40.13
C TYR B 508 -8.24 23.01 40.37
N ASP B 509 -7.53 23.46 39.32
CA ASP B 509 -6.18 24.00 39.45
C ASP B 509 -5.24 23.01 40.15
N ILE B 510 -5.20 21.79 39.62
CA ILE B 510 -4.37 20.74 40.19
C ILE B 510 -2.90 21.12 39.97
N CYS B 511 -2.19 21.39 41.06
CA CYS B 511 -0.78 21.77 41.01
C CYS B 511 0.16 20.61 41.29
N HIS B 512 -0.37 19.41 41.54
CA HIS B 512 0.48 18.27 41.85
C HIS B 512 -0.27 16.99 41.54
N VAL B 513 0.33 16.12 40.73
CA VAL B 513 -0.25 14.85 40.35
C VAL B 513 0.72 13.75 40.73
N ILE B 514 0.23 12.73 41.43
CA ILE B 514 1.03 11.58 41.84
C ILE B 514 0.32 10.31 41.40
N ILE B 515 1.03 9.43 40.71
CA ILE B 515 0.53 8.13 40.29
C ILE B 515 1.37 7.06 40.97
N ASP B 516 0.69 6.11 41.63
CA ASP B 516 1.40 5.12 42.44
C ASP B 516 2.02 4.03 41.57
N ASN B 517 1.23 3.40 40.72
CA ASN B 517 1.69 2.30 39.88
C ASN B 517 1.65 2.72 38.42
N LEU B 518 2.76 2.57 37.72
CA LEU B 518 2.84 2.87 36.29
C LEU B 518 2.65 1.63 35.43
N GLN B 519 2.96 0.45 35.97
CA GLN B 519 2.78 -0.79 35.20
C GLN B 519 1.31 -1.05 34.90
N PHE B 520 0.42 -0.72 35.84
CA PHE B 520 -1.01 -0.90 35.62
C PHE B 520 -1.49 -0.06 34.44
N MET B 521 -0.85 1.08 34.19
CA MET B 521 -1.23 1.91 33.05
C MET B 521 -0.84 1.27 31.73
N MET B 522 0.21 0.45 31.73
CA MET B 522 0.65 -0.23 30.51
C MET B 522 -0.40 -1.22 30.01
N GLY B 523 -1.01 -1.92 30.95
CA GLY B 523 -2.04 -2.89 30.62
N THR B 529 11.68 -6.33 24.71
CA THR B 529 12.02 -4.93 24.53
C THR B 529 10.76 -4.07 24.40
N ASP B 530 9.61 -4.72 24.25
CA ASP B 530 8.35 -4.01 24.14
C ASP B 530 8.03 -3.26 25.43
N ARG B 531 8.26 -3.90 26.58
CA ARG B 531 7.99 -3.25 27.86
C ARG B 531 8.89 -2.03 28.07
N ILE B 532 10.17 -2.13 27.69
CA ILE B 532 11.08 -1.01 27.83
C ILE B 532 10.67 0.14 26.93
N ALA B 533 10.32 -0.17 25.68
CA ALA B 533 9.87 0.87 24.75
C ALA B 533 8.59 1.51 25.23
N ALA B 534 7.63 0.70 25.72
CA ALA B 534 6.38 1.24 26.23
C ALA B 534 6.61 2.12 27.45
N GLN B 535 7.49 1.68 28.36
CA GLN B 535 7.79 2.47 29.54
C GLN B 535 8.45 3.80 29.18
N ASP B 536 9.36 3.77 28.20
CA ASP B 536 10.00 5.01 27.76
C ASP B 536 8.98 5.97 27.16
N TYR B 537 8.04 5.45 26.38
CA TYR B 537 7.06 6.30 25.71
C TYR B 537 6.17 7.02 26.72
N ILE B 538 5.65 6.30 27.71
CA ILE B 538 4.71 6.90 28.65
C ILE B 538 5.41 7.93 29.53
N ILE B 539 6.67 7.67 29.91
CA ILE B 539 7.41 8.63 30.72
C ILE B 539 7.59 9.94 29.97
N GLY B 540 7.92 9.85 28.68
CA GLY B 540 8.04 11.05 27.86
C GLY B 540 6.73 11.82 27.76
N VAL B 541 5.61 11.10 27.69
CA VAL B 541 4.31 11.75 27.65
C VAL B 541 4.05 12.52 28.94
N PHE B 542 4.36 11.91 30.09
CA PHE B 542 4.19 12.60 31.36
C PHE B 542 5.11 13.81 31.46
N ARG B 543 6.34 13.68 30.99
CA ARG B 543 7.25 14.83 30.97
C ARG B 543 6.71 15.93 30.07
N LYS B 544 6.17 15.56 28.90
CA LYS B 544 5.55 16.55 28.03
C LYS B 544 4.33 17.19 28.70
N PHE B 545 3.51 16.38 29.37
CA PHE B 545 2.35 16.91 30.06
C PHE B 545 2.75 17.82 31.22
N ALA B 546 3.76 17.41 31.99
CA ALA B 546 4.20 18.20 33.14
C ALA B 546 4.78 19.53 32.69
N THR B 547 5.60 19.53 31.64
CA THR B 547 6.23 20.76 31.19
C THR B 547 5.22 21.71 30.54
N ASP B 548 4.31 21.17 29.73
CA ASP B 548 3.33 22.00 29.05
C ASP B 548 2.35 22.63 30.03
N ASN B 549 1.89 21.86 31.00
CA ASN B 549 0.90 22.34 31.96
C ASN B 549 1.51 22.92 33.23
N ASN B 550 2.84 22.90 33.36
CA ASN B 550 3.56 23.43 34.52
C ASN B 550 3.16 22.75 35.82
N CYS B 551 2.51 21.59 35.76
CA CYS B 551 2.08 20.88 36.95
C CYS B 551 3.13 19.85 37.35
N HIS B 552 3.53 19.86 38.62
CA HIS B 552 4.51 18.89 39.11
C HIS B 552 3.89 17.50 39.13
N VAL B 553 4.61 16.54 38.56
CA VAL B 553 4.13 15.16 38.47
C VAL B 553 5.19 14.24 39.08
N THR B 554 4.74 13.33 39.93
CA THR B 554 5.61 12.36 40.59
C THR B 554 5.15 10.97 40.20
N LEU B 555 6.08 10.16 39.69
CA LEU B 555 5.78 8.80 39.25
C LEU B 555 6.53 7.82 40.16
N VAL B 556 5.80 6.85 40.70
CA VAL B 556 6.41 5.79 41.49
C VAL B 556 6.50 4.54 40.62
N ILE B 557 7.70 3.96 40.54
CA ILE B 557 7.99 2.85 39.64
C ILE B 557 8.03 1.56 40.44
N HIS B 558 7.27 0.56 39.99
CA HIS B 558 7.30 -0.76 40.61
C HIS B 558 8.16 -1.70 39.77
N PRO B 559 9.26 -2.24 40.31
CA PRO B 559 10.14 -3.14 39.57
C PRO B 559 9.49 -4.49 39.26
N GLY B 575 16.31 3.52 37.48
CA GLY B 575 16.38 2.10 37.20
C GLY B 575 16.14 1.78 35.74
N SER B 576 15.00 2.22 35.21
CA SER B 576 14.66 1.97 33.82
C SER B 576 15.59 2.74 32.89
N ALA B 577 15.88 2.14 31.74
CA ALA B 577 16.75 2.78 30.76
C ALA B 577 16.08 3.99 30.15
N LYS B 578 16.88 5.02 29.86
CA LYS B 578 16.49 6.28 29.24
C LYS B 578 15.58 7.11 30.13
N ALA B 579 15.25 6.65 31.34
CA ALA B 579 14.36 7.41 32.22
C ALA B 579 15.08 8.59 32.87
N SER B 580 16.36 8.44 33.18
CA SER B 580 17.09 9.51 33.86
C SER B 580 17.19 10.76 33.00
N GLN B 581 17.44 10.59 31.70
CA GLN B 581 17.58 11.75 30.81
C GLN B 581 16.28 12.55 30.74
N GLU B 582 15.14 11.87 30.62
CA GLU B 582 13.87 12.57 30.52
C GLU B 582 13.45 13.16 31.87
N ALA B 583 13.65 12.42 32.95
CA ALA B 583 13.26 12.90 34.27
C ALA B 583 14.22 13.98 34.76
N ASP B 584 13.73 14.80 35.68
CA ASP B 584 14.51 15.88 36.27
C ASP B 584 15.13 15.50 37.60
N ASN B 585 14.42 14.73 38.43
CA ASN B 585 14.92 14.29 39.72
C ASN B 585 14.61 12.81 39.92
N VAL B 586 15.44 12.15 40.73
CA VAL B 586 15.26 10.75 41.05
C VAL B 586 15.29 10.57 42.56
N LEU B 587 14.38 9.75 43.08
CA LEU B 587 14.35 9.39 44.49
C LEU B 587 14.32 7.88 44.61
N ILE B 588 15.22 7.32 45.41
CA ILE B 588 15.34 5.88 45.60
C ILE B 588 15.24 5.59 47.09
N LEU B 589 14.33 4.69 47.45
CA LEU B 589 14.11 4.30 48.85
C LEU B 589 14.56 2.84 49.01
N GLN B 590 15.83 2.67 49.33
CA GLN B 590 16.40 1.35 49.55
C GLN B 590 16.26 0.93 51.01
N ASP B 591 16.53 -0.35 51.26
CA ASP B 591 16.41 -0.93 52.60
C ASP B 591 17.76 -1.49 53.03
N ARG B 592 17.97 -1.52 54.34
CA ARG B 592 19.20 -2.06 54.90
C ARG B 592 18.92 -2.96 56.09
N GLY B 599 11.96 -1.74 60.44
CA GLY B 599 11.43 -0.86 59.41
C GLY B 599 12.24 0.40 59.22
N LYS B 600 13.55 0.23 59.03
CA LYS B 600 14.47 1.35 58.83
C LYS B 600 14.95 1.35 57.38
N ARG B 601 14.84 2.51 56.74
CA ARG B 601 15.25 2.66 55.35
C ARG B 601 16.01 3.96 55.14
N TYR B 602 16.46 4.20 53.90
CA TYR B 602 17.19 5.42 53.59
C TYR B 602 16.85 5.87 52.17
N LEU B 603 16.79 7.19 51.98
CA LEU B 603 16.46 7.79 50.70
C LEU B 603 17.72 8.36 50.07
N GLN B 604 17.94 8.03 48.80
CA GLN B 604 19.11 8.52 48.05
C GLN B 604 18.63 9.25 46.80
N VAL B 605 19.19 10.44 46.58
CA VAL B 605 18.90 11.24 45.40
C VAL B 605 20.19 11.44 44.63
N SER B 606 20.16 11.10 43.34
CA SER B 606 21.35 11.19 42.49
C SER B 606 21.16 12.08 41.27
N LYS B 607 20.11 12.90 41.24
CA LYS B 607 19.86 13.79 40.11
C LYS B 607 19.01 14.95 40.61
N ASN B 608 19.55 16.17 40.51
CA ASN B 608 18.84 17.38 40.92
C ASN B 608 18.95 18.39 39.77
N ARG B 609 17.84 18.59 39.06
CA ARG B 609 17.84 19.54 37.95
C ARG B 609 18.06 20.97 38.43
N PHE B 610 17.39 21.35 39.51
CA PHE B 610 17.42 22.75 39.94
C PHE B 610 18.73 23.11 40.63
N ASP B 611 19.29 22.17 41.39
CA ASP B 611 20.47 22.46 42.21
C ASP B 611 21.69 21.61 41.90
N GLY B 612 21.51 20.39 41.40
CA GLY B 612 22.64 19.51 41.18
C GLY B 612 23.25 18.96 42.44
N ASP B 613 22.48 18.88 43.52
CA ASP B 613 22.95 18.38 44.81
C ASP B 613 22.46 16.95 45.03
N VAL B 614 23.38 16.07 45.42
CA VAL B 614 23.07 14.67 45.65
C VAL B 614 23.37 14.34 47.12
N GLY B 615 22.85 13.20 47.56
CA GLY B 615 23.08 12.77 48.93
C GLY B 615 22.17 11.60 49.28
N VAL B 616 22.29 11.17 50.53
CA VAL B 616 21.49 10.06 51.04
C VAL B 616 21.36 10.22 52.55
N PHE B 617 20.14 10.01 53.06
CA PHE B 617 19.87 10.13 54.48
C PHE B 617 18.97 8.98 54.93
N PRO B 618 19.15 8.49 56.15
CA PRO B 618 18.31 7.40 56.66
C PRO B 618 16.96 7.92 57.16
N LEU B 619 16.03 6.98 57.30
CA LEU B 619 14.69 7.29 57.81
C LEU B 619 14.25 6.17 58.75
N GLU B 620 13.42 6.53 59.73
CA GLU B 620 12.83 5.58 60.66
C GLU B 620 11.32 5.63 60.50
N PHE B 621 10.71 4.48 60.25
CA PHE B 621 9.27 4.38 60.03
C PHE B 621 8.62 3.68 61.21
N ASN B 622 7.54 4.28 61.73
CA ASN B 622 6.77 3.73 62.81
C ASN B 622 5.38 3.36 62.29
N LYS B 623 4.99 2.10 62.49
CA LYS B 623 3.68 1.65 62.01
C LYS B 623 2.54 2.15 62.90
N ASN B 624 2.84 2.59 64.12
CA ASN B 624 1.78 3.08 65.01
C ASN B 624 1.14 4.35 64.45
N SER B 625 1.95 5.25 63.91
CA SER B 625 1.44 6.50 63.36
C SER B 625 1.55 6.60 61.85
N LEU B 626 2.21 5.63 61.20
CA LEU B 626 2.39 5.63 59.75
C LEU B 626 3.08 6.89 59.28
N THR B 627 4.01 7.41 60.08
CA THR B 627 4.75 8.62 59.78
C THR B 627 6.24 8.35 59.93
N PHE B 628 7.02 8.71 58.91
CA PHE B 628 8.46 8.53 58.97
C PHE B 628 9.09 9.58 59.89
N SER B 629 10.25 9.23 60.44
CA SER B 629 10.95 10.09 61.37
C SER B 629 12.45 9.83 61.26
N ILE B 630 13.24 10.71 61.86
CA ILE B 630 14.69 10.58 61.85
C ILE B 630 15.27 11.01 63.19
N PRO C 54 -24.54 -9.08 20.23
CA PRO C 54 -23.67 -8.36 19.30
C PRO C 54 -24.39 -7.24 18.57
N VAL C 55 -25.44 -6.71 19.18
CA VAL C 55 -26.24 -5.63 18.61
C VAL C 55 -26.09 -4.41 19.51
N THR C 56 -25.66 -3.30 18.93
CA THR C 56 -25.45 -2.07 19.67
C THR C 56 -26.73 -1.24 19.71
N ALA C 57 -26.71 -0.18 20.52
CA ALA C 57 -27.86 0.71 20.62
C ALA C 57 -28.13 1.42 19.30
N THR C 58 -27.07 1.79 18.57
CA THR C 58 -27.25 2.44 17.28
C THR C 58 -27.96 1.51 16.29
N GLU C 59 -27.62 0.23 16.30
CA GLU C 59 -28.29 -0.73 15.43
C GLU C 59 -29.77 -0.84 15.78
N ILE C 60 -30.10 -0.77 17.07
CA ILE C 60 -31.50 -0.79 17.48
C ILE C 60 -32.22 0.45 16.95
N ARG C 61 -31.59 1.62 17.06
CA ARG C 61 -32.23 2.85 16.64
C ARG C 61 -32.47 2.87 15.13
N GLN C 62 -31.47 2.45 14.34
CA GLN C 62 -31.63 2.48 12.89
C GLN C 62 -32.65 1.46 12.42
N TYR C 63 -32.76 0.31 13.09
CA TYR C 63 -33.79 -0.66 12.73
C TYR C 63 -35.18 -0.11 12.97
N LEU C 64 -35.38 0.62 14.08
CA LEU C 64 -36.65 1.28 14.32
C LEU C 64 -36.93 2.34 13.26
N ARG C 65 -35.89 3.07 12.83
CA ARG C 65 -36.06 4.05 11.77
C ARG C 65 -36.42 3.38 10.45
N GLY C 66 -36.09 2.09 10.29
CA GLY C 66 -36.48 1.39 9.09
C GLY C 66 -37.98 1.29 8.93
N HIS C 67 -38.68 0.98 10.03
CA HIS C 67 -40.14 0.96 10.04
C HIS C 67 -40.74 2.33 10.36
N GLY C 68 -39.92 3.33 10.67
CA GLY C 68 -40.43 4.65 10.98
C GLY C 68 -41.15 4.75 12.30
N ILE C 69 -40.87 3.86 13.24
CA ILE C 69 -41.52 3.87 14.54
C ILE C 69 -40.92 4.98 15.40
N PRO C 70 -41.71 5.94 15.87
CA PRO C 70 -41.17 7.00 16.74
C PRO C 70 -40.77 6.44 18.09
N PHE C 71 -39.48 6.54 18.41
CA PHE C 71 -38.94 6.00 19.66
C PHE C 71 -38.26 7.11 20.44
N GLN C 72 -38.37 7.02 21.77
CA GLN C 72 -37.76 7.98 22.68
C GLN C 72 -36.74 7.26 23.56
N ASP C 73 -35.54 7.82 23.65
CA ASP C 73 -34.47 7.22 24.42
C ASP C 73 -34.73 7.49 25.91
N GLY C 74 -35.27 6.49 26.60
CA GLY C 74 -35.57 6.63 28.01
C GLY C 74 -34.70 5.75 28.90
N HIS C 75 -33.78 6.39 29.63
CA HIS C 75 -32.86 5.70 30.54
C HIS C 75 -32.23 4.46 29.91
N SER C 76 -32.70 3.28 30.32
CA SER C 76 -32.14 2.02 29.87
C SER C 76 -32.86 1.46 28.64
N CYS C 77 -34.16 1.22 28.73
CA CYS C 77 -34.93 0.63 27.65
C CYS C 77 -35.66 1.73 26.89
N LEU C 78 -35.47 1.77 25.57
CA LEU C 78 -36.12 2.77 24.75
C LEU C 78 -37.62 2.53 24.71
N ARG C 79 -38.39 3.62 24.65
CA ARG C 79 -39.85 3.57 24.61
C ARG C 79 -40.35 4.04 23.26
N ALA C 80 -41.34 3.31 22.72
CA ALA C 80 -41.91 3.64 21.42
C ALA C 80 -43.35 3.14 21.39
N LEU C 81 -44.11 3.69 20.45
CA LEU C 81 -45.49 3.26 20.28
C LEU C 81 -45.54 1.80 19.84
N SER C 82 -46.43 1.04 20.47
CA SER C 82 -46.54 -0.38 20.17
C SER C 82 -47.26 -0.61 18.85
N PRO C 83 -46.64 -1.25 17.87
CA PRO C 83 -47.34 -1.52 16.60
C PRO C 83 -48.18 -2.79 16.61
N PHE C 84 -48.08 -3.61 17.66
CA PHE C 84 -48.81 -4.88 17.72
C PHE C 84 -49.83 -4.87 18.85
N SER C 99 -47.87 6.74 26.37
CA SER C 99 -48.52 5.95 25.33
C SER C 99 -47.53 5.01 24.65
N PHE C 100 -46.24 5.25 24.88
CA PHE C 100 -45.18 4.42 24.31
C PHE C 100 -45.09 3.14 25.13
N SER C 101 -45.98 2.19 24.78
CA SER C 101 -46.04 0.93 25.53
C SER C 101 -44.87 0.01 25.18
N LEU C 102 -44.42 0.03 23.93
CA LEU C 102 -43.35 -0.87 23.52
C LEU C 102 -42.02 -0.45 24.13
N PHE C 103 -41.32 -1.42 24.72
CA PHE C 103 -40.02 -1.20 25.35
C PHE C 103 -39.00 -2.15 24.74
N ILE C 104 -37.85 -1.61 24.35
CA ILE C 104 -36.77 -2.38 23.74
C ILE C 104 -35.55 -2.30 24.64
N ASP C 105 -35.02 -3.46 25.04
CA ASP C 105 -33.86 -3.49 25.91
C ASP C 105 -32.62 -2.99 25.17
N LYS C 106 -31.80 -2.19 25.86
CA LYS C 106 -30.61 -1.62 25.25
C LYS C 106 -29.59 -2.70 24.88
N THR C 107 -29.41 -3.69 25.76
CA THR C 107 -28.37 -4.69 25.57
C THR C 107 -28.86 -5.99 24.94
N THR C 108 -30.09 -6.40 25.20
CA THR C 108 -30.61 -7.66 24.69
C THR C 108 -31.71 -7.50 23.65
N GLY C 109 -32.38 -6.35 23.61
CA GLY C 109 -33.44 -6.14 22.66
C GLY C 109 -34.70 -6.92 22.97
N HIS C 110 -34.82 -7.39 24.20
CA HIS C 110 -36.01 -8.13 24.62
C HIS C 110 -37.22 -7.20 24.68
N PHE C 111 -38.13 -7.32 23.71
CA PHE C 111 -39.28 -6.43 23.66
C PHE C 111 -40.32 -6.82 24.70
N LEU C 112 -41.07 -5.82 25.16
CA LEU C 112 -42.14 -6.03 26.13
C LEU C 112 -43.12 -4.87 26.04
N CYS C 113 -44.40 -5.20 25.95
CA CYS C 113 -45.46 -4.21 25.81
C CYS C 113 -46.32 -4.18 27.07
N MET C 114 -46.62 -2.97 27.54
CA MET C 114 -47.46 -2.83 28.73
C MET C 114 -48.92 -3.20 28.46
N THR C 115 -49.35 -3.20 27.21
CA THR C 115 -50.72 -3.51 26.84
C THR C 115 -50.85 -4.85 26.11
N SER C 116 -50.07 -5.04 25.03
CA SER C 116 -50.14 -6.29 24.28
C SER C 116 -49.57 -7.46 25.08
N LEU C 117 -48.62 -7.19 25.98
CA LEU C 117 -47.99 -8.21 26.80
C LEU C 117 -47.35 -9.31 25.95
N ALA C 118 -46.43 -8.88 25.08
CA ALA C 118 -45.68 -9.77 24.21
C ALA C 118 -44.21 -9.65 24.53
N GLU C 119 -43.55 -10.80 24.67
CA GLU C 119 -42.13 -10.85 25.02
C GLU C 119 -41.40 -11.82 24.10
N GLY C 120 -40.11 -11.59 23.93
CA GLY C 120 -39.29 -12.44 23.10
C GLY C 120 -37.93 -11.82 22.86
N SER C 121 -37.15 -12.50 22.02
CA SER C 121 -35.81 -12.03 21.69
C SER C 121 -35.86 -10.95 20.62
N TRP C 122 -34.71 -10.36 20.35
CA TRP C 122 -34.62 -9.34 19.30
C TRP C 122 -34.91 -9.94 17.94
N GLU C 123 -34.43 -11.15 17.68
CA GLU C 123 -34.75 -11.82 16.41
C GLU C 123 -36.24 -12.11 16.31
N ASP C 124 -36.90 -12.39 17.44
CA ASP C 124 -38.34 -12.56 17.44
C ASP C 124 -39.04 -11.26 17.03
N PHE C 125 -38.54 -10.12 17.53
CA PHE C 125 -39.09 -8.84 17.13
C PHE C 125 -38.92 -8.58 15.65
N GLN C 126 -37.76 -8.95 15.09
CA GLN C 126 -37.54 -8.79 13.66
C GLN C 126 -38.50 -9.65 12.85
N ALA C 127 -38.73 -10.89 13.29
CA ALA C 127 -39.66 -11.76 12.59
C ALA C 127 -41.12 -11.38 12.84
N SER C 128 -41.40 -10.66 13.92
CA SER C 128 -42.78 -10.31 14.24
C SER C 128 -43.31 -9.23 13.28
N VAL C 129 -42.43 -8.33 12.83
CA VAL C 129 -42.85 -7.25 11.95
C VAL C 129 -42.99 -7.77 10.53
N GLU C 130 -42.60 -9.02 10.30
CA GLU C 130 -42.67 -9.65 8.99
C GLU C 130 -43.86 -10.61 8.97
N GLY C 131 -44.68 -10.49 7.92
CA GLY C 131 -45.85 -11.33 7.78
C GLY C 131 -47.13 -10.55 7.59
N GLU C 147 -48.07 -16.56 24.12
CA GLU C 147 -46.96 -17.45 23.82
C GLU C 147 -46.68 -18.38 25.01
N PHE C 148 -46.85 -17.85 26.22
CA PHE C 148 -46.64 -18.60 27.44
C PHE C 148 -47.82 -18.42 28.37
N GLU C 149 -48.08 -19.43 29.18
CA GLU C 149 -49.18 -19.42 30.14
C GLU C 149 -48.72 -19.48 31.58
N ASP C 150 -47.74 -20.34 31.89
CA ASP C 150 -47.20 -20.51 33.24
C ASP C 150 -48.31 -20.82 34.24
N SER C 151 -49.21 -21.72 33.85
CA SER C 151 -50.34 -22.13 34.66
C SER C 151 -49.92 -23.29 35.55
N GLU C 152 -49.98 -23.08 36.87
CA GLU C 152 -49.61 -24.10 37.84
C GLU C 152 -50.66 -24.14 38.94
N GLU C 153 -50.71 -25.28 39.64
CA GLU C 153 -51.66 -25.45 40.72
C GLU C 153 -51.20 -24.66 41.95
N VAL C 154 -51.30 -23.33 41.87
CA VAL C 154 -50.90 -22.48 42.98
C VAL C 154 -52.08 -21.80 43.66
N ARG C 155 -53.24 -21.74 43.01
CA ARG C 155 -54.42 -21.15 43.64
C ARG C 155 -54.89 -21.99 44.82
N ARG C 156 -54.59 -23.28 44.83
CA ARG C 156 -54.97 -24.13 45.95
C ARG C 156 -54.29 -23.69 47.24
N ILE C 157 -53.00 -23.35 47.16
CA ILE C 157 -52.27 -22.90 48.33
C ILE C 157 -52.85 -21.57 48.84
N TRP C 158 -53.16 -20.65 47.93
CA TRP C 158 -53.74 -19.38 48.32
C TRP C 158 -55.10 -19.58 48.99
N ASN C 159 -55.93 -20.47 48.44
CA ASN C 159 -57.24 -20.73 49.02
C ASN C 159 -57.15 -21.41 50.38
N ARG C 160 -56.08 -22.15 50.66
CA ARG C 160 -55.92 -22.84 51.93
C ARG C 160 -55.08 -22.05 52.93
N ALA C 161 -54.96 -20.75 52.74
CA ALA C 161 -54.22 -19.89 53.67
C ALA C 161 -55.10 -18.72 54.07
N ILE C 162 -54.89 -18.25 55.31
CA ILE C 162 -55.72 -17.21 55.89
C ILE C 162 -54.94 -15.91 55.98
N PRO C 163 -55.52 -14.78 55.61
CA PRO C 163 -54.82 -13.49 55.78
C PRO C 163 -54.49 -13.23 57.24
N LEU C 164 -53.34 -12.62 57.48
CA LEU C 164 -52.90 -12.36 58.84
C LEU C 164 -53.82 -11.38 59.56
N TRP C 165 -54.30 -10.35 58.86
CA TRP C 165 -55.18 -9.36 59.48
C TRP C 165 -56.60 -9.86 59.69
N GLU C 166 -56.96 -10.99 59.09
CA GLU C 166 -58.30 -11.56 59.24
C GLU C 166 -58.32 -12.76 60.18
N LEU C 167 -57.34 -12.87 61.07
CA LEU C 167 -57.27 -13.99 62.00
C LEU C 167 -57.83 -13.57 63.34
N PRO C 168 -58.97 -14.12 63.77
CA PRO C 168 -59.51 -13.77 65.09
C PRO C 168 -58.74 -14.36 66.26
N ASP C 169 -57.82 -15.29 66.00
CA ASP C 169 -57.05 -15.90 67.07
C ASP C 169 -56.10 -14.87 67.69
N GLN C 170 -55.77 -15.08 68.96
CA GLN C 170 -54.88 -14.20 69.70
C GLN C 170 -53.51 -14.81 69.93
N GLU C 171 -53.45 -16.04 70.41
CA GLU C 171 -52.15 -16.69 70.64
C GLU C 171 -51.43 -16.95 69.32
N GLU C 172 -52.17 -17.35 68.28
CA GLU C 172 -51.54 -17.68 67.01
C GLU C 172 -50.89 -16.47 66.37
N VAL C 173 -51.58 -15.32 66.38
CA VAL C 173 -51.02 -14.12 65.74
C VAL C 173 -49.85 -13.59 66.55
N GLN C 174 -49.93 -13.64 67.88
CA GLN C 174 -48.83 -13.17 68.72
C GLN C 174 -47.58 -14.03 68.51
N LEU C 175 -47.76 -15.35 68.41
CA LEU C 175 -46.63 -16.22 68.10
C LEU C 175 -46.09 -15.96 66.70
N ALA C 176 -46.98 -15.64 65.75
CA ALA C 176 -46.56 -15.42 64.37
C ALA C 176 -45.65 -14.21 64.24
N ASP C 177 -45.98 -13.11 64.93
CA ASP C 177 -45.18 -11.90 64.78
C ASP C 177 -43.86 -12.01 65.52
N THR C 178 -43.82 -12.75 66.65
CA THR C 178 -42.58 -12.87 67.40
C THR C 178 -41.51 -13.62 66.61
N MET C 179 -41.90 -14.70 65.92
CA MET C 179 -40.92 -15.48 65.17
C MET C 179 -40.48 -14.76 63.90
N PHE C 180 -41.37 -14.01 63.26
CA PHE C 180 -41.05 -13.29 62.05
C PHE C 180 -40.66 -11.83 62.30
N GLY C 181 -40.59 -11.42 63.56
CA GLY C 181 -40.24 -10.04 63.88
C GLY C 181 -41.22 -9.02 63.37
N LEU C 182 -42.52 -9.29 63.52
CA LEU C 182 -43.58 -8.40 63.06
C LEU C 182 -44.28 -7.72 64.24
N THR C 183 -43.52 -7.39 65.28
CA THR C 183 -44.12 -6.76 66.45
C THR C 183 -44.67 -5.38 66.13
N LYS C 184 -43.95 -4.60 65.33
CA LYS C 184 -44.35 -3.24 64.99
C LYS C 184 -45.17 -3.16 63.71
N VAL C 185 -45.43 -4.28 63.05
CA VAL C 185 -46.21 -4.27 61.81
C VAL C 185 -47.68 -4.11 62.15
N THR C 186 -48.33 -3.15 61.50
CA THR C 186 -49.74 -2.86 61.71
C THR C 186 -50.60 -3.63 60.71
N ASP C 187 -51.86 -3.84 61.08
CA ASP C 187 -52.79 -4.56 60.22
C ASP C 187 -53.10 -3.79 58.94
N ASP C 188 -52.98 -2.46 58.96
CA ASP C 188 -53.24 -1.68 57.75
C ASP C 188 -52.25 -2.03 56.64
N THR C 189 -50.98 -2.21 56.99
CA THR C 189 -49.98 -2.60 55.99
C THR C 189 -50.29 -3.98 55.43
N LEU C 190 -50.77 -4.90 56.27
CA LEU C 190 -51.10 -6.24 55.81
C LEU C 190 -52.20 -6.20 54.76
N LYS C 191 -53.23 -5.38 54.98
CA LYS C 191 -54.30 -5.24 53.99
C LYS C 191 -53.79 -4.65 52.69
N ARG C 192 -52.92 -3.63 52.79
CA ARG C 192 -52.43 -2.96 51.60
C ARG C 192 -51.58 -3.89 50.73
N PHE C 193 -50.72 -4.70 51.36
CA PHE C 193 -49.86 -5.62 50.64
C PHE C 193 -50.46 -7.01 50.47
N SER C 194 -51.64 -7.26 51.04
CA SER C 194 -52.32 -8.56 50.94
C SER C 194 -51.43 -9.71 51.41
N VAL C 195 -50.77 -9.51 52.55
CA VAL C 195 -49.92 -10.54 53.13
C VAL C 195 -50.78 -11.63 53.74
N ARG C 196 -50.54 -12.88 53.35
CA ARG C 196 -51.33 -14.02 53.80
C ARG C 196 -50.45 -14.96 54.62
N TYR C 197 -51.10 -15.78 55.44
CA TYR C 197 -50.42 -16.72 56.32
C TYR C 197 -51.04 -18.11 56.15
N LEU C 198 -50.18 -19.13 56.13
CA LEU C 198 -50.61 -20.51 55.97
C LEU C 198 -50.48 -21.25 57.29
N ARG C 199 -51.50 -22.05 57.62
CA ARG C 199 -51.57 -22.78 58.87
C ARG C 199 -50.77 -24.08 58.89
N PRO C 200 -50.81 -24.91 57.83
CA PRO C 200 -50.14 -26.23 57.94
C PRO C 200 -48.66 -26.16 58.29
N ALA C 201 -47.93 -25.18 57.78
CA ALA C 201 -46.50 -25.09 58.04
C ALA C 201 -46.08 -23.82 58.78
N ARG C 202 -47.03 -22.93 59.09
CA ARG C 202 -46.75 -21.68 59.81
C ARG C 202 -45.70 -20.85 59.06
N SER C 203 -46.05 -20.46 57.85
CA SER C 203 -45.16 -19.69 56.99
C SER C 203 -45.91 -18.51 56.39
N LEU C 204 -45.15 -17.48 56.05
CA LEU C 204 -45.71 -16.31 55.38
C LEU C 204 -45.98 -16.61 53.91
N VAL C 205 -46.91 -15.85 53.33
CA VAL C 205 -47.26 -15.98 51.92
C VAL C 205 -47.14 -14.61 51.28
N PHE C 206 -46.37 -14.53 50.19
CA PHE C 206 -46.20 -13.30 49.44
C PHE C 206 -46.66 -13.52 48.01
N PRO C 207 -47.82 -13.01 47.62
CA PRO C 207 -48.36 -13.30 46.29
C PRO C 207 -47.65 -12.55 45.17
N TRP C 208 -47.79 -13.09 43.97
CA TRP C 208 -47.28 -12.48 42.75
C TRP C 208 -48.47 -12.14 41.86
N PHE C 209 -48.57 -10.86 41.49
CA PHE C 209 -49.67 -10.37 40.67
C PHE C 209 -49.18 -10.10 39.26
N SER C 210 -50.01 -10.45 38.28
CA SER C 210 -49.68 -10.20 36.88
C SER C 210 -49.66 -8.70 36.61
N PRO C 211 -48.76 -8.24 35.73
CA PRO C 211 -48.73 -6.80 35.40
C PRO C 211 -50.03 -6.29 34.81
N GLY C 212 -50.80 -7.14 34.13
CA GLY C 212 -52.06 -6.77 33.53
C GLY C 212 -53.26 -6.87 34.43
N GLY C 213 -53.06 -7.12 35.73
CA GLY C 213 -54.19 -7.26 36.64
C GLY C 213 -54.86 -8.61 36.61
N SER C 214 -54.20 -9.63 36.08
CA SER C 214 -54.78 -10.97 35.98
C SER C 214 -54.67 -11.68 37.33
N GLY C 215 -54.82 -13.00 37.32
CA GLY C 215 -54.75 -13.78 38.53
C GLY C 215 -53.33 -13.87 39.09
N LEU C 216 -53.21 -14.63 40.17
CA LEU C 216 -51.92 -14.80 40.82
C LEU C 216 -50.94 -15.55 39.91
N ARG C 217 -49.68 -15.10 39.93
CA ARG C 217 -48.63 -15.73 39.13
C ARG C 217 -47.74 -16.64 39.94
N GLY C 218 -47.60 -16.41 41.25
CA GLY C 218 -46.76 -17.24 42.08
C GLY C 218 -46.89 -16.85 43.53
N LEU C 219 -46.29 -17.68 44.39
CA LEU C 219 -46.32 -17.45 45.83
C LEU C 219 -44.92 -17.65 46.39
N LYS C 220 -44.52 -16.77 47.31
CA LYS C 220 -43.24 -16.88 48.00
C LYS C 220 -43.52 -17.16 49.48
N LEU C 221 -42.86 -18.19 50.01
CA LEU C 221 -43.08 -18.65 51.37
C LEU C 221 -41.81 -18.47 52.18
N LEU C 222 -41.94 -17.85 53.35
CA LEU C 222 -40.84 -17.67 54.29
C LEU C 222 -41.21 -18.37 55.60
N GLU C 223 -40.31 -19.23 56.08
CA GLU C 223 -40.53 -20.01 57.30
C GLU C 223 -39.43 -19.68 58.29
N ALA C 224 -39.82 -19.50 59.55
CA ALA C 224 -38.88 -19.17 60.62
C ALA C 224 -38.57 -20.42 61.42
N LYS C 225 -37.29 -20.74 61.54
CA LYS C 225 -36.83 -21.91 62.30
C LYS C 225 -35.65 -21.52 63.16
N CYS C 226 -35.47 -22.27 64.26
CA CYS C 226 -34.38 -22.00 65.18
C CYS C 226 -33.75 -23.31 65.66
N VAL C 231 -33.03 -18.15 65.26
CA VAL C 231 -33.94 -17.46 64.35
C VAL C 231 -33.36 -17.45 62.93
N SER C 232 -33.87 -18.35 62.09
CA SER C 232 -33.41 -18.48 60.71
C SER C 232 -34.63 -18.49 59.79
N TYR C 233 -34.50 -17.80 58.66
CA TYR C 233 -35.56 -17.70 57.67
C TYR C 233 -35.23 -18.56 56.47
N GLU C 234 -36.17 -19.40 56.07
CA GLU C 234 -36.02 -20.28 54.91
C GLU C 234 -36.93 -19.79 53.80
N GLU C 235 -36.37 -19.68 52.59
CA GLU C 235 -37.09 -19.16 51.44
C GLU C 235 -37.52 -20.30 50.53
N THR C 236 -38.81 -20.37 50.24
CA THR C 236 -39.37 -21.36 49.32
C THR C 236 -40.42 -20.67 48.47
N THR C 237 -40.32 -20.83 47.15
CA THR C 237 -41.21 -20.17 46.21
C THR C 237 -41.72 -21.15 45.16
N ILE C 238 -42.92 -20.88 44.67
CA ILE C 238 -43.54 -21.63 43.57
C ILE C 238 -43.92 -20.63 42.49
N PRO C 239 -43.43 -20.78 41.25
CA PRO C 239 -42.59 -21.87 40.73
C PRO C 239 -41.12 -21.76 41.15
N ARG C 240 -40.25 -22.41 40.38
CA ARG C 240 -38.84 -22.49 40.73
C ARG C 240 -38.23 -21.09 40.80
N PRO C 241 -37.22 -20.89 41.65
CA PRO C 241 -36.62 -19.55 41.78
C PRO C 241 -36.04 -19.01 40.49
N SER C 242 -35.63 -19.88 39.56
CA SER C 242 -35.10 -19.42 38.28
C SER C 242 -36.16 -18.68 37.47
N ALA C 243 -37.43 -18.96 37.68
CA ALA C 243 -38.51 -18.29 36.96
C ALA C 243 -39.27 -17.29 37.82
N TYR C 244 -38.91 -17.16 39.10
CA TYR C 244 -39.59 -16.21 39.98
C TYR C 244 -39.13 -14.79 39.64
N HIS C 245 -40.06 -13.98 39.13
CA HIS C 245 -39.77 -12.61 38.69
C HIS C 245 -40.81 -11.65 39.26
N ASN C 246 -41.06 -11.75 40.56
CA ASN C 246 -42.09 -10.96 41.22
C ASN C 246 -41.48 -9.73 41.86
N LEU C 247 -42.09 -8.57 41.61
CA LEU C 247 -41.74 -7.31 42.27
C LEU C 247 -42.88 -6.97 43.22
N PHE C 248 -42.64 -7.13 44.52
CA PHE C 248 -43.67 -6.86 45.50
C PHE C 248 -44.04 -5.37 45.49
N GLY C 249 -45.34 -5.10 45.50
CA GLY C 249 -45.82 -3.73 45.48
C GLY C 249 -45.94 -3.12 44.10
N LEU C 250 -45.72 -3.89 43.03
CA LEU C 250 -45.86 -3.36 41.68
C LEU C 250 -47.27 -2.85 41.39
N PRO C 251 -48.35 -3.58 41.70
CA PRO C 251 -49.69 -2.97 41.54
C PRO C 251 -49.90 -1.76 42.43
N LEU C 252 -49.30 -1.74 43.62
CA LEU C 252 -49.54 -0.64 44.56
C LEU C 252 -48.99 0.68 44.04
N ILE C 253 -47.80 0.66 43.44
CA ILE C 253 -47.17 1.89 42.97
C ILE C 253 -47.93 2.42 41.77
N SER C 254 -48.06 3.74 41.69
CA SER C 254 -48.81 4.40 40.63
C SER C 254 -47.86 4.98 39.59
N ARG C 255 -48.45 5.48 38.50
CA ARG C 255 -47.67 6.07 37.42
C ARG C 255 -47.11 7.43 37.79
N ARG C 256 -47.69 8.11 38.78
CA ARG C 256 -47.24 9.43 39.21
C ARG C 256 -46.20 9.37 40.31
N ASP C 257 -45.45 8.27 40.41
CA ASP C 257 -44.42 8.09 41.42
C ASP C 257 -43.06 8.06 40.74
N ALA C 258 -42.14 8.91 41.22
CA ALA C 258 -40.81 9.00 40.65
C ALA C 258 -39.73 8.46 41.57
N GLU C 259 -40.03 8.20 42.84
CA GLU C 259 -39.06 7.71 43.80
C GLU C 259 -39.45 6.31 44.26
N VAL C 260 -38.49 5.40 44.23
CA VAL C 260 -38.70 4.02 44.67
C VAL C 260 -37.45 3.55 45.38
N VAL C 261 -37.64 2.78 46.46
CA VAL C 261 -36.53 2.21 47.22
C VAL C 261 -36.62 0.69 47.12
N LEU C 262 -35.55 0.07 46.67
CA LEU C 262 -35.52 -1.38 46.51
C LEU C 262 -34.99 -2.04 47.78
N THR C 263 -35.65 -3.14 48.17
CA THR C 263 -35.26 -3.88 49.36
C THR C 263 -34.93 -5.32 49.00
N SER C 264 -33.93 -5.88 49.68
CA SER C 264 -33.53 -7.25 49.41
C SER C 264 -34.54 -8.25 49.93
N ARG C 265 -35.31 -7.89 50.95
CA ARG C 265 -36.34 -8.75 51.52
C ARG C 265 -37.71 -8.14 51.29
N GLU C 266 -38.74 -8.80 51.81
CA GLU C 266 -40.11 -8.32 51.72
C GLU C 266 -40.64 -7.74 53.01
N LEU C 267 -40.24 -8.29 54.16
CA LEU C 267 -40.72 -7.78 55.44
C LEU C 267 -40.23 -6.35 55.68
N ASP C 268 -38.98 -6.08 55.35
CA ASP C 268 -38.46 -4.73 55.51
C ASP C 268 -39.17 -3.73 54.59
N SER C 269 -39.63 -4.19 53.43
CA SER C 269 -40.41 -3.33 52.54
C SER C 269 -41.71 -2.91 53.21
N LEU C 270 -42.36 -3.84 53.92
CA LEU C 270 -43.59 -3.51 54.62
C LEU C 270 -43.35 -2.43 55.67
N ALA C 271 -42.28 -2.55 56.44
CA ALA C 271 -41.95 -1.55 57.44
C ALA C 271 -41.55 -0.23 56.78
N LEU C 272 -40.81 -0.28 55.68
CA LEU C 272 -40.38 0.93 55.00
C LEU C 272 -41.57 1.72 54.47
N ASN C 273 -42.55 1.02 53.86
CA ASN C 273 -43.74 1.70 53.36
C ASN C 273 -44.64 2.17 54.49
N GLN C 274 -44.61 1.47 55.64
CA GLN C 274 -45.45 1.86 56.76
C GLN C 274 -45.07 3.23 57.29
N SER C 275 -43.78 3.50 57.42
CA SER C 275 -43.31 4.75 58.03
C SER C 275 -43.11 5.85 57.00
N THR C 276 -42.22 5.63 56.02
CA THR C 276 -41.95 6.66 55.03
C THR C 276 -43.16 6.93 54.15
N GLY C 277 -43.85 5.88 53.72
CA GLY C 277 -44.97 6.02 52.82
C GLY C 277 -44.60 6.14 51.37
N LEU C 278 -43.30 6.15 51.04
CA LEU C 278 -42.85 6.26 49.66
C LEU C 278 -42.95 4.90 48.97
N PRO C 279 -43.08 4.91 47.64
CA PRO C 279 -43.14 3.64 46.90
C PRO C 279 -41.87 2.82 47.09
N THR C 280 -42.03 1.51 47.15
CA THR C 280 -40.92 0.59 47.35
C THR C 280 -41.20 -0.71 46.62
N LEU C 281 -40.11 -1.41 46.26
CA LEU C 281 -40.19 -2.68 45.56
C LEU C 281 -39.16 -3.63 46.14
N THR C 282 -39.37 -4.93 45.91
CA THR C 282 -38.47 -5.97 46.40
C THR C 282 -37.89 -6.75 45.23
N LEU C 283 -36.61 -7.07 45.32
CA LEU C 283 -35.96 -7.90 44.33
C LEU C 283 -36.52 -9.32 44.38
N PRO C 284 -36.53 -10.02 43.24
CA PRO C 284 -37.12 -11.37 43.21
C PRO C 284 -36.44 -12.35 44.13
N ARG C 285 -35.13 -12.51 43.99
CA ARG C 285 -34.35 -13.40 44.85
C ARG C 285 -33.37 -12.61 45.72
N GLY C 286 -33.79 -11.42 46.13
CA GLY C 286 -32.91 -10.59 46.95
C GLY C 286 -31.69 -10.14 46.18
N THR C 287 -30.54 -10.16 46.85
CA THR C 287 -29.28 -9.74 46.27
C THR C 287 -28.67 -10.78 45.32
N THR C 288 -29.44 -11.78 44.91
CA THR C 288 -28.90 -12.80 44.02
C THR C 288 -28.71 -12.26 42.61
N CYS C 289 -29.81 -11.84 41.97
CA CYS C 289 -29.73 -11.33 40.60
C CYS C 289 -30.97 -10.50 40.31
N LEU C 290 -30.86 -9.64 39.31
CA LEU C 290 -31.98 -8.81 38.84
C LEU C 290 -32.22 -9.10 37.36
N PRO C 291 -33.25 -9.87 37.01
CA PRO C 291 -33.48 -10.18 35.61
C PRO C 291 -33.79 -8.92 34.82
N PRO C 292 -33.34 -8.84 33.56
CA PRO C 292 -33.63 -7.65 32.75
C PRO C 292 -35.11 -7.46 32.46
N ALA C 293 -35.93 -8.50 32.59
CA ALA C 293 -37.36 -8.37 32.32
C ALA C 293 -38.02 -7.40 33.28
N LEU C 294 -37.46 -7.25 34.49
CA LEU C 294 -38.01 -6.33 35.47
C LEU C 294 -37.54 -4.89 35.28
N LEU C 295 -36.55 -4.67 34.43
CA LEU C 295 -36.06 -3.31 34.21
C LEU C 295 -37.11 -2.36 33.65
N PRO C 296 -37.92 -2.73 32.63
CA PRO C 296 -38.91 -1.77 32.11
C PRO C 296 -39.91 -1.30 33.16
N TYR C 297 -40.24 -2.14 34.14
CA TYR C 297 -41.18 -1.73 35.18
C TYR C 297 -40.62 -0.60 36.04
N LEU C 298 -39.30 -0.51 36.16
CA LEU C 298 -38.66 0.53 36.95
C LEU C 298 -38.23 1.73 36.10
N GLU C 299 -38.58 1.75 34.82
CA GLU C 299 -38.18 2.86 33.96
C GLU C 299 -38.87 4.16 34.35
N GLN C 300 -40.10 4.09 34.83
CA GLN C 300 -40.85 5.31 35.14
C GLN C 300 -40.18 6.12 36.24
N PHE C 301 -39.65 5.45 37.26
CA PHE C 301 -39.05 6.16 38.39
C PHE C 301 -37.77 6.86 37.97
N ARG C 302 -37.57 8.08 38.47
CA ARG C 302 -36.38 8.87 38.18
C ARG C 302 -35.33 8.76 39.27
N ARG C 303 -35.74 8.69 40.54
CA ARG C 303 -34.82 8.54 41.66
C ARG C 303 -35.03 7.16 42.28
N ILE C 304 -33.95 6.40 42.36
CA ILE C 304 -33.98 5.04 42.92
C ILE C 304 -32.93 4.96 44.02
N VAL C 305 -33.34 4.43 45.18
CA VAL C 305 -32.46 4.27 46.33
C VAL C 305 -32.32 2.78 46.62
N PHE C 306 -31.08 2.30 46.67
CA PHE C 306 -30.82 0.89 46.95
C PHE C 306 -30.62 0.67 48.44
N TRP C 307 -31.31 -0.33 48.97
CA TRP C 307 -31.20 -0.69 50.39
C TRP C 307 -31.39 -2.21 50.46
N LEU C 308 -30.27 -2.94 50.43
CA LEU C 308 -30.29 -4.38 50.23
C LEU C 308 -29.61 -5.15 51.35
N GLY C 309 -29.51 -4.57 52.54
CA GLY C 309 -28.95 -5.27 53.67
C GLY C 309 -28.01 -4.39 54.45
N ASP C 310 -27.24 -5.03 55.34
CA ASP C 310 -26.32 -4.34 56.24
C ASP C 310 -24.95 -5.01 56.19
N ASP C 311 -24.47 -5.30 54.97
CA ASP C 311 -23.19 -5.95 54.80
C ASP C 311 -22.49 -5.36 53.58
N LEU C 312 -21.16 -5.50 53.57
CA LEU C 312 -20.38 -5.03 52.43
C LEU C 312 -20.75 -5.77 51.15
N ARG C 313 -21.16 -7.04 51.29
CA ARG C 313 -21.62 -7.79 50.12
C ARG C 313 -22.87 -7.16 49.52
N SER C 314 -23.79 -6.70 50.36
CA SER C 314 -24.99 -6.05 49.87
C SER C 314 -24.67 -4.78 49.10
N LEU C 315 -23.72 -3.99 49.61
CA LEU C 315 -23.31 -2.77 48.92
C LEU C 315 -22.70 -3.09 47.55
N GLU C 316 -21.84 -4.12 47.49
CA GLU C 316 -21.27 -4.52 46.21
C GLU C 316 -22.34 -5.00 45.25
N ALA C 317 -23.31 -5.76 45.75
CA ALA C 317 -24.42 -6.21 44.90
C ALA C 317 -25.24 -5.03 44.39
N ALA C 318 -25.45 -4.03 45.25
CA ALA C 318 -26.18 -2.84 44.82
C ALA C 318 -25.43 -2.10 43.72
N LYS C 319 -24.10 -2.00 43.85
CA LYS C 319 -23.32 -1.33 42.82
C LYS C 319 -23.42 -2.04 41.47
N LEU C 320 -23.41 -3.38 41.47
CA LEU C 320 -23.58 -4.10 40.22
C LEU C 320 -24.95 -3.84 39.62
N PHE C 321 -25.99 -3.81 40.46
CA PHE C 321 -27.33 -3.49 39.98
C PHE C 321 -27.40 -2.06 39.46
N ALA C 322 -26.63 -1.15 40.06
CA ALA C 322 -26.67 0.25 39.64
C ALA C 322 -26.21 0.42 38.21
N ARG C 323 -25.18 -0.33 37.80
CA ARG C 323 -24.64 -0.20 36.44
C ARG C 323 -25.69 -0.54 35.39
N LYS C 324 -26.62 -1.43 35.71
CA LYS C 324 -27.66 -1.79 34.76
C LYS C 324 -28.63 -0.65 34.53
N LEU C 325 -28.90 0.15 35.56
CA LEU C 325 -29.97 1.14 35.50
C LEU C 325 -29.44 2.56 35.45
N ASN C 326 -28.35 2.79 34.69
CA ASN C 326 -27.80 4.13 34.48
C ASN C 326 -27.53 4.83 35.81
N PRO C 327 -26.41 4.50 36.49
CA PRO C 327 -26.21 4.96 37.87
C PRO C 327 -26.40 6.45 38.11
N LYS C 328 -26.51 7.24 37.04
CA LYS C 328 -26.74 8.68 37.19
C LYS C 328 -28.10 8.99 37.79
N ARG C 329 -29.02 8.02 37.82
CA ARG C 329 -30.37 8.25 38.32
C ARG C 329 -30.69 7.43 39.57
N CYS C 330 -29.67 6.87 40.23
CA CYS C 330 -29.90 6.03 41.40
C CYS C 330 -28.94 6.40 42.52
N PHE C 331 -29.35 6.05 43.74
CA PHE C 331 -28.59 6.37 44.94
C PHE C 331 -28.41 5.10 45.77
N LEU C 332 -27.47 5.17 46.72
CA LEU C 332 -27.12 4.03 47.56
C LEU C 332 -27.20 4.42 49.03
N VAL C 333 -27.50 3.42 49.87
CA VAL C 333 -27.48 3.56 51.31
C VAL C 333 -26.36 2.66 51.83
N ARG C 334 -25.31 3.25 52.37
CA ARG C 334 -24.17 2.48 52.83
C ARG C 334 -24.52 1.72 54.11
N PRO C 335 -24.04 0.48 54.24
CA PRO C 335 -24.26 -0.26 55.49
C PRO C 335 -23.44 0.32 56.64
N GLY C 336 -23.95 0.11 57.84
CA GLY C 336 -23.26 0.61 59.02
C GLY C 336 -23.96 0.15 60.29
N ASP C 337 -23.30 0.40 61.41
CA ASP C 337 -23.89 0.05 62.71
C ASP C 337 -25.15 0.87 62.97
N GLN C 338 -25.14 2.15 62.60
CA GLN C 338 -26.29 3.02 62.78
C GLN C 338 -27.24 2.99 61.58
N GLN C 339 -26.97 2.14 60.60
CA GLN C 339 -27.80 2.02 59.39
C GLN C 339 -28.21 0.57 59.21
N PRO C 340 -29.16 0.10 60.00
CA PRO C 340 -29.61 -1.29 59.90
C PRO C 340 -30.64 -1.44 58.77
N ARG C 341 -31.13 -2.66 58.61
CA ARG C 341 -32.15 -2.93 57.62
C ARG C 341 -33.47 -2.25 58.01
N PRO C 342 -34.34 -1.95 57.04
CA PRO C 342 -35.60 -1.26 57.39
C PRO C 342 -36.45 -2.02 58.39
N LEU C 343 -36.47 -3.36 58.32
CA LEU C 343 -37.23 -4.14 59.29
C LEU C 343 -36.68 -3.95 60.69
N GLU C 344 -35.35 -4.00 60.84
CA GLU C 344 -34.75 -3.83 62.15
C GLU C 344 -34.77 -2.37 62.60
N ALA C 345 -34.68 -1.44 61.65
CA ALA C 345 -34.67 -0.02 62.02
C ALA C 345 -35.98 0.38 62.69
N LEU C 346 -37.12 -0.07 62.15
CA LEU C 346 -38.39 0.24 62.77
C LEU C 346 -38.55 -0.49 64.10
N ASN C 347 -38.12 -1.75 64.17
CA ASN C 347 -38.21 -2.49 65.43
C ASN C 347 -37.28 -1.89 66.48
N GLY C 348 -36.09 -1.47 66.08
CA GLY C 348 -35.14 -0.88 67.01
C GLY C 348 -35.43 0.54 67.41
N GLY C 349 -36.39 1.19 66.76
CA GLY C 349 -36.77 2.55 67.10
C GLY C 349 -35.96 3.63 66.41
N PHE C 350 -34.93 3.26 65.66
CA PHE C 350 -34.12 4.26 64.97
C PHE C 350 -34.93 4.92 63.85
N ASN C 351 -34.75 6.23 63.70
CA ASN C 351 -35.44 6.96 62.64
C ASN C 351 -34.90 6.55 61.28
N LEU C 352 -35.82 6.24 60.35
CA LEU C 352 -35.44 5.82 59.01
C LEU C 352 -35.49 6.93 57.99
N SER C 353 -36.18 8.04 58.29
CA SER C 353 -36.21 9.17 57.36
C SER C 353 -34.82 9.77 57.19
N ARG C 354 -34.06 9.86 58.27
CA ARG C 354 -32.68 10.35 58.19
C ARG C 354 -31.82 9.44 57.32
N ILE C 355 -32.01 8.11 57.46
CA ILE C 355 -31.25 7.16 56.67
C ILE C 355 -31.54 7.34 55.18
N LEU C 356 -32.81 7.51 54.83
CA LEU C 356 -33.17 7.74 53.43
C LEU C 356 -32.65 9.09 52.93
N ARG C 357 -32.58 10.08 53.82
CA ARG C 357 -32.14 11.41 53.40
C ARG C 357 -30.66 11.47 53.07
N THR C 358 -29.84 10.67 53.76
CA THR C 358 -28.39 10.69 53.57
C THR C 358 -27.92 9.72 52.50
N ALA C 359 -28.78 9.37 51.56
CA ALA C 359 -28.39 8.49 50.47
C ALA C 359 -27.35 9.17 49.57
N LEU C 360 -26.29 8.45 49.23
CA LEU C 360 -25.26 9.02 48.39
C LEU C 360 -25.43 8.56 46.95
N PRO C 361 -25.09 9.41 45.98
CA PRO C 361 -25.20 9.02 44.57
C PRO C 361 -24.33 7.83 44.24
N ALA C 362 -24.85 6.94 43.40
CA ALA C 362 -24.12 5.79 42.92
C ALA C 362 -23.24 6.11 41.71
N TRP C 363 -23.43 7.27 41.09
CA TRP C 363 -22.63 7.71 39.97
C TRP C 363 -21.68 8.80 40.44
N HIS C 364 -20.40 8.67 40.09
CA HIS C 364 -19.38 9.63 40.46
C HIS C 364 -18.58 10.01 39.23
N LYS C 365 -18.01 11.21 39.27
CA LYS C 365 -17.09 11.62 38.23
C LYS C 365 -15.77 10.86 38.36
N SER C 366 -14.84 11.16 37.48
CA SER C 366 -13.50 10.58 37.59
C SER C 366 -12.77 11.07 38.82
N ILE C 367 -13.25 12.12 39.47
CA ILE C 367 -12.62 12.71 40.64
C ILE C 367 -13.66 12.85 41.74
N VAL C 368 -13.32 12.41 42.96
CA VAL C 368 -14.23 12.42 44.09
C VAL C 368 -13.50 12.96 45.31
N SER C 369 -14.27 13.39 46.30
CA SER C 369 -13.74 13.87 47.56
C SER C 369 -14.01 12.84 48.66
N PHE C 370 -13.65 13.19 49.90
CA PHE C 370 -13.83 12.29 51.03
C PHE C 370 -15.28 12.22 51.52
N ARG C 371 -16.13 13.14 51.09
CA ARG C 371 -17.51 13.16 51.57
C ARG C 371 -18.25 11.88 51.17
N GLN C 372 -18.03 11.41 49.94
CA GLN C 372 -18.67 10.19 49.46
C GLN C 372 -17.97 8.92 49.91
N LEU C 373 -17.07 9.01 50.90
CA LEU C 373 -16.36 7.85 51.40
C LEU C 373 -16.36 7.73 52.92
N ARG C 374 -17.03 8.64 53.64
CA ARG C 374 -17.02 8.58 55.10
C ARG C 374 -17.68 7.32 55.62
N GLU C 375 -18.80 6.91 55.01
CA GLU C 375 -19.49 5.71 55.47
C GLU C 375 -18.70 4.45 55.14
N GLU C 376 -18.07 4.41 53.96
CA GLU C 376 -17.33 3.22 53.55
C GLU C 376 -16.14 2.95 54.46
N VAL C 377 -15.38 4.00 54.80
CA VAL C 377 -14.22 3.83 55.67
C VAL C 377 -14.65 3.44 57.07
N LEU C 378 -15.79 3.96 57.54
CA LEU C 378 -16.30 3.57 58.85
C LEU C 378 -16.71 2.09 58.86
N GLY C 379 -17.33 1.63 57.79
CA GLY C 379 -17.73 0.24 57.71
C GLY C 379 -16.54 -0.70 57.72
N GLU C 380 -15.49 -0.38 56.95
CA GLU C 380 -14.30 -1.21 56.93
C GLU C 380 -13.60 -1.21 58.28
N LEU C 381 -13.74 -0.14 59.05
CA LEU C 381 -13.12 -0.06 60.37
C LEU C 381 -13.79 -0.97 61.39
N SER C 382 -15.07 -1.28 61.22
CA SER C 382 -15.79 -2.14 62.15
C SER C 382 -16.19 -3.48 61.54
N ASN C 383 -15.84 -3.74 60.28
CA ASN C 383 -16.16 -4.99 59.59
C ASN C 383 -14.92 -5.52 58.88
N VAL C 384 -13.81 -5.60 59.61
CA VAL C 384 -12.56 -6.09 59.04
C VAL C 384 -12.73 -7.51 58.51
N GLU C 385 -13.62 -8.29 59.11
CA GLU C 385 -13.90 -9.63 58.59
C GLU C 385 -14.64 -9.57 57.26
N GLN C 386 -15.41 -8.50 57.03
CA GLN C 386 -16.13 -8.31 55.77
C GLN C 386 -15.30 -7.59 54.72
N ALA C 387 -14.09 -7.14 55.05
CA ALA C 387 -13.25 -6.46 54.08
C ALA C 387 -12.84 -7.39 52.93
N ALA C 388 -12.84 -8.69 53.16
CA ALA C 388 -12.52 -9.69 52.14
C ALA C 388 -13.80 -10.38 51.68
N GLY C 389 -13.65 -11.41 50.88
CA GLY C 389 -14.77 -12.15 50.33
C GLY C 389 -15.34 -13.14 51.32
N LEU C 390 -16.22 -13.99 50.81
CA LEU C 390 -16.89 -14.98 51.63
C LEU C 390 -15.92 -16.05 52.12
N ARG C 391 -16.34 -16.76 53.16
CA ARG C 391 -15.54 -17.82 53.77
C ARG C 391 -16.03 -19.17 53.27
N TRP C 392 -15.11 -19.98 52.74
CA TRP C 392 -15.47 -21.31 52.26
C TRP C 392 -15.84 -22.22 53.42
N SER C 393 -16.88 -23.03 53.22
CA SER C 393 -17.34 -23.96 54.23
C SER C 393 -16.74 -25.35 54.08
N ARG C 394 -15.86 -25.56 53.09
CA ARG C 394 -15.26 -26.86 52.87
C ARG C 394 -13.74 -26.82 52.74
N PHE C 395 -13.11 -25.66 52.68
CA PHE C 395 -11.66 -25.53 52.54
C PHE C 395 -11.13 -24.55 53.59
N PRO C 396 -11.09 -24.97 54.86
CA PRO C 396 -10.51 -24.08 55.89
C PRO C 396 -9.05 -23.76 55.63
N ASP C 397 -8.28 -24.70 55.10
CA ASP C 397 -6.88 -24.45 54.81
C ASP C 397 -6.72 -23.40 53.71
N LEU C 398 -7.57 -23.45 52.68
CA LEU C 398 -7.53 -22.43 51.65
C LEU C 398 -8.05 -21.09 52.20
N ASN C 399 -8.97 -21.14 53.16
CA ASN C 399 -9.51 -19.91 53.73
C ASN C 399 -8.47 -19.16 54.56
N ARG C 400 -7.59 -19.89 55.25
CA ARG C 400 -6.63 -19.24 56.14
C ARG C 400 -5.52 -18.54 55.39
N ILE C 401 -5.37 -18.76 54.09
CA ILE C 401 -4.33 -18.13 53.28
C ILE C 401 -4.92 -17.11 52.31
N LEU C 402 -5.94 -17.50 51.54
CA LEU C 402 -6.54 -16.57 50.59
C LEU C 402 -7.42 -15.54 51.29
N LYS C 403 -8.01 -15.91 52.43
CA LYS C 403 -8.78 -15.05 53.33
C LYS C 403 -10.07 -14.52 52.72
N GLY C 404 -10.42 -14.92 51.50
CA GLY C 404 -11.68 -14.50 50.93
C GLY C 404 -11.68 -14.60 49.42
N HIS C 405 -12.84 -14.28 48.85
CA HIS C 405 -13.07 -14.33 47.40
C HIS C 405 -13.70 -12.99 47.02
N ARG C 406 -12.87 -12.05 46.58
CA ARG C 406 -13.32 -10.70 46.28
C ARG C 406 -13.91 -10.65 44.87
N LYS C 407 -14.25 -9.45 44.41
CA LYS C 407 -14.81 -9.23 43.08
C LYS C 407 -13.83 -8.44 42.22
N GLY C 408 -13.74 -8.80 40.95
CA GLY C 408 -12.86 -8.15 40.01
C GLY C 408 -11.46 -8.74 39.94
N GLU C 409 -10.99 -9.35 41.03
CA GLU C 409 -9.68 -9.98 41.03
C GLU C 409 -9.69 -11.22 40.13
N LEU C 410 -8.56 -11.44 39.46
CA LEU C 410 -8.40 -12.57 38.54
C LEU C 410 -7.33 -13.51 39.09
N THR C 411 -7.64 -14.81 39.12
CA THR C 411 -6.73 -15.83 39.60
C THR C 411 -6.56 -16.90 38.54
N VAL C 412 -5.38 -17.51 38.50
CA VAL C 412 -5.05 -18.55 37.53
C VAL C 412 -4.73 -19.83 38.27
N PHE C 413 -5.32 -20.93 37.83
CA PHE C 413 -5.11 -22.25 38.42
C PHE C 413 -4.37 -23.13 37.43
N THR C 414 -3.43 -23.92 37.92
CA THR C 414 -2.63 -24.78 37.04
C THR C 414 -2.15 -26.00 37.80
N GLY C 415 -1.74 -27.01 37.05
CA GLY C 415 -1.22 -28.24 37.62
C GLY C 415 -0.97 -29.29 36.56
N PRO C 416 -0.20 -30.32 36.91
CA PRO C 416 0.04 -31.41 35.95
C PRO C 416 -1.24 -32.14 35.58
N THR C 417 -1.29 -32.62 34.34
CA THR C 417 -2.46 -33.35 33.87
C THR C 417 -2.57 -34.71 34.56
N GLY C 418 -3.80 -35.22 34.62
CA GLY C 418 -4.07 -36.49 35.25
C GLY C 418 -4.25 -36.44 36.75
N SER C 419 -4.17 -35.25 37.36
CA SER C 419 -4.36 -35.08 38.79
C SER C 419 -5.80 -34.70 39.14
N GLY C 420 -6.69 -34.69 38.16
CA GLY C 420 -8.06 -34.29 38.38
C GLY C 420 -8.19 -32.84 38.80
N LYS C 421 -7.49 -31.95 38.09
CA LYS C 421 -7.52 -30.52 38.40
C LYS C 421 -8.83 -29.89 37.96
N THR C 422 -9.62 -30.63 37.20
CA THR C 422 -10.94 -30.20 36.76
C THR C 422 -12.01 -30.53 37.78
N THR C 423 -11.80 -31.55 38.61
CA THR C 423 -12.74 -31.86 39.69
C THR C 423 -12.63 -30.86 40.83
N PHE C 424 -11.40 -30.44 41.16
CA PHE C 424 -11.22 -29.51 42.26
C PHE C 424 -11.89 -28.17 41.97
N ILE C 425 -11.74 -27.65 40.76
CA ILE C 425 -12.32 -26.35 40.44
C ILE C 425 -13.84 -26.44 40.49
N SER C 426 -14.42 -27.58 40.12
CA SER C 426 -15.86 -27.76 40.29
C SER C 426 -16.24 -27.75 41.75
N GLU C 427 -15.44 -28.39 42.61
CA GLU C 427 -15.69 -28.34 44.04
C GLU C 427 -15.51 -26.93 44.58
N TYR C 428 -14.48 -26.22 44.10
CA TYR C 428 -14.25 -24.85 44.55
C TYR C 428 -15.42 -23.93 44.18
N ALA C 429 -15.92 -24.06 42.95
CA ALA C 429 -17.05 -23.24 42.53
C ALA C 429 -18.33 -23.62 43.26
N LEU C 430 -18.54 -24.93 43.47
CA LEU C 430 -19.78 -25.39 44.10
C LEU C 430 -19.90 -24.90 45.53
N ASP C 431 -18.80 -24.92 46.28
CA ASP C 431 -18.85 -24.45 47.67
C ASP C 431 -19.20 -22.97 47.73
N LEU C 432 -18.60 -22.16 46.86
CA LEU C 432 -18.96 -20.74 46.81
C LEU C 432 -20.38 -20.55 46.28
N CYS C 433 -20.79 -21.41 45.34
CA CYS C 433 -22.15 -21.33 44.81
C CYS C 433 -23.20 -21.64 45.87
N SER C 434 -22.87 -22.51 46.82
CA SER C 434 -23.83 -22.88 47.86
C SER C 434 -24.15 -21.72 48.80
N GLN C 435 -23.31 -20.69 48.83
CA GLN C 435 -23.51 -19.54 49.70
C GLN C 435 -24.27 -18.41 49.02
N GLY C 436 -24.70 -18.60 47.77
CA GLY C 436 -25.45 -17.58 47.06
C GLY C 436 -24.61 -16.71 46.16
N VAL C 437 -23.76 -17.34 45.34
CA VAL C 437 -22.91 -16.63 44.39
C VAL C 437 -23.21 -17.16 43.00
N ASN C 438 -23.47 -16.26 42.06
CA ASN C 438 -23.75 -16.66 40.69
C ASN C 438 -22.47 -17.12 40.00
N THR C 439 -22.49 -18.33 39.45
CA THR C 439 -21.33 -18.93 38.81
C THR C 439 -21.68 -19.37 37.39
N LEU C 440 -20.72 -19.20 36.49
CA LEU C 440 -20.87 -19.60 35.10
C LEU C 440 -19.72 -20.50 34.70
N TRP C 441 -20.04 -21.55 33.95
CA TRP C 441 -19.05 -22.53 33.51
C TRP C 441 -18.89 -22.45 32.00
N GLY C 442 -17.66 -22.19 31.56
CA GLY C 442 -17.32 -22.18 30.15
C GLY C 442 -16.28 -23.23 29.81
N SER C 443 -16.42 -24.41 30.41
CA SER C 443 -15.43 -25.47 30.23
C SER C 443 -15.36 -25.91 28.78
N PHE C 444 -14.13 -26.08 28.29
CA PHE C 444 -13.87 -26.51 26.92
C PHE C 444 -13.06 -27.81 26.94
N GLU C 445 -13.40 -28.72 26.03
CA GLU C 445 -12.75 -30.03 25.94
C GLU C 445 -12.97 -30.85 27.20
N ILE C 446 -14.08 -30.60 27.90
CA ILE C 446 -14.40 -31.32 29.13
C ILE C 446 -15.69 -32.11 29.01
N SER C 447 -16.49 -31.91 27.96
CA SER C 447 -17.78 -32.56 27.79
C SER C 447 -18.71 -32.22 28.96
N ASN C 448 -19.11 -30.93 28.98
CA ASN C 448 -19.85 -30.32 30.07
C ASN C 448 -21.02 -31.17 30.57
N VAL C 449 -21.57 -32.03 29.71
CA VAL C 449 -22.58 -32.98 30.17
C VAL C 449 -22.00 -33.89 31.25
N ARG C 450 -20.78 -34.39 31.03
CA ARG C 450 -20.09 -35.16 32.06
C ARG C 450 -19.75 -34.28 33.26
N LEU C 451 -19.39 -33.02 33.01
CA LEU C 451 -19.06 -32.11 34.11
C LEU C 451 -20.24 -31.89 35.03
N ALA C 452 -21.45 -31.80 34.47
CA ALA C 452 -22.65 -31.65 35.29
C ALA C 452 -22.83 -32.85 36.21
N ARG C 453 -22.58 -34.05 35.70
CA ARG C 453 -22.66 -35.25 36.54
C ARG C 453 -21.65 -35.19 37.68
N VAL C 454 -20.41 -34.79 37.39
CA VAL C 454 -19.38 -34.72 38.43
C VAL C 454 -19.75 -33.68 39.48
N MET C 455 -20.21 -32.51 39.04
CA MET C 455 -20.56 -31.46 39.99
C MET C 455 -21.76 -31.85 40.84
N LEU C 456 -22.74 -32.52 40.24
CA LEU C 456 -23.90 -32.98 40.99
C LEU C 456 -23.52 -34.00 42.05
N THR C 457 -22.60 -34.90 41.72
CA THR C 457 -22.12 -35.87 42.72
C THR C 457 -21.43 -35.15 43.87
N GLN C 458 -20.69 -34.09 43.57
CA GLN C 458 -20.07 -33.29 44.63
C GLN C 458 -21.13 -32.64 45.52
N PHE C 459 -22.24 -32.20 44.92
CA PHE C 459 -23.32 -31.63 45.71
C PHE C 459 -23.92 -32.67 46.65
N ALA C 460 -24.08 -33.91 46.17
CA ALA C 460 -24.62 -34.97 47.00
C ALA C 460 -23.65 -35.39 48.11
N GLU C 461 -22.39 -34.99 48.02
CA GLU C 461 -21.37 -35.34 49.00
C GLU C 461 -21.27 -36.85 49.18
N GLY C 462 -21.19 -37.55 48.05
CA GLY C 462 -21.12 -39.01 48.08
C GLY C 462 -21.25 -39.58 46.69
N ARG C 463 -21.60 -40.86 46.63
CA ARG C 463 -21.74 -41.58 45.37
C ARG C 463 -23.22 -41.68 45.01
N LEU C 464 -23.58 -41.11 43.86
CA LEU C 464 -24.97 -41.14 43.41
C LEU C 464 -25.35 -42.44 42.73
N GLU C 465 -24.38 -43.29 42.40
CA GLU C 465 -24.71 -44.57 41.76
C GLU C 465 -25.53 -45.45 42.70
N ASP C 466 -25.15 -45.51 43.97
CA ASP C 466 -25.91 -46.29 44.93
C ASP C 466 -27.22 -45.62 45.32
N GLN C 467 -27.25 -44.29 45.29
CA GLN C 467 -28.43 -43.51 45.69
C GLN C 467 -29.26 -43.10 44.48
N LEU C 468 -29.30 -43.93 43.43
CA LEU C 468 -30.08 -43.59 42.24
C LEU C 468 -31.58 -43.54 42.54
N ASP C 469 -32.02 -44.27 43.57
CA ASP C 469 -33.43 -44.24 43.93
C ASP C 469 -33.85 -42.87 44.43
N LYS C 470 -33.00 -42.25 45.26
CA LYS C 470 -33.26 -40.90 45.78
C LYS C 470 -32.53 -39.86 44.94
N TYR C 471 -32.94 -39.76 43.67
CA TYR C 471 -32.32 -38.87 42.70
C TYR C 471 -33.15 -37.62 42.42
N ASP C 472 -34.48 -37.73 42.44
CA ASP C 472 -35.32 -36.56 42.20
C ASP C 472 -35.17 -35.53 43.30
N HIS C 473 -35.00 -35.97 44.55
CA HIS C 473 -34.86 -35.04 45.66
C HIS C 473 -33.60 -34.19 45.50
N TRP C 474 -32.48 -34.81 45.14
CA TRP C 474 -31.26 -34.03 44.94
C TRP C 474 -31.31 -33.23 43.65
N ALA C 475 -32.03 -33.71 42.64
CA ALA C 475 -32.19 -32.95 41.41
C ALA C 475 -32.93 -31.64 41.66
N ASP C 476 -33.98 -31.68 42.48
CA ASP C 476 -34.70 -30.45 42.82
C ASP C 476 -33.81 -29.52 43.63
N ARG C 477 -33.03 -30.06 44.57
CA ARG C 477 -32.11 -29.24 45.35
C ARG C 477 -31.00 -28.67 44.47
N PHE C 478 -30.61 -29.39 43.43
CA PHE C 478 -29.58 -28.90 42.53
C PHE C 478 -30.06 -27.74 41.66
N GLU C 479 -31.34 -27.75 41.28
CA GLU C 479 -31.88 -26.75 40.37
C GLU C 479 -32.49 -25.57 41.12
N ASP C 480 -31.79 -25.09 42.15
CA ASP C 480 -32.14 -23.82 42.79
C ASP C 480 -30.96 -22.93 43.10
N LEU C 481 -29.72 -23.44 43.04
CA LEU C 481 -28.56 -22.59 43.20
C LEU C 481 -28.32 -21.79 41.92
N PRO C 482 -27.70 -20.61 42.02
CA PRO C 482 -27.30 -19.90 40.80
C PRO C 482 -26.10 -20.57 40.14
N LEU C 483 -26.35 -21.29 39.05
CA LEU C 483 -25.32 -22.05 38.38
C LEU C 483 -25.68 -22.21 36.91
N TYR C 484 -24.77 -21.80 36.03
CA TYR C 484 -25.04 -21.77 34.61
C TYR C 484 -23.81 -22.29 33.85
N PHE C 485 -24.06 -22.74 32.62
CA PHE C 485 -23.04 -23.35 31.79
C PHE C 485 -23.01 -22.69 30.41
N MET C 486 -21.85 -22.73 29.78
CA MET C 486 -21.67 -22.21 28.42
C MET C 486 -21.51 -23.38 27.45
N THR C 487 -22.28 -23.35 26.37
CA THR C 487 -22.24 -24.39 25.34
C THR C 487 -21.71 -23.77 24.06
N PHE C 488 -20.45 -24.06 23.72
CA PHE C 488 -19.84 -23.62 22.49
C PHE C 488 -19.59 -24.85 21.60
N HIS C 489 -20.29 -24.91 20.48
CA HIS C 489 -20.17 -26.07 19.59
C HIS C 489 -19.03 -25.88 18.59
N GLY C 490 -19.03 -24.77 17.86
CA GLY C 490 -18.00 -24.51 16.88
C GLY C 490 -17.24 -23.22 17.10
N GLN C 491 -17.87 -22.27 17.81
CA GLN C 491 -17.24 -20.98 18.04
C GLN C 491 -16.10 -21.12 19.05
N GLN C 492 -14.93 -20.60 18.69
CA GLN C 492 -13.77 -20.64 19.56
C GLN C 492 -12.99 -19.33 19.62
N SER C 493 -13.40 -18.31 18.86
CA SER C 493 -12.64 -17.06 18.83
C SER C 493 -12.73 -16.33 20.16
N ILE C 494 -11.69 -15.56 20.46
CA ILE C 494 -11.64 -14.81 21.71
C ILE C 494 -12.71 -13.73 21.74
N ARG C 495 -12.99 -13.11 20.60
CA ARG C 495 -14.02 -12.07 20.55
C ARG C 495 -15.39 -12.64 20.88
N THR C 496 -15.70 -13.83 20.35
CA THR C 496 -17.01 -14.43 20.55
C THR C 496 -17.26 -14.72 22.03
N VAL C 497 -16.27 -15.30 22.71
CA VAL C 497 -16.46 -15.70 24.10
C VAL C 497 -16.60 -14.49 25.00
N ILE C 498 -15.98 -13.37 24.63
CA ILE C 498 -16.03 -12.18 25.48
C ILE C 498 -17.43 -11.60 25.52
N ASP C 499 -18.06 -11.46 24.36
CA ASP C 499 -19.40 -10.87 24.33
C ASP C 499 -20.43 -11.79 24.99
N THR C 500 -20.28 -13.10 24.81
CA THR C 500 -21.19 -14.04 25.47
C THR C 500 -21.05 -13.97 26.98
N MET C 501 -19.81 -13.90 27.47
CA MET C 501 -19.59 -13.70 28.90
C MET C 501 -20.16 -12.37 29.37
N GLN C 502 -19.95 -11.31 28.59
CA GLN C 502 -20.55 -10.01 28.92
C GLN C 502 -22.07 -10.09 28.87
N HIS C 503 -22.62 -10.80 27.88
CA HIS C 503 -24.06 -10.98 27.80
C HIS C 503 -24.60 -11.74 29.00
N ALA C 504 -23.86 -12.76 29.45
CA ALA C 504 -24.30 -13.56 30.58
C ALA C 504 -24.40 -12.72 31.86
N VAL C 505 -23.42 -11.83 32.07
CA VAL C 505 -23.44 -10.98 33.25
C VAL C 505 -24.65 -10.06 33.24
N TYR C 506 -24.97 -9.48 32.08
CA TYR C 506 -26.09 -8.56 31.99
C TYR C 506 -27.41 -9.29 32.25
N VAL C 507 -27.55 -10.51 31.75
CA VAL C 507 -28.86 -11.19 31.81
C VAL C 507 -29.12 -11.87 33.15
N TYR C 508 -28.09 -12.39 33.82
CA TYR C 508 -28.29 -13.17 35.03
C TYR C 508 -27.36 -12.77 36.18
N ASP C 509 -26.70 -11.62 36.09
CA ASP C 509 -25.83 -11.12 37.15
C ASP C 509 -24.75 -12.14 37.51
N ILE C 510 -24.03 -12.60 36.49
CA ILE C 510 -22.98 -13.60 36.69
C ILE C 510 -21.85 -12.95 37.49
N CYS C 511 -21.63 -13.43 38.71
CA CYS C 511 -20.60 -12.90 39.60
C CYS C 511 -19.34 -13.75 39.59
N HIS C 512 -19.30 -14.84 38.83
CA HIS C 512 -18.13 -15.71 38.81
C HIS C 512 -18.13 -16.48 37.51
N VAL C 513 -17.01 -16.41 36.78
CA VAL C 513 -16.83 -17.12 35.52
C VAL C 513 -15.59 -17.99 35.64
N ILE C 514 -15.71 -19.27 35.27
CA ILE C 514 -14.61 -20.22 35.30
C ILE C 514 -14.54 -20.90 33.94
N ILE C 515 -13.35 -20.90 33.35
CA ILE C 515 -13.08 -21.58 32.08
C ILE C 515 -12.05 -22.67 32.35
N ASP C 516 -12.36 -23.89 31.91
CA ASP C 516 -11.51 -25.04 32.25
C ASP C 516 -10.26 -25.08 31.37
N ASN C 517 -10.43 -25.03 30.05
CA ASN C 517 -9.32 -25.12 29.11
C ASN C 517 -9.19 -23.81 28.35
N LEU C 518 -7.98 -23.24 28.38
CA LEU C 518 -7.70 -22.02 27.64
C LEU C 518 -7.07 -22.29 26.27
N GLN C 519 -6.40 -23.44 26.11
CA GLN C 519 -5.80 -23.76 24.82
C GLN C 519 -6.86 -23.97 23.75
N PHE C 520 -8.01 -24.55 24.12
CA PHE C 520 -9.08 -24.73 23.15
C PHE C 520 -9.59 -23.41 22.61
N MET C 521 -9.50 -22.33 23.40
CA MET C 521 -9.90 -21.02 22.93
C MET C 521 -8.95 -20.46 21.88
N MET C 522 -7.68 -20.86 21.95
CA MET C 522 -6.68 -20.40 20.99
C MET C 522 -7.00 -20.90 19.58
N GLY C 523 -7.44 -22.15 19.49
CA GLY C 523 -7.79 -22.75 18.21
N THR C 529 6.97 -18.75 19.20
CA THR C 529 6.67 -17.60 20.03
C THR C 529 5.24 -17.12 19.82
N ASP C 530 4.59 -17.65 18.77
CA ASP C 530 3.21 -17.28 18.48
C ASP C 530 2.27 -17.73 19.59
N ARG C 531 2.48 -18.94 20.11
CA ARG C 531 1.62 -19.44 21.18
C ARG C 531 1.78 -18.61 22.45
N ILE C 532 3.02 -18.22 22.78
CA ILE C 532 3.25 -17.40 23.96
C ILE C 532 2.60 -16.03 23.80
N ALA C 533 2.76 -15.41 22.64
CA ALA C 533 2.14 -14.11 22.39
C ALA C 533 0.62 -14.22 22.42
N ALA C 534 0.06 -15.26 21.82
CA ALA C 534 -1.39 -15.45 21.84
C ALA C 534 -1.89 -15.68 23.25
N GLN C 535 -1.17 -16.48 24.04
CA GLN C 535 -1.59 -16.73 25.42
C GLN C 535 -1.53 -15.45 26.25
N ASP C 536 -0.50 -14.63 26.05
CA ASP C 536 -0.40 -13.37 26.77
C ASP C 536 -1.56 -12.44 26.41
N TYR C 537 -1.93 -12.39 25.13
CA TYR C 537 -2.98 -11.50 24.68
C TYR C 537 -4.32 -11.85 25.31
N ILE C 538 -4.68 -13.13 25.30
CA ILE C 538 -6.00 -13.54 25.79
C ILE C 538 -6.10 -13.34 27.30
N ILE C 539 -5.01 -13.59 28.03
CA ILE C 539 -5.01 -13.38 29.48
C ILE C 539 -5.26 -11.91 29.80
N GLY C 540 -4.62 -11.01 29.06
CA GLY C 540 -4.86 -9.59 29.27
C GLY C 540 -6.30 -9.19 28.98
N VAL C 541 -6.91 -9.82 27.97
CA VAL C 541 -8.31 -9.55 27.67
C VAL C 541 -9.20 -9.97 28.82
N PHE C 542 -8.96 -11.16 29.38
CA PHE C 542 -9.74 -11.60 30.54
C PHE C 542 -9.53 -10.70 31.74
N ARG C 543 -8.29 -10.25 31.97
CA ARG C 543 -8.04 -9.31 33.05
C ARG C 543 -8.77 -7.99 32.81
N LYS C 544 -8.77 -7.51 31.56
CA LYS C 544 -9.54 -6.32 31.24
C LYS C 544 -11.03 -6.54 31.44
N PHE C 545 -11.53 -7.70 31.00
CA PHE C 545 -12.95 -8.00 31.19
C PHE C 545 -13.31 -8.13 32.67
N ALA C 546 -12.44 -8.81 33.44
CA ALA C 546 -12.73 -9.00 34.86
C ALA C 546 -12.72 -7.67 35.61
N THR C 547 -11.75 -6.81 35.32
CA THR C 547 -11.67 -5.53 36.03
C THR C 547 -12.80 -4.60 35.63
N ASP C 548 -13.12 -4.53 34.34
CA ASP C 548 -14.17 -3.62 33.87
C ASP C 548 -15.54 -4.04 34.40
N ASN C 549 -15.83 -5.34 34.37
CA ASN C 549 -17.14 -5.85 34.78
C ASN C 549 -17.20 -6.24 36.25
N ASN C 550 -16.09 -6.14 36.98
CA ASN C 550 -16.01 -6.48 38.40
C ASN C 550 -16.37 -7.93 38.69
N CYS C 551 -16.38 -8.79 37.67
CA CYS C 551 -16.72 -10.19 37.85
C CYS C 551 -15.46 -11.02 38.04
N HIS C 552 -15.45 -11.84 39.09
CA HIS C 552 -14.30 -12.70 39.36
C HIS C 552 -14.18 -13.78 38.27
N VAL C 553 -12.99 -13.92 37.71
CA VAL C 553 -12.75 -14.88 36.65
C VAL C 553 -11.58 -15.77 37.05
N THR C 554 -11.77 -17.08 36.88
CA THR C 554 -10.75 -18.07 37.19
C THR C 554 -10.41 -18.84 35.93
N LEU C 555 -9.12 -18.88 35.60
CA LEU C 555 -8.64 -19.55 34.40
C LEU C 555 -7.78 -20.75 34.81
N VAL C 556 -8.10 -21.92 34.26
CA VAL C 556 -7.30 -23.12 34.49
C VAL C 556 -6.42 -23.35 33.25
N ILE C 557 -5.12 -23.50 33.48
CA ILE C 557 -4.14 -23.57 32.39
C ILE C 557 -3.72 -25.02 32.21
N HIS C 558 -3.79 -25.52 30.98
CA HIS C 558 -3.33 -26.86 30.65
C HIS C 558 -1.95 -26.78 30.00
N PRO C 559 -0.91 -27.36 30.59
CA PRO C 559 0.45 -27.31 30.03
C PRO C 559 0.58 -28.13 28.75
N GLY C 575 3.20 -20.26 35.48
CA GLY C 575 3.98 -21.03 34.53
C GLY C 575 4.29 -20.27 33.26
N SER C 576 3.25 -19.78 32.60
CA SER C 576 3.43 -19.01 31.37
C SER C 576 4.10 -17.67 31.66
N ALA C 577 4.91 -17.23 30.70
CA ALA C 577 5.61 -15.97 30.85
C ALA C 577 4.64 -14.79 30.79
N LYS C 578 4.94 -13.76 31.58
CA LYS C 578 4.18 -12.52 31.70
C LYS C 578 2.79 -12.72 32.29
N ALA C 579 2.41 -13.94 32.67
CA ALA C 579 1.10 -14.17 33.24
C ALA C 579 1.00 -13.71 34.68
N SER C 580 2.08 -13.83 35.44
CA SER C 580 2.05 -13.46 36.85
C SER C 580 1.78 -11.97 37.04
N GLN C 581 2.40 -11.13 36.21
CA GLN C 581 2.22 -9.69 36.34
C GLN C 581 0.77 -9.28 36.10
N GLU C 582 0.13 -9.86 35.08
CA GLU C 582 -1.26 -9.50 34.78
C GLU C 582 -2.21 -10.11 35.79
N ALA C 583 -1.98 -11.36 36.19
CA ALA C 583 -2.87 -12.02 37.12
C ALA C 583 -2.66 -11.47 38.54
N ASP C 584 -3.69 -11.63 39.37
CA ASP C 584 -3.67 -11.18 40.75
C ASP C 584 -3.30 -12.30 41.73
N ASN C 585 -3.76 -13.52 41.48
CA ASN C 585 -3.47 -14.66 42.34
C ASN C 585 -3.11 -15.87 41.48
N VAL C 586 -2.31 -16.77 42.05
CA VAL C 586 -1.89 -17.99 41.39
C VAL C 586 -2.16 -19.17 42.30
N LEU C 587 -2.69 -20.25 41.72
CA LEU C 587 -2.93 -21.50 42.45
C LEU C 587 -2.29 -22.63 41.65
N ILE C 588 -1.47 -23.44 42.33
CA ILE C 588 -0.76 -24.54 41.69
C ILE C 588 -1.09 -25.81 42.45
N LEU C 589 -1.55 -26.83 41.73
CA LEU C 589 -1.91 -28.12 42.32
C LEU C 589 -0.90 -29.16 41.84
N GLN C 590 0.18 -29.32 42.58
CA GLN C 590 1.22 -30.29 42.26
C GLN C 590 0.92 -31.63 42.92
N ASP C 591 1.66 -32.65 42.50
CA ASP C 591 1.48 -34.01 43.00
C ASP C 591 2.78 -34.50 43.63
N ARG C 592 2.64 -35.42 44.59
CA ARG C 592 3.80 -35.98 45.27
C ARG C 592 3.67 -37.49 45.40
N GLY C 599 -3.93 -40.82 45.50
CA GLY C 599 -4.52 -39.58 45.06
C GLY C 599 -4.35 -38.44 46.05
N LYS C 600 -3.11 -38.21 46.48
CA LYS C 600 -2.79 -37.16 47.43
C LYS C 600 -2.02 -36.06 46.71
N ARG C 601 -2.48 -34.82 46.89
CA ARG C 601 -1.83 -33.67 46.25
C ARG C 601 -1.74 -32.50 47.23
N TYR C 602 -1.16 -31.39 46.78
CA TYR C 602 -1.00 -30.22 47.62
C TYR C 602 -1.13 -28.96 46.77
N LEU C 603 -1.73 -27.94 47.35
CA LEU C 603 -1.96 -26.65 46.68
C LEU C 603 -0.99 -25.62 47.22
N GLN C 604 -0.33 -24.91 46.31
CA GLN C 604 0.62 -23.87 46.66
C GLN C 604 0.21 -22.56 46.02
N VAL C 605 0.19 -21.49 46.81
CA VAL C 605 -0.12 -20.14 46.35
C VAL C 605 1.09 -19.27 46.59
N SER C 606 1.55 -18.58 45.53
CA SER C 606 2.73 -17.74 45.61
C SER C 606 2.47 -16.30 45.21
N LYS C 607 1.21 -15.88 45.14
CA LYS C 607 0.88 -14.50 44.77
C LYS C 607 -0.50 -14.18 45.33
N ASN C 608 -0.58 -13.19 46.21
CA ASN C 608 -1.84 -12.76 46.82
C ASN C 608 -1.92 -11.24 46.68
N ARG C 609 -2.77 -10.76 45.77
CA ARG C 609 -2.92 -9.32 45.57
C ARG C 609 -3.51 -8.64 46.81
N PHE C 610 -4.53 -9.25 47.41
CA PHE C 610 -5.25 -8.59 48.49
C PHE C 610 -4.47 -8.63 49.80
N ASP C 611 -3.76 -9.72 50.06
CA ASP C 611 -3.09 -9.92 51.34
C ASP C 611 -1.59 -10.09 51.26
N GLY C 612 -1.05 -10.60 50.16
CA GLY C 612 0.37 -10.87 50.09
C GLY C 612 0.83 -12.05 50.91
N ASP C 613 -0.07 -13.00 51.19
CA ASP C 613 0.24 -14.17 52.00
C ASP C 613 0.41 -15.38 51.09
N VAL C 614 1.50 -16.12 51.30
CA VAL C 614 1.81 -17.30 50.52
C VAL C 614 1.85 -18.52 51.44
N GLY C 615 1.81 -19.70 50.84
CA GLY C 615 1.86 -20.93 51.61
C GLY C 615 1.52 -22.13 50.73
N VAL C 616 1.51 -23.29 51.38
CA VAL C 616 1.20 -24.54 50.69
C VAL C 616 0.63 -25.52 51.71
N PHE C 617 -0.43 -26.21 51.33
CA PHE C 617 -1.08 -27.18 52.19
C PHE C 617 -1.44 -28.44 51.40
N PRO C 618 -1.36 -29.61 52.02
CA PRO C 618 -1.73 -30.85 51.32
C PRO C 618 -3.22 -31.06 51.27
N LEU C 619 -3.63 -31.96 50.37
CA LEU C 619 -5.04 -32.32 50.22
C LEU C 619 -5.15 -33.82 49.99
N GLU C 620 -6.27 -34.39 50.42
CA GLU C 620 -6.58 -35.80 50.20
C GLU C 620 -7.85 -35.89 49.38
N PHE C 621 -7.77 -36.61 48.26
CA PHE C 621 -8.90 -36.75 47.34
C PHE C 621 -9.45 -38.16 47.40
N ASN C 622 -10.76 -38.28 47.55
CA ASN C 622 -11.45 -39.56 47.57
C ASN C 622 -12.33 -39.66 46.34
N LYS C 623 -12.15 -40.73 45.55
CA LYS C 623 -12.95 -40.91 44.34
C LYS C 623 -14.36 -41.38 44.63
N ASN C 624 -14.61 -41.89 45.84
CA ASN C 624 -15.96 -42.34 46.18
C ASN C 624 -16.95 -41.18 46.20
N SER C 625 -16.54 -40.04 46.76
CA SER C 625 -17.40 -38.88 46.85
C SER C 625 -16.96 -37.72 45.96
N LEU C 626 -15.80 -37.83 45.31
CA LEU C 626 -15.28 -36.78 44.44
C LEU C 626 -15.14 -35.45 45.19
N THR C 627 -14.78 -35.54 46.48
CA THR C 627 -14.62 -34.37 47.32
C THR C 627 -13.27 -34.43 48.01
N PHE C 628 -12.52 -33.33 47.92
CA PHE C 628 -11.22 -33.26 48.58
C PHE C 628 -11.40 -33.10 50.09
N SER C 629 -10.39 -33.54 50.83
CA SER C 629 -10.42 -33.50 52.29
C SER C 629 -8.99 -33.36 52.80
N ILE C 630 -8.87 -33.05 54.09
CA ILE C 630 -7.57 -32.91 54.73
C ILE C 630 -7.62 -33.46 56.14
N PRO D 54 -22.35 -24.12 -2.93
CA PRO D 54 -21.70 -22.82 -2.72
C PRO D 54 -22.63 -21.64 -2.94
N VAL D 55 -23.93 -21.87 -2.75
CA VAL D 55 -24.96 -20.84 -2.92
C VAL D 55 -25.60 -20.60 -1.56
N THR D 56 -25.58 -19.35 -1.11
CA THR D 56 -26.14 -18.97 0.17
C THR D 56 -27.62 -18.63 0.04
N ALA D 57 -28.28 -18.46 1.18
CA ALA D 57 -29.69 -18.09 1.18
C ALA D 57 -29.91 -16.71 0.57
N THR D 58 -28.98 -15.78 0.80
CA THR D 58 -29.11 -14.45 0.21
C THR D 58 -29.06 -14.53 -1.32
N GLU D 59 -28.19 -15.38 -1.87
CA GLU D 59 -28.11 -15.53 -3.31
C GLU D 59 -29.42 -16.10 -3.87
N ILE D 60 -30.06 -17.00 -3.13
CA ILE D 60 -31.36 -17.53 -3.53
C ILE D 60 -32.39 -16.41 -3.56
N ARG D 61 -32.40 -15.58 -2.52
CA ARG D 61 -33.40 -14.51 -2.43
C ARG D 61 -33.25 -13.49 -3.54
N GLN D 62 -32.00 -13.08 -3.82
CA GLN D 62 -31.79 -12.06 -4.85
C GLN D 62 -32.08 -12.60 -6.25
N TYR D 63 -31.83 -13.90 -6.48
CA TYR D 63 -32.19 -14.49 -7.77
C TYR D 63 -33.70 -14.49 -7.97
N LEU D 64 -34.46 -14.80 -6.93
CA LEU D 64 -35.91 -14.71 -7.02
C LEU D 64 -36.36 -13.28 -7.27
N ARG D 65 -35.69 -12.30 -6.64
CA ARG D 65 -36.01 -10.90 -6.89
C ARG D 65 -35.69 -10.51 -8.33
N GLY D 66 -34.79 -11.23 -8.99
CA GLY D 66 -34.51 -10.95 -10.39
C GLY D 66 -35.71 -11.16 -11.28
N HIS D 67 -36.45 -12.25 -11.05
CA HIS D 67 -37.70 -12.50 -11.76
C HIS D 67 -38.91 -11.88 -11.08
N GLY D 68 -38.72 -11.26 -9.92
CA GLY D 68 -39.82 -10.63 -9.22
C GLY D 68 -40.83 -11.60 -8.62
N ILE D 69 -40.42 -12.83 -8.35
CA ILE D 69 -41.31 -13.84 -7.79
C ILE D 69 -41.50 -13.57 -6.30
N PRO D 70 -42.74 -13.36 -5.83
CA PRO D 70 -42.96 -13.14 -4.40
C PRO D 70 -42.71 -14.41 -3.61
N PHE D 71 -41.72 -14.35 -2.71
CA PHE D 71 -41.33 -15.51 -1.92
C PHE D 71 -41.43 -15.17 -0.43
N GLN D 72 -41.82 -16.17 0.35
CA GLN D 72 -41.97 -16.05 1.80
C GLN D 72 -40.98 -17.00 2.48
N ASP D 73 -40.23 -16.48 3.44
CA ASP D 73 -39.23 -17.26 4.16
C ASP D 73 -39.94 -18.15 5.17
N GLY D 74 -40.14 -19.43 4.81
CA GLY D 74 -40.80 -20.36 5.69
C GLY D 74 -39.89 -21.44 6.22
N HIS D 75 -39.56 -21.37 7.51
CA HIS D 75 -38.70 -22.33 8.19
C HIS D 75 -37.45 -22.65 7.38
N SER D 76 -37.42 -23.84 6.77
CA SER D 76 -36.26 -24.32 6.02
C SER D 76 -36.32 -23.96 4.55
N CYS D 77 -37.35 -24.42 3.84
CA CYS D 77 -37.48 -24.19 2.41
C CYS D 77 -38.41 -23.01 2.15
N LEU D 78 -37.93 -22.03 1.39
CA LEU D 78 -38.74 -20.86 1.08
C LEU D 78 -39.92 -21.24 0.19
N ARG D 79 -41.04 -20.56 0.38
CA ARG D 79 -42.25 -20.81 -0.38
C ARG D 79 -42.56 -19.62 -1.28
N ALA D 80 -42.94 -19.91 -2.52
CA ALA D 80 -43.26 -18.87 -3.49
C ALA D 80 -44.27 -19.42 -4.50
N LEU D 81 -44.93 -18.51 -5.18
CA LEU D 81 -45.89 -18.91 -6.22
C LEU D 81 -45.17 -19.64 -7.35
N SER D 82 -45.73 -20.74 -7.79
CA SER D 82 -45.11 -21.56 -8.83
C SER D 82 -45.31 -20.90 -10.20
N PRO D 83 -44.25 -20.56 -10.91
CA PRO D 83 -44.39 -19.99 -12.26
C PRO D 83 -44.55 -21.02 -13.37
N PHE D 84 -44.37 -22.30 -13.08
CA PHE D 84 -44.44 -23.33 -14.10
C PHE D 84 -45.60 -24.28 -13.84
N SER D 99 -51.01 -21.11 -1.34
CA SER D 99 -50.95 -21.04 -2.80
C SER D 99 -49.51 -21.07 -3.30
N PHE D 100 -48.56 -20.86 -2.38
CA PHE D 100 -47.14 -20.87 -2.70
C PHE D 100 -46.68 -22.32 -2.85
N SER D 101 -46.94 -22.88 -4.03
CA SER D 101 -46.62 -24.28 -4.26
C SER D 101 -45.12 -24.50 -4.44
N LEU D 102 -44.42 -23.54 -5.05
CA LEU D 102 -43.00 -23.71 -5.31
C LEU D 102 -42.20 -23.64 -4.01
N PHE D 103 -41.31 -24.61 -3.81
CA PHE D 103 -40.45 -24.68 -2.64
C PHE D 103 -39.00 -24.75 -3.08
N ILE D 104 -38.15 -23.92 -2.48
CA ILE D 104 -36.73 -23.86 -2.79
C ILE D 104 -35.95 -24.24 -1.54
N ASP D 105 -35.08 -25.23 -1.67
CA ASP D 105 -34.27 -25.67 -0.54
C ASP D 105 -33.25 -24.61 -0.15
N LYS D 106 -33.08 -24.41 1.16
CA LYS D 106 -32.17 -23.39 1.64
C LYS D 106 -30.71 -23.72 1.29
N THR D 107 -30.33 -24.99 1.42
CA THR D 107 -28.95 -25.39 1.24
C THR D 107 -28.63 -25.93 -0.15
N THR D 108 -29.57 -26.61 -0.80
CA THR D 108 -29.31 -27.21 -2.10
C THR D 108 -30.07 -26.55 -3.24
N GLY D 109 -31.14 -25.83 -2.95
CA GLY D 109 -31.92 -25.18 -3.99
C GLY D 109 -32.73 -26.14 -4.85
N HIS D 110 -32.93 -27.36 -4.34
CA HIS D 110 -33.72 -28.36 -5.05
C HIS D 110 -35.19 -27.95 -5.08
N PHE D 111 -35.68 -27.50 -6.23
CA PHE D 111 -37.05 -27.03 -6.34
C PHE D 111 -38.03 -28.20 -6.36
N LEU D 112 -39.23 -27.95 -5.86
CA LEU D 112 -40.29 -28.94 -5.85
C LEU D 112 -41.63 -28.23 -5.74
N CYS D 113 -42.57 -28.60 -6.60
CA CYS D 113 -43.88 -27.98 -6.66
C CYS D 113 -44.95 -28.98 -6.22
N MET D 114 -45.87 -28.51 -5.38
CA MET D 114 -46.95 -29.38 -4.91
C MET D 114 -47.97 -29.68 -6.00
N THR D 115 -48.02 -28.88 -7.05
CA THR D 115 -48.97 -29.06 -8.15
C THR D 115 -48.29 -29.50 -9.45
N SER D 116 -47.28 -28.77 -9.90
CA SER D 116 -46.59 -29.12 -11.14
C SER D 116 -45.77 -30.40 -10.98
N LEU D 117 -45.30 -30.69 -9.76
CA LEU D 117 -44.50 -31.87 -9.46
C LEU D 117 -43.25 -31.93 -10.33
N ALA D 118 -42.45 -30.89 -10.22
CA ALA D 118 -41.18 -30.78 -10.95
C ALA D 118 -40.04 -30.68 -9.95
N GLU D 119 -39.00 -31.47 -10.18
CA GLU D 119 -37.85 -31.52 -9.28
C GLU D 119 -36.56 -31.45 -10.08
N GLY D 120 -35.52 -30.95 -9.43
CA GLY D 120 -34.22 -30.84 -10.07
C GLY D 120 -33.27 -30.02 -9.22
N SER D 121 -32.09 -29.78 -9.78
CA SER D 121 -31.06 -29.01 -9.09
C SER D 121 -31.33 -27.51 -9.23
N TRP D 122 -30.53 -26.72 -8.51
CA TRP D 122 -30.65 -25.27 -8.61
C TRP D 122 -30.30 -24.77 -10.00
N GLU D 123 -29.27 -25.37 -10.62
CA GLU D 123 -28.93 -25.02 -12.00
C GLU D 123 -30.06 -25.39 -12.96
N ASP D 124 -30.77 -26.48 -12.67
CA ASP D 124 -31.94 -26.81 -13.48
C ASP D 124 -33.02 -25.73 -13.36
N PHE D 125 -33.22 -25.21 -12.15
CA PHE D 125 -34.18 -24.13 -11.96
C PHE D 125 -33.77 -22.88 -12.74
N GLN D 126 -32.48 -22.56 -12.75
CA GLN D 126 -32.00 -21.41 -13.51
C GLN D 126 -32.23 -21.61 -15.01
N ALA D 127 -31.98 -22.82 -15.52
CA ALA D 127 -32.21 -23.09 -16.93
C ALA D 127 -33.69 -23.23 -17.25
N SER D 128 -34.54 -23.54 -16.26
CA SER D 128 -35.95 -23.72 -16.53
C SER D 128 -36.65 -22.40 -16.83
N VAL D 129 -36.20 -21.31 -16.20
CA VAL D 129 -36.81 -20.00 -16.39
C VAL D 129 -36.35 -19.40 -17.71
N GLU D 130 -35.40 -20.05 -18.36
CA GLU D 130 -34.84 -19.60 -19.62
C GLU D 130 -35.44 -20.42 -20.76
N GLY D 131 -35.93 -19.75 -21.80
CA GLY D 131 -36.52 -20.43 -22.94
C GLY D 131 -37.92 -19.96 -23.25
N GLU D 147 -40.17 -35.84 -15.96
CA GLU D 147 -38.74 -36.08 -16.13
C GLU D 147 -38.38 -37.50 -15.71
N PHE D 148 -39.07 -38.00 -14.68
CA PHE D 148 -38.84 -39.35 -14.18
C PHE D 148 -40.18 -40.06 -14.03
N GLU D 149 -40.14 -41.38 -14.18
CA GLU D 149 -41.34 -42.22 -14.06
C GLU D 149 -41.26 -43.20 -12.91
N ASP D 150 -40.12 -43.85 -12.71
CA ASP D 150 -39.93 -44.81 -11.63
C ASP D 150 -40.99 -45.92 -11.67
N SER D 151 -41.25 -46.41 -12.88
CA SER D 151 -42.26 -47.45 -13.10
C SER D 151 -41.60 -48.82 -12.96
N GLU D 152 -42.07 -49.60 -11.98
CA GLU D 152 -41.53 -50.92 -11.71
C GLU D 152 -42.69 -51.89 -11.51
N GLU D 153 -42.40 -53.18 -11.71
CA GLU D 153 -43.41 -54.21 -11.53
C GLU D 153 -43.67 -54.44 -10.05
N VAL D 154 -44.32 -53.48 -9.41
CA VAL D 154 -44.65 -53.59 -7.99
C VAL D 154 -46.13 -53.77 -7.74
N ARG D 155 -47.00 -53.47 -8.71
CA ARG D 155 -48.44 -53.69 -8.52
C ARG D 155 -48.76 -55.18 -8.43
N ARG D 156 -47.92 -56.03 -9.01
CA ARG D 156 -48.15 -57.48 -8.91
C ARG D 156 -48.08 -57.95 -7.46
N ILE D 157 -47.11 -57.45 -6.70
CA ILE D 157 -46.98 -57.84 -5.30
C ILE D 157 -48.19 -57.37 -4.51
N TRP D 158 -48.64 -56.13 -4.77
CA TRP D 158 -49.82 -55.62 -4.07
C TRP D 158 -51.06 -56.43 -4.40
N ASN D 159 -51.23 -56.82 -5.66
CA ASN D 159 -52.39 -57.61 -6.06
C ASN D 159 -52.35 -59.03 -5.48
N ARG D 160 -51.17 -59.55 -5.18
CA ARG D 160 -51.02 -60.90 -4.64
C ARG D 160 -50.91 -60.91 -3.12
N ALA D 161 -51.35 -59.85 -2.45
CA ALA D 161 -51.32 -59.77 -1.00
C ALA D 161 -52.71 -59.39 -0.49
N ILE D 162 -53.05 -59.89 0.69
CA ILE D 162 -54.38 -59.70 1.26
C ILE D 162 -54.31 -58.73 2.42
N PRO D 163 -55.23 -57.77 2.54
CA PRO D 163 -55.24 -56.88 3.70
C PRO D 163 -55.44 -57.67 4.98
N LEU D 164 -54.79 -57.22 6.05
CA LEU D 164 -54.87 -57.92 7.32
C LEU D 164 -56.28 -57.89 7.91
N TRP D 165 -56.98 -56.76 7.78
CA TRP D 165 -58.32 -56.64 8.33
C TRP D 165 -59.37 -57.36 7.49
N GLU D 166 -59.03 -57.80 6.28
CA GLU D 166 -59.97 -58.51 5.41
C GLU D 166 -59.68 -60.01 5.36
N LEU D 167 -59.01 -60.55 6.38
CA LEU D 167 -58.67 -61.96 6.41
C LEU D 167 -59.69 -62.71 7.26
N PRO D 168 -60.53 -63.57 6.69
CA PRO D 168 -61.48 -64.34 7.52
C PRO D 168 -60.83 -65.43 8.34
N ASP D 169 -59.57 -65.77 8.09
CA ASP D 169 -58.90 -66.80 8.86
C ASP D 169 -58.71 -66.37 10.30
N GLN D 170 -58.64 -67.35 11.20
CA GLN D 170 -58.47 -67.11 12.62
C GLN D 170 -57.06 -67.46 13.11
N GLU D 171 -56.58 -68.66 12.77
CA GLU D 171 -55.24 -69.05 13.18
C GLU D 171 -54.17 -68.20 12.51
N GLU D 172 -54.37 -67.87 11.23
CA GLU D 172 -53.36 -67.12 10.49
C GLU D 172 -53.18 -65.72 11.07
N VAL D 173 -54.30 -65.04 11.38
CA VAL D 173 -54.19 -63.67 11.89
C VAL D 173 -53.62 -63.66 13.30
N GLN D 174 -54.01 -64.64 14.13
CA GLN D 174 -53.47 -64.72 15.48
C GLN D 174 -51.97 -64.97 15.47
N LEU D 175 -51.51 -65.86 14.58
CA LEU D 175 -50.07 -66.07 14.43
C LEU D 175 -49.38 -64.81 13.91
N ALA D 176 -50.05 -64.08 13.01
CA ALA D 176 -49.44 -62.90 12.42
C ALA D 176 -49.16 -61.82 13.46
N ASP D 177 -50.13 -61.58 14.36
CA ASP D 177 -49.94 -60.51 15.33
C ASP D 177 -48.94 -60.89 16.42
N THR D 178 -48.86 -62.17 16.77
CA THR D 178 -47.92 -62.59 17.81
C THR D 178 -46.48 -62.39 17.38
N MET D 179 -46.15 -62.72 16.14
CA MET D 179 -44.77 -62.58 15.67
C MET D 179 -44.39 -61.12 15.44
N PHE D 180 -45.34 -60.30 14.99
CA PHE D 180 -45.09 -58.89 14.74
C PHE D 180 -45.47 -58.00 15.91
N GLY D 181 -45.92 -58.58 17.02
CA GLY D 181 -46.30 -57.77 18.18
C GLY D 181 -47.48 -56.87 17.93
N LEU D 182 -48.51 -57.36 17.24
CA LEU D 182 -49.70 -56.60 16.92
C LEU D 182 -50.91 -57.06 17.73
N THR D 183 -50.66 -57.43 18.99
CA THR D 183 -51.75 -57.90 19.85
C THR D 183 -52.76 -56.81 20.12
N LYS D 184 -52.29 -55.59 20.37
CA LYS D 184 -53.17 -54.47 20.72
C LYS D 184 -53.58 -53.64 19.51
N VAL D 185 -53.14 -54.01 18.31
CA VAL D 185 -53.49 -53.26 17.10
C VAL D 185 -54.92 -53.63 16.70
N THR D 186 -55.74 -52.61 16.48
CA THR D 186 -57.13 -52.79 16.10
C THR D 186 -57.28 -52.77 14.58
N ASP D 187 -58.36 -53.37 14.10
CA ASP D 187 -58.61 -53.42 12.66
C ASP D 187 -58.91 -52.04 12.08
N ASP D 188 -59.41 -51.11 12.89
CA ASP D 188 -59.68 -49.76 12.39
C ASP D 188 -58.40 -49.07 11.93
N THR D 189 -57.31 -49.23 12.68
CA THR D 189 -56.03 -48.65 12.29
C THR D 189 -55.53 -49.27 11.00
N LEU D 190 -55.75 -50.57 10.81
CA LEU D 190 -55.32 -51.25 9.59
C LEU D 190 -56.02 -50.66 8.37
N LYS D 191 -57.32 -50.41 8.48
CA LYS D 191 -58.05 -49.80 7.37
C LYS D 191 -57.55 -48.39 7.07
N ARG D 192 -57.29 -47.61 8.13
CA ARG D 192 -56.87 -46.23 7.93
C ARG D 192 -55.51 -46.15 7.25
N PHE D 193 -54.57 -47.00 7.65
CA PHE D 193 -53.23 -47.00 7.06
C PHE D 193 -53.08 -47.95 5.89
N SER D 194 -54.12 -48.72 5.55
CA SER D 194 -54.10 -49.66 4.43
C SER D 194 -52.94 -50.65 4.54
N VAL D 195 -52.75 -51.20 5.74
CA VAL D 195 -51.70 -52.18 5.96
C VAL D 195 -52.11 -53.51 5.35
N ARG D 196 -51.24 -54.07 4.51
CA ARG D 196 -51.51 -55.31 3.79
C ARG D 196 -50.55 -56.40 4.23
N TYR D 197 -50.95 -57.64 4.00
CA TYR D 197 -50.16 -58.80 4.41
C TYR D 197 -50.02 -59.75 3.23
N LEU D 198 -48.83 -60.31 3.05
CA LEU D 198 -48.54 -61.23 1.96
C LEU D 198 -48.42 -62.65 2.49
N ARG D 199 -49.02 -63.59 1.77
CA ARG D 199 -49.06 -65.00 2.17
C ARG D 199 -47.80 -65.80 1.84
N PRO D 200 -47.19 -65.64 0.66
CA PRO D 200 -46.05 -66.52 0.32
C PRO D 200 -44.90 -66.49 1.32
N ALA D 201 -44.59 -65.32 1.88
CA ALA D 201 -43.46 -65.21 2.80
C ALA D 201 -43.87 -64.77 4.20
N ARG D 202 -45.16 -64.53 4.45
CA ARG D 202 -45.65 -64.11 5.76
C ARG D 202 -44.94 -62.84 6.25
N SER D 203 -45.11 -61.77 5.48
CA SER D 203 -44.47 -60.50 5.75
C SER D 203 -45.49 -59.38 5.65
N LEU D 204 -45.22 -58.29 6.37
CA LEU D 204 -46.06 -57.10 6.30
C LEU D 204 -45.79 -56.33 5.02
N VAL D 205 -46.79 -55.55 4.60
CA VAL D 205 -46.69 -54.71 3.41
C VAL D 205 -47.02 -53.28 3.81
N PHE D 206 -46.12 -52.35 3.50
CA PHE D 206 -46.34 -50.93 3.76
C PHE D 206 -46.28 -50.17 2.45
N PRO D 207 -47.42 -49.73 1.91
CA PRO D 207 -47.42 -49.08 0.59
C PRO D 207 -46.86 -47.67 0.61
N TRP D 208 -46.43 -47.23 -0.57
CA TRP D 208 -45.97 -45.87 -0.81
C TRP D 208 -46.93 -45.20 -1.78
N PHE D 209 -47.49 -44.07 -1.37
CA PHE D 209 -48.45 -43.33 -2.18
C PHE D 209 -47.80 -42.07 -2.74
N SER D 210 -48.11 -41.77 -4.00
CA SER D 210 -47.59 -40.57 -4.62
C SER D 210 -48.18 -39.33 -3.97
N PRO D 211 -47.39 -38.25 -3.86
CA PRO D 211 -47.93 -37.01 -3.27
C PRO D 211 -49.13 -36.45 -4.01
N GLY D 212 -49.23 -36.69 -5.32
CA GLY D 212 -50.33 -36.22 -6.12
C GLY D 212 -51.55 -37.11 -6.16
N GLY D 213 -51.59 -38.16 -5.34
CA GLY D 213 -52.70 -39.08 -5.36
C GLY D 213 -52.68 -40.10 -6.46
N SER D 214 -51.52 -40.34 -7.07
CA SER D 214 -51.39 -41.30 -8.15
C SER D 214 -51.31 -42.71 -7.59
N GLY D 215 -50.85 -43.65 -8.41
CA GLY D 215 -50.74 -45.04 -8.00
C GLY D 215 -49.63 -45.25 -6.99
N LEU D 216 -49.44 -46.53 -6.63
CA LEU D 216 -48.43 -46.89 -5.66
C LEU D 216 -47.03 -46.62 -6.20
N ARG D 217 -46.15 -46.12 -5.33
CA ARG D 217 -44.78 -45.83 -5.70
C ARG D 217 -43.79 -46.89 -5.24
N GLY D 218 -44.11 -47.61 -4.16
CA GLY D 218 -43.21 -48.64 -3.66
C GLY D 218 -43.87 -49.40 -2.53
N LEU D 219 -43.20 -50.49 -2.13
CA LEU D 219 -43.68 -51.33 -1.04
C LEU D 219 -42.54 -51.64 -0.10
N LYS D 220 -42.82 -51.60 1.21
CA LYS D 220 -41.85 -51.96 2.24
C LYS D 220 -42.32 -53.22 2.94
N LEU D 221 -41.42 -54.21 3.03
CA LEU D 221 -41.76 -55.51 3.58
C LEU D 221 -40.95 -55.75 4.85
N LEU D 222 -41.64 -56.15 5.92
CA LEU D 222 -41.00 -56.51 7.18
C LEU D 222 -41.33 -57.96 7.50
N GLU D 223 -40.29 -58.75 7.77
CA GLU D 223 -40.44 -60.18 8.05
C GLU D 223 -39.88 -60.47 9.43
N ALA D 224 -40.62 -61.29 10.19
CA ALA D 224 -40.23 -61.66 11.55
C ALA D 224 -39.61 -63.04 11.54
N LYS D 225 -38.39 -63.14 12.07
CA LYS D 225 -37.66 -64.41 12.15
C LYS D 225 -37.03 -64.55 13.51
N CYS D 226 -36.83 -65.80 13.92
CA CYS D 226 -36.23 -66.10 15.22
C CYS D 226 -35.22 -67.23 15.12
N VAL D 231 -36.83 -63.23 18.09
CA VAL D 231 -37.69 -62.27 17.42
C VAL D 231 -36.84 -61.19 16.75
N SER D 232 -36.65 -61.31 15.43
CA SER D 232 -35.87 -60.35 14.66
C SER D 232 -36.67 -59.91 13.44
N TYR D 233 -36.59 -58.62 13.13
CA TYR D 233 -37.31 -58.03 12.01
C TYR D 233 -36.33 -57.74 10.88
N GLU D 234 -36.65 -58.20 9.68
CA GLU D 234 -35.85 -57.98 8.49
C GLU D 234 -36.56 -57.01 7.57
N GLU D 235 -35.84 -56.00 7.09
CA GLU D 235 -36.41 -54.95 6.27
C GLU D 235 -36.03 -55.18 4.81
N THR D 236 -37.04 -55.23 3.95
CA THR D 236 -36.84 -55.37 2.51
C THR D 236 -37.84 -54.46 1.80
N THR D 237 -37.35 -53.65 0.88
CA THR D 237 -38.18 -52.68 0.19
C THR D 237 -37.91 -52.70 -1.32
N ILE D 238 -38.94 -52.37 -2.08
CA ILE D 238 -38.87 -52.23 -3.53
C ILE D 238 -39.36 -50.83 -3.87
N PRO D 239 -38.57 -50.00 -4.58
CA PRO D 239 -37.23 -50.26 -5.12
C PRO D 239 -36.12 -50.23 -4.06
N ARG D 240 -34.88 -50.00 -4.51
CA ARG D 240 -33.74 -50.07 -3.63
C ARG D 240 -33.86 -49.05 -2.50
N PRO D 241 -33.29 -49.35 -1.33
CA PRO D 241 -33.40 -48.41 -0.20
C PRO D 241 -32.83 -47.03 -0.48
N SER D 242 -31.86 -46.93 -1.39
CA SER D 242 -31.30 -45.63 -1.74
C SER D 242 -32.32 -44.71 -2.38
N ALA D 243 -33.35 -45.26 -3.03
CA ALA D 243 -34.39 -44.47 -3.66
C ALA D 243 -35.71 -44.49 -2.89
N TYR D 244 -35.78 -45.23 -1.79
CA TYR D 244 -37.00 -45.29 -0.99
C TYR D 244 -37.17 -44.00 -0.21
N HIS D 245 -38.20 -43.22 -0.54
CA HIS D 245 -38.45 -41.92 0.06
C HIS D 245 -39.91 -41.81 0.49
N ASN D 246 -40.41 -42.84 1.17
CA ASN D 246 -41.82 -42.91 1.55
C ASN D 246 -42.01 -42.40 2.98
N LEU D 247 -42.99 -41.50 3.14
CA LEU D 247 -43.41 -41.04 4.46
C LEU D 247 -44.78 -41.63 4.74
N PHE D 248 -44.83 -42.62 5.63
CA PHE D 248 -46.09 -43.29 5.95
C PHE D 248 -47.06 -42.30 6.59
N GLY D 249 -48.31 -42.32 6.11
CA GLY D 249 -49.33 -41.42 6.62
C GLY D 249 -49.36 -40.06 5.98
N LEU D 250 -48.56 -39.82 4.95
CA LEU D 250 -48.58 -38.52 4.27
C LEU D 250 -49.94 -38.20 3.67
N PRO D 251 -50.62 -39.10 2.95
CA PRO D 251 -51.99 -38.78 2.52
C PRO D 251 -52.95 -38.59 3.69
N LEU D 252 -52.74 -39.31 4.80
CA LEU D 252 -53.67 -39.23 5.92
C LEU D 252 -53.66 -37.86 6.58
N ILE D 253 -52.48 -37.27 6.75
CA ILE D 253 -52.38 -35.98 7.43
C ILE D 253 -52.97 -34.89 6.55
N SER D 254 -53.65 -33.94 7.17
CA SER D 254 -54.32 -32.86 6.47
C SER D 254 -53.51 -31.57 6.56
N ARG D 255 -53.97 -30.56 5.80
CA ARG D 255 -53.30 -29.27 5.79
C ARG D 255 -53.52 -28.48 7.08
N ARG D 256 -54.56 -28.80 7.84
CA ARG D 256 -54.89 -28.11 9.07
C ARG D 256 -54.23 -28.75 10.29
N ASP D 257 -53.13 -29.46 10.10
CA ASP D 257 -52.42 -30.12 11.18
C ASP D 257 -51.06 -29.45 11.38
N ALA D 258 -50.77 -29.04 12.62
CA ALA D 258 -49.53 -28.37 12.94
C ALA D 258 -48.58 -29.21 13.78
N GLU D 259 -49.05 -30.33 14.34
CA GLU D 259 -48.24 -31.19 15.19
C GLU D 259 -48.06 -32.54 14.53
N VAL D 260 -46.81 -33.01 14.46
CA VAL D 260 -46.50 -34.32 13.89
C VAL D 260 -45.38 -34.94 14.71
N VAL D 261 -45.47 -36.24 14.91
CA VAL D 261 -44.46 -37.00 15.65
C VAL D 261 -43.84 -38.01 14.69
N LEU D 262 -42.51 -37.96 14.56
CA LEU D 262 -41.80 -38.85 13.66
C LEU D 262 -41.36 -40.11 14.39
N THR D 263 -41.53 -41.25 13.73
CA THR D 263 -41.17 -42.55 14.30
C THR D 263 -40.14 -43.24 13.40
N SER D 264 -39.20 -43.94 14.04
CA SER D 264 -38.18 -44.65 13.29
C SER D 264 -38.73 -45.87 12.58
N ARG D 265 -39.81 -46.45 13.09
CA ARG D 265 -40.44 -47.63 12.51
C ARG D 265 -41.85 -47.25 12.03
N GLU D 266 -42.56 -48.24 11.50
CA GLU D 266 -43.92 -48.06 11.04
C GLU D 266 -44.97 -48.65 11.97
N LEU D 267 -44.67 -49.78 12.62
CA LEU D 267 -45.63 -50.38 13.54
C LEU D 267 -45.91 -49.48 14.73
N ASP D 268 -44.87 -48.85 15.28
CA ASP D 268 -45.06 -47.94 16.40
C ASP D 268 -45.88 -46.72 15.99
N SER D 269 -45.79 -46.30 14.72
CA SER D 269 -46.62 -45.22 14.24
C SER D 269 -48.09 -45.59 14.27
N LEU D 270 -48.41 -46.84 13.92
CA LEU D 270 -49.80 -47.29 13.98
C LEU D 270 -50.35 -47.24 15.39
N ALA D 271 -49.55 -47.69 16.37
CA ALA D 271 -49.97 -47.63 17.76
C ALA D 271 -50.06 -46.19 18.26
N LEU D 272 -49.11 -45.34 17.84
CA LEU D 272 -49.13 -43.95 18.27
C LEU D 272 -50.37 -43.23 17.77
N ASN D 273 -50.74 -43.44 16.51
CA ASN D 273 -51.94 -42.81 15.96
C ASN D 273 -53.21 -43.42 16.55
N GLN D 274 -53.16 -44.69 16.94
CA GLN D 274 -54.34 -45.35 17.50
C GLN D 274 -54.76 -44.70 18.82
N SER D 275 -53.80 -44.39 19.68
CA SER D 275 -54.11 -43.87 21.01
C SER D 275 -54.18 -42.35 21.03
N THR D 276 -53.07 -41.68 20.69
CA THR D 276 -53.04 -40.23 20.73
C THR D 276 -53.99 -39.62 19.70
N GLY D 277 -54.01 -40.17 18.49
CA GLY D 277 -54.80 -39.62 17.42
C GLY D 277 -54.17 -38.45 16.69
N LEU D 278 -52.99 -38.00 17.11
CA LEU D 278 -52.30 -36.90 16.47
C LEU D 278 -51.61 -37.37 15.20
N PRO D 279 -51.39 -36.47 14.24
CA PRO D 279 -50.68 -36.86 13.01
C PRO D 279 -49.27 -37.35 13.30
N THR D 280 -48.84 -38.34 12.52
CA THR D 280 -47.52 -38.93 12.69
C THR D 280 -46.99 -39.37 11.33
N LEU D 281 -45.66 -39.44 11.23
CA LEU D 281 -44.98 -39.85 10.02
C LEU D 281 -43.82 -40.76 10.38
N THR D 282 -43.36 -41.53 9.39
CA THR D 282 -42.25 -42.46 9.58
C THR D 282 -41.11 -42.08 8.64
N LEU D 283 -39.88 -42.18 9.16
CA LEU D 283 -38.70 -41.94 8.33
C LEU D 283 -38.55 -43.06 7.30
N PRO D 284 -37.97 -42.76 6.13
CA PRO D 284 -37.87 -43.77 5.07
C PRO D 284 -37.07 -45.00 5.49
N ARG D 285 -35.84 -44.80 5.95
CA ARG D 285 -34.98 -45.89 6.40
C ARG D 285 -34.72 -45.78 7.89
N GLY D 286 -35.72 -45.30 8.64
CA GLY D 286 -35.55 -45.16 10.07
C GLY D 286 -34.50 -44.11 10.40
N THR D 287 -33.68 -44.42 11.41
CA THR D 287 -32.63 -43.51 11.87
C THR D 287 -31.42 -43.47 10.95
N THR D 288 -31.52 -44.01 9.74
CA THR D 288 -30.37 -44.01 8.83
C THR D 288 -30.10 -42.62 8.28
N CYS D 289 -31.06 -42.05 7.55
CA CYS D 289 -30.90 -40.74 6.96
C CYS D 289 -32.26 -40.15 6.61
N LEU D 290 -32.30 -38.84 6.49
CA LEU D 290 -33.51 -38.11 6.08
C LEU D 290 -33.21 -37.32 4.81
N PRO D 291 -33.67 -37.78 3.65
CA PRO D 291 -33.37 -37.05 2.42
C PRO D 291 -34.01 -35.67 2.45
N PRO D 292 -33.35 -34.67 1.87
CA PRO D 292 -33.92 -33.32 1.84
C PRO D 292 -35.21 -33.22 1.04
N ALA D 293 -35.47 -34.17 0.13
CA ALA D 293 -36.69 -34.12 -0.67
C ALA D 293 -37.94 -34.23 0.20
N LEU D 294 -37.82 -34.87 1.36
CA LEU D 294 -38.96 -35.01 2.27
C LEU D 294 -39.16 -33.80 3.17
N LEU D 295 -38.18 -32.88 3.21
CA LEU D 295 -38.32 -31.70 4.06
C LEU D 295 -39.51 -30.81 3.70
N PRO D 296 -39.78 -30.49 2.42
CA PRO D 296 -40.94 -29.62 2.12
C PRO D 296 -42.26 -30.19 2.60
N TYR D 297 -42.41 -31.51 2.63
CA TYR D 297 -43.67 -32.10 3.10
C TYR D 297 -43.91 -31.82 4.57
N LEU D 298 -42.85 -31.62 5.35
CA LEU D 298 -42.96 -31.35 6.78
C LEU D 298 -42.93 -29.85 7.09
N GLU D 299 -42.91 -28.99 6.06
CA GLU D 299 -42.84 -27.56 6.30
C GLU D 299 -44.12 -27.02 6.96
N GLN D 300 -45.27 -27.62 6.64
CA GLN D 300 -46.54 -27.11 7.17
C GLN D 300 -46.60 -27.20 8.68
N PHE D 301 -46.09 -28.29 9.26
CA PHE D 301 -46.18 -28.49 10.69
C PHE D 301 -45.28 -27.49 11.43
N ARG D 302 -45.79 -26.97 12.54
CA ARG D 302 -45.06 -26.02 13.37
C ARG D 302 -44.38 -26.69 14.56
N ARG D 303 -45.01 -27.69 15.17
CA ARG D 303 -44.43 -28.43 16.29
C ARG D 303 -44.15 -29.85 15.83
N ILE D 304 -42.89 -30.28 15.99
CA ILE D 304 -42.46 -31.61 15.59
C ILE D 304 -41.80 -32.27 16.78
N VAL D 305 -42.19 -33.51 17.07
CA VAL D 305 -41.65 -34.28 18.19
C VAL D 305 -40.95 -35.50 17.61
N PHE D 306 -39.68 -35.67 17.98
CA PHE D 306 -38.89 -36.80 17.51
C PHE D 306 -38.99 -37.97 18.49
N TRP D 307 -39.26 -39.16 17.95
CA TRP D 307 -39.37 -40.38 18.75
C TRP D 307 -38.87 -41.52 17.86
N LEU D 308 -37.57 -41.82 17.98
CA LEU D 308 -36.90 -42.69 17.02
C LEU D 308 -36.25 -43.91 17.68
N GLY D 309 -36.72 -44.32 18.85
CA GLY D 309 -36.20 -45.51 19.49
C GLY D 309 -35.99 -45.28 20.96
N ASP D 310 -35.27 -46.22 21.58
CA ASP D 310 -34.99 -46.22 23.01
C ASP D 310 -33.52 -46.43 23.27
N ASP D 311 -32.68 -45.71 22.54
CA ASP D 311 -31.23 -45.84 22.68
C ASP D 311 -30.60 -44.46 22.52
N LEU D 312 -29.40 -44.32 23.09
CA LEU D 312 -28.66 -43.08 22.97
C LEU D 312 -28.30 -42.78 21.52
N ARG D 313 -28.13 -43.81 20.70
CA ARG D 313 -27.90 -43.61 19.27
C ARG D 313 -29.10 -42.94 18.61
N SER D 314 -30.31 -43.36 18.99
CA SER D 314 -31.51 -42.75 18.42
C SER D 314 -31.61 -41.27 18.79
N LEU D 315 -31.27 -40.92 20.03
CA LEU D 315 -31.30 -39.53 20.44
C LEU D 315 -30.29 -38.70 19.65
N GLU D 316 -29.08 -39.24 19.45
CA GLU D 316 -28.09 -38.53 18.65
C GLU D 316 -28.56 -38.37 17.21
N ALA D 317 -29.17 -39.41 16.65
CA ALA D 317 -29.70 -39.30 15.29
C ALA D 317 -30.81 -38.26 15.21
N ALA D 318 -31.66 -38.20 16.24
CA ALA D 318 -32.71 -37.19 16.26
C ALA D 318 -32.13 -35.78 16.31
N LYS D 319 -31.06 -35.59 17.07
CA LYS D 319 -30.43 -34.26 17.15
C LYS D 319 -29.86 -33.84 15.80
N LEU D 320 -29.25 -34.77 15.07
CA LEU D 320 -28.76 -34.44 13.73
C LEU D 320 -29.90 -34.05 12.81
N PHE D 321 -31.02 -34.79 12.89
CA PHE D 321 -32.19 -34.44 12.08
C PHE D 321 -32.77 -33.10 12.50
N ALA D 322 -32.66 -32.75 13.78
CA ALA D 322 -33.22 -31.49 14.27
C ALA D 322 -32.54 -30.30 13.62
N ARG D 323 -31.22 -30.37 13.43
CA ARG D 323 -30.48 -29.24 12.86
C ARG D 323 -30.96 -28.91 11.46
N LYS D 324 -31.44 -29.91 10.72
CA LYS D 324 -31.93 -29.67 9.37
C LYS D 324 -33.23 -28.86 9.38
N LEU D 325 -34.07 -29.08 10.38
CA LEU D 325 -35.42 -28.52 10.38
C LEU D 325 -35.60 -27.39 11.39
N ASN D 326 -34.57 -26.53 11.54
CA ASN D 326 -34.65 -25.37 12.42
C ASN D 326 -35.06 -25.76 13.84
N PRO D 327 -34.12 -26.28 14.65
CA PRO D 327 -34.48 -26.89 15.94
C PRO D 327 -35.38 -26.04 16.84
N LYS D 328 -35.57 -24.77 16.50
CA LYS D 328 -36.45 -23.91 17.29
C LYS D 328 -37.90 -24.33 17.22
N ARG D 329 -38.27 -25.18 16.25
CA ARG D 329 -39.65 -25.59 16.05
C ARG D 329 -39.86 -27.08 16.27
N CYS D 330 -38.91 -27.77 16.90
CA CYS D 330 -39.02 -29.20 17.10
C CYS D 330 -38.65 -29.58 18.52
N PHE D 331 -39.14 -30.74 18.96
CA PHE D 331 -38.94 -31.24 20.31
C PHE D 331 -38.42 -32.66 20.25
N LEU D 332 -37.88 -33.12 21.37
CA LEU D 332 -37.28 -34.45 21.47
C LEU D 332 -37.89 -35.22 22.63
N VAL D 333 -37.91 -36.54 22.50
CA VAL D 333 -38.30 -37.45 23.56
C VAL D 333 -37.08 -38.26 23.94
N ARG D 334 -36.58 -38.07 25.16
CA ARG D 334 -35.38 -38.74 25.59
C ARG D 334 -35.65 -40.22 25.85
N PRO D 335 -34.73 -41.10 25.47
CA PRO D 335 -34.89 -42.52 25.79
C PRO D 335 -34.73 -42.78 27.28
N GLY D 336 -35.37 -43.85 27.74
CA GLY D 336 -35.29 -44.22 29.13
C GLY D 336 -36.01 -45.53 29.39
N ASP D 337 -35.83 -46.04 30.61
CA ASP D 337 -36.50 -47.27 31.00
C ASP D 337 -38.02 -47.09 31.00
N GLN D 338 -38.50 -45.95 31.49
CA GLN D 338 -39.92 -45.65 31.53
C GLN D 338 -40.42 -44.98 30.25
N GLN D 339 -39.56 -44.85 29.24
CA GLN D 339 -39.92 -44.22 27.96
C GLN D 339 -39.58 -45.17 26.83
N PRO D 340 -40.38 -46.22 26.63
CA PRO D 340 -40.11 -47.18 25.56
C PRO D 340 -40.64 -46.66 24.23
N ARG D 341 -40.49 -47.48 23.19
CA ARG D 341 -40.99 -47.14 21.88
C ARG D 341 -42.52 -47.16 21.88
N PRO D 342 -43.16 -46.40 20.98
CA PRO D 342 -44.64 -46.37 20.98
C PRO D 342 -45.27 -47.74 20.82
N LEU D 343 -44.68 -48.62 20.01
CA LEU D 343 -45.22 -49.97 19.86
C LEU D 343 -45.19 -50.73 21.17
N GLU D 344 -44.05 -50.65 21.89
CA GLU D 344 -43.94 -51.35 23.17
C GLU D 344 -44.73 -50.65 24.26
N ALA D 345 -44.83 -49.32 24.20
CA ALA D 345 -45.55 -48.59 25.23
C ALA D 345 -47.02 -48.98 25.28
N LEU D 346 -47.66 -49.11 24.11
CA LEU D 346 -49.06 -49.54 24.07
C LEU D 346 -49.20 -50.99 24.49
N ASN D 347 -48.29 -51.86 24.03
CA ASN D 347 -48.33 -53.26 24.43
C ASN D 347 -48.08 -53.43 25.91
N GLY D 348 -47.14 -52.66 26.46
CA GLY D 348 -46.82 -52.74 27.87
C GLY D 348 -47.81 -52.09 28.80
N GLY D 349 -48.77 -51.33 28.26
CA GLY D 349 -49.78 -50.68 29.05
C GLY D 349 -49.39 -49.32 29.60
N PHE D 350 -48.16 -48.87 29.39
CA PHE D 350 -47.74 -47.57 29.88
C PHE D 350 -48.45 -46.46 29.10
N ASN D 351 -48.85 -45.41 29.81
CA ASN D 351 -49.50 -44.28 29.18
C ASN D 351 -48.52 -43.53 28.29
N LEU D 352 -48.93 -43.23 27.06
CA LEU D 352 -48.08 -42.55 26.11
C LEU D 352 -48.37 -41.06 26.01
N SER D 353 -49.54 -40.61 26.50
CA SER D 353 -49.83 -39.17 26.49
C SER D 353 -48.87 -38.41 27.39
N ARG D 354 -48.52 -38.99 28.54
CA ARG D 354 -47.55 -38.35 29.43
C ARG D 354 -46.18 -38.26 28.75
N ILE D 355 -45.79 -39.30 28.02
CA ILE D 355 -44.51 -39.29 27.33
C ILE D 355 -44.47 -38.17 26.29
N LEU D 356 -45.55 -38.02 25.53
CA LEU D 356 -45.60 -36.94 24.55
C LEU D 356 -45.64 -35.56 25.22
N ARG D 357 -46.24 -35.48 26.40
CA ARG D 357 -46.37 -34.18 27.07
C ARG D 357 -45.03 -33.68 27.60
N THR D 358 -44.14 -34.58 28.02
CA THR D 358 -42.87 -34.21 28.62
C THR D 358 -41.75 -34.07 27.58
N ALA D 359 -42.10 -33.78 26.33
CA ALA D 359 -41.09 -33.57 25.30
C ALA D 359 -40.29 -32.31 25.58
N LEU D 360 -38.97 -32.40 25.46
CA LEU D 360 -38.13 -31.25 25.73
C LEU D 360 -37.70 -30.59 24.43
N PRO D 361 -37.56 -29.26 24.42
CA PRO D 361 -37.12 -28.57 23.19
C PRO D 361 -35.76 -29.03 22.73
N ALA D 362 -35.61 -29.15 21.42
CA ALA D 362 -34.33 -29.50 20.81
C ALA D 362 -33.42 -28.29 20.60
N TRP D 363 -33.96 -27.09 20.74
CA TRP D 363 -33.18 -25.86 20.63
C TRP D 363 -32.98 -25.27 22.02
N HIS D 364 -31.73 -24.92 22.32
CA HIS D 364 -31.38 -24.34 23.61
C HIS D 364 -30.55 -23.09 23.39
N LYS D 365 -30.61 -22.18 24.36
CA LYS D 365 -29.74 -21.02 24.34
C LYS D 365 -28.30 -21.44 24.64
N SER D 366 -27.42 -20.46 24.68
CA SER D 366 -26.04 -20.73 25.07
C SER D 366 -25.93 -21.13 26.54
N ILE D 367 -26.98 -20.94 27.32
CA ILE D 367 -26.99 -21.23 28.76
C ILE D 367 -28.23 -22.07 29.05
N VAL D 368 -28.04 -23.16 29.79
CA VAL D 368 -29.12 -24.08 30.12
C VAL D 368 -29.03 -24.46 31.59
N SER D 369 -30.14 -24.97 32.12
CA SER D 369 -30.22 -25.43 33.50
C SER D 369 -30.27 -26.96 33.52
N PHE D 370 -30.41 -27.52 34.73
CA PHE D 370 -30.44 -28.97 34.91
C PHE D 370 -31.77 -29.59 34.48
N ARG D 371 -32.82 -28.78 34.30
CA ARG D 371 -34.13 -29.33 33.95
C ARG D 371 -34.09 -30.05 32.61
N GLN D 372 -33.38 -29.50 31.63
CA GLN D 372 -33.27 -30.11 30.32
C GLN D 372 -32.21 -31.20 30.25
N LEU D 373 -31.73 -31.69 31.39
CA LEU D 373 -30.72 -32.74 31.44
C LEU D 373 -31.05 -33.87 32.39
N ARG D 374 -32.21 -33.85 33.05
CA ARG D 374 -32.54 -34.90 34.00
C ARG D 374 -32.66 -36.26 33.32
N GLU D 375 -33.29 -36.30 32.14
CA GLU D 375 -33.46 -37.57 31.44
C GLU D 375 -32.13 -38.08 30.91
N GLU D 376 -31.28 -37.20 30.41
CA GLU D 376 -30.02 -37.63 29.81
C GLU D 376 -29.10 -38.25 30.86
N VAL D 377 -29.01 -37.63 32.04
CA VAL D 377 -28.15 -38.17 33.09
C VAL D 377 -28.69 -39.50 33.61
N LEU D 378 -30.02 -39.64 33.67
CA LEU D 378 -30.61 -40.92 34.08
C LEU D 378 -30.30 -42.01 33.06
N GLY D 379 -30.36 -41.68 31.77
CA GLY D 379 -30.05 -42.67 30.75
C GLY D 379 -28.61 -43.14 30.81
N GLU D 380 -27.68 -42.21 30.99
CA GLU D 380 -26.27 -42.57 31.09
C GLU D 380 -26.00 -43.42 32.33
N LEU D 381 -26.81 -43.22 33.38
CA LEU D 381 -26.63 -43.99 34.61
C LEU D 381 -27.04 -45.45 34.46
N SER D 382 -27.97 -45.75 33.55
CA SER D 382 -28.44 -47.11 33.34
C SER D 382 -28.03 -47.69 31.99
N ASN D 383 -27.29 -46.93 31.18
CA ASN D 383 -26.84 -47.37 29.86
C ASN D 383 -25.37 -47.05 29.68
N VAL D 384 -24.55 -47.44 30.67
CA VAL D 384 -23.12 -47.17 30.62
C VAL D 384 -22.49 -47.82 29.40
N GLU D 385 -23.06 -48.93 28.92
CA GLU D 385 -22.56 -49.55 27.69
C GLU D 385 -22.89 -48.69 26.48
N GLN D 386 -23.98 -47.92 26.54
CA GLN D 386 -24.36 -47.02 25.45
C GLN D 386 -23.72 -45.65 25.55
N ALA D 387 -22.97 -45.37 26.62
CA ALA D 387 -22.30 -44.08 26.76
C ALA D 387 -21.26 -43.87 25.67
N ALA D 388 -20.72 -44.94 25.09
CA ALA D 388 -19.75 -44.86 24.01
C ALA D 388 -20.42 -45.23 22.69
N GLY D 389 -19.61 -45.36 21.64
CA GLY D 389 -20.12 -45.68 20.33
C GLY D 389 -20.41 -47.16 20.16
N LEU D 390 -20.65 -47.53 18.90
CA LEU D 390 -21.00 -48.90 18.57
C LEU D 390 -19.80 -49.83 18.77
N ARG D 391 -20.10 -51.13 18.87
CA ARG D 391 -19.09 -52.16 19.08
C ARG D 391 -18.78 -52.83 17.76
N TRP D 392 -17.51 -52.88 17.40
CA TRP D 392 -17.09 -53.53 16.16
C TRP D 392 -17.29 -55.03 16.25
N SER D 393 -17.77 -55.62 15.16
CA SER D 393 -18.00 -57.06 15.08
C SER D 393 -16.82 -57.83 14.51
N ARG D 394 -15.73 -57.14 14.16
CA ARG D 394 -14.57 -57.80 13.57
C ARG D 394 -13.25 -57.44 14.24
N PHE D 395 -13.23 -56.48 15.17
CA PHE D 395 -12.00 -56.06 15.85
C PHE D 395 -12.25 -56.02 17.35
N PRO D 396 -12.35 -57.20 18.00
CA PRO D 396 -12.50 -57.20 19.45
C PRO D 396 -11.33 -56.56 20.19
N ASP D 397 -10.11 -56.72 19.67
CA ASP D 397 -8.95 -56.11 20.31
C ASP D 397 -9.01 -54.59 20.23
N LEU D 398 -9.45 -54.05 19.10
CA LEU D 398 -9.64 -52.61 19.00
C LEU D 398 -10.81 -52.14 19.85
N ASN D 399 -11.82 -52.99 20.03
CA ASN D 399 -12.97 -52.61 20.83
C ASN D 399 -12.62 -52.51 22.31
N ARG D 400 -11.72 -53.36 22.80
CA ARG D 400 -11.41 -53.37 24.22
C ARG D 400 -10.58 -52.18 24.66
N ILE D 401 -10.03 -51.40 23.73
CA ILE D 401 -9.22 -50.23 24.04
C ILE D 401 -9.94 -48.93 23.68
N LEU D 402 -10.44 -48.83 22.45
CA LEU D 402 -11.14 -47.62 22.04
C LEU D 402 -12.53 -47.53 22.65
N LYS D 403 -13.16 -48.68 22.92
CA LYS D 403 -14.42 -48.83 23.63
C LYS D 403 -15.62 -48.25 22.88
N GLY D 404 -15.44 -47.72 21.69
CA GLY D 404 -16.57 -47.24 20.92
C GLY D 404 -16.14 -46.25 19.85
N HIS D 405 -17.13 -45.82 19.07
CA HIS D 405 -16.95 -44.88 17.97
C HIS D 405 -17.99 -43.78 18.15
N ARG D 406 -17.59 -42.68 18.78
CA ARG D 406 -18.51 -41.60 19.11
C ARG D 406 -18.69 -40.68 17.91
N LYS D 407 -19.40 -39.58 18.12
CA LYS D 407 -19.65 -38.60 17.07
C LYS D 407 -18.95 -37.28 17.42
N GLY D 408 -18.39 -36.63 16.40
CA GLY D 408 -17.69 -35.38 16.56
C GLY D 408 -16.21 -35.52 16.86
N GLU D 409 -15.81 -36.63 17.48
CA GLU D 409 -14.39 -36.85 17.77
C GLU D 409 -13.62 -37.09 16.47
N LEU D 410 -12.39 -36.60 16.44
CA LEU D 410 -11.52 -36.72 15.28
C LEU D 410 -10.32 -37.58 15.64
N THR D 411 -10.01 -38.56 14.79
CA THR D 411 -8.89 -39.45 14.99
C THR D 411 -8.00 -39.44 13.76
N VAL D 412 -6.70 -39.65 13.97
CA VAL D 412 -5.72 -39.64 12.89
C VAL D 412 -5.04 -41.00 12.84
N PHE D 413 -4.94 -41.57 11.63
CA PHE D 413 -4.32 -42.86 11.40
C PHE D 413 -3.05 -42.66 10.59
N THR D 414 -2.00 -43.41 10.94
CA THR D 414 -0.72 -43.26 10.26
C THR D 414 0.05 -44.57 10.33
N GLY D 415 1.04 -44.69 9.46
CA GLY D 415 1.90 -45.85 9.41
C GLY D 415 2.85 -45.80 8.23
N PRO D 416 3.89 -46.64 8.26
CA PRO D 416 4.83 -46.68 7.13
C PRO D 416 4.15 -47.16 5.86
N THR D 417 4.62 -46.64 4.73
CA THR D 417 4.07 -47.00 3.43
C THR D 417 4.41 -48.45 3.09
N GLY D 418 3.58 -49.04 2.24
CA GLY D 418 3.75 -50.41 1.82
C GLY D 418 3.19 -51.45 2.77
N SER D 419 2.59 -51.03 3.88
CA SER D 419 1.98 -51.95 4.85
C SER D 419 0.49 -52.16 4.59
N GLY D 420 -0.03 -51.60 3.50
CA GLY D 420 -1.44 -51.70 3.21
C GLY D 420 -2.31 -51.01 4.23
N LYS D 421 -1.93 -49.78 4.59
CA LYS D 421 -2.67 -49.01 5.59
C LYS D 421 -3.97 -48.48 5.01
N THR D 422 -4.12 -48.58 3.69
CA THR D 422 -5.34 -48.20 3.00
C THR D 422 -6.38 -49.30 2.98
N THR D 423 -5.93 -50.56 3.07
CA THR D 423 -6.88 -51.67 3.16
C THR D 423 -7.52 -51.76 4.54
N PHE D 424 -6.73 -51.50 5.59
CA PHE D 424 -7.27 -51.59 6.94
C PHE D 424 -8.36 -50.57 7.18
N ILE D 425 -8.17 -49.33 6.72
CA ILE D 425 -9.17 -48.29 6.93
C ILE D 425 -10.45 -48.62 6.18
N SER D 426 -10.35 -49.26 5.01
CA SER D 426 -11.53 -49.74 4.32
C SER D 426 -12.24 -50.81 5.14
N GLU D 427 -11.48 -51.73 5.74
CA GLU D 427 -12.06 -52.74 6.61
C GLU D 427 -12.68 -52.10 7.85
N TYR D 428 -12.01 -51.10 8.42
CA TYR D 428 -12.53 -50.43 9.61
C TYR D 428 -13.85 -49.72 9.29
N ALA D 429 -13.92 -49.02 8.15
CA ALA D 429 -15.15 -48.34 7.78
C ALA D 429 -16.25 -49.33 7.43
N LEU D 430 -15.91 -50.42 6.73
CA LEU D 430 -16.91 -51.37 6.30
C LEU D 430 -17.61 -52.05 7.48
N ASP D 431 -16.83 -52.42 8.51
CA ASP D 431 -17.43 -53.07 9.67
C ASP D 431 -18.42 -52.13 10.37
N LEU D 432 -18.05 -50.86 10.53
CA LEU D 432 -18.98 -49.89 11.11
C LEU D 432 -20.14 -49.63 10.18
N CYS D 433 -19.89 -49.63 8.86
CA CYS D 433 -20.95 -49.41 7.89
C CYS D 433 -21.98 -50.54 7.92
N SER D 434 -21.54 -51.77 8.22
CA SER D 434 -22.46 -52.90 8.26
C SER D 434 -23.49 -52.80 9.37
N GLN D 435 -23.24 -51.97 10.38
CA GLN D 435 -24.15 -51.81 11.51
C GLN D 435 -25.14 -50.67 11.31
N GLY D 436 -25.10 -50.00 10.15
CA GLY D 436 -26.03 -48.92 9.89
C GLY D 436 -25.47 -47.54 10.18
N VAL D 437 -24.26 -47.27 9.69
CA VAL D 437 -23.62 -45.97 9.86
C VAL D 437 -23.27 -45.43 8.49
N ASN D 438 -23.67 -44.18 8.22
CA ASN D 438 -23.39 -43.54 6.94
C ASN D 438 -21.91 -43.19 6.86
N THR D 439 -21.25 -43.65 5.80
CA THR D 439 -19.83 -43.44 5.60
C THR D 439 -19.58 -42.80 4.24
N LEU D 440 -18.60 -41.91 4.19
CA LEU D 440 -18.21 -41.22 2.97
C LEU D 440 -16.71 -41.40 2.74
N TRP D 441 -16.33 -41.66 1.50
CA TRP D 441 -14.93 -41.88 1.14
C TRP D 441 -14.44 -40.74 0.26
N GLY D 442 -13.40 -40.05 0.70
CA GLY D 442 -12.76 -39.01 -0.07
C GLY D 442 -11.31 -39.34 -0.38
N SER D 443 -11.06 -40.60 -0.71
CA SER D 443 -9.68 -41.06 -0.94
C SER D 443 -9.06 -40.33 -2.11
N PHE D 444 -7.81 -39.92 -1.95
CA PHE D 444 -7.05 -39.22 -2.98
C PHE D 444 -5.79 -40.00 -3.29
N GLU D 445 -5.43 -40.06 -4.58
CA GLU D 445 -4.27 -40.81 -5.06
C GLU D 445 -4.40 -42.30 -4.77
N ILE D 446 -5.64 -42.79 -4.69
CA ILE D 446 -5.91 -44.19 -4.44
C ILE D 446 -6.63 -44.88 -5.59
N SER D 447 -7.14 -44.13 -6.57
CA SER D 447 -7.91 -44.68 -7.68
C SER D 447 -9.16 -45.41 -7.16
N ASN D 448 -10.07 -44.60 -6.62
CA ASN D 448 -11.26 -45.04 -5.90
C ASN D 448 -12.01 -46.17 -6.60
N VAL D 449 -11.88 -46.26 -7.94
CA VAL D 449 -12.44 -47.41 -8.65
C VAL D 449 -11.79 -48.70 -8.15
N ARG D 450 -10.46 -48.70 -7.98
CA ARG D 450 -9.80 -49.85 -7.38
C ARG D 450 -10.20 -50.02 -5.92
N LEU D 451 -10.39 -48.90 -5.21
CA LEU D 451 -10.78 -48.98 -3.80
C LEU D 451 -12.13 -49.67 -3.65
N ALA D 452 -13.07 -49.39 -4.56
CA ALA D 452 -14.37 -50.06 -4.50
C ALA D 452 -14.22 -51.57 -4.65
N ARG D 453 -13.33 -52.01 -5.54
CA ARG D 453 -13.08 -53.45 -5.68
C ARG D 453 -12.53 -54.04 -4.40
N VAL D 454 -11.57 -53.36 -3.76
CA VAL D 454 -10.98 -53.86 -2.53
C VAL D 454 -12.02 -53.94 -1.42
N MET D 455 -12.83 -52.88 -1.28
CA MET D 455 -13.84 -52.86 -0.23
C MET D 455 -14.90 -53.93 -0.46
N LEU D 456 -15.29 -54.14 -1.73
CA LEU D 456 -16.29 -55.17 -2.03
C LEU D 456 -15.76 -56.57 -1.70
N THR D 457 -14.48 -56.82 -1.99
CA THR D 457 -13.88 -58.10 -1.62
C THR D 457 -13.90 -58.30 -0.11
N GLN D 458 -13.66 -57.23 0.65
CA GLN D 458 -13.76 -57.31 2.10
C GLN D 458 -15.18 -57.66 2.54
N PHE D 459 -16.18 -57.10 1.85
CA PHE D 459 -17.57 -57.44 2.16
C PHE D 459 -17.84 -58.91 1.92
N ALA D 460 -17.30 -59.46 0.83
CA ALA D 460 -17.50 -60.87 0.53
C ALA D 460 -16.76 -61.78 1.51
N GLU D 461 -15.83 -61.22 2.30
CA GLU D 461 -15.04 -61.99 3.26
C GLU D 461 -14.32 -63.17 2.58
N GLY D 462 -13.66 -62.86 1.47
CA GLY D 462 -12.96 -63.88 0.71
C GLY D 462 -12.47 -63.33 -0.60
N ARG D 463 -12.18 -64.23 -1.53
CA ARG D 463 -11.66 -63.88 -2.84
C ARG D 463 -12.78 -63.94 -3.85
N LEU D 464 -13.08 -62.80 -4.49
CA LEU D 464 -14.13 -62.72 -5.49
C LEU D 464 -13.71 -63.22 -6.86
N GLU D 465 -12.41 -63.43 -7.08
CA GLU D 465 -11.96 -63.92 -8.38
C GLU D 465 -12.50 -65.33 -8.65
N ASP D 466 -12.47 -66.19 -7.64
CA ASP D 466 -13.01 -67.54 -7.81
C ASP D 466 -14.53 -67.54 -7.81
N GLN D 467 -15.16 -66.60 -7.09
CA GLN D 467 -16.61 -66.52 -6.98
C GLN D 467 -17.21 -65.53 -7.96
N LEU D 468 -16.61 -65.38 -9.14
CA LEU D 468 -17.13 -64.44 -10.13
C LEU D 468 -18.51 -64.86 -10.64
N ASP D 469 -18.82 -66.15 -10.58
CA ASP D 469 -20.13 -66.62 -11.00
C ASP D 469 -21.23 -66.07 -10.09
N LYS D 470 -21.00 -66.08 -8.79
CA LYS D 470 -21.95 -65.56 -7.81
C LYS D 470 -21.58 -64.11 -7.43
N TYR D 471 -21.66 -63.24 -8.44
CA TYR D 471 -21.29 -61.84 -8.27
C TYR D 471 -22.49 -60.90 -8.18
N ASP D 472 -23.59 -61.21 -8.87
CA ASP D 472 -24.77 -60.36 -8.80
C ASP D 472 -25.38 -60.38 -7.40
N HIS D 473 -25.35 -61.53 -6.73
CA HIS D 473 -25.92 -61.63 -5.39
C HIS D 473 -25.19 -60.72 -4.40
N TRP D 474 -23.85 -60.72 -4.44
CA TRP D 474 -23.10 -59.85 -3.56
C TRP D 474 -23.19 -58.39 -3.99
N ALA D 475 -23.34 -58.15 -5.30
CA ALA D 475 -23.51 -56.78 -5.77
C ALA D 475 -24.79 -56.16 -5.24
N ASP D 476 -25.88 -56.92 -5.23
CA ASP D 476 -27.13 -56.43 -4.66
C ASP D 476 -26.99 -56.19 -3.16
N ARG D 477 -26.32 -57.11 -2.45
CA ARG D 477 -26.08 -56.92 -1.03
C ARG D 477 -25.18 -55.74 -0.75
N PHE D 478 -24.25 -55.45 -1.67
CA PHE D 478 -23.35 -54.31 -1.48
C PHE D 478 -24.08 -52.98 -1.67
N GLU D 479 -25.07 -52.93 -2.55
CA GLU D 479 -25.76 -51.67 -2.86
C GLU D 479 -27.00 -51.47 -2.00
N ASP D 480 -26.86 -51.75 -0.69
CA ASP D 480 -27.90 -51.38 0.27
C ASP D 480 -27.36 -50.77 1.55
N LEU D 481 -26.06 -50.88 1.84
CA LEU D 481 -25.49 -50.21 2.98
C LEU D 481 -25.31 -48.72 2.69
N PRO D 482 -25.34 -47.88 3.71
CA PRO D 482 -25.01 -46.46 3.49
C PRO D 482 -23.52 -46.27 3.25
N LEU D 483 -23.14 -46.05 2.00
CA LEU D 483 -21.74 -45.95 1.63
C LEU D 483 -21.61 -45.10 0.37
N TYR D 484 -20.80 -44.05 0.47
CA TYR D 484 -20.68 -43.07 -0.61
C TYR D 484 -19.22 -42.72 -0.82
N PHE D 485 -18.91 -42.21 -2.01
CA PHE D 485 -17.55 -41.89 -2.41
C PHE D 485 -17.49 -40.47 -2.95
N MET D 486 -16.30 -39.86 -2.85
CA MET D 486 -16.05 -38.53 -3.37
C MET D 486 -15.14 -38.63 -4.59
N THR D 487 -15.55 -37.99 -5.68
CA THR D 487 -14.79 -37.99 -6.93
C THR D 487 -14.30 -36.57 -7.18
N PHE D 488 -13.00 -36.35 -6.96
CA PHE D 488 -12.35 -35.07 -7.24
C PHE D 488 -11.38 -35.27 -8.40
N HIS D 489 -11.67 -34.64 -9.54
CA HIS D 489 -10.82 -34.80 -10.71
C HIS D 489 -9.68 -33.80 -10.72
N GLY D 490 -9.99 -32.52 -10.60
CA GLY D 490 -8.98 -31.48 -10.61
C GLY D 490 -8.97 -30.61 -9.37
N GLN D 491 -10.10 -30.55 -8.67
CA GLN D 491 -10.20 -29.71 -7.48
C GLN D 491 -9.42 -30.32 -6.34
N GLN D 492 -8.55 -29.51 -5.71
CA GLN D 492 -7.76 -29.97 -4.59
C GLN D 492 -7.69 -28.97 -3.44
N SER D 493 -8.31 -27.80 -3.56
CA SER D 493 -8.21 -26.78 -2.53
C SER D 493 -8.95 -27.21 -1.27
N ILE D 494 -8.48 -26.71 -0.13
CA ILE D 494 -9.08 -27.05 1.15
C ILE D 494 -10.50 -26.50 1.25
N ARG D 495 -10.73 -25.30 0.70
CA ARG D 495 -12.07 -24.72 0.74
C ARG D 495 -13.07 -25.57 -0.02
N THR D 496 -12.66 -26.08 -1.19
CA THR D 496 -13.57 -26.85 -2.03
C THR D 496 -14.03 -28.13 -1.32
N VAL D 497 -13.09 -28.85 -0.71
CA VAL D 497 -13.42 -30.13 -0.10
C VAL D 497 -14.32 -29.93 1.12
N ILE D 498 -14.19 -28.79 1.80
CA ILE D 498 -14.96 -28.56 3.02
C ILE D 498 -16.45 -28.41 2.69
N ASP D 499 -16.76 -27.60 1.67
CA ASP D 499 -18.17 -27.39 1.33
C ASP D 499 -18.80 -28.66 0.76
N THR D 500 -18.04 -29.43 -0.03
CA THR D 500 -18.57 -30.68 -0.55
C THR D 500 -18.85 -31.66 0.57
N MET D 501 -17.94 -31.76 1.55
CA MET D 501 -18.20 -32.58 2.72
C MET D 501 -19.40 -32.07 3.50
N GLN D 502 -19.51 -30.76 3.67
CA GLN D 502 -20.68 -30.18 4.32
C GLN D 502 -21.94 -30.45 3.51
N HIS D 503 -21.84 -30.33 2.18
CA HIS D 503 -22.99 -30.63 1.33
C HIS D 503 -23.40 -32.09 1.44
N ALA D 504 -22.42 -33.00 1.53
CA ALA D 504 -22.73 -34.43 1.63
C ALA D 504 -23.50 -34.74 2.91
N VAL D 505 -23.12 -34.11 4.02
CA VAL D 505 -23.81 -34.34 5.29
C VAL D 505 -25.25 -33.89 5.20
N TYR D 506 -25.50 -32.73 4.59
CA TYR D 506 -26.86 -32.21 4.49
C TYR D 506 -27.74 -33.10 3.62
N VAL D 507 -27.19 -33.64 2.53
CA VAL D 507 -28.01 -34.35 1.56
C VAL D 507 -28.26 -35.80 1.95
N TYR D 508 -27.31 -36.47 2.61
CA TYR D 508 -27.43 -37.89 2.89
C TYR D 508 -27.11 -38.27 4.33
N ASP D 509 -27.03 -37.29 5.24
CA ASP D 509 -26.77 -37.55 6.66
C ASP D 509 -25.48 -38.34 6.86
N ILE D 510 -24.40 -37.83 6.26
CA ILE D 510 -23.10 -38.50 6.36
C ILE D 510 -22.63 -38.42 7.80
N CYS D 511 -22.53 -39.58 8.47
CA CYS D 511 -22.10 -39.65 9.86
C CYS D 511 -20.64 -40.04 10.00
N HIS D 512 -19.93 -40.26 8.89
CA HIS D 512 -18.53 -40.67 8.95
C HIS D 512 -17.85 -40.29 7.66
N VAL D 513 -16.74 -39.56 7.76
CA VAL D 513 -15.95 -39.15 6.60
C VAL D 513 -14.51 -39.63 6.80
N ILE D 514 -13.98 -40.30 5.78
CA ILE D 514 -12.61 -40.80 5.80
C ILE D 514 -11.89 -40.31 4.54
N ILE D 515 -10.73 -39.71 4.73
CA ILE D 515 -9.88 -39.26 3.63
C ILE D 515 -8.57 -40.03 3.70
N ASP D 516 -8.17 -40.64 2.58
CA ASP D 516 -7.02 -41.52 2.57
C ASP D 516 -5.71 -40.74 2.58
N ASN D 517 -5.55 -39.82 1.63
CA ASN D 517 -4.32 -39.04 1.48
C ASN D 517 -4.60 -37.58 1.78
N LEU D 518 -3.84 -37.00 2.70
CA LEU D 518 -3.95 -35.58 3.03
C LEU D 518 -2.95 -34.73 2.26
N GLN D 519 -1.83 -35.30 1.84
CA GLN D 519 -0.84 -34.54 1.09
C GLN D 519 -1.39 -34.09 -0.26
N PHE D 520 -2.20 -34.95 -0.90
CA PHE D 520 -2.80 -34.58 -2.18
C PHE D 520 -3.70 -33.35 -2.05
N MET D 521 -4.29 -33.14 -0.87
CA MET D 521 -5.12 -31.96 -0.65
C MET D 521 -4.28 -30.70 -0.58
N MET D 522 -3.03 -30.81 -0.14
CA MET D 522 -2.14 -29.66 -0.04
C MET D 522 -1.84 -29.07 -1.42
N GLY D 523 -1.64 -29.95 -2.39
CA GLY D 523 -1.35 -29.54 -3.75
N THR D 529 9.28 -25.06 6.34
CA THR D 529 8.29 -24.88 7.39
C THR D 529 6.91 -24.63 6.82
N ASP D 530 6.85 -24.37 5.50
CA ASP D 530 5.57 -24.13 4.85
C ASP D 530 4.69 -25.37 4.88
N ARG D 531 5.29 -26.54 4.65
CA ARG D 531 4.50 -27.78 4.69
C ARG D 531 3.96 -28.06 6.08
N ILE D 532 4.76 -27.82 7.12
CA ILE D 532 4.30 -28.03 8.48
C ILE D 532 3.15 -27.07 8.82
N ALA D 533 3.32 -25.80 8.46
CA ALA D 533 2.26 -24.82 8.72
C ALA D 533 0.99 -25.16 7.94
N ALA D 534 1.13 -25.56 6.67
CA ALA D 534 -0.03 -25.93 5.88
C ALA D 534 -0.72 -27.17 6.45
N GLN D 535 0.07 -28.16 6.89
CA GLN D 535 -0.52 -29.36 7.48
C GLN D 535 -1.26 -29.05 8.77
N ASP D 536 -0.69 -28.16 9.59
CA ASP D 536 -1.36 -27.77 10.83
C ASP D 536 -2.67 -27.05 10.54
N TYR D 537 -2.69 -26.19 9.53
CA TYR D 537 -3.89 -25.42 9.21
C TYR D 537 -5.03 -26.32 8.79
N ILE D 538 -4.76 -27.27 7.89
CA ILE D 538 -5.84 -28.11 7.35
C ILE D 538 -6.39 -29.04 8.43
N ILE D 539 -5.52 -29.55 9.31
CA ILE D 539 -5.98 -30.41 10.39
C ILE D 539 -6.94 -29.65 11.31
N GLY D 540 -6.60 -28.40 11.63
CA GLY D 540 -7.50 -27.60 12.45
C GLY D 540 -8.83 -27.36 11.78
N VAL D 541 -8.82 -27.19 10.45
CA VAL D 541 -10.07 -27.01 9.72
C VAL D 541 -10.94 -28.25 9.81
N PHE D 542 -10.33 -29.44 9.65
CA PHE D 542 -11.09 -30.67 9.79
C PHE D 542 -11.62 -30.85 11.20
N ARG D 543 -10.82 -30.50 12.21
CA ARG D 543 -11.30 -30.56 13.59
C ARG D 543 -12.46 -29.59 13.80
N LYS D 544 -12.36 -28.38 13.24
CA LYS D 544 -13.47 -27.44 13.32
C LYS D 544 -14.70 -27.98 12.59
N PHE D 545 -14.51 -28.56 11.41
CA PHE D 545 -15.63 -29.14 10.68
C PHE D 545 -16.24 -30.32 11.42
N ALA D 546 -15.40 -31.19 11.98
CA ALA D 546 -15.91 -32.36 12.70
C ALA D 546 -16.69 -31.96 13.94
N THR D 547 -16.18 -30.99 14.70
CA THR D 547 -16.85 -30.59 15.93
C THR D 547 -18.14 -29.84 15.64
N ASP D 548 -18.12 -28.93 14.65
CA ASP D 548 -19.31 -28.16 14.33
C ASP D 548 -20.43 -29.03 13.78
N ASN D 549 -20.09 -29.97 12.90
CA ASN D 549 -21.08 -30.82 12.25
C ASN D 549 -21.33 -32.12 12.98
N ASN D 550 -20.61 -32.39 14.07
CA ASN D 550 -20.74 -33.60 14.88
C ASN D 550 -20.46 -34.87 14.09
N CYS D 551 -19.84 -34.76 12.91
CA CYS D 551 -19.55 -35.92 12.08
C CYS D 551 -18.14 -36.42 12.37
N HIS D 552 -18.02 -37.73 12.62
CA HIS D 552 -16.72 -38.33 12.87
C HIS D 552 -15.88 -38.31 11.61
N VAL D 553 -14.64 -37.82 11.73
CA VAL D 553 -13.73 -37.71 10.60
C VAL D 553 -12.44 -38.42 10.94
N THR D 554 -11.97 -39.25 10.01
CA THR D 554 -10.73 -40.00 10.15
C THR D 554 -9.77 -39.59 9.05
N LEU D 555 -8.56 -39.18 9.42
CA LEU D 555 -7.54 -38.74 8.47
C LEU D 555 -6.38 -39.72 8.51
N VAL D 556 -6.00 -40.21 7.33
CA VAL D 556 -4.83 -41.07 7.21
C VAL D 556 -3.67 -40.22 6.67
N ILE D 557 -2.53 -40.27 7.37
CA ILE D 557 -1.39 -39.42 7.08
C ILE D 557 -0.33 -40.24 6.36
N HIS D 558 0.13 -39.73 5.21
CA HIS D 558 1.22 -40.36 4.48
C HIS D 558 2.52 -39.63 4.75
N PRO D 559 3.54 -40.28 5.35
CA PRO D 559 4.81 -39.64 5.65
C PRO D 559 5.62 -39.30 4.39
N GLY D 575 2.66 -38.08 14.58
CA GLY D 575 3.91 -37.83 13.89
C GLY D 575 4.15 -36.36 13.61
N SER D 576 3.20 -35.71 12.95
CA SER D 576 3.31 -34.30 12.64
C SER D 576 3.22 -33.46 13.90
N ALA D 577 3.95 -32.35 13.90
CA ALA D 577 3.95 -31.45 15.05
C ALA D 577 2.61 -30.76 15.19
N LYS D 578 2.20 -30.54 16.44
CA LYS D 578 0.96 -29.88 16.84
C LYS D 578 -0.28 -30.65 16.45
N ALA D 579 -0.16 -31.83 15.84
CA ALA D 579 -1.32 -32.60 15.44
C ALA D 579 -1.97 -33.31 16.63
N SER D 580 -1.18 -33.74 17.60
CA SER D 580 -1.74 -34.48 18.74
C SER D 580 -2.67 -33.61 19.57
N GLN D 581 -2.32 -32.34 19.78
CA GLN D 581 -3.15 -31.46 20.59
C GLN D 581 -4.51 -31.24 19.94
N GLU D 582 -4.55 -31.03 18.63
CA GLU D 582 -5.82 -30.80 17.95
C GLU D 582 -6.63 -32.09 17.82
N ALA D 583 -5.96 -33.20 17.50
CA ALA D 583 -6.66 -34.46 17.33
C ALA D 583 -7.08 -35.03 18.68
N ASP D 584 -8.11 -35.88 18.65
CA ASP D 584 -8.63 -36.54 19.84
C ASP D 584 -8.06 -37.93 20.06
N ASN D 585 -7.85 -38.69 18.98
CA ASN D 585 -7.30 -40.03 19.06
C ASN D 585 -6.23 -40.22 17.99
N VAL D 586 -5.29 -41.12 18.26
CA VAL D 586 -4.21 -41.43 17.33
C VAL D 586 -4.15 -42.94 17.15
N LEU D 587 -3.97 -43.38 15.91
CA LEU D 587 -3.79 -44.78 15.59
C LEU D 587 -2.54 -44.93 14.72
N ILE D 588 -1.64 -45.82 15.13
CA ILE D 588 -0.39 -46.03 14.43
C ILE D 588 -0.29 -47.50 14.06
N LEU D 589 -0.04 -47.79 12.80
CA LEU D 589 0.09 -49.16 12.29
C LEU D 589 1.53 -49.39 11.87
N GLN D 590 2.36 -49.84 12.82
CA GLN D 590 3.75 -50.13 12.57
C GLN D 590 3.94 -51.58 12.11
N ASP D 591 5.13 -51.87 11.62
CA ASP D 591 5.46 -53.19 11.11
C ASP D 591 6.64 -53.77 11.90
N ARG D 592 6.70 -55.10 11.96
CA ARG D 592 7.77 -55.78 12.67
C ARG D 592 8.30 -56.95 11.85
N GLY D 599 3.26 -60.56 6.35
CA GLY D 599 2.30 -59.48 6.46
C GLY D 599 1.69 -59.36 7.84
N LYS D 600 2.54 -59.30 8.86
CA LYS D 600 2.11 -59.18 10.24
C LYS D 600 2.45 -57.78 10.75
N ARG D 601 1.46 -57.11 11.34
CA ARG D 601 1.65 -55.77 11.87
C ARG D 601 0.98 -55.61 13.22
N TYR D 602 1.09 -54.43 13.82
CA TYR D 602 0.48 -54.17 15.13
C TYR D 602 0.02 -52.73 15.19
N LEU D 603 -1.11 -52.51 15.85
CA LEU D 603 -1.71 -51.19 16.01
C LEU D 603 -1.47 -50.69 17.42
N GLN D 604 -0.99 -49.45 17.53
CA GLN D 604 -0.73 -48.81 18.82
C GLN D 604 -1.52 -47.51 18.91
N VAL D 605 -2.21 -47.33 20.04
CA VAL D 605 -2.96 -46.12 20.33
C VAL D 605 -2.38 -45.47 21.56
N SER D 606 -2.03 -44.18 21.46
CA SER D 606 -1.41 -43.46 22.57
C SER D 606 -2.19 -42.22 22.98
N LYS D 607 -3.43 -42.08 22.54
CA LYS D 607 -4.25 -40.92 22.91
C LYS D 607 -5.71 -41.31 22.78
N ASN D 608 -6.45 -41.25 23.89
CA ASN D 608 -7.87 -41.56 23.93
C ASN D 608 -8.59 -40.42 24.65
N ARG D 609 -9.30 -39.59 23.88
CA ARG D 609 -10.03 -38.48 24.48
C ARG D 609 -11.15 -38.96 25.41
N PHE D 610 -11.90 -39.97 24.97
CA PHE D 610 -13.08 -40.38 25.71
C PHE D 610 -12.73 -41.19 26.95
N ASP D 611 -11.69 -42.02 26.86
CA ASP D 611 -11.35 -42.94 27.94
C ASP D 611 -9.96 -42.76 28.52
N GLY D 612 -9.00 -42.27 27.75
CA GLY D 612 -7.64 -42.17 28.25
C GLY D 612 -6.93 -43.50 28.36
N ASP D 613 -7.34 -44.49 27.59
CA ASP D 613 -6.75 -45.83 27.62
C ASP D 613 -5.83 -46.01 26.42
N VAL D 614 -4.62 -46.51 26.68
CA VAL D 614 -3.63 -46.73 25.65
C VAL D 614 -3.28 -48.21 25.61
N GLY D 615 -2.64 -48.64 24.53
CA GLY D 615 -2.23 -50.01 24.37
C GLY D 615 -1.77 -50.30 22.96
N VAL D 616 -1.41 -51.56 22.73
CA VAL D 616 -0.94 -52.00 21.43
C VAL D 616 -1.25 -53.48 21.29
N PHE D 617 -1.75 -53.88 20.12
CA PHE D 617 -2.09 -55.27 19.84
C PHE D 617 -1.65 -55.64 18.43
N PRO D 618 -1.20 -56.88 18.24
CA PRO D 618 -0.78 -57.31 16.90
C PRO D 618 -1.97 -57.67 16.01
N LEU D 619 -1.69 -57.73 14.71
CA LEU D 619 -2.69 -58.10 13.72
C LEU D 619 -2.06 -59.00 12.67
N GLU D 620 -2.87 -59.89 12.11
CA GLU D 620 -2.45 -60.78 11.02
C GLU D 620 -3.29 -60.47 9.79
N PHE D 621 -2.63 -60.16 8.68
CA PHE D 621 -3.31 -59.81 7.44
C PHE D 621 -3.15 -60.93 6.42
N ASN D 622 -4.26 -61.33 5.81
CA ASN D 622 -4.28 -62.34 4.77
C ASN D 622 -4.69 -61.69 3.46
N LYS D 623 -3.85 -61.86 2.43
CA LYS D 623 -4.14 -61.27 1.13
C LYS D 623 -5.24 -62.04 0.37
N ASN D 624 -5.52 -63.27 0.77
CA ASN D 624 -6.56 -64.05 0.08
C ASN D 624 -7.94 -63.41 0.27
N SER D 625 -8.23 -62.94 1.48
CA SER D 625 -9.52 -62.33 1.78
C SER D 625 -9.43 -60.83 2.03
N LEU D 626 -8.23 -60.27 2.10
CA LEU D 626 -8.03 -58.83 2.36
C LEU D 626 -8.70 -58.41 3.67
N THR D 627 -8.67 -59.31 4.66
CA THR D 627 -9.28 -59.06 5.96
C THR D 627 -8.26 -59.36 7.06
N PHE D 628 -8.07 -58.42 7.97
CA PHE D 628 -7.17 -58.62 9.09
C PHE D 628 -7.76 -59.59 10.10
N SER D 629 -6.89 -60.26 10.85
CA SER D 629 -7.30 -61.24 11.84
C SER D 629 -6.26 -61.28 12.95
N ILE D 630 -6.62 -61.95 14.05
CA ILE D 630 -5.73 -62.08 15.18
C ILE D 630 -5.88 -63.46 15.81
N PRO E 54 -7.86 -18.52 -26.35
CA PRO E 54 -7.89 -17.62 -25.19
C PRO E 54 -9.17 -16.78 -25.14
N VAL E 55 -10.24 -17.29 -25.75
CA VAL E 55 -11.53 -16.61 -25.79
C VAL E 55 -12.53 -17.46 -25.03
N THR E 56 -13.17 -16.87 -24.02
CA THR E 56 -14.15 -17.57 -23.20
C THR E 56 -15.54 -17.47 -23.82
N ALA E 57 -16.47 -18.24 -23.25
CA ALA E 57 -17.86 -18.21 -23.72
C ALA E 57 -18.49 -16.84 -23.49
N THR E 58 -18.15 -16.18 -22.38
CA THR E 58 -18.69 -14.84 -22.12
C THR E 58 -18.24 -13.85 -23.18
N GLU E 59 -16.97 -13.94 -23.61
CA GLU E 59 -16.47 -13.07 -24.66
C GLU E 59 -17.22 -13.30 -25.97
N ILE E 60 -17.56 -14.57 -26.26
CA ILE E 60 -18.35 -14.86 -27.44
C ILE E 60 -19.73 -14.22 -27.34
N ARG E 61 -20.37 -14.34 -26.17
CA ARG E 61 -21.71 -13.80 -26.01
C ARG E 61 -21.74 -12.29 -26.14
N GLN E 62 -20.79 -11.60 -25.52
CA GLN E 62 -20.78 -10.14 -25.56
C GLN E 62 -20.45 -9.63 -26.96
N TYR E 63 -19.62 -10.35 -27.72
CA TYR E 63 -19.33 -9.95 -29.09
C TYR E 63 -20.59 -10.05 -29.95
N LEU E 64 -21.39 -11.12 -29.76
CA LEU E 64 -22.65 -11.22 -30.47
C LEU E 64 -23.60 -10.10 -30.07
N ARG E 65 -23.60 -9.73 -28.78
CA ARG E 65 -24.43 -8.61 -28.34
C ARG E 65 -23.97 -7.30 -28.96
N GLY E 66 -22.70 -7.22 -29.39
CA GLY E 66 -22.23 -6.02 -30.05
C GLY E 66 -22.96 -5.76 -31.36
N HIS E 67 -23.18 -6.81 -32.15
CA HIS E 67 -23.97 -6.72 -33.37
C HIS E 67 -25.46 -6.92 -33.13
N GLY E 68 -25.85 -7.25 -31.90
CA GLY E 68 -27.26 -7.46 -31.61
C GLY E 68 -27.85 -8.72 -32.21
N ILE E 69 -27.03 -9.71 -32.50
CA ILE E 69 -27.51 -10.96 -33.10
C ILE E 69 -28.15 -11.81 -32.01
N PRO E 70 -29.43 -12.18 -32.16
CA PRO E 70 -30.08 -13.04 -31.16
C PRO E 70 -29.50 -14.45 -31.19
N PHE E 71 -28.89 -14.85 -30.08
CA PHE E 71 -28.26 -16.16 -29.97
C PHE E 71 -28.87 -16.95 -28.82
N GLN E 72 -28.96 -18.26 -29.02
CA GLN E 72 -29.50 -19.17 -28.02
C GLN E 72 -28.41 -20.16 -27.60
N ASP E 73 -28.23 -20.32 -26.30
CA ASP E 73 -27.20 -21.20 -25.76
C ASP E 73 -27.67 -22.64 -25.89
N GLY E 74 -27.20 -23.33 -26.93
CA GLY E 74 -27.59 -24.71 -27.15
C GLY E 74 -26.46 -25.70 -26.95
N HIS E 75 -26.54 -26.47 -25.86
CA HIS E 75 -25.54 -27.47 -25.50
C HIS E 75 -24.11 -26.96 -25.65
N SER E 76 -23.42 -27.38 -26.70
CA SER E 76 -22.02 -27.02 -26.93
C SER E 76 -21.86 -25.77 -27.77
N CYS E 77 -22.37 -25.78 -28.99
CA CYS E 77 -22.22 -24.66 -29.92
C CYS E 77 -23.49 -23.80 -29.89
N LEU E 78 -23.31 -22.51 -29.65
CA LEU E 78 -24.44 -21.58 -29.62
C LEU E 78 -25.06 -21.45 -30.99
N ARG E 79 -26.38 -21.28 -31.02
CA ARG E 79 -27.13 -21.13 -32.26
C ARG E 79 -27.69 -19.72 -32.37
N ALA E 80 -27.58 -19.15 -33.57
CA ALA E 80 -28.07 -17.80 -33.82
C ALA E 80 -28.44 -17.68 -35.29
N LEU E 81 -29.25 -16.65 -35.59
CA LEU E 81 -29.63 -16.39 -36.96
C LEU E 81 -28.41 -16.02 -37.80
N SER E 82 -28.31 -16.61 -38.98
CA SER E 82 -27.16 -16.38 -39.84
C SER E 82 -27.27 -15.01 -40.51
N PRO E 83 -26.32 -14.11 -40.32
CA PRO E 83 -26.37 -12.81 -41.01
C PRO E 83 -25.77 -12.81 -42.40
N PHE E 84 -25.13 -13.89 -42.82
CA PHE E 84 -24.48 -13.95 -44.12
C PHE E 84 -25.13 -14.99 -45.01
N SER E 99 -34.32 -22.12 -37.26
CA SER E 99 -33.94 -21.07 -38.20
C SER E 99 -32.55 -20.52 -37.86
N PHE E 100 -32.06 -20.84 -36.67
CA PHE E 100 -30.74 -20.38 -36.22
C PHE E 100 -29.69 -21.25 -36.89
N SER E 101 -29.36 -20.90 -38.14
CA SER E 101 -28.41 -21.68 -38.91
C SER E 101 -26.98 -21.47 -38.44
N LEU E 102 -26.64 -20.26 -38.01
CA LEU E 102 -25.27 -19.97 -37.59
C LEU E 102 -24.93 -20.67 -36.28
N PHE E 103 -23.79 -21.35 -36.25
CA PHE E 103 -23.32 -22.06 -35.08
C PHE E 103 -21.92 -21.57 -34.72
N ILE E 104 -21.70 -21.26 -33.45
CA ILE E 104 -20.42 -20.76 -32.96
C ILE E 104 -19.89 -21.76 -31.93
N ASP E 105 -18.67 -22.24 -32.15
CA ASP E 105 -18.07 -23.20 -31.24
C ASP E 105 -17.75 -22.54 -29.90
N LYS E 106 -18.02 -23.26 -28.81
CA LYS E 106 -17.79 -22.71 -27.48
C LYS E 106 -16.30 -22.47 -27.21
N THR E 107 -15.44 -23.40 -27.64
CA THR E 107 -14.03 -23.34 -27.32
C THR E 107 -13.18 -22.72 -28.42
N THR E 108 -13.52 -22.92 -29.69
CA THR E 108 -12.71 -22.42 -30.78
C THR E 108 -13.37 -21.29 -31.57
N GLY E 109 -14.69 -21.15 -31.50
CA GLY E 109 -15.38 -20.11 -32.22
C GLY E 109 -15.45 -20.35 -33.71
N HIS E 110 -15.22 -21.59 -34.14
CA HIS E 110 -15.29 -21.94 -35.55
C HIS E 110 -16.73 -21.88 -36.04
N PHE E 111 -17.05 -20.86 -36.83
CA PHE E 111 -18.42 -20.67 -37.29
C PHE E 111 -18.75 -21.65 -38.42
N LEU E 112 -20.03 -22.00 -38.50
CA LEU E 112 -20.51 -22.90 -39.55
C LEU E 112 -22.01 -22.68 -39.71
N CYS E 113 -22.44 -22.51 -40.96
CA CYS E 113 -23.84 -22.24 -41.29
C CYS E 113 -24.43 -23.43 -42.04
N MET E 114 -25.64 -23.82 -41.64
CA MET E 114 -26.31 -24.93 -42.31
C MET E 114 -26.79 -24.57 -43.71
N THR E 115 -26.92 -23.28 -44.02
CA THR E 115 -27.38 -22.83 -45.32
C THR E 115 -26.29 -22.15 -46.13
N SER E 116 -25.61 -21.15 -45.55
CA SER E 116 -24.55 -20.45 -46.28
C SER E 116 -23.33 -21.33 -46.47
N LEU E 117 -23.10 -22.29 -45.57
CA LEU E 117 -21.97 -23.22 -45.65
C LEU E 117 -20.64 -22.46 -45.68
N ALA E 118 -20.43 -21.65 -44.64
CA ALA E 118 -19.20 -20.87 -44.48
C ALA E 118 -18.51 -21.30 -43.21
N GLU E 119 -17.20 -21.53 -43.29
CA GLU E 119 -16.42 -22.00 -42.16
C GLU E 119 -15.14 -21.18 -42.05
N GLY E 120 -14.61 -21.11 -40.84
CA GLY E 120 -13.38 -20.38 -40.60
C GLY E 120 -13.13 -20.21 -39.11
N SER E 121 -12.07 -19.47 -38.81
CA SER E 121 -11.70 -19.24 -37.42
C SER E 121 -12.54 -18.10 -36.83
N TRP E 122 -12.38 -17.90 -35.51
CA TRP E 122 -13.10 -16.82 -34.84
C TRP E 122 -12.65 -15.45 -35.37
N GLU E 123 -11.35 -15.29 -35.63
CA GLU E 123 -10.88 -14.05 -36.22
C GLU E 123 -11.44 -13.84 -37.61
N ASP E 124 -11.66 -14.93 -38.36
CA ASP E 124 -12.32 -14.82 -39.65
C ASP E 124 -13.75 -14.30 -39.49
N PHE E 125 -14.46 -14.78 -38.47
CA PHE E 125 -15.81 -14.29 -38.20
C PHE E 125 -15.80 -12.81 -37.87
N GLN E 126 -14.82 -12.37 -37.07
CA GLN E 126 -14.71 -10.95 -36.75
C GLN E 126 -14.46 -10.11 -37.99
N ALA E 127 -13.59 -10.58 -38.88
CA ALA E 127 -13.32 -9.84 -40.11
C ALA E 127 -14.45 -9.97 -41.13
N SER E 128 -15.29 -11.00 -41.01
CA SER E 128 -16.37 -11.18 -41.97
C SER E 128 -17.48 -10.15 -41.78
N VAL E 129 -17.71 -9.73 -40.53
CA VAL E 129 -18.77 -8.77 -40.24
C VAL E 129 -18.30 -7.36 -40.59
N GLU E 130 -17.03 -7.22 -40.95
CA GLU E 130 -16.44 -5.95 -41.31
C GLU E 130 -16.30 -5.87 -42.82
N GLY E 131 -16.76 -4.76 -43.40
CA GLY E 131 -16.69 -4.56 -44.83
C GLY E 131 -18.04 -4.25 -45.46
N GLU E 147 -14.86 -20.90 -50.22
CA GLU E 147 -13.48 -20.73 -49.79
C GLU E 147 -12.65 -21.98 -50.11
N PHE E 148 -13.28 -23.14 -50.00
CA PHE E 148 -12.64 -24.41 -50.28
C PHE E 148 -13.51 -25.23 -51.21
N GLU E 149 -12.87 -26.07 -52.02
CA GLU E 149 -13.56 -26.94 -52.97
C GLU E 149 -13.37 -28.42 -52.68
N ASP E 150 -12.14 -28.83 -52.34
CA ASP E 150 -11.83 -30.23 -52.05
C ASP E 150 -12.25 -31.16 -53.19
N SER E 151 -11.95 -30.73 -54.41
CA SER E 151 -12.31 -31.48 -55.61
C SER E 151 -11.19 -32.44 -55.95
N GLU E 152 -11.49 -33.74 -55.92
CA GLU E 152 -10.52 -34.78 -56.21
C GLU E 152 -11.14 -35.80 -57.15
N GLU E 153 -10.29 -36.53 -57.86
CA GLU E 153 -10.75 -37.56 -58.78
C GLU E 153 -11.25 -38.77 -58.01
N VAL E 154 -12.40 -38.64 -57.36
CA VAL E 154 -12.99 -39.72 -56.58
C VAL E 154 -14.25 -40.28 -57.23
N ARG E 155 -14.89 -39.54 -58.13
CA ARG E 155 -16.07 -40.06 -58.81
C ARG E 155 -15.74 -41.24 -59.72
N ARG E 156 -14.49 -41.32 -60.19
CA ARG E 156 -14.08 -42.45 -61.02
C ARG E 156 -14.18 -43.76 -60.25
N ILE E 157 -13.74 -43.77 -58.99
CA ILE E 157 -13.81 -44.98 -58.18
C ILE E 157 -15.27 -45.38 -57.95
N TRP E 158 -16.13 -44.40 -57.67
CA TRP E 158 -17.54 -44.69 -57.46
C TRP E 158 -18.18 -45.27 -58.73
N ASN E 159 -17.85 -44.70 -59.89
CA ASN E 159 -18.40 -45.19 -61.15
C ASN E 159 -17.89 -46.58 -61.51
N ARG E 160 -16.71 -46.96 -61.03
CA ARG E 160 -16.14 -48.27 -61.33
C ARG E 160 -16.42 -49.30 -60.24
N ALA E 161 -17.43 -49.07 -59.40
CA ALA E 161 -17.81 -50.00 -58.35
C ALA E 161 -19.29 -50.30 -58.45
N ILE E 162 -19.67 -51.51 -58.07
CA ILE E 162 -21.04 -51.99 -58.22
C ILE E 162 -21.70 -52.08 -56.84
N PRO E 163 -22.93 -51.61 -56.69
CA PRO E 163 -23.62 -51.78 -55.41
C PRO E 163 -23.78 -53.25 -55.05
N LEU E 164 -23.67 -53.55 -53.75
CA LEU E 164 -23.76 -54.93 -53.29
C LEU E 164 -25.14 -55.53 -53.55
N TRP E 165 -26.20 -54.75 -53.35
CA TRP E 165 -27.55 -55.26 -53.55
C TRP E 165 -27.94 -55.38 -55.02
N GLU E 166 -27.15 -54.81 -55.94
CA GLU E 166 -27.42 -54.87 -57.36
C GLU E 166 -26.51 -55.86 -58.08
N LEU E 167 -25.95 -56.83 -57.36
CA LEU E 167 -25.05 -57.81 -57.96
C LEU E 167 -25.82 -59.09 -58.26
N PRO E 168 -26.01 -59.45 -59.52
CA PRO E 168 -26.72 -60.71 -59.83
C PRO E 168 -25.89 -61.95 -59.55
N ASP E 169 -24.59 -61.81 -59.30
CA ASP E 169 -23.75 -62.97 -59.03
C ASP E 169 -24.13 -63.60 -57.70
N GLN E 170 -23.88 -64.91 -57.59
CA GLN E 170 -24.18 -65.68 -56.39
C GLN E 170 -22.94 -66.03 -55.59
N GLU E 171 -21.91 -66.57 -56.25
CA GLU E 171 -20.69 -66.92 -55.54
C GLU E 171 -19.96 -65.68 -55.03
N GLU E 172 -19.96 -64.61 -55.82
CA GLU E 172 -19.24 -63.40 -55.43
C GLU E 172 -19.84 -62.77 -54.19
N VAL E 173 -21.17 -62.67 -54.13
CA VAL E 173 -21.81 -62.03 -52.98
C VAL E 173 -21.67 -62.89 -51.74
N GLN E 174 -21.79 -64.22 -51.89
CA GLN E 174 -21.63 -65.12 -50.75
C GLN E 174 -20.22 -65.03 -50.18
N LEU E 175 -19.21 -64.98 -51.05
CA LEU E 175 -17.84 -64.80 -50.58
C LEU E 175 -17.65 -63.44 -49.92
N ALA E 176 -18.32 -62.41 -50.46
CA ALA E 176 -18.17 -61.06 -49.93
C ALA E 176 -18.67 -60.95 -48.50
N ASP E 177 -19.83 -61.55 -48.20
CA ASP E 177 -20.38 -61.42 -46.86
C ASP E 177 -19.61 -62.27 -45.84
N THR E 178 -19.08 -63.41 -46.26
CA THR E 178 -18.35 -64.27 -45.33
C THR E 178 -17.07 -63.60 -44.83
N MET E 179 -16.34 -62.93 -45.72
CA MET E 179 -15.09 -62.29 -45.30
C MET E 179 -15.35 -61.03 -44.49
N PHE E 180 -16.41 -60.29 -44.80
CA PHE E 180 -16.74 -59.07 -44.07
C PHE E 180 -17.75 -59.29 -42.96
N GLY E 181 -18.16 -60.54 -42.73
CA GLY E 181 -19.14 -60.81 -41.68
C GLY E 181 -20.49 -60.18 -41.91
N LEU E 182 -20.99 -60.25 -43.14
CA LEU E 182 -22.28 -59.67 -43.51
C LEU E 182 -23.32 -60.75 -43.77
N THR E 183 -23.26 -61.84 -42.99
CA THR E 183 -24.20 -62.94 -43.19
C THR E 183 -25.63 -62.51 -42.87
N LYS E 184 -25.82 -61.73 -41.81
CA LYS E 184 -27.15 -61.31 -41.38
C LYS E 184 -27.56 -59.97 -41.97
N VAL E 185 -26.72 -59.34 -42.78
CA VAL E 185 -27.05 -58.04 -43.36
C VAL E 185 -28.02 -58.26 -44.52
N THR E 186 -29.13 -57.52 -44.50
CA THR E 186 -30.15 -57.62 -45.53
C THR E 186 -29.90 -56.58 -46.63
N ASP E 187 -30.46 -56.86 -47.81
CA ASP E 187 -30.30 -55.97 -48.95
C ASP E 187 -31.01 -54.63 -48.74
N ASP E 188 -32.04 -54.59 -47.89
CA ASP E 188 -32.74 -53.34 -47.63
C ASP E 188 -31.82 -52.33 -46.95
N THR E 189 -31.00 -52.78 -46.01
CA THR E 189 -30.05 -51.89 -45.35
C THR E 189 -29.02 -51.36 -46.35
N LEU E 190 -28.60 -52.20 -47.29
CA LEU E 190 -27.63 -51.78 -48.29
C LEU E 190 -28.18 -50.64 -49.15
N LYS E 191 -29.45 -50.74 -49.56
CA LYS E 191 -30.06 -49.68 -50.34
C LYS E 191 -30.17 -48.39 -49.53
N ARG E 192 -30.55 -48.51 -48.25
CA ARG E 192 -30.74 -47.33 -47.42
C ARG E 192 -29.43 -46.58 -47.20
N PHE E 193 -28.35 -47.31 -46.96
CA PHE E 193 -27.04 -46.69 -46.72
C PHE E 193 -26.20 -46.55 -47.97
N SER E 194 -26.69 -47.03 -49.12
CA SER E 194 -25.98 -46.93 -50.40
C SER E 194 -24.57 -47.52 -50.30
N VAL E 195 -24.47 -48.70 -49.70
CA VAL E 195 -23.18 -49.38 -49.57
C VAL E 195 -22.80 -49.99 -50.93
N ARG E 196 -21.61 -49.67 -51.40
CA ARG E 196 -21.12 -50.10 -52.70
C ARG E 196 -19.91 -51.03 -52.53
N TYR E 197 -19.66 -51.82 -53.56
CA TYR E 197 -18.57 -52.80 -53.54
C TYR E 197 -17.74 -52.64 -54.81
N LEU E 198 -16.42 -52.74 -54.67
CA LEU E 198 -15.50 -52.60 -55.79
C LEU E 198 -14.91 -53.96 -56.14
N ARG E 199 -14.83 -54.25 -57.44
CA ARG E 199 -14.36 -55.52 -57.96
C ARG E 199 -12.84 -55.66 -58.01
N PRO E 200 -12.08 -54.64 -58.46
CA PRO E 200 -10.63 -54.86 -58.63
C PRO E 200 -9.90 -55.32 -57.38
N ALA E 201 -10.27 -54.83 -56.21
CA ALA E 201 -9.59 -55.19 -54.97
C ALA E 201 -10.48 -55.90 -53.96
N ARG E 202 -11.76 -56.10 -54.27
CA ARG E 202 -12.70 -56.77 -53.37
C ARG E 202 -12.75 -56.09 -52.01
N SER E 203 -13.18 -54.82 -52.03
CA SER E 203 -13.25 -54.00 -50.84
C SER E 203 -14.61 -53.29 -50.78
N LEU E 204 -15.03 -52.96 -49.57
CA LEU E 204 -16.25 -52.21 -49.36
C LEU E 204 -16.03 -50.74 -49.68
N VAL E 205 -17.13 -50.06 -50.03
CA VAL E 205 -17.11 -48.63 -50.33
C VAL E 205 -18.12 -47.94 -49.44
N PHE E 206 -17.68 -46.91 -48.71
CA PHE E 206 -18.55 -46.12 -47.86
C PHE E 206 -18.50 -44.66 -48.32
N PRO E 207 -19.53 -44.17 -48.98
CA PRO E 207 -19.50 -42.82 -49.55
C PRO E 207 -19.63 -41.73 -48.49
N TRP E 208 -19.15 -40.54 -48.86
CA TRP E 208 -19.29 -39.33 -48.05
C TRP E 208 -20.16 -38.35 -48.80
N PHE E 209 -21.25 -37.92 -48.18
CA PHE E 209 -22.20 -36.99 -48.79
C PHE E 209 -22.05 -35.60 -48.17
N SER E 210 -22.13 -34.58 -49.02
CA SER E 210 -22.04 -33.21 -48.55
C SER E 210 -23.27 -32.87 -47.69
N PRO E 211 -23.08 -32.04 -46.66
CA PRO E 211 -24.24 -31.65 -45.82
C PRO E 211 -25.33 -30.95 -46.60
N GLY E 212 -24.99 -30.24 -47.68
CA GLY E 212 -25.95 -29.53 -48.50
C GLY E 212 -26.58 -30.34 -49.60
N GLY E 213 -26.38 -31.66 -49.63
CA GLY E 213 -26.94 -32.49 -50.67
C GLY E 213 -26.19 -32.47 -51.97
N SER E 214 -24.93 -32.03 -51.97
CA SER E 214 -24.13 -31.95 -53.18
C SER E 214 -23.58 -33.33 -53.53
N GLY E 215 -22.57 -33.37 -54.39
CA GLY E 215 -21.98 -34.62 -54.81
C GLY E 215 -21.17 -35.28 -53.71
N LEU E 216 -20.55 -36.40 -54.07
CA LEU E 216 -19.76 -37.16 -53.12
C LEU E 216 -18.53 -36.37 -52.68
N ARG E 217 -18.21 -36.47 -51.39
CA ARG E 217 -17.06 -35.78 -50.82
C ARG E 217 -15.86 -36.69 -50.62
N GLY E 218 -16.09 -37.98 -50.42
CA GLY E 218 -14.99 -38.92 -50.22
C GLY E 218 -15.50 -40.34 -50.16
N LEU E 219 -14.56 -41.28 -50.17
CA LEU E 219 -14.87 -42.70 -50.12
C LEU E 219 -13.98 -43.38 -49.09
N LYS E 220 -14.57 -44.28 -48.31
CA LYS E 220 -13.84 -45.08 -47.33
C LYS E 220 -13.86 -46.54 -47.77
N LEU E 221 -12.69 -47.16 -47.81
CA LEU E 221 -12.54 -48.52 -48.30
C LEU E 221 -12.05 -49.42 -47.18
N LEU E 222 -12.74 -50.55 -46.99
CA LEU E 222 -12.35 -51.57 -46.02
C LEU E 222 -12.08 -52.87 -46.76
N GLU E 223 -10.91 -53.45 -46.50
CA GLU E 223 -10.48 -54.67 -47.16
C GLU E 223 -10.22 -55.74 -46.11
N ALA E 224 -10.69 -56.96 -46.38
CA ALA E 224 -10.54 -58.08 -45.47
C ALA E 224 -9.39 -58.96 -45.94
N LYS E 225 -8.42 -59.20 -45.05
CA LYS E 225 -7.27 -60.02 -45.34
C LYS E 225 -7.00 -60.97 -44.17
N CYS E 226 -6.39 -62.10 -44.48
CA CYS E 226 -6.07 -63.10 -43.47
C CYS E 226 -4.67 -63.68 -43.68
N VAL E 231 -8.55 -63.10 -40.21
CA VAL E 231 -9.54 -62.09 -40.56
C VAL E 231 -9.11 -60.73 -40.02
N SER E 232 -8.57 -59.89 -40.90
CA SER E 232 -8.11 -58.57 -40.54
C SER E 232 -8.69 -57.55 -41.51
N TYR E 233 -9.11 -56.41 -40.99
CA TYR E 233 -9.71 -55.33 -41.78
C TYR E 233 -8.71 -54.20 -41.92
N GLU E 234 -8.49 -53.76 -43.16
CA GLU E 234 -7.58 -52.67 -43.47
C GLU E 234 -8.40 -51.46 -43.92
N GLU E 235 -8.10 -50.30 -43.34
CA GLU E 235 -8.84 -49.07 -43.61
C GLU E 235 -8.05 -48.18 -44.56
N THR E 236 -8.67 -47.80 -45.66
CA THR E 236 -8.09 -46.88 -46.63
C THR E 236 -9.17 -45.92 -47.10
N THR E 237 -8.87 -44.62 -47.05
CA THR E 237 -9.84 -43.59 -47.39
C THR E 237 -9.22 -42.54 -48.31
N ILE E 238 -10.07 -41.95 -49.15
CA ILE E 238 -9.70 -40.86 -50.02
C ILE E 238 -10.64 -39.70 -49.73
N PRO E 239 -10.16 -38.51 -49.38
CA PRO E 239 -8.75 -38.11 -49.26
C PRO E 239 -8.06 -38.62 -48.00
N ARG E 240 -6.99 -37.96 -47.60
CA ARG E 240 -6.18 -38.42 -46.48
C ARG E 240 -7.02 -38.47 -45.20
N PRO E 241 -6.69 -39.39 -44.28
CA PRO E 241 -7.48 -39.51 -43.05
C PRO E 241 -7.51 -38.24 -42.21
N SER E 242 -6.48 -37.39 -42.31
CA SER E 242 -6.49 -36.13 -41.57
C SER E 242 -7.61 -35.21 -42.00
N ALA E 243 -8.10 -35.33 -43.23
CA ALA E 243 -9.18 -34.50 -43.74
C ALA E 243 -10.51 -35.25 -43.84
N TYR E 244 -10.52 -36.55 -43.52
CA TYR E 244 -11.75 -37.33 -43.60
C TYR E 244 -12.66 -36.97 -42.42
N HIS E 245 -13.80 -36.35 -42.71
CA HIS E 245 -14.74 -35.88 -41.72
C HIS E 245 -16.16 -36.32 -42.06
N ASN E 246 -16.31 -37.61 -42.38
CA ASN E 246 -17.58 -38.15 -42.83
C ASN E 246 -18.33 -38.79 -41.66
N LEU E 247 -19.61 -38.43 -41.52
CA LEU E 247 -20.51 -39.06 -40.56
C LEU E 247 -21.51 -39.89 -41.35
N PHE E 248 -21.34 -41.22 -41.29
CA PHE E 248 -22.21 -42.12 -42.04
C PHE E 248 -23.64 -42.00 -41.53
N GLY E 249 -24.60 -41.90 -42.46
CA GLY E 249 -25.99 -41.78 -42.11
C GLY E 249 -26.46 -40.37 -41.81
N LEU E 250 -25.60 -39.36 -42.02
CA LEU E 250 -26.02 -37.98 -41.78
C LEU E 250 -27.19 -37.56 -42.66
N PRO E 251 -27.20 -37.82 -43.98
CA PRO E 251 -28.43 -37.53 -44.75
C PRO E 251 -29.63 -38.34 -44.30
N LEU E 252 -29.41 -39.57 -43.82
CA LEU E 252 -30.52 -40.44 -43.45
C LEU E 252 -31.28 -39.91 -42.25
N ILE E 253 -30.56 -39.41 -41.24
CA ILE E 253 -31.21 -38.93 -40.03
C ILE E 253 -31.98 -37.65 -40.31
N SER E 254 -33.13 -37.50 -39.68
CA SER E 254 -34.02 -36.36 -39.90
C SER E 254 -33.90 -35.37 -38.75
N ARG E 255 -34.54 -34.22 -38.92
CA ARG E 255 -34.52 -33.17 -37.91
C ARG E 255 -35.38 -33.53 -36.70
N ARG E 256 -36.34 -34.44 -36.85
CA ARG E 256 -37.22 -34.84 -35.77
C ARG E 256 -36.68 -36.03 -34.97
N ASP E 257 -35.37 -36.23 -34.97
CA ASP E 257 -34.74 -37.31 -34.24
C ASP E 257 -33.91 -36.75 -33.10
N ALA E 258 -34.15 -37.25 -31.89
CA ALA E 258 -33.45 -36.79 -30.70
C ALA E 258 -32.48 -37.81 -30.13
N GLU E 259 -32.54 -39.07 -30.58
CA GLU E 259 -31.66 -40.12 -30.08
C GLU E 259 -30.75 -40.61 -31.20
N VAL E 260 -29.46 -40.70 -30.90
CA VAL E 260 -28.48 -41.18 -31.86
C VAL E 260 -27.44 -42.01 -31.11
N VAL E 261 -26.99 -43.09 -31.73
CA VAL E 261 -25.97 -43.97 -31.15
C VAL E 261 -24.76 -43.93 -32.07
N LEU E 262 -23.61 -43.59 -31.51
CA LEU E 262 -22.37 -43.50 -32.27
C LEU E 262 -21.63 -44.83 -32.24
N THR E 263 -21.11 -45.22 -33.41
CA THR E 263 -20.38 -46.47 -33.56
C THR E 263 -18.97 -46.19 -34.06
N SER E 264 -18.01 -46.97 -33.57
CA SER E 264 -16.63 -46.79 -33.97
C SER E 264 -16.39 -47.28 -35.40
N ARG E 265 -17.19 -48.22 -35.87
CA ARG E 265 -17.08 -48.75 -37.22
C ARG E 265 -18.34 -48.39 -38.02
N GLU E 266 -18.39 -48.86 -39.26
CA GLU E 266 -19.54 -48.63 -40.13
C GLU E 266 -20.41 -49.86 -40.31
N LEU E 267 -19.81 -51.06 -40.34
CA LEU E 267 -20.62 -52.27 -40.49
C LEU E 267 -21.55 -52.49 -39.31
N ASP E 268 -21.06 -52.24 -38.09
CA ASP E 268 -21.91 -52.38 -36.91
C ASP E 268 -23.06 -51.37 -36.93
N SER E 269 -22.84 -50.20 -37.52
CA SER E 269 -23.92 -49.22 -37.65
C SER E 269 -25.03 -49.75 -38.54
N LEU E 270 -24.67 -50.47 -39.61
CA LEU E 270 -25.69 -51.04 -40.49
C LEU E 270 -26.53 -52.06 -39.74
N ALA E 271 -25.89 -52.92 -38.94
CA ALA E 271 -26.63 -53.89 -38.14
C ALA E 271 -27.46 -53.21 -37.06
N LEU E 272 -26.91 -52.17 -36.44
CA LEU E 272 -27.64 -51.47 -35.38
C LEU E 272 -28.90 -50.82 -35.92
N ASN E 273 -28.81 -50.17 -37.08
CA ASN E 273 -30.00 -49.55 -37.67
C ASN E 273 -30.97 -50.59 -38.21
N GLN E 274 -30.46 -51.75 -38.62
CA GLN E 274 -31.34 -52.80 -39.15
C GLN E 274 -32.32 -53.30 -38.09
N SER E 275 -31.84 -53.51 -36.87
CA SER E 275 -32.67 -54.10 -35.83
C SER E 275 -33.39 -53.04 -35.00
N THR E 276 -32.64 -52.15 -34.35
CA THR E 276 -33.26 -51.13 -33.51
C THR E 276 -34.08 -50.15 -34.33
N GLY E 277 -33.56 -49.72 -35.48
CA GLY E 277 -34.22 -48.73 -36.30
C GLY E 277 -34.00 -47.29 -35.86
N LEU E 278 -33.28 -47.08 -34.77
CA LEU E 278 -33.01 -45.74 -34.27
C LEU E 278 -31.88 -45.09 -35.07
N PRO E 279 -31.84 -43.76 -35.13
CA PRO E 279 -30.76 -43.08 -35.85
C PRO E 279 -29.40 -43.40 -35.25
N THR E 280 -28.40 -43.51 -36.13
CA THR E 280 -27.04 -43.83 -35.72
C THR E 280 -26.05 -43.13 -36.63
N LEU E 281 -24.85 -42.90 -36.10
CA LEU E 281 -23.78 -42.25 -36.84
C LEU E 281 -22.47 -42.95 -36.54
N THR E 282 -21.49 -42.76 -37.41
CA THR E 282 -20.17 -43.36 -37.26
C THR E 282 -19.11 -42.27 -37.17
N LEU E 283 -18.14 -42.49 -36.28
CA LEU E 283 -17.02 -41.57 -36.15
C LEU E 283 -16.15 -41.64 -37.40
N PRO E 284 -15.48 -40.54 -37.76
CA PRO E 284 -14.69 -40.51 -39.00
C PRO E 284 -13.55 -41.54 -39.01
N ARG E 285 -12.69 -41.51 -37.99
CA ARG E 285 -11.60 -42.46 -37.88
C ARG E 285 -11.79 -43.37 -36.66
N GLY E 286 -13.04 -43.70 -36.36
CA GLY E 286 -13.32 -44.54 -35.22
C GLY E 286 -12.96 -43.84 -33.91
N THR E 287 -12.36 -44.61 -33.01
CA THR E 287 -11.97 -44.10 -31.69
C THR E 287 -10.70 -43.26 -31.72
N THR E 288 -10.25 -42.83 -32.90
CA THR E 288 -9.04 -42.03 -32.98
C THR E 288 -9.27 -40.61 -32.47
N CYS E 289 -10.17 -39.87 -33.12
CA CYS E 289 -10.45 -38.50 -32.72
C CYS E 289 -11.79 -38.07 -33.28
N LEU E 290 -12.38 -37.05 -32.67
CA LEU E 290 -13.64 -36.45 -33.13
C LEU E 290 -13.41 -34.98 -33.42
N PRO E 291 -13.31 -34.59 -34.69
CA PRO E 291 -13.07 -33.18 -35.01
C PRO E 291 -14.22 -32.33 -34.53
N PRO E 292 -13.94 -31.10 -34.07
CA PRO E 292 -15.03 -30.22 -33.62
C PRO E 292 -15.97 -29.81 -34.73
N ALA E 293 -15.56 -29.91 -36.00
CA ALA E 293 -16.44 -29.53 -37.10
C ALA E 293 -17.69 -30.40 -37.16
N LEU E 294 -17.61 -31.63 -36.65
CA LEU E 294 -18.75 -32.54 -36.65
C LEU E 294 -19.67 -32.31 -35.45
N LEU E 295 -19.25 -31.54 -34.46
CA LEU E 295 -20.09 -31.29 -33.29
C LEU E 295 -21.41 -30.60 -33.63
N PRO E 296 -21.47 -29.55 -34.46
CA PRO E 296 -22.77 -28.91 -34.73
C PRO E 296 -23.79 -29.86 -35.35
N TYR E 297 -23.35 -30.85 -36.13
CA TYR E 297 -24.29 -31.79 -36.72
C TYR E 297 -24.99 -32.65 -35.67
N LEU E 298 -24.36 -32.86 -34.52
CA LEU E 298 -24.93 -33.65 -33.44
C LEU E 298 -25.63 -32.79 -32.39
N GLU E 299 -25.74 -31.47 -32.63
CA GLU E 299 -26.37 -30.59 -31.65
C GLU E 299 -27.86 -30.87 -31.50
N GLN E 300 -28.52 -31.28 -32.59
CA GLN E 300 -29.97 -31.47 -32.56
C GLN E 300 -30.36 -32.58 -31.59
N PHE E 301 -29.59 -33.66 -31.56
CA PHE E 301 -29.93 -34.80 -30.72
C PHE E 301 -29.78 -34.45 -29.24
N ARG E 302 -30.73 -34.91 -28.43
CA ARG E 302 -30.71 -34.68 -26.99
C ARG E 302 -30.13 -35.85 -26.22
N ARG E 303 -30.40 -37.09 -26.65
CA ARG E 303 -29.86 -38.28 -26.01
C ARG E 303 -28.88 -38.94 -26.96
N ILE E 304 -27.65 -39.15 -26.50
CA ILE E 304 -26.58 -39.75 -27.29
C ILE E 304 -26.03 -40.94 -26.52
N VAL E 305 -25.90 -42.08 -27.19
CA VAL E 305 -25.38 -43.30 -26.59
C VAL E 305 -24.09 -43.66 -27.30
N PHE E 306 -23.01 -43.83 -26.55
CA PHE E 306 -21.72 -44.19 -27.11
C PHE E 306 -21.55 -45.70 -27.12
N TRP E 307 -21.12 -46.22 -28.28
CA TRP E 307 -20.88 -47.66 -28.45
C TRP E 307 -19.72 -47.79 -29.45
N LEU E 308 -18.51 -47.87 -28.91
CA LEU E 308 -17.31 -47.73 -29.72
C LEU E 308 -16.38 -48.94 -29.63
N GLY E 309 -16.90 -50.11 -29.28
CA GLY E 309 -16.09 -51.31 -29.24
C GLY E 309 -16.37 -52.12 -28.00
N ASP E 310 -15.50 -53.09 -27.75
CA ASP E 310 -15.62 -54.03 -26.64
C ASP E 310 -14.31 -54.11 -25.87
N ASP E 311 -13.73 -52.95 -25.57
CA ASP E 311 -12.46 -52.91 -24.86
C ASP E 311 -12.46 -51.71 -23.91
N LEU E 312 -11.62 -51.81 -22.87
CA LEU E 312 -11.50 -50.71 -21.92
C LEU E 312 -10.97 -49.45 -22.59
N ARG E 313 -10.16 -49.61 -23.64
CA ARG E 313 -9.69 -48.45 -24.39
C ARG E 313 -10.85 -47.72 -25.05
N SER E 314 -11.81 -48.47 -25.60
CA SER E 314 -12.98 -47.86 -26.23
C SER E 314 -13.79 -47.06 -25.21
N LEU E 315 -13.97 -47.61 -24.01
CA LEU E 315 -14.70 -46.88 -22.97
C LEU E 315 -13.99 -45.60 -22.59
N GLU E 316 -12.67 -45.64 -22.44
CA GLU E 316 -11.91 -44.43 -22.14
C GLU E 316 -12.03 -43.41 -23.25
N ALA E 317 -11.96 -43.87 -24.50
CA ALA E 317 -12.13 -42.96 -25.63
C ALA E 317 -13.52 -42.34 -25.64
N ALA E 318 -14.54 -43.13 -25.31
CA ALA E 318 -15.90 -42.60 -25.24
C ALA E 318 -16.02 -41.52 -24.17
N LYS E 319 -15.38 -41.74 -23.01
CA LYS E 319 -15.43 -40.75 -21.94
C LYS E 319 -14.78 -39.44 -22.36
N LEU E 320 -13.67 -39.49 -23.09
CA LEU E 320 -13.05 -38.27 -23.59
C LEU E 320 -13.98 -37.56 -24.57
N PHE E 321 -14.65 -38.31 -25.44
CA PHE E 321 -15.60 -37.71 -26.37
C PHE E 321 -16.80 -37.12 -25.61
N ALA E 322 -17.17 -37.75 -24.49
CA ALA E 322 -18.32 -37.26 -23.73
C ALA E 322 -18.10 -35.86 -23.20
N ARG E 323 -16.88 -35.56 -22.73
CA ARG E 323 -16.58 -34.25 -22.16
C ARG E 323 -16.81 -33.14 -23.18
N LYS E 324 -16.59 -33.43 -24.46
CA LYS E 324 -16.78 -32.41 -25.49
C LYS E 324 -18.25 -32.05 -25.66
N LEU E 325 -19.14 -33.03 -25.48
CA LEU E 325 -20.55 -32.84 -25.83
C LEU E 325 -21.45 -32.76 -24.59
N ASN E 326 -20.98 -32.08 -23.53
CA ASN E 326 -21.77 -31.86 -22.32
C ASN E 326 -22.30 -33.17 -21.76
N PRO E 327 -21.48 -33.94 -21.04
CA PRO E 327 -21.85 -35.33 -20.67
C PRO E 327 -23.21 -35.48 -20.01
N LYS E 328 -23.85 -34.37 -19.64
CA LYS E 328 -25.18 -34.44 -19.03
C LYS E 328 -26.24 -34.92 -20.02
N ARG E 329 -25.94 -34.93 -21.32
CA ARG E 329 -26.90 -35.31 -22.34
C ARG E 329 -26.49 -36.57 -23.11
N CYS E 330 -25.53 -37.34 -22.60
CA CYS E 330 -25.05 -38.51 -23.30
C CYS E 330 -24.91 -39.68 -22.34
N PHE E 331 -24.95 -40.89 -22.91
CA PHE E 331 -24.90 -42.13 -22.16
C PHE E 331 -23.80 -43.02 -22.74
N LEU E 332 -23.42 -44.03 -21.96
CA LEU E 332 -22.35 -44.94 -22.33
C LEU E 332 -22.82 -46.39 -22.24
N VAL E 333 -22.23 -47.24 -23.07
CA VAL E 333 -22.44 -48.68 -23.03
C VAL E 333 -21.13 -49.31 -22.63
N ARG E 334 -21.09 -49.92 -21.44
CA ARG E 334 -19.86 -50.50 -20.94
C ARG E 334 -19.52 -51.77 -21.71
N PRO E 335 -18.24 -52.00 -22.00
CA PRO E 335 -17.83 -53.25 -22.64
C PRO E 335 -17.95 -54.43 -21.69
N GLY E 336 -18.16 -55.61 -22.25
CA GLY E 336 -18.29 -56.81 -21.46
C GLY E 336 -18.40 -58.03 -22.35
N ASP E 337 -18.33 -59.20 -21.71
CA ASP E 337 -18.47 -60.46 -22.43
C ASP E 337 -19.85 -60.58 -23.05
N GLN E 338 -20.89 -60.17 -22.33
CA GLN E 338 -22.25 -60.21 -22.81
C GLN E 338 -22.66 -58.95 -23.56
N GLN E 339 -21.72 -58.03 -23.78
CA GLN E 339 -21.99 -56.77 -24.47
C GLN E 339 -20.99 -56.62 -25.61
N PRO E 340 -21.19 -57.36 -26.70
CA PRO E 340 -20.26 -57.27 -27.84
C PRO E 340 -20.61 -56.08 -28.73
N ARG E 341 -19.86 -55.94 -29.81
CA ARG E 341 -20.12 -54.89 -30.76
C ARG E 341 -21.43 -55.15 -31.50
N PRO E 342 -22.08 -54.10 -32.02
CA PRO E 342 -23.37 -54.32 -32.71
C PRO E 342 -23.29 -55.28 -33.87
N LEU E 343 -22.19 -55.27 -34.62
CA LEU E 343 -22.03 -56.21 -35.73
C LEU E 343 -21.99 -57.65 -35.22
N GLU E 344 -21.23 -57.90 -34.15
CA GLU E 344 -21.15 -59.25 -33.60
C GLU E 344 -22.41 -59.63 -32.83
N ALA E 345 -23.07 -58.65 -32.20
CA ALA E 345 -24.27 -58.95 -31.43
C ALA E 345 -25.38 -59.49 -32.32
N LEU E 346 -25.58 -58.89 -33.49
CA LEU E 346 -26.59 -59.40 -34.41
C LEU E 346 -26.18 -60.74 -34.99
N ASN E 347 -24.90 -60.90 -35.35
CA ASN E 347 -24.43 -62.18 -35.87
C ASN E 347 -24.51 -63.27 -34.82
N GLY E 348 -24.16 -62.94 -33.57
CA GLY E 348 -24.21 -63.92 -32.49
C GLY E 348 -25.59 -64.24 -31.97
N GLY E 349 -26.60 -63.49 -32.38
CA GLY E 349 -27.97 -63.73 -31.96
C GLY E 349 -28.36 -63.07 -30.66
N PHE E 350 -27.44 -62.41 -29.97
CA PHE E 350 -27.77 -61.73 -28.72
C PHE E 350 -28.67 -60.53 -28.99
N ASN E 351 -29.64 -60.34 -28.11
CA ASN E 351 -30.55 -59.20 -28.23
C ASN E 351 -29.80 -57.90 -27.96
N LEU E 352 -29.98 -56.93 -28.85
CA LEU E 352 -29.31 -55.64 -28.72
C LEU E 352 -30.18 -54.56 -28.10
N SER E 353 -31.51 -54.76 -28.08
CA SER E 353 -32.39 -53.79 -27.44
C SER E 353 -32.11 -53.70 -25.95
N ARG E 354 -31.86 -54.84 -25.30
CA ARG E 354 -31.50 -54.82 -23.89
C ARG E 354 -30.20 -54.07 -23.65
N ILE E 355 -29.22 -54.25 -24.54
CA ILE E 355 -27.94 -53.57 -24.40
C ILE E 355 -28.14 -52.06 -24.48
N LEU E 356 -28.95 -51.60 -25.43
CA LEU E 356 -29.23 -50.16 -25.54
C LEU E 356 -30.02 -49.65 -24.35
N ARG E 357 -30.88 -50.49 -23.77
CA ARG E 357 -31.72 -50.05 -22.66
C ARG E 357 -30.91 -49.83 -21.39
N THR E 358 -29.86 -50.62 -21.17
CA THR E 358 -29.07 -50.55 -19.95
C THR E 358 -27.91 -49.56 -20.05
N ALA E 359 -28.02 -48.56 -20.92
CA ALA E 359 -26.98 -47.55 -21.03
C ALA E 359 -26.91 -46.71 -19.76
N LEU E 360 -25.71 -46.48 -19.27
CA LEU E 360 -25.54 -45.70 -18.05
C LEU E 360 -25.14 -44.27 -18.39
N PRO E 361 -25.58 -43.29 -17.60
CA PRO E 361 -25.22 -41.90 -17.86
C PRO E 361 -23.71 -41.69 -17.77
N ALA E 362 -23.20 -40.85 -18.66
CA ALA E 362 -21.79 -40.48 -18.67
C ALA E 362 -21.48 -39.33 -17.72
N TRP E 363 -22.50 -38.65 -17.21
CA TRP E 363 -22.34 -37.57 -16.25
C TRP E 363 -22.77 -38.06 -14.88
N HIS E 364 -21.92 -37.83 -13.88
CA HIS E 364 -22.19 -38.23 -12.52
C HIS E 364 -21.98 -37.04 -11.59
N LYS E 365 -22.67 -37.07 -10.45
CA LYS E 365 -22.41 -36.09 -9.42
C LYS E 365 -21.07 -36.36 -8.75
N SER E 366 -20.73 -35.53 -7.76
CA SER E 366 -19.53 -35.78 -6.98
C SER E 366 -19.62 -37.04 -6.15
N ILE E 367 -20.82 -37.61 -6.00
CA ILE E 367 -21.05 -38.79 -5.19
C ILE E 367 -21.84 -39.80 -6.02
N VAL E 368 -21.37 -41.06 -6.03
CA VAL E 368 -21.98 -42.11 -6.82
C VAL E 368 -22.11 -43.36 -5.97
N SER E 369 -22.98 -44.26 -6.41
CA SER E 369 -23.19 -45.54 -5.76
C SER E 369 -22.57 -46.66 -6.59
N PHE E 370 -22.76 -47.91 -6.15
CA PHE E 370 -22.19 -49.06 -6.84
C PHE E 370 -22.97 -49.44 -8.10
N ARG E 371 -24.18 -48.91 -8.28
CA ARG E 371 -24.99 -49.28 -9.45
C ARG E 371 -24.30 -48.87 -10.75
N GLN E 372 -23.68 -47.70 -10.77
CA GLN E 372 -22.99 -47.22 -11.97
C GLN E 372 -21.58 -47.78 -12.10
N LEU E 373 -21.24 -48.83 -11.34
CA LEU E 373 -19.92 -49.43 -11.42
C LEU E 373 -19.95 -50.96 -11.54
N ARG E 374 -21.12 -51.58 -11.62
CA ARG E 374 -21.20 -53.03 -11.70
C ARG E 374 -20.54 -53.55 -12.98
N GLU E 375 -20.77 -52.88 -14.11
CA GLU E 375 -20.18 -53.34 -15.36
C GLU E 375 -18.68 -53.13 -15.39
N GLU E 376 -18.20 -52.01 -14.84
CA GLU E 376 -16.78 -51.71 -14.88
C GLU E 376 -15.98 -52.72 -14.06
N VAL E 377 -16.46 -53.07 -12.87
CA VAL E 377 -15.74 -54.03 -12.04
C VAL E 377 -15.76 -55.42 -12.66
N LEU E 378 -16.86 -55.77 -13.34
CA LEU E 378 -16.92 -57.05 -14.03
C LEU E 378 -15.91 -57.10 -15.17
N GLY E 379 -15.79 -55.99 -15.91
CA GLY E 379 -14.84 -55.95 -17.01
C GLY E 379 -13.40 -56.09 -16.54
N GLU E 380 -13.05 -55.39 -15.46
CA GLU E 380 -11.69 -55.50 -14.93
C GLU E 380 -11.41 -56.90 -14.40
N LEU E 381 -12.44 -57.61 -13.96
CA LEU E 381 -12.27 -58.96 -13.44
C LEU E 381 -11.95 -59.97 -14.54
N SER E 382 -12.39 -59.72 -15.78
CA SER E 382 -12.15 -60.63 -16.90
C SER E 382 -11.20 -60.04 -17.94
N ASN E 383 -10.70 -58.84 -17.74
CA ASN E 383 -9.79 -58.17 -18.67
C ASN E 383 -8.61 -57.58 -17.91
N VAL E 384 -7.98 -58.40 -17.06
CA VAL E 384 -6.85 -57.94 -16.26
C VAL E 384 -5.71 -57.47 -17.16
N GLU E 385 -5.60 -58.04 -18.37
CA GLU E 385 -4.59 -57.55 -19.31
C GLU E 385 -4.95 -56.16 -19.84
N GLN E 386 -6.24 -55.83 -19.89
CA GLN E 386 -6.69 -54.52 -20.34
C GLN E 386 -6.76 -53.50 -19.20
N ALA E 387 -6.49 -53.91 -17.96
CA ALA E 387 -6.51 -52.97 -16.85
C ALA E 387 -5.44 -51.91 -16.97
N ALA E 388 -4.36 -52.19 -17.70
CA ALA E 388 -3.28 -51.25 -17.94
C ALA E 388 -3.38 -50.72 -19.38
N GLY E 389 -2.36 -49.97 -19.78
CA GLY E 389 -2.33 -49.37 -21.10
C GLY E 389 -1.91 -50.36 -22.17
N LEU E 390 -1.62 -49.82 -23.35
CA LEU E 390 -1.24 -50.63 -24.50
C LEU E 390 0.15 -51.23 -24.30
N ARG E 391 0.43 -52.27 -25.08
CA ARG E 391 1.70 -52.99 -25.01
C ARG E 391 2.59 -52.51 -26.16
N TRP E 392 3.81 -52.09 -25.82
CA TRP E 392 4.75 -51.64 -26.83
C TRP E 392 5.23 -52.82 -27.69
N SER E 393 5.34 -52.57 -29.00
CA SER E 393 5.78 -53.58 -29.94
C SER E 393 7.28 -53.54 -30.20
N ARG E 394 8.01 -52.64 -29.54
CA ARG E 394 9.45 -52.52 -29.75
C ARG E 394 10.26 -52.50 -28.47
N PHE E 395 9.63 -52.44 -27.29
CA PHE E 395 10.34 -52.40 -26.01
C PHE E 395 9.73 -53.45 -25.07
N PRO E 396 10.00 -54.74 -25.32
CA PRO E 396 9.50 -55.77 -24.39
C PRO E 396 10.04 -55.61 -22.98
N ASP E 397 11.30 -55.17 -22.84
CA ASP E 397 11.88 -54.99 -21.51
C ASP E 397 11.19 -53.86 -20.76
N LEU E 398 10.85 -52.77 -21.45
CA LEU E 398 10.08 -51.71 -20.82
C LEU E 398 8.66 -52.15 -20.54
N ASN E 399 8.11 -53.04 -21.36
CA ASN E 399 6.75 -53.51 -21.15
C ASN E 399 6.64 -54.38 -19.91
N ARG E 400 7.67 -55.17 -19.61
CA ARG E 400 7.58 -56.10 -18.49
C ARG E 400 7.66 -55.40 -17.14
N ILE E 401 8.03 -54.13 -17.10
CA ILE E 401 8.15 -53.38 -15.84
C ILE E 401 7.06 -52.32 -15.73
N LEU E 402 6.88 -51.49 -16.77
CA LEU E 402 5.85 -50.46 -16.71
C LEU E 402 4.46 -51.05 -16.90
N LYS E 403 4.34 -52.15 -17.64
CA LYS E 403 3.14 -52.95 -17.84
C LYS E 403 2.05 -52.22 -18.61
N GLY E 404 2.27 -50.99 -19.06
CA GLY E 404 1.27 -50.31 -19.86
C GLY E 404 1.48 -48.81 -19.85
N HIS E 405 0.64 -48.13 -20.63
CA HIS E 405 0.65 -46.68 -20.78
C HIS E 405 -0.78 -46.19 -20.55
N ARG E 406 -1.06 -45.77 -19.32
CA ARG E 406 -2.42 -45.38 -18.93
C ARG E 406 -2.67 -43.93 -19.35
N LYS E 407 -3.81 -43.39 -18.95
CA LYS E 407 -4.20 -42.02 -19.24
C LYS E 407 -4.25 -41.21 -17.95
N GLY E 408 -3.80 -39.96 -18.03
CA GLY E 408 -3.79 -39.07 -16.89
C GLY E 408 -2.51 -39.13 -16.06
N GLU E 409 -1.84 -40.28 -16.04
CA GLU E 409 -0.60 -40.40 -15.30
C GLU E 409 0.50 -39.56 -15.96
N LEU E 410 1.36 -39.00 -15.12
CA LEU E 410 2.46 -38.15 -15.57
C LEU E 410 3.79 -38.80 -15.22
N THR E 411 4.68 -38.88 -16.20
CA THR E 411 5.99 -39.47 -16.03
C THR E 411 7.06 -38.47 -16.44
N VAL E 412 8.23 -38.55 -15.79
CA VAL E 412 9.35 -37.66 -16.05
C VAL E 412 10.53 -38.48 -16.52
N PHE E 413 11.16 -38.04 -17.60
CA PHE E 413 12.32 -38.70 -18.18
C PHE E 413 13.54 -37.81 -18.02
N THR E 414 14.69 -38.41 -17.69
CA THR E 414 15.90 -37.63 -17.46
C THR E 414 17.12 -38.49 -17.77
N GLY E 415 18.25 -37.81 -17.96
CA GLY E 415 19.50 -38.48 -18.22
C GLY E 415 20.60 -37.48 -18.55
N PRO E 416 21.86 -37.93 -18.50
CA PRO E 416 22.97 -37.04 -18.85
C PRO E 416 22.91 -36.61 -20.32
N THR E 417 23.37 -35.40 -20.58
CA THR E 417 23.38 -34.87 -21.93
C THR E 417 24.40 -35.61 -22.80
N GLY E 418 24.14 -35.59 -24.11
CA GLY E 418 25.00 -36.26 -25.06
C GLY E 418 24.74 -37.74 -25.25
N SER E 419 23.75 -38.30 -24.54
CA SER E 419 23.39 -39.70 -24.67
C SER E 419 22.26 -39.91 -25.67
N GLY E 420 21.83 -38.87 -26.36
CA GLY E 420 20.73 -38.97 -27.29
C GLY E 420 19.41 -39.31 -26.62
N LYS E 421 19.11 -38.62 -25.51
CA LYS E 421 17.90 -38.86 -24.76
C LYS E 421 16.68 -38.31 -25.49
N THR E 422 16.93 -37.50 -26.52
CA THR E 422 15.88 -36.96 -27.36
C THR E 422 15.48 -37.91 -28.49
N THR E 423 16.38 -38.79 -28.90
CA THR E 423 16.03 -39.79 -29.90
C THR E 423 15.18 -40.90 -29.30
N PHE E 424 15.47 -41.31 -28.05
CA PHE E 424 14.71 -42.38 -27.43
C PHE E 424 13.25 -41.99 -27.23
N ILE E 425 13.00 -40.76 -26.77
CA ILE E 425 11.63 -40.34 -26.53
C ILE E 425 10.85 -40.27 -27.84
N SER E 426 11.52 -39.91 -28.94
CA SER E 426 10.86 -39.98 -30.25
C SER E 426 10.52 -41.41 -30.61
N GLU E 427 11.43 -42.35 -30.34
CA GLU E 427 11.14 -43.75 -30.57
C GLU E 427 10.03 -44.24 -29.66
N TYR E 428 10.03 -43.81 -28.40
CA TYR E 428 8.98 -44.22 -27.47
C TYR E 428 7.61 -43.72 -27.92
N ALA E 429 7.54 -42.47 -28.36
CA ALA E 429 6.27 -41.92 -28.82
C ALA E 429 5.83 -42.56 -30.13
N LEU E 430 6.78 -42.81 -31.04
CA LEU E 430 6.44 -43.36 -32.35
C LEU E 430 5.85 -44.76 -32.24
N ASP E 431 6.41 -45.60 -31.36
CA ASP E 431 5.89 -46.95 -31.19
C ASP E 431 4.46 -46.93 -30.68
N LEU E 432 4.17 -46.07 -29.69
CA LEU E 432 2.80 -45.93 -29.21
C LEU E 432 1.92 -45.28 -30.26
N CYS E 433 2.47 -44.35 -31.04
CA CYS E 433 1.70 -43.71 -32.10
C CYS E 433 1.29 -44.70 -33.19
N SER E 434 2.13 -45.72 -33.44
CA SER E 434 1.83 -46.69 -34.48
C SER E 434 0.61 -47.54 -34.15
N GLN E 435 0.21 -47.60 -32.88
CA GLN E 435 -0.92 -48.40 -32.45
C GLN E 435 -2.23 -47.61 -32.42
N GLY E 436 -2.20 -46.34 -32.83
CA GLY E 436 -3.40 -45.54 -32.88
C GLY E 436 -3.60 -44.66 -31.66
N VAL E 437 -2.55 -43.94 -31.26
CA VAL E 437 -2.60 -43.03 -30.12
C VAL E 437 -2.20 -41.64 -30.61
N ASN E 438 -3.02 -40.64 -30.29
CA ASN E 438 -2.73 -39.27 -30.69
C ASN E 438 -1.59 -38.72 -29.86
N THR E 439 -0.55 -38.22 -30.52
CA THR E 439 0.63 -37.70 -29.86
C THR E 439 0.91 -36.28 -30.34
N LEU E 440 1.38 -35.44 -29.42
CA LEU E 440 1.72 -34.06 -29.70
C LEU E 440 3.15 -33.79 -29.23
N TRP E 441 3.90 -33.07 -30.04
CA TRP E 441 5.30 -32.74 -29.75
C TRP E 441 5.44 -31.25 -29.50
N GLY E 442 5.94 -30.90 -28.32
CA GLY E 442 6.22 -29.52 -27.99
C GLY E 442 7.70 -29.31 -27.68
N SER E 443 8.56 -29.95 -28.48
CA SER E 443 9.99 -29.90 -28.22
C SER E 443 10.51 -28.47 -28.35
N PHE E 444 11.37 -28.08 -27.40
CA PHE E 444 11.98 -26.76 -27.38
C PHE E 444 13.49 -26.91 -27.42
N GLU E 445 14.14 -26.00 -28.16
CA GLU E 445 15.60 -26.03 -28.35
C GLU E 445 16.06 -27.31 -29.04
N ILE E 446 15.19 -27.90 -29.83
CA ILE E 446 15.51 -29.13 -30.56
C ILE E 446 15.46 -28.96 -32.07
N SER E 447 14.95 -27.83 -32.57
CA SER E 447 14.79 -27.59 -34.01
C SER E 447 13.90 -28.67 -34.64
N ASN E 448 12.63 -28.61 -34.26
CA ASN E 448 11.61 -29.61 -34.59
C ASN E 448 11.63 -30.06 -36.04
N VAL E 449 12.13 -29.20 -36.94
CA VAL E 449 12.32 -29.62 -38.33
C VAL E 449 13.31 -30.78 -38.39
N ARG E 450 14.42 -30.67 -37.63
CA ARG E 450 15.35 -31.79 -37.54
C ARG E 450 14.71 -32.98 -36.81
N LEU E 451 13.88 -32.69 -35.81
CA LEU E 451 13.22 -33.77 -35.07
C LEU E 451 12.31 -34.59 -35.98
N ALA E 452 11.62 -33.92 -36.90
CA ALA E 452 10.77 -34.65 -37.85
C ALA E 452 11.60 -35.61 -38.70
N ARG E 453 12.78 -35.17 -39.13
CA ARG E 453 13.66 -36.05 -39.90
C ARG E 453 14.07 -37.27 -39.07
N VAL E 454 14.45 -37.05 -37.80
CA VAL E 454 14.86 -38.16 -36.96
C VAL E 454 13.72 -39.14 -36.73
N MET E 455 12.53 -38.61 -36.44
CA MET E 455 11.38 -39.48 -36.19
C MET E 455 10.99 -40.25 -37.44
N LEU E 456 11.06 -39.61 -38.61
CA LEU E 456 10.73 -40.29 -39.85
C LEU E 456 11.71 -41.43 -40.14
N THR E 457 13.00 -41.21 -39.86
CA THR E 457 13.98 -42.28 -40.04
C THR E 457 13.68 -43.45 -39.12
N GLN E 458 13.21 -43.16 -37.90
CA GLN E 458 12.81 -44.23 -36.98
C GLN E 458 11.62 -45.00 -37.55
N PHE E 459 10.68 -44.30 -38.19
CA PHE E 459 9.56 -44.98 -38.82
C PHE E 459 10.02 -45.91 -39.94
N ALA E 460 11.00 -45.47 -40.73
CA ALA E 460 11.52 -46.31 -41.79
C ALA E 460 12.31 -47.51 -41.27
N GLU E 461 12.68 -47.50 -39.98
CA GLU E 461 13.46 -48.58 -39.37
C GLU E 461 14.76 -48.82 -40.13
N GLY E 462 15.47 -47.73 -40.41
CA GLY E 462 16.71 -47.84 -41.16
C GLY E 462 17.22 -46.46 -41.52
N ARG E 463 18.10 -46.43 -42.52
CA ARG E 463 18.73 -45.21 -42.98
C ARG E 463 18.04 -44.74 -44.26
N LEU E 464 17.45 -43.54 -44.20
CA LEU E 464 16.74 -42.98 -45.34
C LEU E 464 17.67 -42.32 -46.36
N GLU E 465 18.94 -42.11 -46.01
CA GLU E 465 19.87 -41.51 -46.96
C GLU E 465 20.09 -42.42 -48.17
N ASP E 466 20.24 -43.72 -47.94
CA ASP E 466 20.40 -44.66 -49.06
C ASP E 466 19.08 -44.90 -49.78
N GLN E 467 17.96 -44.82 -49.07
CA GLN E 467 16.64 -45.08 -49.63
C GLN E 467 15.93 -43.80 -50.06
N LEU E 468 16.69 -42.79 -50.50
CA LEU E 468 16.07 -41.53 -50.91
C LEU E 468 15.19 -41.72 -52.15
N ASP E 469 15.47 -42.73 -52.96
CA ASP E 469 14.64 -42.98 -54.14
C ASP E 469 13.23 -43.39 -53.73
N LYS E 470 13.12 -44.25 -52.73
CA LYS E 470 11.81 -44.69 -52.22
C LYS E 470 11.41 -43.86 -51.00
N TYR E 471 11.20 -42.57 -51.23
CA TYR E 471 10.87 -41.62 -50.18
C TYR E 471 9.41 -41.21 -50.18
N ASP E 472 8.77 -41.14 -51.34
CA ASP E 472 7.35 -40.77 -51.39
C ASP E 472 6.48 -41.84 -50.74
N HIS E 473 6.85 -43.11 -50.88
CA HIS E 473 6.07 -44.18 -50.30
C HIS E 473 6.05 -44.09 -48.78
N TRP E 474 7.21 -43.85 -48.17
CA TRP E 474 7.26 -43.70 -46.71
C TRP E 474 6.67 -42.38 -46.26
N ALA E 475 6.75 -41.34 -47.09
CA ALA E 475 6.13 -40.07 -46.75
C ALA E 475 4.61 -40.21 -46.64
N ASP E 476 4.00 -40.94 -47.59
CA ASP E 476 2.56 -41.17 -47.51
C ASP E 476 2.21 -42.01 -46.29
N ARG E 477 3.01 -43.03 -45.99
CA ARG E 477 2.77 -43.84 -44.79
C ARG E 477 2.97 -43.02 -43.52
N PHE E 478 3.87 -42.04 -43.56
CA PHE E 478 4.10 -41.20 -42.39
C PHE E 478 2.94 -40.26 -42.11
N GLU E 479 2.28 -39.77 -43.17
CA GLU E 479 1.22 -38.78 -43.02
C GLU E 479 -0.16 -39.44 -42.91
N ASP E 480 -0.26 -40.48 -42.10
CA ASP E 480 -1.54 -41.05 -41.73
C ASP E 480 -1.66 -41.40 -40.26
N LEU E 481 -0.56 -41.46 -39.51
CA LEU E 481 -0.64 -41.67 -38.07
C LEU E 481 -1.07 -40.38 -37.38
N PRO E 482 -1.71 -40.48 -36.22
CA PRO E 482 -2.00 -39.26 -35.44
C PRO E 482 -0.74 -38.72 -34.79
N LEU E 483 -0.18 -37.65 -35.35
CA LEU E 483 1.08 -37.10 -34.88
C LEU E 483 1.12 -35.62 -35.22
N TYR E 484 1.35 -34.79 -34.20
CA TYR E 484 1.30 -33.34 -34.34
C TYR E 484 2.46 -32.71 -33.60
N PHE E 485 2.79 -31.49 -33.99
CA PHE E 485 3.92 -30.76 -33.44
C PHE E 485 3.50 -29.38 -33.00
N MET E 486 4.23 -28.82 -32.04
CA MET E 486 4.00 -27.47 -31.55
C MET E 486 5.13 -26.56 -32.01
N THR E 487 4.78 -25.43 -32.60
CA THR E 487 5.74 -24.46 -33.10
C THR E 487 5.62 -23.18 -32.27
N PHE E 488 6.58 -22.96 -31.37
CA PHE E 488 6.65 -21.76 -30.57
C PHE E 488 7.87 -20.95 -30.99
N HIS E 489 7.63 -19.77 -31.57
CA HIS E 489 8.72 -18.95 -32.08
C HIS E 489 9.28 -18.04 -30.98
N GLY E 490 8.42 -17.27 -30.34
CA GLY E 490 8.85 -16.35 -29.31
C GLY E 490 8.16 -16.57 -27.97
N GLN E 491 6.99 -17.19 -27.99
CA GLN E 491 6.23 -17.42 -26.77
C GLN E 491 6.89 -18.51 -25.93
N GLN E 492 7.13 -18.22 -24.66
CA GLN E 492 7.74 -19.17 -23.75
C GLN E 492 7.06 -19.24 -22.39
N SER E 493 6.05 -18.42 -22.12
CA SER E 493 5.44 -18.38 -20.80
C SER E 493 4.67 -19.67 -20.53
N ILE E 494 4.57 -20.01 -19.24
CA ILE E 494 3.88 -21.23 -18.84
C ILE E 494 2.39 -21.13 -19.14
N ARG E 495 1.80 -19.93 -18.97
CA ARG E 495 0.39 -19.77 -19.26
C ARG E 495 0.08 -20.01 -20.74
N THR E 496 0.95 -19.52 -21.63
CA THR E 496 0.70 -19.64 -23.06
C THR E 496 0.69 -21.11 -23.48
N VAL E 497 1.67 -21.89 -23.00
CA VAL E 497 1.79 -23.27 -23.44
C VAL E 497 0.62 -24.11 -22.92
N ILE E 498 0.06 -23.74 -21.76
CA ILE E 498 -1.01 -24.53 -21.17
C ILE E 498 -2.27 -24.44 -22.03
N ASP E 499 -2.66 -23.22 -22.43
CA ASP E 499 -3.87 -23.06 -23.23
C ASP E 499 -3.72 -23.69 -24.61
N THR E 500 -2.54 -23.57 -25.21
CA THR E 500 -2.31 -24.20 -26.51
C THR E 500 -2.40 -25.71 -26.41
N MET E 501 -1.83 -26.30 -25.36
CA MET E 501 -1.98 -27.73 -25.13
C MET E 501 -3.44 -28.09 -24.88
N GLN E 502 -4.14 -27.28 -24.10
CA GLN E 502 -5.57 -27.50 -23.89
C GLN E 502 -6.35 -27.35 -25.19
N HIS E 503 -5.97 -26.35 -26.01
CA HIS E 503 -6.62 -26.16 -27.30
C HIS E 503 -6.37 -27.36 -28.21
N ALA E 504 -5.14 -27.90 -28.19
CA ALA E 504 -4.83 -29.04 -29.04
C ALA E 504 -5.67 -30.26 -28.70
N VAL E 505 -5.89 -30.50 -27.41
CA VAL E 505 -6.70 -31.65 -27.00
C VAL E 505 -8.13 -31.50 -27.50
N TYR E 506 -8.70 -30.29 -27.39
CA TYR E 506 -10.07 -30.08 -27.83
C TYR E 506 -10.21 -30.27 -29.33
N VAL E 507 -9.23 -29.82 -30.11
CA VAL E 507 -9.39 -29.79 -31.57
C VAL E 507 -9.07 -31.14 -32.21
N TYR E 508 -8.13 -31.91 -31.67
CA TYR E 508 -7.69 -33.13 -32.32
C TYR E 508 -7.60 -34.33 -31.37
N ASP E 509 -8.19 -34.24 -30.17
CA ASP E 509 -8.21 -35.35 -29.21
C ASP E 509 -6.80 -35.84 -28.91
N ILE E 510 -5.93 -34.90 -28.52
CA ILE E 510 -4.54 -35.23 -28.20
C ILE E 510 -4.53 -36.07 -26.94
N CYS E 511 -4.10 -37.33 -27.07
CA CYS E 511 -4.05 -38.27 -25.95
C CYS E 511 -2.65 -38.40 -25.37
N HIS E 512 -1.67 -37.69 -25.91
CA HIS E 512 -0.29 -37.80 -25.42
C HIS E 512 0.46 -36.54 -25.79
N VAL E 513 1.07 -35.90 -24.79
CA VAL E 513 1.86 -34.69 -24.98
C VAL E 513 3.26 -34.93 -24.43
N ILE E 514 4.27 -34.62 -25.24
CA ILE E 514 5.67 -34.77 -24.84
C ILE E 514 6.39 -33.46 -25.11
N ILE E 515 7.09 -32.97 -24.09
CA ILE E 515 7.90 -31.75 -24.19
C ILE E 515 9.35 -32.14 -23.95
N ASP E 516 10.24 -31.74 -24.86
CA ASP E 516 11.62 -32.18 -24.80
C ASP E 516 12.41 -31.41 -23.75
N ASN E 517 12.38 -30.08 -23.81
CA ASN E 517 13.15 -29.23 -22.90
C ASN E 517 12.18 -28.43 -22.04
N LEU E 518 12.37 -28.52 -20.72
CA LEU E 518 11.57 -27.75 -19.77
C LEU E 518 12.25 -26.45 -19.35
N GLN E 519 13.57 -26.40 -19.43
CA GLN E 519 14.29 -25.18 -19.05
C GLN E 519 13.96 -24.03 -20.00
N PHE E 520 13.78 -24.33 -21.29
CA PHE E 520 13.42 -23.29 -22.26
C PHE E 520 12.09 -22.66 -21.92
N MET E 521 11.19 -23.41 -21.28
CA MET E 521 9.90 -22.85 -20.88
C MET E 521 10.06 -21.87 -19.73
N MET E 522 11.07 -22.03 -18.90
CA MET E 522 11.31 -21.13 -17.77
C MET E 522 11.66 -19.73 -18.26
N GLY E 523 12.46 -19.66 -19.32
CA GLY E 523 12.87 -18.39 -19.89
N THR E 529 17.58 -20.33 -5.44
CA THR E 529 16.38 -21.09 -5.08
C THR E 529 15.21 -20.74 -6.00
N ASP E 530 15.39 -19.67 -6.78
CA ASP E 530 14.34 -19.27 -7.71
C ASP E 530 14.12 -20.32 -8.79
N ARG E 531 15.19 -20.90 -9.31
CA ARG E 531 15.06 -21.93 -10.34
C ARG E 531 14.36 -23.17 -9.80
N ILE E 532 14.68 -23.57 -8.56
CA ILE E 532 14.03 -24.73 -7.96
C ILE E 532 12.55 -24.46 -7.74
N ALA E 533 12.22 -23.28 -7.22
CA ALA E 533 10.82 -22.93 -7.01
C ALA E 533 10.06 -22.85 -8.34
N ALA E 534 10.67 -22.26 -9.36
CA ALA E 534 10.03 -22.17 -10.66
C ALA E 534 9.83 -23.55 -11.27
N GLN E 535 10.83 -24.42 -11.14
CA GLN E 535 10.70 -25.78 -11.67
C GLN E 535 9.60 -26.56 -10.96
N ASP E 536 9.50 -26.40 -9.63
CA ASP E 536 8.45 -27.07 -8.89
C ASP E 536 7.07 -26.58 -9.32
N TYR E 537 6.93 -25.27 -9.56
CA TYR E 537 5.64 -24.70 -9.92
C TYR E 537 5.15 -25.24 -11.25
N ILE E 538 6.02 -25.27 -12.26
CA ILE E 538 5.59 -25.67 -13.60
C ILE E 538 5.25 -27.15 -13.63
N ILE E 539 5.99 -27.98 -12.89
CA ILE E 539 5.72 -29.40 -12.84
C ILE E 539 4.33 -29.65 -12.25
N GLY E 540 3.99 -28.92 -11.18
CA GLY E 540 2.66 -29.04 -10.61
C GLY E 540 1.57 -28.63 -11.58
N VAL E 541 1.83 -27.61 -12.38
CA VAL E 541 0.86 -27.18 -13.39
C VAL E 541 0.63 -28.29 -14.42
N PHE E 542 1.70 -28.92 -14.89
CA PHE E 542 1.57 -30.02 -15.83
C PHE E 542 0.82 -31.19 -15.21
N ARG E 543 1.11 -31.50 -13.94
CA ARG E 543 0.38 -32.56 -13.26
C ARG E 543 -1.10 -32.20 -13.13
N LYS E 544 -1.40 -30.94 -12.81
CA LYS E 544 -2.79 -30.50 -12.77
C LYS E 544 -3.43 -30.60 -14.14
N PHE E 545 -2.72 -30.17 -15.19
CA PHE E 545 -3.25 -30.27 -16.54
C PHE E 545 -3.46 -31.72 -16.97
N ALA E 546 -2.49 -32.59 -16.66
CA ALA E 546 -2.60 -33.99 -17.05
C ALA E 546 -3.75 -34.68 -16.35
N THR E 547 -3.93 -34.42 -15.05
CA THR E 547 -4.99 -35.07 -14.30
C THR E 547 -6.36 -34.56 -14.71
N ASP E 548 -6.49 -33.23 -14.89
CA ASP E 548 -7.78 -32.66 -15.24
C ASP E 548 -8.23 -33.09 -16.64
N ASN E 549 -7.31 -33.10 -17.59
CA ASN E 549 -7.64 -33.42 -18.97
C ASN E 549 -7.46 -34.90 -19.30
N ASN E 550 -6.98 -35.72 -18.36
CA ASN E 550 -6.78 -37.14 -18.53
C ASN E 550 -5.78 -37.47 -19.64
N CYS E 551 -5.00 -36.49 -20.09
CA CYS E 551 -4.03 -36.71 -21.16
C CYS E 551 -2.67 -37.03 -20.57
N HIS E 552 -2.06 -38.11 -21.05
CA HIS E 552 -0.74 -38.50 -20.59
C HIS E 552 0.30 -37.49 -21.05
N VAL E 553 1.13 -37.02 -20.11
CA VAL E 553 2.15 -36.02 -20.39
C VAL E 553 3.50 -36.55 -19.93
N THR E 554 4.49 -36.42 -20.79
CA THR E 554 5.85 -36.86 -20.52
C THR E 554 6.77 -35.66 -20.60
N LEU E 555 7.55 -35.43 -19.54
CA LEU E 555 8.48 -34.30 -19.47
C LEU E 555 9.90 -34.84 -19.43
N VAL E 556 10.74 -34.31 -20.32
CA VAL E 556 12.16 -34.65 -20.32
C VAL E 556 12.92 -33.50 -19.68
N ILE E 557 13.75 -33.82 -18.69
CA ILE E 557 14.44 -32.82 -17.87
C ILE E 557 15.90 -32.75 -18.31
N HIS E 558 16.36 -31.53 -18.59
CA HIS E 558 17.76 -31.30 -18.94
C HIS E 558 18.50 -30.76 -17.72
N PRO E 559 19.50 -31.46 -17.19
CA PRO E 559 20.26 -31.00 -16.02
C PRO E 559 21.12 -29.77 -16.31
N GLY E 575 15.48 -36.32 -10.04
CA GLY E 575 16.62 -35.47 -9.80
C GLY E 575 16.25 -34.20 -9.06
N SER E 576 15.31 -33.44 -9.62
CA SER E 576 14.89 -32.19 -9.01
C SER E 576 14.12 -32.47 -7.72
N ALA E 577 14.27 -31.56 -6.75
CA ALA E 577 13.59 -31.70 -5.48
C ALA E 577 12.09 -31.52 -5.64
N LYS E 578 11.32 -32.28 -4.85
CA LYS E 578 9.86 -32.29 -4.80
C LYS E 578 9.22 -32.78 -6.10
N ALA E 579 10.00 -33.18 -7.09
CA ALA E 579 9.43 -33.65 -8.34
C ALA E 579 8.88 -35.07 -8.22
N SER E 580 9.51 -35.91 -7.42
CA SER E 580 9.07 -37.31 -7.30
C SER E 580 7.67 -37.41 -6.71
N GLN E 581 7.37 -36.58 -5.70
CA GLN E 581 6.06 -36.64 -5.06
C GLN E 581 4.95 -36.27 -6.03
N GLU E 582 5.16 -35.23 -6.83
CA GLU E 582 4.13 -34.81 -7.78
C GLU E 582 4.03 -35.77 -8.95
N ALA E 583 5.16 -36.23 -9.47
CA ALA E 583 5.15 -37.13 -10.61
C ALA E 583 4.70 -38.53 -10.20
N ASP E 584 4.19 -39.28 -11.17
CA ASP E 584 3.73 -40.64 -10.95
C ASP E 584 4.78 -41.69 -11.30
N ASN E 585 5.56 -41.47 -12.36
CA ASN E 585 6.60 -42.39 -12.77
C ASN E 585 7.87 -41.62 -13.10
N VAL E 586 9.01 -42.29 -12.96
CA VAL E 586 10.32 -41.71 -13.26
C VAL E 586 11.08 -42.66 -14.18
N LEU E 587 11.73 -42.10 -15.20
CA LEU E 587 12.58 -42.85 -16.11
C LEU E 587 13.94 -42.15 -16.18
N ILE E 588 15.00 -42.92 -15.97
CA ILE E 588 16.36 -42.39 -15.96
C ILE E 588 17.18 -43.19 -16.97
N LEU E 589 17.83 -42.48 -17.88
CA LEU E 589 18.66 -43.10 -18.92
C LEU E 589 20.11 -42.73 -18.64
N GLN E 590 20.79 -43.56 -17.85
CA GLN E 590 22.18 -43.37 -17.51
C GLN E 590 23.08 -44.06 -18.53
N ASP E 591 24.37 -43.75 -18.47
CA ASP E 591 25.37 -44.29 -19.37
C ASP E 591 26.43 -45.04 -18.59
N ARG E 592 27.05 -46.02 -19.25
CA ARG E 592 28.09 -46.81 -18.63
C ARG E 592 29.28 -47.01 -19.58
N GLY E 599 27.87 -46.67 -27.75
CA GLY E 599 26.54 -46.12 -27.53
C GLY E 599 25.61 -47.07 -26.81
N LYS E 600 26.07 -47.59 -25.66
CA LYS E 600 25.30 -48.51 -24.85
C LYS E 600 24.85 -47.82 -23.57
N ARG E 601 23.56 -47.90 -23.27
CA ARG E 601 23.01 -47.26 -22.08
C ARG E 601 22.02 -48.18 -21.39
N TYR E 602 21.45 -47.73 -20.27
CA TYR E 602 20.49 -48.53 -19.53
C TYR E 602 19.43 -47.62 -18.91
N LEU E 603 18.20 -48.11 -18.87
CA LEU E 603 17.06 -47.37 -18.33
C LEU E 603 16.70 -47.94 -16.96
N GLN E 604 16.54 -47.05 -15.99
CA GLN E 604 16.17 -47.42 -14.63
C GLN E 604 14.90 -46.68 -14.22
N VAL E 605 13.94 -47.44 -13.68
CA VAL E 605 12.69 -46.89 -13.18
C VAL E 605 12.60 -47.18 -11.69
N SER E 606 12.36 -46.13 -10.89
CA SER E 606 12.31 -46.27 -9.44
C SER E 606 10.99 -45.79 -8.85
N LYS E 607 9.96 -45.60 -9.66
CA LYS E 607 8.66 -45.15 -9.17
C LYS E 607 7.60 -45.58 -10.16
N ASN E 608 6.66 -46.41 -9.71
CA ASN E 608 5.55 -46.90 -10.54
C ASN E 608 4.26 -46.69 -9.76
N ARG E 609 3.47 -45.69 -10.17
CA ARG E 609 2.21 -45.42 -9.49
C ARG E 609 1.22 -46.58 -9.66
N PHE E 610 1.12 -47.12 -10.87
CA PHE E 610 0.09 -48.11 -11.14
C PHE E 610 0.44 -49.47 -10.57
N ASP E 611 1.73 -49.84 -10.59
CA ASP E 611 2.15 -51.18 -10.20
C ASP E 611 3.12 -51.22 -9.03
N GLY E 612 3.94 -50.19 -8.83
CA GLY E 612 4.94 -50.25 -7.78
C GLY E 612 6.11 -51.15 -8.10
N ASP E 613 6.38 -51.39 -9.37
CA ASP E 613 7.46 -52.27 -9.80
C ASP E 613 8.64 -51.44 -10.29
N VAL E 614 9.83 -51.77 -9.81
CA VAL E 614 11.05 -51.06 -10.16
C VAL E 614 12.01 -52.05 -10.84
N GLY E 615 13.02 -51.49 -11.51
CA GLY E 615 14.01 -52.31 -12.17
C GLY E 615 14.88 -51.48 -13.08
N VAL E 616 15.79 -52.16 -13.76
CA VAL E 616 16.72 -51.51 -14.68
C VAL E 616 17.14 -52.52 -15.73
N PHE E 617 17.18 -52.08 -16.99
CA PHE E 617 17.55 -52.94 -18.10
C PHE E 617 18.46 -52.19 -19.06
N PRO E 618 19.43 -52.86 -19.67
CA PRO E 618 20.32 -52.19 -20.63
C PRO E 618 19.67 -52.04 -21.99
N LEU E 619 20.26 -51.15 -22.80
CA LEU E 619 19.81 -50.91 -24.15
C LEU E 619 21.01 -50.72 -25.07
N GLU E 620 20.84 -51.11 -26.33
CA GLU E 620 21.86 -50.94 -27.36
C GLU E 620 21.31 -50.01 -28.44
N PHE E 621 22.02 -48.93 -28.72
CA PHE E 621 21.60 -47.94 -29.71
C PHE E 621 22.47 -48.02 -30.94
N ASN E 622 21.84 -48.07 -32.11
CA ASN E 622 22.52 -48.10 -33.39
C ASN E 622 22.22 -46.80 -34.14
N LYS E 623 23.27 -46.09 -34.54
CA LYS E 623 23.09 -44.82 -35.25
C LYS E 623 22.67 -45.02 -36.70
N ASN E 624 22.86 -46.23 -37.24
CA ASN E 624 22.48 -46.49 -38.63
C ASN E 624 20.97 -46.39 -38.81
N SER E 625 20.20 -46.92 -37.87
CA SER E 625 18.75 -46.89 -37.94
C SER E 625 18.10 -45.98 -36.91
N LEU E 626 18.87 -45.44 -35.97
CA LEU E 626 18.35 -44.56 -34.91
C LEU E 626 17.27 -45.26 -34.10
N THR E 627 17.43 -46.56 -33.89
CA THR E 627 16.48 -47.37 -33.16
C THR E 627 17.21 -48.17 -32.08
N PHE E 628 16.73 -48.09 -30.85
CA PHE E 628 17.33 -48.84 -29.76
C PHE E 628 16.98 -50.32 -29.88
N SER E 629 17.84 -51.16 -29.31
CA SER E 629 17.67 -52.61 -29.37
C SER E 629 18.30 -53.22 -28.13
N ILE E 630 18.01 -54.50 -27.91
CA ILE E 630 18.55 -55.23 -26.77
C ILE E 630 18.87 -56.66 -27.17
N PRO F 54 8.29 4.29 -32.07
CA PRO F 54 7.57 4.16 -30.80
C PRO F 54 6.09 4.52 -30.91
N VAL F 55 5.54 4.39 -32.11
CA VAL F 55 4.14 4.70 -32.37
C VAL F 55 3.44 3.42 -32.78
N THR F 56 2.39 3.06 -32.05
CA THR F 56 1.63 1.84 -32.32
C THR F 56 0.53 2.10 -33.34
N ALA F 57 -0.09 1.01 -33.80
CA ALA F 57 -1.19 1.12 -34.76
C ALA F 57 -2.39 1.86 -34.16
N THR F 58 -2.65 1.65 -32.87
CA THR F 58 -3.75 2.34 -32.22
C THR F 58 -3.52 3.86 -32.21
N GLU F 59 -2.28 4.27 -31.96
CA GLU F 59 -1.96 5.69 -31.99
C GLU F 59 -2.18 6.28 -33.37
N ILE F 60 -1.86 5.52 -34.42
CA ILE F 60 -2.12 5.97 -35.78
C ILE F 60 -3.62 6.14 -36.01
N ARG F 61 -4.41 5.17 -35.56
CA ARG F 61 -5.85 5.22 -35.79
C ARG F 61 -6.49 6.40 -35.06
N GLN F 62 -6.11 6.64 -33.80
CA GLN F 62 -6.72 7.73 -33.04
C GLN F 62 -6.30 9.09 -33.59
N TYR F 63 -5.08 9.20 -34.11
CA TYR F 63 -4.66 10.46 -34.72
C TYR F 63 -5.49 10.77 -35.97
N LEU F 64 -5.77 9.74 -36.78
CA LEU F 64 -6.65 9.93 -37.93
C LEU F 64 -8.06 10.32 -37.49
N ARG F 65 -8.54 9.73 -36.39
CA ARG F 65 -9.85 10.10 -35.86
C ARG F 65 -9.86 11.54 -35.37
N GLY F 66 -8.68 12.09 -35.02
CA GLY F 66 -8.62 13.49 -34.62
C GLY F 66 -9.03 14.43 -35.73
N HIS F 67 -8.58 14.17 -36.94
CA HIS F 67 -9.00 14.93 -38.12
C HIS F 67 -10.26 14.38 -38.76
N GLY F 68 -10.78 13.25 -38.27
CA GLY F 68 -11.97 12.68 -38.85
C GLY F 68 -11.80 12.07 -40.22
N ILE F 69 -10.58 11.68 -40.58
CA ILE F 69 -10.32 11.10 -41.89
C ILE F 69 -10.79 9.65 -41.90
N PRO F 70 -11.70 9.28 -42.81
CA PRO F 70 -12.15 7.88 -42.88
C PRO F 70 -11.03 6.98 -43.39
N PHE F 71 -10.62 6.03 -42.56
CA PHE F 71 -9.53 5.12 -42.89
C PHE F 71 -10.01 3.69 -42.80
N GLN F 72 -9.48 2.86 -43.70
CA GLN F 72 -9.80 1.44 -43.75
C GLN F 72 -8.54 0.62 -43.48
N ASP F 73 -8.64 -0.34 -42.57
CA ASP F 73 -7.50 -1.18 -42.20
C ASP F 73 -7.27 -2.21 -43.30
N GLY F 74 -6.30 -1.94 -44.17
CA GLY F 74 -5.99 -2.84 -45.26
C GLY F 74 -4.64 -3.52 -45.12
N HIS F 75 -4.65 -4.81 -44.81
CA HIS F 75 -3.43 -5.61 -44.64
C HIS F 75 -2.39 -4.91 -43.79
N SER F 76 -1.34 -4.39 -44.43
CA SER F 76 -0.22 -3.77 -43.74
C SER F 76 -0.40 -2.26 -43.58
N CYS F 77 -0.55 -1.53 -44.67
CA CYS F 77 -0.66 -0.08 -44.64
C CYS F 77 -2.13 0.32 -44.75
N LEU F 78 -2.59 1.13 -43.79
CA LEU F 78 -3.97 1.58 -43.79
C LEU F 78 -4.23 2.52 -44.97
N ARG F 79 -5.43 2.44 -45.51
CA ARG F 79 -5.83 3.25 -46.66
C ARG F 79 -6.90 4.25 -46.23
N ALA F 80 -6.75 5.49 -46.70
CA ALA F 80 -7.69 6.56 -46.37
C ALA F 80 -7.70 7.57 -47.50
N LEU F 81 -8.76 8.38 -47.53
CA LEU F 81 -8.86 9.43 -48.54
C LEU F 81 -7.75 10.46 -48.34
N SER F 82 -7.11 10.85 -49.44
CA SER F 82 -6.00 11.78 -49.37
C SER F 82 -6.51 13.20 -49.15
N PRO F 83 -6.12 13.88 -48.08
CA PRO F 83 -6.55 15.26 -47.87
C PRO F 83 -5.68 16.30 -48.57
N PHE F 84 -4.55 15.90 -49.14
CA PHE F 84 -3.63 16.84 -49.77
C PHE F 84 -3.53 16.58 -51.27
N SER F 99 -10.40 4.73 -54.05
CA SER F 99 -10.29 6.18 -53.95
C SER F 99 -9.41 6.59 -52.77
N PHE F 100 -9.14 5.63 -51.89
CA PHE F 100 -8.30 5.87 -50.71
C PHE F 100 -6.85 5.86 -51.15
N SER F 101 -6.41 7.02 -51.67
CA SER F 101 -5.04 7.11 -52.18
C SER F 101 -4.01 7.19 -51.08
N LEU F 102 -4.34 7.82 -49.95
CA LEU F 102 -3.38 7.99 -48.87
C LEU F 102 -3.13 6.64 -48.17
N PHE F 103 -1.85 6.32 -47.98
CA PHE F 103 -1.42 5.09 -47.33
C PHE F 103 -0.51 5.44 -46.17
N ILE F 104 -0.78 4.84 -45.01
CA ILE F 104 0.00 5.08 -43.80
C ILE F 104 0.63 3.76 -43.37
N ASP F 105 1.95 3.75 -43.21
CA ASP F 105 2.65 2.54 -42.81
C ASP F 105 2.31 2.18 -41.37
N LYS F 106 2.11 0.87 -41.13
CA LYS F 106 1.74 0.42 -39.79
C LYS F 106 2.86 0.65 -38.78
N THR F 107 4.11 0.41 -39.18
CA THR F 107 5.23 0.47 -38.26
C THR F 107 5.99 1.78 -38.30
N THR F 108 6.08 2.44 -39.44
CA THR F 108 6.86 3.67 -39.56
C THR F 108 5.99 4.90 -39.81
N GLY F 109 4.77 4.74 -40.29
CA GLY F 109 3.91 5.88 -40.56
C GLY F 109 4.33 6.69 -41.77
N HIS F 110 5.17 6.11 -42.62
CA HIS F 110 5.61 6.80 -43.83
C HIS F 110 4.45 6.95 -44.81
N PHE F 111 3.93 8.15 -44.96
CA PHE F 111 2.78 8.38 -45.82
C PHE F 111 3.20 8.37 -47.29
N LEU F 112 2.26 7.98 -48.14
CA LEU F 112 2.48 7.96 -49.58
C LEU F 112 1.14 7.98 -50.28
N CYS F 113 1.00 8.86 -51.27
CA CYS F 113 -0.24 9.05 -52.00
C CYS F 113 -0.06 8.61 -53.44
N MET F 114 -1.04 7.85 -53.95
CA MET F 114 -0.99 7.39 -55.33
C MET F 114 -1.19 8.53 -56.34
N THR F 115 -1.78 9.64 -55.91
CA THR F 115 -2.05 10.77 -56.79
C THR F 115 -1.19 11.98 -56.46
N SER F 116 -1.18 12.42 -55.21
CA SER F 116 -0.37 13.58 -54.84
C SER F 116 1.11 13.28 -54.88
N LEU F 117 1.50 12.02 -54.67
CA LEU F 117 2.90 11.58 -54.69
C LEU F 117 3.73 12.37 -53.68
N ALA F 118 3.31 12.29 -52.41
CA ALA F 118 4.00 12.95 -51.31
C ALA F 118 4.46 11.89 -50.32
N GLU F 119 5.72 11.98 -49.90
CA GLU F 119 6.31 11.01 -48.99
C GLU F 119 7.05 11.74 -47.87
N GLY F 120 7.17 11.06 -46.73
CA GLY F 120 7.86 11.63 -45.61
C GLY F 120 7.64 10.79 -44.36
N SER F 121 8.16 11.29 -43.25
CA SER F 121 8.03 10.60 -41.97
C SER F 121 6.67 10.87 -41.35
N TRP F 122 6.39 10.17 -40.24
CA TRP F 122 5.14 10.38 -39.53
C TRP F 122 5.07 11.79 -38.94
N GLU F 123 6.20 12.29 -38.42
CA GLU F 123 6.22 13.67 -37.93
C GLU F 123 5.99 14.66 -39.06
N ASP F 124 6.46 14.34 -40.28
CA ASP F 124 6.16 15.19 -41.43
C ASP F 124 4.66 15.22 -41.70
N PHE F 125 4.00 14.07 -41.59
CA PHE F 125 2.55 14.03 -41.77
C PHE F 125 1.84 14.87 -40.72
N GLN F 126 2.30 14.82 -39.47
CA GLN F 126 1.70 15.64 -38.42
C GLN F 126 1.87 17.12 -38.71
N ALA F 127 3.05 17.52 -39.18
CA ALA F 127 3.28 18.92 -39.52
C ALA F 127 2.61 19.33 -40.82
N SER F 128 2.29 18.37 -41.69
CA SER F 128 1.68 18.70 -42.97
C SER F 128 0.23 19.15 -42.79
N VAL F 129 -0.47 18.59 -41.81
CA VAL F 129 -1.88 18.91 -41.58
C VAL F 129 -1.98 20.24 -40.85
N GLU F 130 -0.85 20.78 -40.41
CA GLU F 130 -0.80 22.04 -39.70
C GLU F 130 -0.32 23.14 -40.64
N GLY F 131 -1.06 24.25 -40.66
CA GLY F 131 -0.72 25.37 -41.53
C GLY F 131 -1.87 25.80 -42.41
N GLU F 147 9.22 17.48 -53.28
CA GLU F 147 10.23 17.54 -52.24
C GLU F 147 11.56 16.99 -52.75
N PHE F 148 11.50 15.97 -53.60
CA PHE F 148 12.67 15.35 -54.18
C PHE F 148 12.49 15.23 -55.69
N GLU F 149 13.61 15.28 -56.41
CA GLU F 149 13.62 15.18 -57.86
C GLU F 149 14.35 13.95 -58.37
N ASP F 150 15.51 13.62 -57.79
CA ASP F 150 16.31 12.45 -58.19
C ASP F 150 16.62 12.49 -59.68
N SER F 151 17.00 13.67 -60.17
CA SER F 151 17.31 13.87 -61.58
C SER F 151 18.79 13.58 -61.81
N GLU F 152 19.08 12.58 -62.64
CA GLU F 152 20.44 12.19 -62.95
C GLU F 152 20.57 11.98 -64.45
N GLU F 153 21.80 12.05 -64.94
CA GLU F 153 22.07 11.86 -66.36
C GLU F 153 21.97 10.39 -66.71
N VAL F 154 20.74 9.86 -66.72
CA VAL F 154 20.51 8.46 -67.05
C VAL F 154 19.82 8.29 -68.40
N ARG F 155 19.18 9.32 -68.93
CA ARG F 155 18.53 9.21 -70.23
C ARG F 155 19.56 9.03 -71.35
N ARG F 156 20.80 9.49 -71.13
CA ARG F 156 21.84 9.29 -72.13
C ARG F 156 22.13 7.82 -72.36
N ILE F 157 22.19 7.04 -71.27
CA ILE F 157 22.45 5.60 -71.40
C ILE F 157 21.29 4.92 -72.14
N TRP F 158 20.06 5.30 -71.81
CA TRP F 158 18.90 4.72 -72.50
C TRP F 158 18.91 5.06 -73.99
N ASN F 159 19.26 6.30 -74.33
CA ASN F 159 19.30 6.70 -75.73
C ASN F 159 20.43 6.03 -76.50
N ARG F 160 21.49 5.61 -75.83
CA ARG F 160 22.63 4.96 -76.47
C ARG F 160 22.55 3.44 -76.40
N ALA F 161 21.37 2.88 -76.16
CA ALA F 161 21.18 1.45 -76.12
C ALA F 161 20.03 1.05 -77.04
N ILE F 162 20.13 -0.14 -77.62
CA ILE F 162 19.18 -0.61 -78.62
C ILE F 162 18.31 -1.70 -78.01
N PRO F 163 16.99 -1.67 -78.24
CA PRO F 163 16.15 -2.77 -77.76
C PRO F 163 16.55 -4.09 -78.38
N LEU F 164 16.44 -5.16 -77.58
CA LEU F 164 16.85 -6.48 -78.07
C LEU F 164 15.97 -6.97 -79.21
N TRP F 165 14.66 -6.71 -79.16
CA TRP F 165 13.76 -7.16 -80.20
C TRP F 165 13.84 -6.32 -81.47
N GLU F 166 14.51 -5.17 -81.43
CA GLU F 166 14.67 -4.30 -82.58
C GLU F 166 16.06 -4.38 -83.20
N LEU F 167 16.78 -5.48 -82.96
CA LEU F 167 18.13 -5.64 -83.48
C LEU F 167 18.09 -6.49 -84.74
N PRO F 168 18.39 -5.93 -85.92
CA PRO F 168 18.40 -6.75 -87.14
C PRO F 168 19.58 -7.69 -87.23
N ASP F 169 20.58 -7.55 -86.37
CA ASP F 169 21.74 -8.44 -86.42
C ASP F 169 21.34 -9.85 -86.02
N GLN F 170 22.10 -10.82 -86.53
CA GLN F 170 21.86 -12.23 -86.26
C GLN F 170 22.89 -12.83 -85.31
N GLU F 171 24.18 -12.61 -85.58
CA GLU F 171 25.22 -13.15 -84.70
C GLU F 171 25.18 -12.47 -83.33
N GLU F 172 24.93 -11.16 -83.29
CA GLU F 172 24.94 -10.43 -82.04
C GLU F 172 23.83 -10.90 -81.10
N VAL F 173 22.62 -11.09 -81.63
CA VAL F 173 21.51 -11.50 -80.78
C VAL F 173 21.68 -12.94 -80.33
N GLN F 174 22.19 -13.82 -81.20
CA GLN F 174 22.42 -15.20 -80.82
C GLN F 174 23.47 -15.29 -79.72
N LEU F 175 24.54 -14.51 -79.82
CA LEU F 175 25.54 -14.47 -78.76
C LEU F 175 24.95 -13.90 -77.47
N ALA F 176 24.06 -12.91 -77.60
CA ALA F 176 23.48 -12.26 -76.42
C ALA F 176 22.64 -13.24 -75.60
N ASP F 177 21.82 -14.05 -76.27
CA ASP F 177 20.95 -14.95 -75.51
C ASP F 177 21.72 -16.12 -74.91
N THR F 178 22.78 -16.58 -75.57
CA THR F 178 23.55 -17.71 -75.04
C THR F 178 24.24 -17.35 -73.73
N MET F 179 24.81 -16.15 -73.64
CA MET F 179 25.52 -15.77 -72.43
C MET F 179 24.56 -15.45 -71.29
N PHE F 180 23.40 -14.88 -71.60
CA PHE F 180 22.40 -14.53 -70.60
C PHE F 180 21.34 -15.61 -70.42
N GLY F 181 21.45 -16.73 -71.12
CA GLY F 181 20.47 -17.79 -70.99
C GLY F 181 19.08 -17.41 -71.45
N LEU F 182 18.99 -16.70 -72.58
CA LEU F 182 17.71 -16.24 -73.13
C LEU F 182 17.34 -17.02 -74.39
N THR F 183 17.66 -18.31 -74.40
CA THR F 183 17.36 -19.13 -75.58
C THR F 183 15.86 -19.26 -75.80
N LYS F 184 15.09 -19.45 -74.72
CA LYS F 184 13.65 -19.65 -74.82
C LYS F 184 12.86 -18.35 -74.69
N VAL F 185 13.52 -17.21 -74.52
CA VAL F 185 12.83 -15.93 -74.39
C VAL F 185 12.37 -15.48 -75.77
N THR F 186 11.09 -15.13 -75.86
CA THR F 186 10.50 -14.67 -77.11
C THR F 186 10.55 -13.15 -77.20
N ASP F 187 10.48 -12.65 -78.44
CA ASP F 187 10.52 -11.21 -78.66
C ASP F 187 9.28 -10.51 -78.13
N ASP F 188 8.15 -11.22 -78.00
CA ASP F 188 6.95 -10.59 -77.48
C ASP F 188 7.14 -10.17 -76.02
N THR F 189 7.81 -11.00 -75.22
CA THR F 189 8.09 -10.63 -73.83
C THR F 189 9.01 -9.42 -73.76
N LEU F 190 9.97 -9.33 -74.68
CA LEU F 190 10.88 -8.19 -74.68
C LEU F 190 10.13 -6.89 -74.93
N LYS F 191 9.18 -6.90 -75.86
CA LYS F 191 8.39 -5.70 -76.11
C LYS F 191 7.53 -5.33 -74.91
N ARG F 192 6.94 -6.34 -74.26
CA ARG F 192 6.05 -6.07 -73.13
C ARG F 192 6.81 -5.46 -71.96
N PHE F 193 8.01 -5.98 -71.66
CA PHE F 193 8.81 -5.48 -70.55
C PHE F 193 9.80 -4.40 -70.96
N SER F 194 9.87 -4.06 -72.25
CA SER F 194 10.77 -3.01 -72.75
C SER F 194 12.22 -3.27 -72.34
N VAL F 195 12.67 -4.51 -72.51
CA VAL F 195 14.04 -4.88 -72.19
C VAL F 195 14.96 -4.34 -73.28
N ARG F 196 15.99 -3.61 -72.88
CA ARG F 196 16.92 -2.97 -73.79
C ARG F 196 18.32 -3.56 -73.60
N TYR F 197 19.14 -3.39 -74.64
CA TYR F 197 20.50 -3.93 -74.65
C TYR F 197 21.47 -2.84 -75.06
N LEU F 198 22.62 -2.79 -74.39
CA LEU F 198 23.65 -1.78 -74.66
C LEU F 198 24.83 -2.43 -75.37
N ARG F 199 25.34 -1.76 -76.39
CA ARG F 199 26.43 -2.25 -77.22
C ARG F 199 27.82 -2.07 -76.63
N PRO F 200 28.16 -0.91 -76.02
CA PRO F 200 29.55 -0.72 -75.59
C PRO F 200 30.07 -1.77 -74.62
N ALA F 201 29.23 -2.27 -73.70
CA ALA F 201 29.68 -3.24 -72.72
C ALA F 201 28.95 -4.58 -72.82
N ARG F 202 28.02 -4.73 -73.75
CA ARG F 202 27.26 -5.97 -73.93
C ARG F 202 26.57 -6.40 -72.63
N SER F 203 25.67 -5.54 -72.16
CA SER F 203 24.94 -5.76 -70.92
C SER F 203 23.46 -5.50 -71.13
N LEU F 204 22.65 -6.15 -70.30
CA LEU F 204 21.22 -5.94 -70.32
C LEU F 204 20.85 -4.63 -69.65
N VAL F 205 19.69 -4.08 -70.03
CA VAL F 205 19.17 -2.84 -69.47
C VAL F 205 17.77 -3.11 -68.94
N PHE F 206 17.54 -2.78 -67.67
CA PHE F 206 16.23 -2.93 -67.05
C PHE F 206 15.76 -1.56 -66.56
N PRO F 207 14.82 -0.93 -67.24
CA PRO F 207 14.42 0.44 -66.88
C PRO F 207 13.56 0.49 -65.61
N TRP F 208 13.56 1.68 -65.01
CA TRP F 208 12.73 1.98 -63.85
C TRP F 208 11.74 3.07 -64.25
N PHE F 209 10.45 2.78 -64.09
CA PHE F 209 9.38 3.71 -64.45
C PHE F 209 8.77 4.32 -63.21
N SER F 210 8.47 5.61 -63.28
CA SER F 210 7.84 6.30 -62.17
C SER F 210 6.42 5.77 -61.96
N PRO F 211 5.96 5.70 -60.71
CA PRO F 211 4.59 5.24 -60.45
C PRO F 211 3.53 6.09 -61.12
N GLY F 212 3.80 7.38 -61.33
CA GLY F 212 2.87 8.29 -61.97
C GLY F 212 2.93 8.34 -63.48
N GLY F 213 3.69 7.44 -64.11
CA GLY F 213 3.81 7.45 -65.55
C GLY F 213 4.78 8.46 -66.10
N SER F 214 5.68 8.98 -65.26
CA SER F 214 6.65 9.98 -65.69
C SER F 214 7.80 9.31 -66.43
N GLY F 215 8.91 10.02 -66.57
CA GLY F 215 10.07 9.50 -67.26
C GLY F 215 10.78 8.41 -66.47
N LEU F 216 11.89 7.95 -67.04
CA LEU F 216 12.66 6.88 -66.42
C LEU F 216 13.27 7.36 -65.11
N ARG F 217 13.28 6.47 -64.12
CA ARG F 217 13.84 6.78 -62.81
C ARG F 217 15.22 6.18 -62.60
N GLY F 218 15.52 5.07 -63.27
CA GLY F 218 16.83 4.44 -63.12
C GLY F 218 16.97 3.30 -64.09
N LEU F 219 18.20 2.78 -64.16
CA LEU F 219 18.53 1.66 -65.04
C LEU F 219 19.32 0.63 -64.28
N LYS F 220 19.00 -0.65 -64.50
CA LYS F 220 19.73 -1.76 -63.91
C LYS F 220 20.45 -2.52 -65.02
N LEU F 221 21.75 -2.75 -64.84
CA LEU F 221 22.59 -3.39 -65.84
C LEU F 221 23.11 -4.72 -65.32
N LEU F 222 22.95 -5.77 -66.13
CA LEU F 222 23.47 -7.09 -65.82
C LEU F 222 24.46 -7.50 -66.91
N GLU F 223 25.66 -7.89 -66.51
CA GLU F 223 26.72 -8.26 -67.42
C GLU F 223 27.14 -9.70 -67.16
N ALA F 224 27.33 -10.48 -68.22
CA ALA F 224 27.70 -11.88 -68.12
C ALA F 224 29.20 -12.01 -68.38
N LYS F 225 29.91 -12.62 -67.44
CA LYS F 225 31.35 -12.83 -67.54
C LYS F 225 31.69 -14.26 -67.13
N CYS F 226 32.79 -14.77 -67.66
CA CYS F 226 33.24 -16.12 -67.35
C CYS F 226 34.75 -16.17 -67.15
N VAL F 231 30.27 -18.71 -66.24
CA VAL F 231 29.06 -17.91 -66.40
C VAL F 231 28.71 -17.22 -65.09
N SER F 232 29.04 -15.94 -65.00
CA SER F 232 28.78 -15.14 -63.81
C SER F 232 28.09 -13.85 -64.21
N TYR F 233 27.10 -13.45 -63.42
CA TYR F 233 26.33 -12.23 -63.67
C TYR F 233 26.74 -11.15 -62.68
N GLU F 234 27.06 -9.97 -63.21
CA GLU F 234 27.45 -8.83 -62.40
C GLU F 234 26.33 -7.79 -62.44
N GLU F 235 25.96 -7.28 -61.27
CA GLU F 235 24.86 -6.34 -61.13
C GLU F 235 25.40 -4.93 -60.94
N THR F 236 24.97 -4.01 -61.80
CA THR F 236 25.32 -2.61 -61.70
C THR F 236 24.09 -1.77 -62.00
N THR F 237 23.78 -0.82 -61.14
CA THR F 237 22.59 -0.01 -61.26
C THR F 237 22.90 1.47 -61.05
N ILE F 238 22.13 2.32 -61.71
CA ILE F 238 22.20 3.77 -61.55
C ILE F 238 20.81 4.26 -61.17
N PRO F 239 20.63 4.95 -60.04
CA PRO F 239 21.65 5.39 -59.08
C PRO F 239 22.15 4.29 -58.16
N ARG F 240 22.70 4.67 -57.00
CA ARG F 240 23.33 3.72 -56.10
C ARG F 240 22.30 2.68 -55.63
N PRO F 241 22.74 1.46 -55.33
CA PRO F 241 21.80 0.41 -54.91
C PRO F 241 21.02 0.77 -53.66
N SER F 242 21.57 1.61 -52.79
CA SER F 242 20.85 2.02 -51.60
C SER F 242 19.57 2.79 -51.91
N ALA F 243 19.52 3.47 -53.07
CA ALA F 243 18.34 4.21 -53.48
C ALA F 243 17.55 3.53 -54.58
N TYR F 244 18.00 2.37 -55.07
CA TYR F 244 17.30 1.65 -56.13
C TYR F 244 16.06 0.99 -55.53
N HIS F 245 14.88 1.44 -55.94
CA HIS F 245 13.61 0.96 -55.43
C HIS F 245 12.65 0.64 -56.57
N ASN F 246 13.15 -0.09 -57.57
CA ASN F 246 12.38 -0.39 -58.77
C ASN F 246 11.71 -1.76 -58.66
N LEU F 247 10.43 -1.80 -58.96
CA LEU F 247 9.67 -3.05 -59.05
C LEU F 247 9.36 -3.28 -60.53
N PHE F 248 10.06 -4.24 -61.13
CA PHE F 248 9.87 -4.54 -62.55
C PHE F 248 8.45 -5.03 -62.80
N GLY F 249 7.82 -4.49 -63.84
CA GLY F 249 6.47 -4.85 -64.18
C GLY F 249 5.38 -4.12 -63.43
N LEU F 250 5.74 -3.11 -62.63
CA LEU F 250 4.73 -2.34 -61.91
C LEU F 250 3.75 -1.64 -62.85
N PRO F 251 4.18 -0.94 -63.90
CA PRO F 251 3.19 -0.41 -64.86
C PRO F 251 2.38 -1.49 -65.55
N LEU F 252 2.98 -2.67 -65.79
CA LEU F 252 2.29 -3.72 -66.53
C LEU F 252 1.11 -4.28 -65.75
N ILE F 253 1.26 -4.47 -64.44
CA ILE F 253 0.19 -5.06 -63.64
C ILE F 253 -0.95 -4.06 -63.50
N SER F 254 -2.18 -4.56 -63.53
CA SER F 254 -3.38 -3.74 -63.47
C SER F 254 -3.98 -3.77 -62.08
N ARG F 255 -4.99 -2.92 -61.88
CA ARG F 255 -5.68 -2.84 -60.59
C ARG F 255 -6.57 -4.06 -60.34
N ARG F 256 -6.98 -4.78 -61.40
CA ARG F 256 -7.84 -5.93 -61.27
C ARG F 256 -7.08 -7.23 -61.11
N ASP F 257 -5.85 -7.17 -60.60
CA ASP F 257 -5.01 -8.34 -60.39
C ASP F 257 -4.82 -8.57 -58.90
N ALA F 258 -5.12 -9.79 -58.44
CA ALA F 258 -5.01 -10.14 -57.03
C ALA F 258 -3.86 -11.10 -56.73
N GLU F 259 -3.27 -11.71 -57.75
CA GLU F 259 -2.18 -12.67 -57.57
C GLU F 259 -0.91 -12.12 -58.19
N VAL F 260 0.18 -12.18 -57.42
CA VAL F 260 1.48 -11.72 -57.88
C VAL F 260 2.54 -12.65 -57.33
N VAL F 261 3.55 -12.95 -58.13
CA VAL F 261 4.67 -13.80 -57.74
C VAL F 261 5.94 -12.96 -57.78
N LEU F 262 6.65 -12.91 -56.66
CA LEU F 262 7.87 -12.14 -56.56
C LEU F 262 9.08 -12.99 -56.93
N THR F 263 9.99 -12.40 -57.70
CA THR F 263 11.21 -13.09 -58.14
C THR F 263 12.43 -12.32 -57.68
N SER F 264 13.47 -13.07 -57.31
CA SER F 264 14.70 -12.43 -56.84
C SER F 264 15.47 -11.78 -57.98
N ARG F 265 15.29 -12.28 -59.21
CA ARG F 265 15.96 -11.74 -60.38
C ARG F 265 14.92 -11.15 -61.33
N GLU F 266 15.39 -10.66 -62.47
CA GLU F 266 14.51 -10.10 -63.50
C GLU F 266 14.32 -11.00 -64.70
N LEU F 267 15.35 -11.76 -65.09
CA LEU F 267 15.22 -12.65 -66.23
C LEU F 267 14.21 -13.75 -65.96
N ASP F 268 14.21 -14.32 -64.74
CA ASP F 268 13.24 -15.35 -64.41
C ASP F 268 11.82 -14.80 -64.40
N SER F 269 11.66 -13.51 -64.07
CA SER F 269 10.34 -12.90 -64.15
C SER F 269 9.82 -12.86 -65.57
N LEU F 270 10.70 -12.60 -66.54
CA LEU F 270 10.30 -12.60 -67.94
C LEU F 270 9.80 -13.97 -68.37
N ALA F 271 10.53 -15.02 -67.97
CA ALA F 271 10.10 -16.39 -68.29
C ALA F 271 8.82 -16.75 -67.57
N LEU F 272 8.69 -16.34 -66.30
CA LEU F 272 7.49 -16.66 -65.53
C LEU F 272 6.25 -16.03 -66.15
N ASN F 273 6.35 -14.76 -66.56
CA ASN F 273 5.21 -14.10 -67.19
C ASN F 273 4.95 -14.65 -68.59
N GLN F 274 5.98 -15.14 -69.26
CA GLN F 274 5.81 -15.68 -70.61
C GLN F 274 4.91 -16.90 -70.61
N SER F 275 5.11 -17.81 -69.65
CA SER F 275 4.37 -19.07 -69.63
C SER F 275 3.09 -18.97 -68.82
N THR F 276 3.19 -18.65 -67.53
CA THR F 276 2.00 -18.58 -66.69
C THR F 276 1.08 -17.44 -67.11
N GLY F 277 1.64 -16.28 -67.42
CA GLY F 277 0.84 -15.12 -67.76
C GLY F 277 0.31 -14.35 -66.58
N LEU F 278 0.56 -14.81 -65.37
CA LEU F 278 0.10 -14.13 -64.16
C LEU F 278 1.01 -12.93 -63.84
N PRO F 279 0.48 -11.93 -63.14
CA PRO F 279 1.31 -10.78 -62.78
C PRO F 279 2.48 -11.20 -61.89
N THR F 280 3.61 -10.52 -62.08
CA THR F 280 4.82 -10.81 -61.34
C THR F 280 5.62 -9.53 -61.13
N LEU F 281 6.43 -9.52 -60.06
CA LEU F 281 7.27 -8.38 -59.73
C LEU F 281 8.63 -8.89 -59.29
N THR F 282 9.62 -7.99 -59.33
CA THR F 282 10.98 -8.32 -58.94
C THR F 282 11.41 -7.42 -57.78
N LEU F 283 12.12 -8.01 -56.82
CA LEU F 283 12.67 -7.26 -55.72
C LEU F 283 13.78 -6.32 -56.22
N PRO F 284 13.96 -5.18 -55.55
CA PRO F 284 14.96 -4.21 -56.03
C PRO F 284 16.38 -4.76 -56.07
N ARG F 285 16.86 -5.28 -54.94
CA ARG F 285 18.19 -5.86 -54.85
C ARG F 285 18.10 -7.36 -54.59
N GLY F 286 17.08 -8.00 -55.14
CA GLY F 286 16.92 -9.43 -54.93
C GLY F 286 16.61 -9.74 -53.48
N THR F 287 17.22 -10.82 -52.98
CA THR F 287 17.01 -11.28 -51.61
C THR F 287 17.76 -10.43 -50.58
N THR F 288 18.26 -9.26 -50.95
CA THR F 288 18.99 -8.43 -50.00
C THR F 288 18.05 -7.79 -48.99
N CYS F 289 17.13 -6.96 -49.47
CA CYS F 289 16.19 -6.28 -48.57
C CYS F 289 14.99 -5.81 -49.37
N LEU F 290 13.89 -5.58 -48.66
CA LEU F 290 12.66 -5.04 -49.25
C LEU F 290 12.29 -3.74 -48.55
N PRO F 291 12.53 -2.58 -49.17
CA PRO F 291 12.21 -1.33 -48.50
C PRO F 291 10.73 -1.21 -48.25
N PRO F 292 10.34 -0.60 -47.13
CA PRO F 292 8.90 -0.43 -46.85
C PRO F 292 8.18 0.45 -47.85
N ALA F 293 8.90 1.30 -48.60
CA ALA F 293 8.25 2.17 -49.56
C ALA F 293 7.55 1.38 -50.66
N LEU F 294 8.02 0.17 -50.95
CA LEU F 294 7.42 -0.68 -51.96
C LEU F 294 6.23 -1.47 -51.45
N LEU F 295 6.01 -1.50 -50.13
CA LEU F 295 4.88 -2.25 -49.58
C LEU F 295 3.52 -1.74 -50.06
N PRO F 296 3.23 -0.43 -50.09
CA PRO F 296 1.90 0.01 -50.56
C PRO F 296 1.57 -0.43 -51.98
N TYR F 297 2.58 -0.56 -52.85
CA TYR F 297 2.31 -0.98 -54.22
C TYR F 297 1.80 -2.43 -54.27
N LEU F 298 2.16 -3.25 -53.29
CA LEU F 298 1.72 -4.63 -53.24
C LEU F 298 0.48 -4.83 -52.37
N GLU F 299 -0.11 -3.75 -51.87
CA GLU F 299 -1.28 -3.87 -51.00
C GLU F 299 -2.49 -4.41 -51.76
N GLN F 300 -2.62 -4.08 -53.04
CA GLN F 300 -3.80 -4.48 -53.81
C GLN F 300 -3.91 -6.00 -53.92
N PHE F 301 -2.79 -6.67 -54.12
CA PHE F 301 -2.81 -8.12 -54.31
C PHE F 301 -3.19 -8.82 -53.02
N ARG F 302 -4.03 -9.86 -53.15
CA ARG F 302 -4.46 -10.66 -52.02
C ARG F 302 -3.66 -11.93 -51.84
N ARG F 303 -3.25 -12.58 -52.93
CA ARG F 303 -2.44 -13.79 -52.88
C ARG F 303 -1.06 -13.46 -53.45
N ILE F 304 -0.02 -13.72 -52.66
CA ILE F 304 1.36 -13.45 -53.04
C ILE F 304 2.16 -14.74 -52.89
N VAL F 305 2.92 -15.09 -53.92
CA VAL F 305 3.75 -16.29 -53.91
C VAL F 305 5.21 -15.87 -54.00
N PHE F 306 6.02 -16.32 -53.06
CA PHE F 306 7.44 -15.98 -53.04
C PHE F 306 8.24 -17.04 -53.80
N TRP F 307 9.13 -16.58 -54.68
CA TRP F 307 9.99 -17.46 -55.46
C TRP F 307 11.30 -16.70 -55.68
N LEU F 308 12.26 -16.92 -54.79
CA LEU F 308 13.45 -16.07 -54.71
C LEU F 308 14.74 -16.86 -54.86
N GLY F 309 14.70 -18.03 -55.49
CA GLY F 309 15.91 -18.78 -55.75
C GLY F 309 15.70 -20.25 -55.46
N ASP F 310 16.82 -20.98 -55.40
CA ASP F 310 16.83 -22.42 -55.18
C ASP F 310 17.80 -22.80 -54.08
N ASP F 311 17.75 -22.06 -52.97
CA ASP F 311 18.65 -22.29 -51.86
C ASP F 311 17.90 -22.08 -50.55
N LEU F 312 18.40 -22.71 -49.48
CA LEU F 312 17.79 -22.54 -48.17
C LEU F 312 17.89 -21.08 -47.70
N ARG F 313 18.92 -20.36 -48.13
CA ARG F 313 19.02 -18.94 -47.81
C ARG F 313 17.87 -18.16 -48.42
N SER F 314 17.49 -18.50 -49.66
CA SER F 314 16.37 -17.81 -50.31
C SER F 314 15.07 -18.06 -49.56
N LEU F 315 14.85 -19.29 -49.09
CA LEU F 315 13.65 -19.59 -48.33
C LEU F 315 13.61 -18.80 -47.03
N GLU F 316 14.75 -18.71 -46.33
CA GLU F 316 14.80 -17.92 -45.10
C GLU F 316 14.55 -16.45 -45.39
N ALA F 317 15.12 -15.93 -46.47
CA ALA F 317 14.87 -14.53 -46.85
C ALA F 317 13.40 -14.31 -47.16
N ALA F 318 12.76 -15.27 -47.84
CA ALA F 318 11.34 -15.15 -48.14
C ALA F 318 10.51 -15.12 -46.87
N LYS F 319 10.86 -15.95 -45.88
CA LYS F 319 10.13 -15.96 -44.62
C LYS F 319 10.24 -14.62 -43.90
N LEU F 320 11.41 -13.99 -43.92
CA LEU F 320 11.54 -12.68 -43.31
C LEU F 320 10.69 -11.65 -44.03
N PHE F 321 10.64 -11.72 -45.36
CA PHE F 321 9.78 -10.82 -46.13
C PHE F 321 8.31 -11.09 -45.86
N ALA F 322 7.97 -12.36 -45.58
CA ALA F 322 6.57 -12.71 -45.33
C ALA F 322 6.03 -12.01 -44.09
N ARG F 323 6.86 -11.92 -43.04
CA ARG F 323 6.40 -11.31 -41.79
C ARG F 323 5.98 -9.85 -41.99
N LYS F 324 6.62 -9.17 -42.95
CA LYS F 324 6.27 -7.77 -43.20
C LYS F 324 4.89 -7.64 -43.82
N LEU F 325 4.49 -8.61 -44.64
CA LEU F 325 3.27 -8.46 -45.44
C LEU F 325 2.15 -9.38 -44.96
N ASN F 326 2.00 -9.53 -43.64
CA ASN F 326 0.92 -10.30 -43.04
C ASN F 326 0.87 -11.72 -43.62
N PRO F 327 1.74 -12.63 -43.14
CA PRO F 327 1.91 -13.93 -43.81
C PRO F 327 0.63 -14.71 -44.06
N LYS F 328 -0.49 -14.27 -43.50
CA LYS F 328 -1.77 -14.94 -43.75
C LYS F 328 -2.24 -14.80 -45.20
N ARG F 329 -1.64 -13.87 -45.96
CA ARG F 329 -2.06 -13.62 -47.33
C ARG F 329 -0.98 -13.94 -48.35
N CYS F 330 0.06 -14.68 -47.97
CA CYS F 330 1.17 -14.99 -48.87
C CYS F 330 1.54 -16.45 -48.77
N PHE F 331 2.17 -16.95 -49.83
CA PHE F 331 2.56 -18.34 -49.96
C PHE F 331 4.03 -18.42 -50.34
N LEU F 332 4.60 -19.62 -50.16
CA LEU F 332 6.02 -19.85 -50.42
C LEU F 332 6.20 -21.03 -51.36
N VAL F 333 7.29 -20.99 -52.12
CA VAL F 333 7.70 -22.09 -52.98
C VAL F 333 9.03 -22.61 -52.42
N ARG F 334 9.01 -23.84 -51.91
CA ARG F 334 10.21 -24.39 -51.30
C ARG F 334 11.25 -24.75 -52.36
N PRO F 335 12.52 -24.51 -52.08
CA PRO F 335 13.57 -24.92 -53.02
C PRO F 335 13.73 -26.43 -53.05
N GLY F 336 14.20 -26.92 -54.19
CA GLY F 336 14.42 -28.35 -54.35
C GLY F 336 15.06 -28.65 -55.67
N ASP F 337 15.46 -29.92 -55.83
CA ASP F 337 16.06 -30.36 -57.09
C ASP F 337 15.06 -30.26 -58.24
N GLN F 338 13.80 -30.61 -57.99
CA GLN F 338 12.75 -30.55 -58.99
C GLN F 338 12.06 -29.19 -59.01
N GLN F 339 12.52 -28.23 -58.23
CA GLN F 339 11.93 -26.90 -58.16
C GLN F 339 13.02 -25.86 -58.41
N PRO F 340 13.45 -25.69 -59.65
CA PRO F 340 14.49 -24.72 -59.97
C PRO F 340 13.91 -23.32 -60.10
N ARG F 341 14.77 -22.36 -60.43
CA ARG F 341 14.33 -21.00 -60.64
C ARG F 341 13.49 -20.91 -61.92
N PRO F 342 12.60 -19.91 -62.01
CA PRO F 342 11.75 -19.81 -63.21
C PRO F 342 12.52 -19.72 -64.51
N LEU F 343 13.67 -19.02 -64.50
CA LEU F 343 14.48 -18.94 -65.72
C LEU F 343 15.01 -20.31 -66.12
N GLU F 344 15.50 -21.08 -65.15
CA GLU F 344 16.02 -22.42 -65.46
C GLU F 344 14.88 -23.40 -65.72
N ALA F 345 13.75 -23.24 -65.07
CA ALA F 345 12.64 -24.16 -65.25
C ALA F 345 12.13 -24.14 -66.69
N LEU F 346 11.99 -22.95 -67.28
CA LEU F 346 11.56 -22.87 -68.67
C LEU F 346 12.64 -23.38 -69.61
N ASN F 347 13.91 -23.05 -69.34
CA ASN F 347 15.00 -23.54 -70.17
C ASN F 347 15.14 -25.05 -70.07
N GLY F 348 14.98 -25.59 -68.87
CA GLY F 348 15.09 -27.03 -68.66
C GLY F 348 13.89 -27.84 -69.12
N GLY F 349 12.79 -27.18 -69.48
CA GLY F 349 11.61 -27.86 -69.95
C GLY F 349 10.66 -28.32 -68.87
N PHE F 350 11.00 -28.15 -67.60
CA PHE F 350 10.11 -28.56 -66.52
C PHE F 350 8.89 -27.66 -66.48
N ASN F 351 7.72 -28.27 -66.21
CA ASN F 351 6.49 -27.51 -66.12
C ASN F 351 6.52 -26.64 -64.87
N LEU F 352 6.17 -25.37 -65.03
CA LEU F 352 6.16 -24.41 -63.93
C LEU F 352 4.79 -24.19 -63.34
N SER F 353 3.71 -24.56 -64.04
CA SER F 353 2.38 -24.43 -63.49
C SER F 353 2.20 -25.33 -62.27
N ARG F 354 2.75 -26.54 -62.31
CA ARG F 354 2.69 -27.42 -61.16
C ARG F 354 3.44 -26.83 -59.98
N ILE F 355 4.60 -26.21 -60.23
CA ILE F 355 5.37 -25.60 -59.16
C ILE F 355 4.58 -24.48 -58.49
N LEU F 356 3.92 -23.65 -59.28
CA LEU F 356 3.09 -22.58 -58.72
C LEU F 356 1.88 -23.14 -57.98
N ARG F 357 1.35 -24.27 -58.43
CA ARG F 357 0.16 -24.84 -57.81
C ARG F 357 0.43 -25.41 -56.43
N THR F 358 1.65 -25.95 -56.21
CA THR F 358 1.99 -26.59 -54.94
C THR F 358 2.59 -25.62 -53.94
N ALA F 359 2.29 -24.33 -54.05
CA ALA F 359 2.79 -23.36 -53.10
C ALA F 359 2.17 -23.60 -51.73
N LEU F 360 3.00 -23.56 -50.69
CA LEU F 360 2.49 -23.79 -49.35
C LEU F 360 2.32 -22.46 -48.61
N PRO F 361 1.31 -22.37 -47.74
CA PRO F 361 1.11 -21.12 -46.99
C PRO F 361 2.30 -20.78 -46.11
N ALA F 362 2.60 -19.49 -46.04
CA ALA F 362 3.67 -18.99 -45.18
C ALA F 362 3.20 -18.75 -43.75
N TRP F 363 1.90 -18.77 -43.52
CA TRP F 363 1.33 -18.61 -42.18
C TRP F 363 0.83 -19.95 -41.68
N HIS F 364 1.21 -20.31 -40.47
CA HIS F 364 0.81 -21.57 -39.86
C HIS F 364 0.26 -21.30 -38.47
N LYS F 365 -0.61 -22.20 -38.02
CA LYS F 365 -1.07 -22.14 -36.64
C LYS F 365 0.04 -22.57 -35.70
N SER F 366 -0.28 -22.58 -34.40
CA SER F 366 0.68 -23.08 -33.43
C SER F 366 0.93 -24.57 -33.57
N ILE F 367 0.10 -25.27 -34.34
CA ILE F 367 0.21 -26.72 -34.53
C ILE F 367 0.16 -27.01 -36.02
N VAL F 368 1.10 -27.84 -36.49
CA VAL F 368 1.23 -28.16 -37.90
C VAL F 368 1.44 -29.66 -38.05
N SER F 369 1.18 -30.16 -39.26
CA SER F 369 1.39 -31.56 -39.59
C SER F 369 2.61 -31.70 -40.49
N PHE F 370 2.86 -32.93 -40.94
CA PHE F 370 4.02 -33.22 -41.79
C PHE F 370 3.83 -32.77 -43.23
N ARG F 371 2.60 -32.45 -43.64
CA ARG F 371 2.35 -32.07 -45.03
C ARG F 371 3.10 -30.79 -45.39
N GLN F 372 3.14 -29.83 -44.49
CA GLN F 372 3.83 -28.56 -44.73
C GLN F 372 5.33 -28.64 -44.47
N LEU F 373 5.88 -29.85 -44.35
CA LEU F 373 7.31 -30.04 -44.11
C LEU F 373 7.97 -31.05 -45.03
N ARG F 374 7.23 -31.64 -45.97
CA ARG F 374 7.82 -32.65 -46.86
C ARG F 374 8.93 -32.07 -47.72
N GLU F 375 8.73 -30.85 -48.25
CA GLU F 375 9.74 -30.25 -49.11
C GLU F 375 10.97 -29.83 -48.30
N GLU F 376 10.76 -29.32 -47.08
CA GLU F 376 11.88 -28.84 -46.28
C GLU F 376 12.81 -29.98 -45.89
N VAL F 377 12.23 -31.12 -45.46
CA VAL F 377 13.06 -32.26 -45.07
C VAL F 377 13.79 -32.84 -46.26
N LEU F 378 13.16 -32.83 -47.45
CA LEU F 378 13.84 -33.30 -48.65
C LEU F 378 15.01 -32.39 -49.00
N GLY F 379 14.83 -31.07 -48.86
CA GLY F 379 15.91 -30.16 -49.16
C GLY F 379 17.11 -30.34 -48.23
N GLU F 380 16.84 -30.51 -46.94
CA GLU F 380 17.92 -30.72 -45.99
C GLU F 380 18.64 -32.04 -46.25
N LEU F 381 17.94 -33.02 -46.81
CA LEU F 381 18.54 -34.32 -47.11
C LEU F 381 19.52 -34.26 -48.27
N SER F 382 19.34 -33.31 -49.19
CA SER F 382 20.22 -33.17 -50.35
C SER F 382 21.05 -31.90 -50.33
N ASN F 383 20.92 -31.08 -49.29
CA ASN F 383 21.67 -29.83 -49.14
C ASN F 383 22.25 -29.72 -47.74
N VAL F 384 22.93 -30.79 -47.30
CA VAL F 384 23.52 -30.80 -45.96
C VAL F 384 24.54 -29.68 -45.80
N GLU F 385 25.17 -29.25 -46.90
CA GLU F 385 26.07 -28.11 -46.82
C GLU F 385 25.30 -26.80 -46.61
N GLN F 386 24.06 -26.75 -47.06
CA GLN F 386 23.21 -25.57 -46.87
C GLN F 386 22.43 -25.60 -45.57
N ALA F 387 22.52 -26.69 -44.79
CA ALA F 387 21.82 -26.77 -43.52
C ALA F 387 22.33 -25.73 -42.53
N ALA F 388 23.56 -25.28 -42.68
CA ALA F 388 24.16 -24.26 -41.83
C ALA F 388 24.21 -22.93 -42.59
N GLY F 389 24.88 -21.95 -41.99
CA GLY F 389 24.99 -20.62 -42.57
C GLY F 389 26.05 -20.56 -43.65
N LEU F 390 26.35 -19.32 -44.04
CA LEU F 390 27.32 -19.08 -45.09
C LEU F 390 28.73 -19.42 -44.64
N ARG F 391 29.62 -19.60 -45.61
CA ARG F 391 31.01 -19.96 -45.37
C ARG F 391 31.87 -18.69 -45.48
N TRP F 392 32.65 -18.43 -44.45
CA TRP F 392 33.55 -17.27 -44.47
C TRP F 392 34.67 -17.46 -45.48
N SER F 393 34.99 -16.40 -46.20
CA SER F 393 36.05 -16.42 -47.20
C SER F 393 37.39 -15.97 -46.65
N ARG F 394 37.48 -15.64 -45.37
CA ARG F 394 38.72 -15.18 -44.77
C ARG F 394 39.10 -15.90 -43.48
N PHE F 395 38.24 -16.74 -42.93
CA PHE F 395 38.51 -17.47 -41.68
C PHE F 395 38.20 -18.95 -41.88
N PRO F 396 39.04 -19.67 -42.62
CA PRO F 396 38.81 -21.13 -42.77
C PRO F 396 38.87 -21.87 -41.45
N ASP F 397 39.74 -21.44 -40.53
CA ASP F 397 39.83 -22.10 -39.23
C ASP F 397 38.55 -21.91 -38.42
N LEU F 398 37.97 -20.71 -38.47
CA LEU F 398 36.69 -20.49 -37.80
C LEU F 398 35.57 -21.23 -38.52
N ASN F 399 35.68 -21.41 -39.83
CA ASN F 399 34.64 -22.11 -40.58
C ASN F 399 34.61 -23.60 -40.25
N ARG F 400 35.77 -24.20 -39.99
CA ARG F 400 35.82 -25.63 -39.74
C ARG F 400 35.25 -26.04 -38.38
N ILE F 401 35.01 -25.08 -37.49
CA ILE F 401 34.47 -25.36 -36.17
C ILE F 401 33.04 -24.85 -36.02
N LEU F 402 32.80 -23.59 -36.38
CA LEU F 402 31.45 -23.04 -36.26
C LEU F 402 30.54 -23.56 -37.36
N LYS F 403 31.10 -23.88 -38.53
CA LYS F 403 30.45 -24.51 -39.67
C LYS F 403 29.37 -23.65 -40.32
N GLY F 404 29.16 -22.43 -39.87
CA GLY F 404 28.20 -21.56 -40.52
C GLY F 404 27.74 -20.45 -39.61
N HIS F 405 26.90 -19.58 -40.17
CA HIS F 405 26.33 -18.42 -39.49
C HIS F 405 24.82 -18.44 -39.72
N ARG F 406 24.09 -19.02 -38.78
CA ARG F 406 22.66 -19.21 -38.93
C ARG F 406 21.92 -17.93 -38.54
N LYS F 407 20.58 -18.00 -38.52
CA LYS F 407 19.74 -16.88 -38.16
C LYS F 407 19.02 -17.17 -36.84
N GLY F 408 18.90 -16.14 -36.01
CA GLY F 408 18.25 -16.24 -34.73
C GLY F 408 19.17 -16.65 -33.58
N GLU F 409 20.24 -17.38 -33.88
CA GLU F 409 21.19 -17.76 -32.85
C GLU F 409 21.95 -16.54 -32.34
N LEU F 410 22.23 -16.55 -31.04
CA LEU F 410 22.94 -15.46 -30.38
C LEU F 410 24.29 -15.95 -29.87
N THR F 411 25.34 -15.20 -30.17
CA THR F 411 26.69 -15.53 -29.75
C THR F 411 27.29 -14.36 -28.98
N VAL F 412 28.17 -14.67 -28.04
CA VAL F 412 28.83 -13.66 -27.20
C VAL F 412 30.34 -13.76 -27.43
N PHE F 413 30.97 -12.60 -27.64
CA PHE F 413 32.40 -12.51 -27.86
C PHE F 413 33.03 -11.77 -26.69
N THR F 414 34.20 -12.24 -26.24
CA THR F 414 34.86 -11.63 -25.10
C THR F 414 36.36 -11.85 -25.21
N GLY F 415 37.10 -11.05 -24.45
CA GLY F 415 38.54 -11.14 -24.39
C GLY F 415 39.15 -10.03 -23.57
N PRO F 416 40.42 -10.18 -23.19
CA PRO F 416 41.09 -9.12 -22.44
C PRO F 416 41.23 -7.85 -23.25
N THR F 417 41.18 -6.71 -22.55
CA THR F 417 41.29 -5.42 -23.21
C THR F 417 42.71 -5.20 -23.73
N GLY F 418 42.81 -4.36 -24.76
CA GLY F 418 44.08 -4.06 -25.38
C GLY F 418 44.53 -5.04 -26.43
N SER F 419 43.74 -6.08 -26.71
CA SER F 419 44.06 -7.07 -27.73
C SER F 419 43.42 -6.74 -29.08
N GLY F 420 42.77 -5.59 -29.19
CA GLY F 420 42.09 -5.22 -30.41
C GLY F 420 40.93 -6.13 -30.74
N LYS F 421 40.10 -6.41 -29.74
CA LYS F 421 38.96 -7.30 -29.92
C LYS F 421 37.84 -6.60 -30.69
N THR F 422 37.98 -5.29 -30.86
CA THR F 422 37.04 -4.49 -31.64
C THR F 422 37.38 -4.50 -33.13
N THR F 423 38.65 -4.71 -33.48
CA THR F 423 39.02 -4.82 -34.88
C THR F 423 38.60 -6.16 -35.46
N PHE F 424 38.72 -7.24 -34.68
CA PHE F 424 38.37 -8.56 -35.18
C PHE F 424 36.89 -8.65 -35.52
N ILE F 425 36.02 -8.11 -34.65
CA ILE F 425 34.58 -8.18 -34.90
C ILE F 425 34.21 -7.38 -36.14
N SER F 426 34.91 -6.27 -36.40
CA SER F 426 34.71 -5.55 -37.64
C SER F 426 35.11 -6.39 -38.84
N GLU F 427 36.24 -7.11 -38.73
CA GLU F 427 36.65 -8.02 -39.79
C GLU F 427 35.66 -9.17 -39.95
N TYR F 428 35.16 -9.71 -38.83
CA TYR F 428 34.20 -10.79 -38.90
C TYR F 428 32.90 -10.35 -39.58
N ALA F 429 32.41 -9.16 -39.24
CA ALA F 429 31.20 -8.66 -39.87
C ALA F 429 31.41 -8.31 -41.33
N LEU F 430 32.58 -7.73 -41.66
CA LEU F 430 32.84 -7.30 -43.02
C LEU F 430 32.90 -8.49 -43.98
N ASP F 431 33.52 -9.58 -43.56
CA ASP F 431 33.61 -10.76 -44.43
C ASP F 431 32.23 -11.33 -44.73
N LEU F 432 31.37 -11.41 -43.70
CA LEU F 432 30.00 -11.85 -43.93
C LEU F 432 29.22 -10.83 -44.73
N CYS F 433 29.50 -9.54 -44.52
CA CYS F 433 28.82 -8.49 -45.27
C CYS F 433 29.16 -8.54 -46.75
N SER F 434 30.38 -8.96 -47.08
CA SER F 434 30.79 -9.03 -48.48
C SER F 434 30.03 -10.07 -49.29
N GLN F 435 29.39 -11.02 -48.61
CA GLN F 435 28.63 -12.07 -49.29
C GLN F 435 27.16 -11.73 -49.45
N GLY F 436 26.74 -10.54 -49.03
CA GLY F 436 25.36 -10.12 -49.20
C GLY F 436 24.51 -10.34 -47.96
N VAL F 437 25.01 -9.91 -46.80
CA VAL F 437 24.30 -10.02 -45.53
C VAL F 437 24.16 -8.63 -44.94
N ASN F 438 22.94 -8.26 -44.56
CA ASN F 438 22.71 -6.96 -43.96
C ASN F 438 23.25 -6.93 -42.53
N THR F 439 24.12 -5.96 -42.25
CA THR F 439 24.75 -5.82 -40.94
C THR F 439 24.51 -4.44 -40.37
N LEU F 440 24.32 -4.37 -39.05
CA LEU F 440 24.10 -3.13 -38.33
C LEU F 440 25.10 -3.02 -37.20
N TRP F 441 25.66 -1.82 -37.02
CA TRP F 441 26.66 -1.57 -35.99
C TRP F 441 26.08 -0.63 -34.94
N GLY F 442 26.05 -1.09 -33.69
CA GLY F 442 25.64 -0.27 -32.57
C GLY F 442 26.74 -0.09 -31.56
N SER F 443 27.96 0.13 -32.05
CA SER F 443 29.12 0.23 -31.17
C SER F 443 29.00 1.43 -30.25
N PHE F 444 29.33 1.21 -28.98
CA PHE F 444 29.29 2.24 -27.95
C PHE F 444 30.67 2.42 -27.35
N GLU F 445 31.05 3.68 -27.07
CA GLU F 445 32.35 4.02 -26.52
C GLU F 445 33.48 3.63 -27.49
N ILE F 446 33.18 3.60 -28.78
CA ILE F 446 34.17 3.25 -29.80
C ILE F 446 34.43 4.38 -30.78
N SER F 447 33.63 5.45 -30.76
CA SER F 447 33.76 6.56 -31.70
C SER F 447 33.60 6.05 -33.15
N ASN F 448 32.37 5.64 -33.45
CA ASN F 448 32.01 4.97 -34.68
C ASN F 448 32.58 5.64 -35.94
N VAL F 449 32.86 6.94 -35.87
CA VAL F 449 33.56 7.59 -36.97
C VAL F 449 34.94 6.97 -37.17
N ARG F 450 35.65 6.71 -36.08
CA ARG F 450 36.92 5.99 -36.18
C ARG F 450 36.69 4.54 -36.61
N LEU F 451 35.60 3.93 -36.15
CA LEU F 451 35.30 2.55 -36.52
C LEU F 451 35.10 2.42 -38.03
N ALA F 452 34.44 3.41 -38.64
CA ALA F 452 34.25 3.39 -40.09
C ALA F 452 35.59 3.41 -40.82
N ARG F 453 36.54 4.20 -40.34
CA ARG F 453 37.87 4.22 -40.93
C ARG F 453 38.55 2.85 -40.82
N VAL F 454 38.46 2.22 -39.65
CA VAL F 454 39.08 0.91 -39.45
C VAL F 454 38.45 -0.13 -40.37
N MET F 455 37.11 -0.14 -40.44
CA MET F 455 36.43 -1.12 -41.27
C MET F 455 36.73 -0.90 -42.75
N LEU F 456 36.82 0.37 -43.18
CA LEU F 456 37.13 0.65 -44.58
C LEU F 456 38.55 0.19 -44.93
N THR F 457 39.50 0.37 -44.01
CA THR F 457 40.85 -0.13 -44.25
C THR F 457 40.86 -1.64 -44.39
N GLN F 458 40.03 -2.34 -43.60
CA GLN F 458 39.91 -3.78 -43.73
C GLN F 458 39.35 -4.16 -45.10
N PHE F 459 38.40 -3.37 -45.60
CA PHE F 459 37.87 -3.62 -46.94
C PHE F 459 38.95 -3.47 -48.01
N ALA F 460 39.81 -2.46 -47.86
CA ALA F 460 40.89 -2.26 -48.82
C ALA F 460 41.95 -3.35 -48.73
N GLU F 461 41.95 -4.15 -47.66
CA GLU F 461 42.92 -5.21 -47.44
C GLU F 461 44.36 -4.67 -47.50
N GLY F 462 44.58 -3.58 -46.78
CA GLY F 462 45.89 -2.96 -46.77
C GLY F 462 45.83 -1.63 -46.03
N ARG F 463 46.84 -0.80 -46.30
CA ARG F 463 46.97 0.51 -45.66
C ARG F 463 46.49 1.58 -46.62
N LEU F 464 45.45 2.31 -46.21
CA LEU F 464 44.88 3.38 -47.03
C LEU F 464 45.67 4.68 -46.95
N GLU F 465 46.59 4.81 -45.99
CA GLU F 465 47.38 6.03 -45.89
C GLU F 465 48.25 6.23 -47.12
N ASP F 466 48.89 5.15 -47.60
CA ASP F 466 49.71 5.25 -48.81
C ASP F 466 48.85 5.35 -50.07
N GLN F 467 47.66 4.74 -50.05
CA GLN F 467 46.77 4.72 -51.21
C GLN F 467 45.72 5.82 -51.14
N LEU F 468 46.05 6.96 -50.55
CA LEU F 468 45.09 8.06 -50.44
C LEU F 468 44.71 8.60 -51.81
N ASP F 469 45.59 8.48 -52.80
CA ASP F 469 45.26 8.94 -54.15
C ASP F 469 44.12 8.15 -54.75
N LYS F 470 44.13 6.83 -54.57
CA LYS F 470 43.06 5.96 -55.07
C LYS F 470 42.05 5.68 -53.95
N TYR F 471 41.38 6.73 -53.51
CA TYR F 471 40.42 6.66 -52.42
C TYR F 471 38.97 6.71 -52.88
N ASP F 472 38.68 7.45 -53.95
CA ASP F 472 37.30 7.51 -54.45
C ASP F 472 36.84 6.16 -54.98
N HIS F 473 37.75 5.40 -55.61
CA HIS F 473 37.38 4.10 -56.15
C HIS F 473 36.94 3.15 -55.04
N TRP F 474 37.70 3.10 -53.94
CA TRP F 474 37.31 2.24 -52.83
C TRP F 474 36.11 2.79 -52.08
N ALA F 475 35.95 4.11 -52.05
CA ALA F 475 34.78 4.71 -51.42
C ALA F 475 33.50 4.29 -52.13
N ASP F 476 33.51 4.30 -53.46
CA ASP F 476 32.34 3.84 -54.22
C ASP F 476 32.09 2.36 -53.98
N ARG F 477 33.15 1.54 -53.95
CA ARG F 477 32.98 0.12 -53.67
C ARG F 477 32.50 -0.12 -52.25
N PHE F 478 32.85 0.76 -51.32
CA PHE F 478 32.40 0.61 -49.94
C PHE F 478 30.92 0.94 -49.78
N GLU F 479 30.41 1.89 -50.56
CA GLU F 479 29.03 2.33 -50.43
C GLU F 479 28.09 1.56 -51.35
N ASP F 480 28.25 0.24 -51.40
CA ASP F 480 27.27 -0.63 -52.06
C ASP F 480 26.96 -1.89 -51.27
N LEU F 481 27.75 -2.26 -50.27
CA LEU F 481 27.41 -3.39 -49.42
C LEU F 481 26.31 -2.99 -48.44
N PRO F 482 25.49 -3.94 -47.98
CA PRO F 482 24.54 -3.64 -46.91
C PRO F 482 25.24 -3.48 -45.57
N LEU F 483 25.40 -2.23 -45.13
CA LEU F 483 26.14 -1.94 -43.91
C LEU F 483 25.63 -0.64 -43.31
N TYR F 484 25.21 -0.70 -42.05
CA TYR F 484 24.59 0.44 -41.40
C TYR F 484 25.13 0.58 -39.98
N PHE F 485 25.00 1.78 -39.44
CA PHE F 485 25.54 2.13 -38.12
C PHE F 485 24.46 2.77 -37.26
N MET F 486 24.62 2.64 -35.95
CA MET F 486 23.71 3.25 -34.99
C MET F 486 24.42 4.39 -34.28
N THR F 487 23.78 5.56 -34.25
CA THR F 487 24.32 6.75 -33.61
C THR F 487 23.46 7.09 -32.40
N PHE F 488 23.98 6.80 -31.21
CA PHE F 488 23.33 7.14 -29.96
C PHE F 488 24.15 8.21 -29.25
N HIS F 489 23.58 9.41 -29.13
CA HIS F 489 24.30 10.52 -28.51
C HIS F 489 24.12 10.53 -27.00
N GLY F 490 22.87 10.52 -26.54
CA GLY F 490 22.59 10.55 -25.11
C GLY F 490 21.76 9.39 -24.63
N GLN F 491 21.01 8.76 -25.53
CA GLN F 491 20.15 7.65 -25.16
C GLN F 491 20.97 6.41 -24.86
N GLN F 492 20.73 5.80 -23.69
CA GLN F 492 21.45 4.60 -23.29
C GLN F 492 20.54 3.53 -22.70
N SER F 493 19.25 3.79 -22.55
CA SER F 493 18.37 2.82 -21.90
C SER F 493 18.18 1.58 -22.76
N ILE F 494 17.92 0.45 -22.10
CA ILE F 494 17.75 -0.81 -22.80
C ILE F 494 16.48 -0.78 -23.66
N ARG F 495 15.42 -0.12 -23.17
CA ARG F 495 14.19 -0.04 -23.95
C ARG F 495 14.40 0.74 -25.24
N THR F 496 15.17 1.82 -25.19
CA THR F 496 15.36 2.66 -26.38
C THR F 496 16.10 1.88 -27.47
N VAL F 497 17.15 1.15 -27.10
CA VAL F 497 17.96 0.47 -28.10
C VAL F 497 17.17 -0.67 -28.75
N ILE F 498 16.24 -1.27 -28.00
CA ILE F 498 15.50 -2.41 -28.52
C ILE F 498 14.58 -1.98 -29.66
N ASP F 499 13.83 -0.89 -29.46
CA ASP F 499 12.91 -0.44 -30.49
C ASP F 499 13.66 0.06 -31.72
N THR F 500 14.78 0.74 -31.52
CA THR F 500 15.58 1.20 -32.66
C THR F 500 16.11 0.02 -33.46
N MET F 501 16.59 -1.02 -32.77
CA MET F 501 17.03 -2.23 -33.46
C MET F 501 15.85 -2.89 -34.18
N GLN F 502 14.69 -2.95 -33.51
CA GLN F 502 13.50 -3.48 -34.17
C GLN F 502 13.09 -2.61 -35.34
N HIS F 503 13.19 -1.29 -35.19
CA HIS F 503 12.87 -0.39 -36.31
C HIS F 503 13.82 -0.60 -37.47
N ALA F 504 15.12 -0.81 -37.18
CA ALA F 504 16.11 -1.00 -38.23
C ALA F 504 15.80 -2.25 -39.05
N VAL F 505 15.39 -3.33 -38.39
CA VAL F 505 15.07 -4.57 -39.10
C VAL F 505 13.89 -4.36 -40.04
N TYR F 506 12.86 -3.65 -39.57
CA TYR F 506 11.68 -3.42 -40.42
C TYR F 506 12.02 -2.57 -41.63
N VAL F 507 12.87 -1.57 -41.47
CA VAL F 507 13.09 -0.60 -42.54
C VAL F 507 14.11 -1.08 -43.58
N TYR F 508 15.12 -1.85 -43.17
CA TYR F 508 16.20 -2.23 -44.08
C TYR F 508 16.54 -3.72 -44.03
N ASP F 509 15.69 -4.55 -43.43
CA ASP F 509 15.91 -6.00 -43.37
C ASP F 509 17.26 -6.33 -42.75
N ILE F 510 17.52 -5.77 -41.57
CA ILE F 510 18.78 -5.99 -40.87
C ILE F 510 18.84 -7.46 -40.44
N CYS F 511 19.78 -8.20 -41.03
CA CYS F 511 19.95 -9.62 -40.72
C CYS F 511 21.08 -9.89 -39.73
N HIS F 512 21.76 -8.85 -39.26
CA HIS F 512 22.87 -9.04 -38.34
C HIS F 512 23.08 -7.75 -37.55
N VAL F 513 23.09 -7.87 -36.23
CA VAL F 513 23.30 -6.73 -35.33
C VAL F 513 24.48 -7.05 -34.42
N ILE F 514 25.43 -6.12 -34.34
CA ILE F 514 26.60 -6.27 -33.50
C ILE F 514 26.73 -5.03 -32.63
N ILE F 515 26.88 -5.24 -31.32
CA ILE F 515 27.09 -4.16 -30.36
C ILE F 515 28.45 -4.37 -29.71
N ASP F 516 29.27 -3.33 -29.72
CA ASP F 516 30.66 -3.46 -29.27
C ASP F 516 30.74 -3.48 -27.74
N ASN F 517 30.17 -2.48 -27.08
CA ASN F 517 30.24 -2.36 -25.64
C ASN F 517 28.84 -2.52 -25.05
N LEU F 518 28.71 -3.44 -24.09
CA LEU F 518 27.45 -3.64 -23.39
C LEU F 518 27.38 -2.87 -22.07
N GLN F 519 28.53 -2.57 -21.46
CA GLN F 519 28.53 -1.83 -20.21
C GLN F 519 27.99 -0.41 -20.41
N PHE F 520 28.28 0.20 -21.55
CA PHE F 520 27.78 1.55 -21.83
C PHE F 520 26.25 1.56 -21.88
N MET F 521 25.64 0.44 -22.26
CA MET F 521 24.17 0.37 -22.28
C MET F 521 23.60 0.33 -20.87
N MET F 522 24.35 -0.19 -19.91
CA MET F 522 23.89 -0.25 -18.53
C MET F 522 23.72 1.15 -17.93
N GLY F 523 24.65 2.03 -18.26
CA GLY F 523 24.60 3.40 -17.78
N THR F 529 25.89 -6.95 -6.55
CA THR F 529 25.08 -7.93 -7.27
C THR F 529 24.15 -7.25 -8.27
N ASP F 530 24.04 -5.93 -8.16
CA ASP F 530 23.19 -5.17 -9.08
C ASP F 530 23.71 -5.24 -10.51
N ARG F 531 25.03 -5.14 -10.67
CA ARG F 531 25.61 -5.22 -12.02
C ARG F 531 25.40 -6.58 -12.64
N ILE F 532 25.53 -7.66 -11.85
CA ILE F 532 25.33 -9.00 -12.36
C ILE F 532 23.87 -9.19 -12.76
N ALA F 533 22.94 -8.75 -11.91
CA ALA F 533 21.52 -8.86 -12.24
C ALA F 533 21.16 -8.04 -13.47
N ALA F 534 21.70 -6.83 -13.56
CA ALA F 534 21.43 -5.99 -14.73
C ALA F 534 22.00 -6.61 -16.00
N GLN F 535 23.21 -7.16 -15.92
CA GLN F 535 23.82 -7.80 -17.08
C GLN F 535 23.02 -9.03 -17.52
N ASP F 536 22.53 -9.81 -16.56
CA ASP F 536 21.72 -10.97 -16.90
C ASP F 536 20.42 -10.55 -17.58
N TYR F 537 19.79 -9.47 -17.09
CA TYR F 537 18.52 -9.03 -17.65
C TYR F 537 18.66 -8.60 -19.11
N ILE F 538 19.68 -7.80 -19.41
CA ILE F 538 19.82 -7.26 -20.76
C ILE F 538 20.17 -8.36 -21.75
N ILE F 539 20.98 -9.34 -21.33
CA ILE F 539 21.33 -10.45 -22.20
C ILE F 539 20.09 -11.25 -22.57
N GLY F 540 19.21 -11.49 -21.59
CA GLY F 540 17.97 -12.19 -21.88
C GLY F 540 17.08 -11.41 -22.85
N VAL F 541 17.08 -10.08 -22.73
CA VAL F 541 16.31 -9.26 -23.66
C VAL F 541 16.84 -9.41 -25.08
N PHE F 542 18.16 -9.37 -25.24
CA PHE F 542 18.75 -9.56 -26.57
C PHE F 542 18.45 -10.94 -27.11
N ARG F 543 18.51 -11.97 -26.26
CA ARG F 543 18.15 -13.31 -26.70
C ARG F 543 16.69 -13.38 -27.11
N LYS F 544 15.82 -12.73 -26.35
CA LYS F 544 14.41 -12.67 -26.74
C LYS F 544 14.23 -11.91 -28.05
N PHE F 545 14.94 -10.80 -28.21
CA PHE F 545 14.85 -10.05 -29.45
C PHE F 545 15.40 -10.84 -30.63
N ALA F 546 16.53 -11.51 -30.43
CA ALA F 546 17.14 -12.27 -31.53
C ALA F 546 16.25 -13.43 -31.95
N THR F 547 15.67 -14.14 -30.98
CA THR F 547 14.84 -15.30 -31.32
C THR F 547 13.53 -14.87 -31.96
N ASP F 548 12.90 -13.82 -31.43
CA ASP F 548 11.62 -13.37 -31.97
C ASP F 548 11.77 -12.82 -33.39
N ASN F 549 12.82 -12.04 -33.63
CA ASN F 549 13.02 -11.39 -34.92
C ASN F 549 13.89 -12.21 -35.87
N ASN F 550 14.40 -13.36 -35.42
CA ASN F 550 15.24 -14.25 -36.22
C ASN F 550 16.52 -13.56 -36.71
N CYS F 551 16.89 -12.43 -36.12
CA CYS F 551 18.09 -11.72 -36.53
C CYS F 551 19.26 -12.13 -35.66
N HIS F 552 20.38 -12.48 -36.30
CA HIS F 552 21.57 -12.86 -35.55
C HIS F 552 22.16 -11.65 -34.84
N VAL F 553 22.44 -11.82 -33.55
CA VAL F 553 22.97 -10.73 -32.73
C VAL F 553 24.25 -11.20 -32.06
N THR F 554 25.28 -10.36 -32.13
CA THR F 554 26.57 -10.66 -31.53
C THR F 554 26.89 -9.58 -30.50
N LEU F 555 27.20 -10.00 -29.28
CA LEU F 555 27.49 -9.09 -28.18
C LEU F 555 28.95 -9.26 -27.77
N VAL F 556 29.68 -8.16 -27.72
CA VAL F 556 31.05 -8.17 -27.23
C VAL F 556 31.07 -7.65 -25.80
N ILE F 557 31.67 -8.41 -24.90
CA ILE F 557 31.64 -8.12 -23.46
C ILE F 557 32.98 -7.53 -23.05
N HIS F 558 32.93 -6.39 -22.36
CA HIS F 558 34.13 -5.77 -21.82
C HIS F 558 34.23 -6.07 -20.33
N PRO F 559 35.28 -6.77 -19.88
CA PRO F 559 35.44 -7.10 -18.45
C PRO F 559 35.73 -5.88 -17.59
N GLY F 575 32.08 -15.74 -19.43
CA GLY F 575 32.63 -15.11 -18.25
C GLY F 575 31.59 -14.75 -17.22
N SER F 576 30.59 -13.96 -17.64
CA SER F 576 29.53 -13.55 -16.74
C SER F 576 28.65 -14.74 -16.34
N ALA F 577 28.16 -14.71 -15.12
CA ALA F 577 27.30 -15.79 -14.62
C ALA F 577 25.96 -15.79 -15.34
N LYS F 578 25.43 -16.99 -15.57
CA LYS F 578 24.15 -17.26 -16.22
C LYS F 578 24.13 -16.85 -17.68
N ALA F 579 25.24 -16.34 -18.23
CA ALA F 579 25.24 -15.94 -19.63
C ALA F 579 25.35 -17.13 -20.58
N SER F 580 26.05 -18.18 -20.17
CA SER F 580 26.24 -19.34 -21.06
C SER F 580 24.92 -20.03 -21.35
N GLN F 581 24.06 -20.17 -20.34
CA GLN F 581 22.78 -20.85 -20.54
C GLN F 581 21.90 -20.12 -21.54
N GLU F 582 21.83 -18.78 -21.44
CA GLU F 582 20.99 -18.01 -22.35
C GLU F 582 21.62 -17.93 -23.74
N ALA F 583 22.93 -17.74 -23.82
CA ALA F 583 23.60 -17.63 -25.10
C ALA F 583 23.69 -18.99 -25.78
N ASP F 584 23.83 -18.95 -27.11
CA ASP F 584 23.95 -20.16 -27.92
C ASP F 584 25.40 -20.51 -28.24
N ASN F 585 26.25 -19.52 -28.47
CA ASN F 585 27.66 -19.74 -28.79
C ASN F 585 28.51 -18.75 -28.00
N VAL F 586 29.75 -19.15 -27.74
CA VAL F 586 30.71 -18.31 -27.01
C VAL F 586 32.00 -18.26 -27.81
N LEU F 587 32.58 -17.06 -27.90
CA LEU F 587 33.88 -16.85 -28.54
C LEU F 587 34.77 -16.09 -27.58
N ILE F 588 35.97 -16.61 -27.34
CA ILE F 588 36.92 -16.01 -26.42
C ILE F 588 38.23 -15.77 -27.17
N LEU F 589 38.73 -14.54 -27.12
CA LEU F 589 39.97 -14.16 -27.78
C LEU F 589 41.00 -13.85 -26.72
N GLN F 590 41.74 -14.87 -26.30
CA GLN F 590 42.78 -14.73 -25.30
C GLN F 590 44.11 -14.40 -25.97
N ASP F 591 45.09 -14.01 -25.14
CA ASP F 591 46.41 -13.62 -25.60
C ASP F 591 47.46 -14.52 -24.97
N ARG F 592 48.58 -14.69 -25.67
CA ARG F 592 49.68 -15.51 -25.17
C ARG F 592 51.02 -14.82 -25.39
N GLY F 599 51.71 -9.31 -31.55
CA GLY F 599 50.26 -9.28 -31.73
C GLY F 599 49.68 -10.60 -32.18
N LYS F 600 50.01 -11.67 -31.45
CA LYS F 600 49.54 -13.01 -31.75
C LYS F 600 48.53 -13.43 -30.68
N ARG F 601 47.37 -13.90 -31.12
CA ARG F 601 46.32 -14.34 -30.21
C ARG F 601 45.68 -15.63 -30.69
N TYR F 602 44.71 -16.15 -29.94
CA TYR F 602 44.03 -17.39 -30.31
C TYR F 602 42.58 -17.30 -29.88
N LEU F 603 41.70 -17.89 -30.69
CA LEU F 603 40.26 -17.90 -30.45
C LEU F 603 39.84 -19.29 -29.97
N GLN F 604 39.08 -19.32 -28.87
CA GLN F 604 38.58 -20.57 -28.32
C GLN F 604 37.05 -20.52 -28.23
N VAL F 605 36.41 -21.57 -28.70
CA VAL F 605 34.96 -21.72 -28.65
C VAL F 605 34.64 -22.95 -27.81
N SER F 606 33.78 -22.77 -26.80
CA SER F 606 33.44 -23.85 -25.89
C SER F 606 31.93 -24.11 -25.83
N LYS F 607 31.15 -23.59 -26.78
CA LYS F 607 29.71 -23.82 -26.81
C LYS F 607 29.22 -23.63 -28.23
N ASN F 608 28.65 -24.69 -28.81
CA ASN F 608 28.11 -24.66 -30.16
C ASN F 608 26.70 -25.25 -30.11
N ARG F 609 25.70 -24.38 -30.23
CA ARG F 609 24.31 -24.84 -30.21
C ARG F 609 24.00 -25.73 -31.41
N PHE F 610 24.44 -25.32 -32.60
CA PHE F 610 24.03 -26.02 -33.81
C PHE F 610 24.79 -27.34 -33.99
N ASP F 611 26.07 -27.38 -33.59
CA ASP F 611 26.90 -28.54 -33.85
C ASP F 611 27.47 -29.19 -32.60
N GLY F 612 27.69 -28.45 -31.52
CA GLY F 612 28.32 -29.03 -30.35
C GLY F 612 29.81 -29.28 -30.51
N ASP F 613 30.46 -28.56 -31.40
CA ASP F 613 31.88 -28.73 -31.67
C ASP F 613 32.68 -27.62 -31.01
N VAL F 614 33.73 -27.98 -30.29
CA VAL F 614 34.57 -27.03 -29.59
C VAL F 614 36.00 -27.13 -30.14
N GLY F 615 36.80 -26.12 -29.83
CA GLY F 615 38.18 -26.10 -30.28
C GLY F 615 38.80 -24.75 -30.04
N VAL F 616 40.06 -24.64 -30.46
CA VAL F 616 40.82 -23.40 -30.31
C VAL F 616 41.89 -23.36 -31.40
N PHE F 617 42.05 -22.19 -32.02
CA PHE F 617 43.02 -22.00 -33.09
C PHE F 617 43.72 -20.66 -32.91
N PRO F 618 45.01 -20.58 -33.25
CA PRO F 618 45.73 -19.31 -33.13
C PRO F 618 45.45 -18.38 -34.31
N LEU F 619 45.77 -17.11 -34.10
CA LEU F 619 45.62 -16.09 -35.13
C LEU F 619 46.82 -15.15 -35.11
N GLU F 620 47.16 -14.61 -36.27
CA GLU F 620 48.22 -13.63 -36.41
C GLU F 620 47.61 -12.33 -36.93
N PHE F 621 47.85 -11.23 -36.21
CA PHE F 621 47.30 -9.93 -36.55
C PHE F 621 48.41 -9.01 -37.05
N ASN F 622 48.17 -8.37 -38.19
CA ASN F 622 49.10 -7.41 -38.77
C ASN F 622 48.46 -6.02 -38.72
N LYS F 623 49.17 -5.07 -38.12
CA LYS F 623 48.65 -3.71 -38.02
C LYS F 623 48.74 -2.95 -39.34
N ASN F 624 49.55 -3.42 -40.28
CA ASN F 624 49.67 -2.74 -41.57
C ASN F 624 48.37 -2.79 -42.35
N SER F 625 47.69 -3.94 -42.34
CA SER F 625 46.45 -4.10 -43.06
C SER F 625 45.23 -4.24 -42.15
N LEU F 626 45.44 -4.35 -40.83
CA LEU F 626 44.35 -4.51 -39.86
C LEU F 626 43.49 -5.75 -40.19
N THR F 627 44.15 -6.80 -40.68
CA THR F 627 43.47 -8.04 -41.05
C THR F 627 44.19 -9.20 -40.39
N PHE F 628 43.42 -10.05 -39.71
CA PHE F 628 43.99 -11.23 -39.08
C PHE F 628 44.35 -12.29 -40.13
N SER F 629 45.32 -13.13 -39.78
CA SER F 629 45.80 -14.17 -40.69
C SER F 629 46.30 -15.34 -39.87
N ILE F 630 46.54 -16.46 -40.54
CA ILE F 630 47.04 -17.66 -39.89
C ILE F 630 48.03 -18.38 -40.79
N PRO G 54 13.47 26.91 -15.16
CA PRO G 54 12.59 25.83 -14.69
C PRO G 54 11.18 25.94 -15.26
N VAL G 55 11.05 26.56 -16.43
CA VAL G 55 9.77 26.74 -17.09
C VAL G 55 9.82 25.97 -18.41
N THR G 56 8.87 25.06 -18.60
CA THR G 56 8.80 24.25 -19.79
C THR G 56 7.99 24.95 -20.88
N ALA G 57 8.03 24.37 -22.09
CA ALA G 57 7.27 24.93 -23.19
C ALA G 57 5.76 24.85 -22.95
N THR G 58 5.30 23.79 -22.30
CA THR G 58 3.89 23.68 -21.97
C THR G 58 3.44 24.80 -21.04
N GLU G 59 4.28 25.13 -20.06
CA GLU G 59 3.95 26.23 -19.15
C GLU G 59 3.87 27.55 -19.89
N ILE G 60 4.73 27.75 -20.89
CA ILE G 60 4.65 28.95 -21.71
C ILE G 60 3.34 29.00 -22.47
N ARG G 61 2.94 27.86 -23.06
CA ARG G 61 1.73 27.82 -23.87
C ARG G 61 0.49 28.08 -23.02
N GLN G 62 0.40 27.47 -21.84
CA GLN G 62 -0.78 27.65 -21.01
C GLN G 62 -0.87 29.06 -20.44
N TYR G 63 0.28 29.69 -20.17
CA TYR G 63 0.26 31.08 -19.71
C TYR G 63 -0.27 32.00 -20.80
N LEU G 64 0.12 31.76 -22.06
CA LEU G 64 -0.44 32.54 -23.16
C LEU G 64 -1.93 32.30 -23.30
N ARG G 65 -2.38 31.05 -23.10
CA ARG G 65 -3.80 30.76 -23.13
C ARG G 65 -4.55 31.46 -22.00
N GLY G 66 -3.85 31.82 -20.92
CA GLY G 66 -4.49 32.57 -19.85
C GLY G 66 -4.98 33.93 -20.30
N HIS G 67 -4.17 34.63 -21.08
CA HIS G 67 -4.55 35.90 -21.67
C HIS G 67 -5.26 35.73 -23.02
N GLY G 68 -5.35 34.51 -23.52
CA GLY G 68 -6.01 34.29 -24.80
C GLY G 68 -5.25 34.81 -26.00
N ILE G 69 -3.94 34.96 -25.90
CA ILE G 69 -3.13 35.47 -26.99
C ILE G 69 -2.92 34.36 -28.02
N PRO G 70 -3.32 34.55 -29.27
CA PRO G 70 -3.09 33.52 -30.30
C PRO G 70 -1.61 33.40 -30.63
N PHE G 71 -1.06 32.21 -30.36
CA PHE G 71 0.36 31.96 -30.58
C PHE G 71 0.54 30.78 -31.54
N GLN G 72 1.57 30.87 -32.36
CA GLN G 72 1.91 29.82 -33.32
C GLN G 72 3.29 29.27 -32.99
N ASP G 73 3.38 27.94 -32.92
CA ASP G 73 4.63 27.27 -32.60
C ASP G 73 5.56 27.29 -33.80
N GLY G 74 6.49 28.24 -33.81
CA GLY G 74 7.43 28.37 -34.91
C GLY G 74 8.85 28.01 -34.55
N HIS G 75 9.32 26.86 -35.05
CA HIS G 75 10.67 26.36 -34.80
C HIS G 75 11.08 26.47 -33.33
N SER G 76 11.92 27.44 -33.01
CA SER G 76 12.45 27.60 -31.66
C SER G 76 11.61 28.54 -30.81
N CYS G 77 11.45 29.79 -31.24
CA CYS G 77 10.72 30.79 -30.48
C CYS G 77 9.31 30.92 -31.02
N LEU G 78 8.32 30.78 -30.14
CA LEU G 78 6.93 30.89 -30.54
C LEU G 78 6.60 32.32 -30.97
N ARG G 79 5.72 32.45 -31.96
CA ARG G 79 5.31 33.73 -32.49
C ARG G 79 3.85 34.00 -32.15
N ALA G 80 3.57 35.23 -31.74
CA ALA G 80 2.22 35.63 -31.36
C ALA G 80 2.06 37.11 -31.59
N LEU G 81 0.80 37.56 -31.67
CA LEU G 81 0.53 38.98 -31.84
C LEU G 81 0.99 39.76 -30.63
N SER G 82 1.65 40.88 -30.87
CA SER G 82 2.21 41.69 -29.80
C SER G 82 1.11 42.49 -29.12
N PRO G 83 0.89 42.31 -27.81
CA PRO G 83 -0.13 43.11 -27.11
C PRO G 83 0.36 44.46 -26.63
N PHE G 84 1.65 44.74 -26.71
CA PHE G 84 2.20 45.99 -26.21
C PHE G 84 2.79 46.82 -27.35
N SER G 99 2.57 39.05 -38.96
CA SER G 99 2.03 40.05 -38.04
C SER G 99 2.33 39.68 -36.59
N PHE G 100 2.74 38.44 -36.37
CA PHE G 100 3.07 37.95 -35.03
C PHE G 100 4.46 38.47 -34.66
N SER G 101 4.48 39.73 -34.19
CA SER G 101 5.74 40.37 -33.85
C SER G 101 6.33 39.84 -32.55
N LEU G 102 5.49 39.49 -31.59
CA LEU G 102 5.98 39.02 -30.29
C LEU G 102 6.60 37.64 -30.42
N PHE G 103 7.80 37.48 -29.88
CA PHE G 103 8.53 36.22 -29.89
C PHE G 103 8.88 35.83 -28.46
N ILE G 104 8.61 34.57 -28.11
CA ILE G 104 8.90 34.06 -26.77
C ILE G 104 9.89 32.91 -26.90
N ASP G 105 11.00 33.01 -26.18
CA ASP G 105 12.02 31.98 -26.23
C ASP G 105 11.52 30.69 -25.58
N LYS G 106 11.84 29.55 -26.21
CA LYS G 106 11.38 28.26 -25.71
C LYS G 106 11.99 27.93 -24.36
N THR G 107 13.29 28.23 -24.19
CA THR G 107 14.01 27.83 -22.99
C THR G 107 14.11 28.92 -21.93
N THR G 108 14.21 30.19 -22.33
CA THR G 108 14.38 31.27 -21.38
C THR G 108 13.16 32.20 -21.28
N GLY G 109 12.29 32.20 -22.28
CA GLY G 109 11.12 33.07 -22.25
C GLY G 109 11.44 34.54 -22.44
N HIS G 110 12.64 34.83 -22.97
CA HIS G 110 13.03 36.21 -23.22
C HIS G 110 12.22 36.79 -24.37
N PHE G 111 11.28 37.68 -24.05
CA PHE G 111 10.41 38.24 -25.07
C PHE G 111 11.14 39.29 -25.90
N LEU G 112 10.70 39.43 -27.15
CA LEU G 112 11.27 40.42 -28.06
C LEU G 112 10.26 40.69 -29.17
N CYS G 113 10.02 41.98 -29.43
CA CYS G 113 9.04 42.41 -30.41
C CYS G 113 9.75 43.09 -31.58
N MET G 114 9.34 42.73 -32.80
CA MET G 114 9.94 43.34 -33.99
C MET G 114 9.53 44.80 -34.16
N THR G 115 8.43 45.22 -33.54
CA THR G 115 7.94 46.59 -33.65
C THR G 115 8.09 47.38 -32.37
N SER G 116 7.59 46.85 -31.25
CA SER G 116 7.70 47.57 -29.98
C SER G 116 9.14 47.62 -29.48
N LEU G 117 9.96 46.62 -29.84
CA LEU G 117 11.36 46.54 -29.44
C LEU G 117 11.50 46.56 -27.91
N ALA G 118 10.85 45.59 -27.27
CA ALA G 118 10.89 45.43 -25.83
C ALA G 118 11.49 44.07 -25.51
N GLU G 119 12.44 44.06 -24.57
CA GLU G 119 13.14 42.84 -24.18
C GLU G 119 13.19 42.73 -22.67
N GLY G 120 13.30 41.49 -22.19
CA GLY G 120 13.38 41.25 -20.77
C GLY G 120 13.22 39.77 -20.46
N SER G 121 13.19 39.46 -19.17
CA SER G 121 13.06 38.09 -18.73
C SER G 121 11.59 37.64 -18.79
N TRP G 122 11.38 36.35 -18.53
CA TRP G 122 10.02 35.82 -18.49
C TRP G 122 9.21 36.43 -17.36
N GLU G 123 9.84 36.62 -16.20
CA GLU G 123 9.16 37.29 -15.09
C GLU G 123 8.81 38.73 -15.45
N ASP G 124 9.66 39.39 -16.24
CA ASP G 124 9.33 40.73 -16.72
C ASP G 124 8.08 40.70 -17.60
N PHE G 125 7.97 39.68 -18.46
CA PHE G 125 6.77 39.55 -19.29
C PHE G 125 5.53 39.33 -18.43
N GLN G 126 5.64 38.54 -17.37
CA GLN G 126 4.51 38.32 -16.48
C GLN G 126 4.10 39.62 -15.79
N ALA G 127 5.07 40.41 -15.35
CA ALA G 127 4.76 41.68 -14.71
C ALA G 127 4.33 42.74 -15.71
N SER G 128 4.67 42.58 -16.99
CA SER G 128 4.32 43.60 -17.98
C SER G 128 2.83 43.56 -18.30
N VAL G 129 2.21 42.38 -18.25
CA VAL G 129 0.80 42.24 -18.57
C VAL G 129 -0.05 42.68 -17.38
N GLU G 130 0.60 42.97 -16.26
CA GLU G 130 -0.07 43.40 -15.04
C GLU G 130 0.10 44.91 -14.88
N GLY G 131 -0.99 45.60 -14.63
CA GLY G 131 -0.97 47.04 -14.46
C GLY G 131 -1.93 47.77 -15.38
N GLU G 147 13.99 50.86 -22.28
CA GLU G 147 14.59 50.37 -21.04
C GLU G 147 16.10 50.52 -21.08
N PHE G 148 16.69 50.35 -22.26
CA PHE G 148 18.12 50.49 -22.45
C PHE G 148 18.39 51.39 -23.64
N GLU G 149 19.53 52.08 -23.59
CA GLU G 149 19.95 52.98 -24.65
C GLU G 149 21.24 52.55 -25.33
N ASP G 150 22.23 52.12 -24.57
CA ASP G 150 23.52 51.68 -25.09
C ASP G 150 24.16 52.75 -25.98
N SER G 151 24.11 53.99 -25.49
CA SER G 151 24.65 55.14 -26.21
C SER G 151 26.11 55.32 -25.84
N GLU G 152 26.99 55.21 -26.83
CA GLU G 152 28.42 55.34 -26.63
C GLU G 152 29.00 56.23 -27.71
N GLU G 153 30.17 56.81 -27.43
CA GLU G 153 30.84 57.67 -28.40
C GLU G 153 31.47 56.83 -29.50
N VAL G 154 30.63 56.26 -30.37
CA VAL G 154 31.11 55.44 -31.46
C VAL G 154 30.91 56.10 -32.83
N ARG G 155 30.04 57.11 -32.93
CA ARG G 155 29.87 57.81 -34.19
C ARG G 155 31.11 58.58 -34.59
N ARG G 156 31.94 58.97 -33.61
CA ARG G 156 33.18 59.67 -33.92
C ARG G 156 34.12 58.79 -34.75
N ILE G 157 34.23 57.52 -34.40
CA ILE G 157 35.10 56.61 -35.14
C ILE G 157 34.58 56.44 -36.57
N TRP G 158 33.25 56.30 -36.71
CA TRP G 158 32.66 56.15 -38.04
C TRP G 158 32.91 57.40 -38.89
N ASN G 159 32.77 58.59 -38.29
CA ASN G 159 32.98 59.82 -39.03
C ASN G 159 34.44 60.03 -39.40
N ARG G 160 35.37 59.45 -38.66
CA ARG G 160 36.80 59.59 -38.94
C ARG G 160 37.37 58.44 -39.75
N ALA G 161 36.52 57.69 -40.44
CA ALA G 161 36.95 56.59 -41.28
C ALA G 161 36.36 56.75 -42.68
N ILE G 162 37.10 56.29 -43.68
CA ILE G 162 36.72 56.48 -45.07
C ILE G 162 36.29 55.14 -45.67
N PRO G 163 35.18 55.10 -46.42
CA PRO G 163 34.80 53.85 -47.08
C PRO G 163 35.87 53.38 -48.05
N LEU G 164 36.03 52.06 -48.13
CA LEU G 164 37.06 51.49 -48.98
C LEU G 164 36.80 51.78 -50.46
N TRP G 165 35.54 51.71 -50.89
CA TRP G 165 35.21 51.95 -52.30
C TRP G 165 35.24 53.42 -52.67
N GLU G 166 35.32 54.33 -51.70
CA GLU G 166 35.37 55.76 -51.96
C GLU G 166 36.77 56.34 -51.78
N LEU G 167 37.80 55.50 -51.87
CA LEU G 167 39.17 55.95 -51.69
C LEU G 167 39.82 56.18 -53.05
N PRO G 168 40.14 57.42 -53.42
CA PRO G 168 40.80 57.66 -54.71
C PRO G 168 42.25 57.23 -54.74
N ASP G 169 42.85 56.92 -53.60
CA ASP G 169 44.24 56.49 -53.57
C ASP G 169 44.41 55.14 -54.25
N GLN G 170 45.60 54.90 -54.78
CA GLN G 170 45.93 53.66 -55.47
C GLN G 170 46.84 52.75 -54.65
N GLU G 171 47.94 53.30 -54.11
CA GLU G 171 48.84 52.48 -53.31
C GLU G 171 48.19 52.04 -52.01
N GLU G 172 47.39 52.93 -51.39
CA GLU G 172 46.78 52.61 -50.10
C GLU G 172 45.78 51.45 -50.24
N VAL G 173 44.94 51.49 -51.28
CA VAL G 173 43.94 50.44 -51.43
C VAL G 173 44.59 49.12 -51.81
N GLN G 174 45.62 49.16 -52.66
CA GLN G 174 46.32 47.94 -53.05
C GLN G 174 46.99 47.30 -51.84
N LEU G 175 47.62 48.11 -50.98
CA LEU G 175 48.20 47.57 -49.76
C LEU G 175 47.12 47.03 -48.82
N ALA G 176 45.95 47.69 -48.79
CA ALA G 176 44.88 47.27 -47.89
C ALA G 176 44.36 45.88 -48.25
N ASP G 177 44.17 45.61 -49.54
CA ASP G 177 43.60 44.31 -49.92
C ASP G 177 44.61 43.19 -49.77
N THR G 178 45.90 43.47 -49.98
CA THR G 178 46.91 42.42 -49.87
C THR G 178 47.03 41.91 -48.44
N MET G 179 47.01 42.81 -47.46
CA MET G 179 47.14 42.38 -46.07
C MET G 179 45.88 41.68 -45.56
N PHE G 180 44.71 42.12 -46.01
CA PHE G 180 43.44 41.54 -45.58
C PHE G 180 42.93 40.46 -46.54
N GLY G 181 43.69 40.15 -47.59
CA GLY G 181 43.26 39.15 -48.55
C GLY G 181 42.01 39.51 -49.30
N LEU G 182 41.90 40.76 -49.75
CA LEU G 182 40.74 41.26 -50.48
C LEU G 182 41.06 41.49 -51.95
N THR G 183 41.90 40.62 -52.52
CA THR G 183 42.28 40.77 -53.92
C THR G 183 41.09 40.58 -54.85
N LYS G 184 40.23 39.61 -54.56
CA LYS G 184 39.09 39.29 -55.41
C LYS G 184 37.82 40.02 -54.99
N VAL G 185 37.87 40.83 -53.94
CA VAL G 185 36.68 41.55 -53.48
C VAL G 185 36.43 42.74 -54.39
N THR G 186 35.20 42.85 -54.88
CA THR G 186 34.81 43.93 -55.78
C THR G 186 34.22 45.08 -54.99
N ASP G 187 34.26 46.28 -55.60
CA ASP G 187 33.74 47.48 -54.95
C ASP G 187 32.23 47.42 -54.78
N ASP G 188 31.52 46.65 -55.60
CA ASP G 188 30.07 46.55 -55.47
C ASP G 188 29.69 45.91 -54.13
N THR G 189 30.42 44.87 -53.72
CA THR G 189 30.16 44.25 -52.42
C THR G 189 30.42 45.22 -51.28
N LEU G 190 31.46 46.06 -51.41
CA LEU G 190 31.76 47.02 -50.37
C LEU G 190 30.61 48.01 -50.18
N LYS G 191 30.02 48.49 -51.28
CA LYS G 191 28.89 49.40 -51.17
C LYS G 191 27.68 48.71 -50.53
N ARG G 192 27.44 47.45 -50.91
CA ARG G 192 26.27 46.74 -50.40
C ARG G 192 26.38 46.51 -48.89
N PHE G 193 27.56 46.14 -48.41
CA PHE G 193 27.77 45.87 -46.99
C PHE G 193 28.26 47.08 -46.22
N SER G 194 28.51 48.20 -46.90
CA SER G 194 28.97 49.44 -46.25
C SER G 194 30.24 49.21 -45.43
N VAL G 195 31.20 48.51 -46.02
CA VAL G 195 32.47 48.25 -45.35
C VAL G 195 33.31 49.50 -45.38
N ARG G 196 33.79 49.93 -44.22
CA ARG G 196 34.56 51.15 -44.07
C ARG G 196 35.97 50.83 -43.61
N TYR G 197 36.88 51.78 -43.84
CA TYR G 197 38.29 51.61 -43.51
C TYR G 197 38.77 52.83 -42.75
N LEU G 198 39.58 52.60 -41.71
CA LEU G 198 40.11 53.67 -40.88
C LEU G 198 41.59 53.87 -41.17
N ARG G 199 42.00 55.12 -41.27
CA ARG G 199 43.37 55.50 -41.61
C ARG G 199 44.36 55.45 -40.44
N PRO G 200 44.00 55.94 -39.23
CA PRO G 200 45.02 56.00 -38.16
C PRO G 200 45.67 54.68 -37.83
N ALA G 201 44.93 53.57 -37.85
CA ALA G 201 45.49 52.28 -37.50
C ALA G 201 45.45 51.26 -38.63
N ARG G 202 44.94 51.62 -39.80
CA ARG G 202 44.85 50.73 -40.96
C ARG G 202 44.11 49.44 -40.61
N SER G 203 42.84 49.60 -40.25
CA SER G 203 41.99 48.49 -39.83
C SER G 203 40.65 48.58 -40.54
N LEU G 204 40.02 47.42 -40.69
CA LEU G 204 38.68 47.36 -41.27
C LEU G 204 37.63 47.80 -40.25
N VAL G 205 36.50 48.25 -40.76
CA VAL G 205 35.38 48.69 -39.94
C VAL G 205 34.14 47.92 -40.37
N PHE G 206 33.48 47.27 -39.42
CA PHE G 206 32.24 46.53 -39.68
C PHE G 206 31.13 47.12 -38.82
N PRO G 207 30.21 47.89 -39.38
CA PRO G 207 29.19 48.56 -38.58
C PRO G 207 28.11 47.61 -38.07
N TRP G 208 27.45 48.05 -37.01
CA TRP G 208 26.30 47.36 -36.43
C TRP G 208 25.08 48.26 -36.58
N PHE G 209 24.04 47.74 -37.23
CA PHE G 209 22.82 48.48 -37.48
C PHE G 209 21.71 47.98 -36.57
N SER G 210 20.92 48.92 -36.05
CA SER G 210 19.79 48.56 -35.20
C SER G 210 18.73 47.81 -36.00
N PRO G 211 18.04 46.85 -35.39
CA PRO G 211 16.99 46.12 -36.11
C PRO G 211 15.87 47.03 -36.60
N GLY G 212 15.61 48.14 -35.92
CA GLY G 212 14.58 49.07 -36.31
C GLY G 212 14.98 50.14 -37.29
N GLY G 213 16.18 50.03 -37.87
CA GLY G 213 16.64 51.04 -38.81
C GLY G 213 17.20 52.28 -38.17
N SER G 214 17.55 52.24 -36.90
CA SER G 214 18.07 53.40 -36.19
C SER G 214 19.55 53.60 -36.53
N GLY G 215 20.24 54.39 -35.72
CA GLY G 215 21.65 54.66 -35.95
C GLY G 215 22.52 53.46 -35.66
N LEU G 216 23.83 53.69 -35.79
CA LEU G 216 24.80 52.62 -35.57
C LEU G 216 24.80 52.18 -34.11
N ARG G 217 24.93 50.87 -33.91
CA ARG G 217 24.96 50.30 -32.56
C ARG G 217 26.37 49.94 -32.10
N GLY G 218 27.27 49.65 -33.03
CA GLY G 218 28.63 49.30 -32.66
C GLY G 218 29.49 49.15 -33.89
N LEU G 219 30.80 49.01 -33.64
CA LEU G 219 31.78 48.86 -34.71
C LEU G 219 32.72 47.72 -34.37
N LYS G 220 33.05 46.90 -35.37
CA LYS G 220 34.01 45.81 -35.23
C LYS G 220 35.23 46.13 -36.07
N LEU G 221 36.41 46.05 -35.47
CA LEU G 221 37.66 46.41 -36.12
C LEU G 221 38.55 45.18 -36.24
N LEU G 222 39.06 44.93 -37.45
CA LEU G 222 40.00 43.85 -37.70
C LEU G 222 41.30 44.45 -38.22
N GLU G 223 42.42 44.09 -37.59
CA GLU G 223 43.73 44.61 -37.94
C GLU G 223 44.64 43.45 -38.34
N ALA G 224 45.39 43.64 -39.41
CA ALA G 224 46.30 42.63 -39.93
C ALA G 224 47.72 42.95 -39.48
N LYS G 225 48.37 41.98 -38.83
CA LYS G 225 49.72 42.13 -38.35
C LYS G 225 50.52 40.88 -38.67
N CYS G 226 51.83 41.05 -38.81
CA CYS G 226 52.72 39.94 -39.11
C CYS G 226 54.00 40.01 -38.30
N VAL G 231 50.97 36.85 -41.15
CA VAL G 231 49.62 37.34 -41.39
C VAL G 231 48.69 36.89 -40.27
N SER G 232 48.41 37.81 -39.35
CA SER G 232 47.54 37.54 -38.21
C SER G 232 46.49 38.63 -38.11
N TYR G 233 45.26 38.23 -37.80
CA TYR G 233 44.14 39.15 -37.68
C TYR G 233 43.78 39.33 -36.21
N GLU G 234 43.69 40.59 -35.79
CA GLU G 234 43.34 40.93 -34.42
C GLU G 234 41.93 41.53 -34.40
N GLU G 235 41.11 41.05 -33.48
CA GLU G 235 39.71 41.45 -33.39
C GLU G 235 39.53 42.43 -32.24
N THR G 236 38.98 43.61 -32.53
CA THR G 236 38.66 44.61 -31.54
C THR G 236 37.31 45.23 -31.87
N THR G 237 36.43 45.27 -30.89
CA THR G 237 35.07 45.76 -31.09
C THR G 237 34.66 46.72 -29.99
N ILE G 238 33.79 47.66 -30.34
CA ILE G 238 33.20 48.61 -29.41
C ILE G 238 31.68 48.49 -29.54
N PRO G 239 30.95 48.20 -28.45
CA PRO G 239 31.41 48.02 -27.06
C PRO G 239 32.08 46.68 -26.80
N ARG G 240 32.10 46.28 -25.53
CA ARG G 240 32.83 45.08 -25.14
C ARG G 240 32.26 43.85 -25.86
N PRO G 241 33.09 42.84 -26.10
CA PRO G 241 32.61 41.66 -26.83
C PRO G 241 31.47 40.94 -26.13
N SER G 242 31.36 41.06 -24.80
CA SER G 242 30.26 40.42 -24.08
C SER G 242 28.91 41.00 -24.48
N ALA G 243 28.86 42.24 -24.95
CA ALA G 243 27.62 42.88 -25.37
C ALA G 243 27.50 43.00 -26.89
N TYR G 244 28.51 42.57 -27.63
CA TYR G 244 28.47 42.65 -29.09
C TYR G 244 27.54 41.56 -29.63
N HIS G 245 26.41 41.98 -30.22
CA HIS G 245 25.38 41.09 -30.72
C HIS G 245 24.99 41.47 -32.14
N ASN G 246 25.98 41.70 -33.00
CA ASN G 246 25.75 42.17 -34.35
C ASN G 246 25.72 41.01 -35.33
N LEU G 247 24.69 40.97 -36.18
CA LEU G 247 24.59 40.01 -37.28
C LEU G 247 24.79 40.79 -38.57
N PHE G 248 25.96 40.60 -39.18
CA PHE G 248 26.27 41.32 -40.42
C PHE G 248 25.32 40.91 -41.53
N GLY G 249 24.80 41.91 -42.24
CA GLY G 249 23.87 41.65 -43.32
C GLY G 249 22.42 41.51 -42.91
N LEU G 250 22.10 41.75 -41.63
CA LEU G 250 20.71 41.66 -41.19
C LEU G 250 19.80 42.64 -41.91
N PRO G 251 20.14 43.93 -42.06
CA PRO G 251 19.29 44.80 -42.91
C PRO G 251 19.23 44.34 -44.35
N LEU G 252 20.30 43.76 -44.88
CA LEU G 252 20.35 43.39 -46.29
C LEU G 252 19.35 42.27 -46.61
N ILE G 253 19.25 41.27 -45.73
CA ILE G 253 18.36 40.15 -46.00
C ILE G 253 16.91 40.59 -45.88
N SER G 254 16.07 40.05 -46.77
CA SER G 254 14.66 40.42 -46.83
C SER G 254 13.78 39.35 -46.17
N ARG G 255 12.50 39.67 -46.04
CA ARG G 255 11.55 38.75 -45.43
C ARG G 255 11.23 37.56 -46.33
N ARG G 256 11.45 37.70 -47.64
CA ARG G 256 11.16 36.63 -48.60
C ARG G 256 12.35 35.71 -48.83
N ASP G 257 13.26 35.61 -47.87
CA ASP G 257 14.43 34.75 -47.97
C ASP G 257 14.31 33.61 -46.97
N ALA G 258 14.46 32.38 -47.46
CA ALA G 258 14.35 31.20 -46.62
C ALA G 258 15.68 30.48 -46.39
N GLU G 259 16.72 30.83 -47.16
CA GLU G 259 18.02 30.18 -47.05
C GLU G 259 19.05 31.20 -46.58
N VAL G 260 19.83 30.82 -45.57
CA VAL G 260 20.88 31.66 -45.03
C VAL G 260 22.07 30.78 -44.65
N VAL G 261 23.27 31.27 -44.90
CA VAL G 261 24.50 30.57 -44.57
C VAL G 261 25.26 31.40 -43.54
N LEU G 262 25.57 30.80 -42.40
CA LEU G 262 26.27 31.50 -41.33
C LEU G 262 27.77 31.32 -41.49
N THR G 263 28.52 32.41 -41.28
CA THR G 263 29.97 32.40 -41.39
C THR G 263 30.59 32.84 -40.07
N SER G 264 31.72 32.21 -39.74
CA SER G 264 32.41 32.55 -38.49
C SER G 264 33.08 33.92 -38.57
N ARG G 265 33.44 34.36 -39.77
CA ARG G 265 34.10 35.63 -39.99
C ARG G 265 33.18 36.54 -40.81
N GLU G 266 33.66 37.74 -41.12
CA GLU G 266 32.92 38.69 -41.93
C GLU G 266 33.45 38.82 -43.35
N LEU G 267 34.75 38.70 -43.55
CA LEU G 267 35.32 38.81 -44.89
C LEU G 267 34.83 37.67 -45.78
N ASP G 268 34.77 36.44 -45.25
CA ASP G 268 34.28 35.32 -46.02
C ASP G 268 32.81 35.48 -46.38
N SER G 269 32.04 36.16 -45.54
CA SER G 269 30.65 36.44 -45.87
C SER G 269 30.55 37.35 -47.08
N LEU G 270 31.44 38.33 -47.19
CA LEU G 270 31.44 39.21 -48.36
C LEU G 270 31.71 38.43 -49.64
N ALA G 271 32.68 37.51 -49.60
CA ALA G 271 32.97 36.69 -50.76
C ALA G 271 31.84 35.72 -51.06
N LEU G 272 31.23 35.15 -50.01
CA LEU G 272 30.13 34.22 -50.21
C LEU G 272 28.94 34.89 -50.88
N ASN G 273 28.59 36.09 -50.43
CA ASN G 273 27.47 36.81 -51.04
C ASN G 273 27.82 37.31 -52.44
N GLN G 274 29.11 37.59 -52.68
CA GLN G 274 29.52 38.08 -53.99
C GLN G 274 29.26 37.04 -55.09
N SER G 275 29.58 35.78 -54.82
CA SER G 275 29.48 34.73 -55.84
C SER G 275 28.11 34.05 -55.83
N THR G 276 27.74 33.44 -54.70
CA THR G 276 26.47 32.73 -54.64
C THR G 276 25.29 33.68 -54.75
N GLY G 277 25.36 34.83 -54.07
CA GLY G 277 24.26 35.77 -54.05
C GLY G 277 23.16 35.44 -53.06
N LEU G 278 23.28 34.33 -52.34
CA LEU G 278 22.29 33.93 -51.35
C LEU G 278 22.48 34.73 -50.05
N PRO G 279 21.42 34.90 -49.27
CA PRO G 279 21.56 35.61 -47.99
C PRO G 279 22.53 34.90 -47.05
N THR G 280 23.27 35.70 -46.29
CA THR G 280 24.26 35.18 -45.36
C THR G 280 24.35 36.08 -44.15
N LEU G 281 24.79 35.51 -43.03
CA LEU G 281 24.95 36.24 -41.78
C LEU G 281 26.23 35.79 -41.11
N THR G 282 26.72 36.63 -40.19
CA THR G 282 27.94 36.34 -39.44
C THR G 282 27.65 36.27 -37.96
N LEU G 283 28.28 35.31 -37.29
CA LEU G 283 28.15 35.20 -35.84
C LEU G 283 28.84 36.39 -35.16
N PRO G 284 28.35 36.80 -33.98
CA PRO G 284 28.92 37.98 -33.32
C PRO G 284 30.39 37.83 -32.98
N ARG G 285 30.74 36.78 -32.26
CA ARG G 285 32.13 36.50 -31.90
C ARG G 285 32.64 35.23 -32.57
N GLY G 286 32.16 34.98 -33.79
CA GLY G 286 32.57 33.78 -34.49
C GLY G 286 32.07 32.53 -33.79
N THR G 287 32.94 31.52 -33.75
CA THR G 287 32.61 30.24 -33.15
C THR G 287 32.64 30.26 -31.62
N THR G 288 32.66 31.44 -31.01
CA THR G 288 32.71 31.52 -29.55
C THR G 288 31.37 31.15 -28.94
N CYS G 289 30.32 31.92 -29.25
CA CYS G 289 29.00 31.66 -28.69
C CYS G 289 27.95 32.34 -29.55
N LEU G 290 26.71 31.85 -29.45
CA LEU G 290 25.57 32.43 -30.15
C LEU G 290 24.52 32.85 -29.12
N PRO G 291 24.40 34.14 -28.81
CA PRO G 291 23.42 34.56 -27.81
C PRO G 291 22.01 34.23 -28.27
N PRO G 292 21.12 33.85 -27.35
CA PRO G 292 19.74 33.56 -27.73
C PRO G 292 18.98 34.75 -28.27
N ALA G 293 19.44 35.97 -28.00
CA ALA G 293 18.75 37.16 -28.50
C ALA G 293 18.75 37.21 -30.02
N LEU G 294 19.75 36.60 -30.65
CA LEU G 294 19.84 36.59 -32.11
C LEU G 294 19.01 35.48 -32.74
N LEU G 295 18.51 34.53 -31.94
CA LEU G 295 17.71 33.45 -32.50
C LEU G 295 16.42 33.92 -33.19
N PRO G 296 15.62 34.83 -32.63
CA PRO G 296 14.40 35.25 -33.35
C PRO G 296 14.66 35.83 -34.72
N TYR G 297 15.80 36.49 -34.93
CA TYR G 297 16.10 37.07 -36.23
C TYR G 297 16.29 35.99 -37.30
N LEU G 298 16.70 34.79 -36.90
CA LEU G 298 16.90 33.68 -37.82
C LEU G 298 15.69 32.75 -37.90
N GLU G 299 14.59 33.10 -37.24
CA GLU G 299 13.40 32.25 -37.26
C GLU G 299 12.77 32.18 -38.65
N GLN G 300 12.84 33.26 -39.42
CA GLN G 300 12.18 33.30 -40.71
C GLN G 300 12.76 32.27 -41.67
N PHE G 301 14.07 32.09 -41.66
CA PHE G 301 14.72 31.17 -42.59
C PHE G 301 14.36 29.72 -42.27
N ARG G 302 14.11 28.93 -43.30
CA ARG G 302 13.79 27.53 -43.17
C ARG G 302 14.99 26.61 -43.35
N ARG G 303 15.88 26.95 -44.28
CA ARG G 303 17.10 26.18 -44.52
C ARG G 303 18.30 27.01 -44.08
N ILE G 304 19.11 26.45 -43.19
CA ILE G 304 20.29 27.13 -42.66
C ILE G 304 21.49 26.22 -42.88
N VAL G 305 22.57 26.79 -43.43
CA VAL G 305 23.80 26.04 -43.69
C VAL G 305 24.91 26.65 -42.84
N PHE G 306 25.58 25.82 -42.05
CA PHE G 306 26.66 26.28 -41.19
C PHE G 306 28.00 26.15 -41.92
N TRP G 307 28.79 27.22 -41.87
CA TRP G 307 30.11 27.25 -42.48
C TRP G 307 30.98 28.15 -41.61
N LEU G 308 31.68 27.54 -40.65
CA LEU G 308 32.34 28.29 -39.59
C LEU G 308 33.84 28.03 -39.52
N GLY G 309 34.46 27.61 -40.61
CA GLY G 309 35.89 27.42 -40.64
C GLY G 309 36.27 26.13 -41.33
N ASP G 310 37.53 25.74 -41.16
CA ASP G 310 38.09 24.56 -41.80
C ASP G 310 38.83 23.71 -40.77
N ASP G 311 38.19 23.49 -39.63
CA ASP G 311 38.80 22.71 -38.56
C ASP G 311 37.71 21.87 -37.89
N LEU G 312 38.16 20.78 -37.25
CA LEU G 312 37.23 19.92 -36.53
C LEU G 312 36.57 20.67 -35.37
N ARG G 313 37.27 21.64 -34.79
CA ARG G 313 36.67 22.46 -33.75
C ARG G 313 35.49 23.26 -34.28
N SER G 314 35.62 23.80 -35.51
CA SER G 314 34.52 24.54 -36.11
C SER G 314 33.29 23.65 -36.32
N LEU G 315 33.51 22.41 -36.78
CA LEU G 315 32.41 21.49 -36.97
C LEU G 315 31.71 21.17 -35.65
N GLU G 316 32.49 20.95 -34.59
CA GLU G 316 31.89 20.70 -33.29
C GLU G 316 31.11 21.92 -32.79
N ALA G 317 31.65 23.11 -33.00
CA ALA G 317 30.94 24.32 -32.62
C ALA G 317 29.65 24.47 -33.41
N ALA G 318 29.68 24.13 -34.70
CA ALA G 318 28.46 24.19 -35.51
C ALA G 318 27.41 23.23 -35.00
N LYS G 319 27.82 22.02 -34.59
CA LYS G 319 26.88 21.04 -34.07
C LYS G 319 26.20 21.54 -32.79
N LEU G 320 26.96 22.19 -31.90
CA LEU G 320 26.37 22.76 -30.71
C LEU G 320 25.36 23.84 -31.05
N PHE G 321 25.69 24.69 -32.03
CA PHE G 321 24.76 25.72 -32.48
C PHE G 321 23.52 25.10 -33.13
N ALA G 322 23.70 23.94 -33.78
CA ALA G 322 22.58 23.30 -34.46
C ALA G 322 21.50 22.88 -33.47
N ARG G 323 21.89 22.38 -32.30
CA ARG G 323 20.93 21.90 -31.31
C ARG G 323 20.00 23.02 -30.85
N LYS G 324 20.50 24.27 -30.85
CA LYS G 324 19.67 25.39 -30.42
C LYS G 324 18.57 25.67 -31.43
N LEU G 325 18.84 25.47 -32.72
CA LEU G 325 17.92 25.91 -33.76
C LEU G 325 17.22 24.75 -34.46
N ASN G 326 16.82 23.73 -33.69
CA ASN G 326 16.06 22.59 -34.20
C ASN G 326 16.76 21.95 -35.40
N PRO G 327 17.79 21.11 -35.16
CA PRO G 327 18.66 20.64 -36.25
C PRO G 327 17.94 20.05 -37.46
N LYS G 328 16.63 19.82 -37.35
CA LYS G 328 15.88 19.30 -38.48
C LYS G 328 15.77 20.30 -39.62
N ARG G 329 16.09 21.57 -39.38
CA ARG G 329 15.96 22.61 -40.39
C ARG G 329 17.30 23.24 -40.77
N CYS G 330 18.42 22.61 -40.42
CA CYS G 330 19.72 23.18 -40.69
C CYS G 330 20.66 22.11 -41.25
N PHE G 331 21.68 22.58 -41.96
CA PHE G 331 22.65 21.71 -42.63
C PHE G 331 24.06 22.14 -42.24
N LEU G 332 25.02 21.26 -42.50
CA LEU G 332 26.42 21.49 -42.15
C LEU G 332 27.31 21.31 -43.36
N VAL G 333 28.43 22.02 -43.35
CA VAL G 333 29.48 21.87 -44.36
C VAL G 333 30.71 21.33 -43.64
N ARG G 334 31.09 20.10 -43.95
CA ARG G 334 32.22 19.47 -43.27
C ARG G 334 33.53 20.10 -43.71
N PRO G 335 34.47 20.29 -42.79
CA PRO G 335 35.79 20.79 -43.17
C PRO G 335 36.58 19.75 -43.95
N GLY G 336 37.49 20.23 -44.78
CA GLY G 336 38.32 19.34 -45.58
C GLY G 336 39.35 20.12 -46.36
N ASP G 337 40.27 19.37 -46.97
CA ASP G 337 41.30 19.99 -47.80
C ASP G 337 40.68 20.69 -49.01
N GLN G 338 39.68 20.06 -49.62
CA GLN G 338 38.98 20.62 -50.79
C GLN G 338 37.80 21.50 -50.39
N GLN G 339 37.61 21.74 -49.09
CA GLN G 339 36.50 22.56 -48.59
C GLN G 339 37.06 23.65 -47.69
N PRO G 340 37.68 24.68 -48.27
CA PRO G 340 38.25 25.76 -47.46
C PRO G 340 37.17 26.77 -47.07
N ARG G 341 37.60 27.82 -46.37
CA ARG G 341 36.69 28.88 -45.98
C ARG G 341 36.24 29.67 -47.21
N PRO G 342 35.07 30.30 -47.15
CA PRO G 342 34.59 31.04 -48.33
C PRO G 342 35.55 32.12 -48.81
N LEU G 343 36.25 32.80 -47.90
CA LEU G 343 37.22 33.81 -48.31
C LEU G 343 38.37 33.17 -49.10
N GLU G 344 38.89 32.04 -48.61
CA GLU G 344 39.97 31.37 -49.31
C GLU G 344 39.48 30.65 -50.56
N ALA G 345 38.25 30.15 -50.55
CA ALA G 345 37.73 29.43 -51.70
C ALA G 345 37.64 30.33 -52.93
N LEU G 346 37.16 31.56 -52.75
CA LEU G 346 37.10 32.50 -53.87
C LEU G 346 38.50 32.93 -54.30
N ASN G 347 39.38 33.19 -53.34
CA ASN G 347 40.75 33.57 -53.68
C ASN G 347 41.49 32.43 -54.37
N GLY G 348 41.28 31.20 -53.90
CA GLY G 348 41.94 30.05 -54.49
C GLY G 348 41.36 29.58 -55.80
N GLY G 349 40.21 30.13 -56.21
CA GLY G 349 39.60 29.76 -57.47
C GLY G 349 38.70 28.55 -57.42
N PHE G 350 38.60 27.87 -56.28
CA PHE G 350 37.73 26.70 -56.17
C PHE G 350 36.27 27.12 -56.23
N ASN G 351 35.46 26.33 -56.92
CA ASN G 351 34.03 26.61 -57.01
C ASN G 351 33.38 26.41 -55.65
N LEU G 352 32.56 27.38 -55.25
CA LEU G 352 31.88 27.33 -53.96
C LEU G 352 30.43 26.87 -54.07
N SER G 353 29.85 26.91 -55.27
CA SER G 353 28.48 26.41 -55.43
C SER G 353 28.41 24.92 -55.15
N ARG G 354 29.42 24.16 -55.59
CA ARG G 354 29.46 22.73 -55.30
C ARG G 354 29.56 22.47 -53.80
N ILE G 355 30.35 23.28 -53.10
CA ILE G 355 30.50 23.13 -51.65
C ILE G 355 29.16 23.36 -50.95
N LEU G 356 28.43 24.39 -51.36
CA LEU G 356 27.12 24.64 -50.78
C LEU G 356 26.12 23.55 -51.13
N ARG G 357 26.26 22.96 -52.32
CA ARG G 357 25.31 21.94 -52.75
C ARG G 357 25.45 20.64 -51.97
N THR G 358 26.67 20.30 -51.56
CA THR G 358 26.93 19.03 -50.86
C THR G 358 26.79 19.15 -49.35
N ALA G 359 26.00 20.11 -48.87
CA ALA G 359 25.77 20.25 -47.44
C ALA G 359 24.99 19.06 -46.90
N LEU G 360 25.44 18.51 -45.78
CA LEU G 360 24.76 17.36 -45.20
C LEU G 360 23.86 17.80 -44.04
N PRO G 361 22.72 17.12 -43.87
CA PRO G 361 21.82 17.48 -42.76
C PRO G 361 22.50 17.32 -41.41
N ALA G 362 22.20 18.25 -40.51
CA ALA G 362 22.69 18.20 -39.14
C ALA G 362 21.82 17.34 -38.23
N TRP G 363 20.63 16.96 -38.69
CA TRP G 363 19.74 16.09 -37.94
C TRP G 363 19.76 14.70 -38.57
N HIS G 364 19.94 13.68 -37.74
CA HIS G 364 19.97 12.30 -38.19
C HIS G 364 19.03 11.48 -37.33
N LYS G 365 18.53 10.38 -37.92
CA LYS G 365 17.76 9.43 -37.15
C LYS G 365 18.68 8.66 -36.20
N SER G 366 18.09 7.72 -35.45
CA SER G 366 18.89 6.85 -34.60
C SER G 366 19.78 5.92 -35.40
N ILE G 367 19.55 5.80 -36.71
CA ILE G 367 20.30 4.90 -37.58
C ILE G 367 20.77 5.69 -38.79
N VAL G 368 22.05 5.56 -39.13
CA VAL G 368 22.65 6.30 -40.23
C VAL G 368 23.52 5.34 -41.05
N SER G 369 23.80 5.76 -42.28
CA SER G 369 24.66 5.01 -43.18
C SER G 369 26.01 5.70 -43.31
N PHE G 370 26.88 5.17 -44.17
CA PHE G 370 28.22 5.71 -44.38
C PHE G 370 28.21 6.98 -45.22
N ARG G 371 27.12 7.28 -45.91
CA ARG G 371 27.09 8.46 -46.78
C ARG G 371 27.29 9.75 -45.99
N GLN G 372 26.68 9.84 -44.81
CA GLN G 372 26.80 11.02 -43.97
C GLN G 372 28.07 11.02 -43.13
N LEU G 373 29.04 10.16 -43.45
CA LEU G 373 30.29 10.10 -42.71
C LEU G 373 31.53 10.09 -43.60
N ARG G 374 31.38 10.19 -44.92
CA ARG G 374 32.54 10.15 -45.81
C ARG G 374 33.47 11.33 -45.57
N GLU G 375 32.92 12.52 -45.37
CA GLU G 375 33.75 13.69 -45.16
C GLU G 375 34.44 13.65 -43.80
N GLU G 376 33.73 13.16 -42.77
CA GLU G 376 34.30 13.15 -41.43
C GLU G 376 35.50 12.20 -41.34
N VAL G 377 35.37 11.01 -41.94
CA VAL G 377 36.48 10.05 -41.89
C VAL G 377 37.67 10.56 -42.70
N LEU G 378 37.41 11.26 -43.81
CA LEU G 378 38.50 11.85 -44.58
C LEU G 378 39.23 12.92 -43.79
N GLY G 379 38.47 13.75 -43.06
CA GLY G 379 39.10 14.78 -42.26
C GLY G 379 39.98 14.22 -41.16
N GLU G 380 39.49 13.18 -40.47
CA GLU G 380 40.29 12.56 -39.41
C GLU G 380 41.53 11.89 -39.98
N LEU G 381 41.48 11.45 -41.23
CA LEU G 381 42.64 10.82 -41.87
C LEU G 381 43.75 11.80 -42.18
N SER G 382 43.43 13.08 -42.39
CA SER G 382 44.43 14.09 -42.71
C SER G 382 44.59 15.13 -41.61
N ASN G 383 43.87 15.00 -40.50
CA ASN G 383 43.95 15.93 -39.37
C ASN G 383 44.06 15.16 -38.06
N VAL G 384 44.99 14.19 -38.02
CA VAL G 384 45.18 13.38 -36.82
C VAL G 384 45.53 14.24 -35.62
N GLU G 385 46.17 15.39 -35.85
CA GLU G 385 46.45 16.31 -34.76
C GLU G 385 45.18 16.98 -34.25
N GLN G 386 44.18 17.12 -35.12
CA GLN G 386 42.90 17.71 -34.74
C GLN G 386 41.91 16.68 -34.21
N ALA G 387 42.27 15.40 -34.24
CA ALA G 387 41.36 14.37 -33.72
C ALA G 387 41.11 14.53 -32.23
N ALA G 388 42.03 15.16 -31.51
CA ALA G 388 41.91 15.42 -30.08
C ALA G 388 41.58 16.89 -29.85
N GLY G 389 41.57 17.30 -28.59
CA GLY G 389 41.25 18.66 -28.23
C GLY G 389 42.41 19.62 -28.44
N LEU G 390 42.26 20.81 -27.90
CA LEU G 390 43.25 21.85 -28.04
C LEU G 390 44.51 21.52 -27.25
N ARG G 391 45.61 22.19 -27.61
CA ARG G 391 46.90 21.99 -26.98
C ARG G 391 47.15 23.11 -25.97
N TRP G 392 47.46 22.73 -24.73
CA TRP G 392 47.74 23.73 -23.70
C TRP G 392 49.04 24.45 -23.99
N SER G 393 49.04 25.76 -23.75
CA SER G 393 50.23 26.59 -23.96
C SER G 393 51.07 26.75 -22.71
N ARG G 394 50.68 26.14 -21.59
CA ARG G 394 51.41 26.27 -20.34
C ARG G 394 51.72 24.94 -19.66
N PHE G 395 51.19 23.82 -20.15
CA PHE G 395 51.44 22.51 -19.55
C PHE G 395 51.84 21.52 -20.63
N PRO G 396 53.07 21.63 -21.16
CA PRO G 396 53.53 20.65 -22.15
C PRO G 396 53.57 19.23 -21.61
N ASP G 397 53.90 19.05 -20.34
CA ASP G 397 53.94 17.71 -19.75
C ASP G 397 52.54 17.11 -19.68
N LEU G 398 51.54 17.91 -19.34
CA LEU G 398 50.17 17.42 -19.36
C LEU G 398 49.69 17.19 -20.78
N ASN G 399 50.19 17.96 -21.74
CA ASN G 399 49.78 17.79 -23.13
C ASN G 399 50.29 16.49 -23.73
N ARG G 400 51.49 16.07 -23.32
CA ARG G 400 52.09 14.88 -23.92
C ARG G 400 51.43 13.58 -23.46
N ILE G 401 50.58 13.63 -22.43
CA ILE G 401 49.90 12.45 -21.91
C ILE G 401 48.40 12.49 -22.20
N LEU G 402 47.75 13.60 -21.87
CA LEU G 402 46.31 13.71 -22.13
C LEU G 402 46.02 13.92 -23.60
N LYS G 403 46.94 14.57 -24.33
CA LYS G 403 46.92 14.77 -25.78
C LYS G 403 45.79 15.67 -26.26
N GLY G 404 44.97 16.21 -25.38
CA GLY G 404 43.93 17.13 -25.81
C GLY G 404 42.82 17.23 -24.77
N HIS G 405 41.87 18.11 -25.09
CA HIS G 405 40.70 18.39 -24.25
C HIS G 405 39.47 18.29 -25.13
N ARG G 406 38.84 17.13 -25.14
CA ARG G 406 37.71 16.86 -26.02
C ARG G 406 36.43 17.41 -25.39
N LYS G 407 35.29 17.13 -26.04
CA LYS G 407 33.98 17.56 -25.57
C LYS G 407 33.16 16.35 -25.15
N GLY G 408 32.40 16.51 -24.08
CA GLY G 408 31.56 15.46 -23.54
C GLY G 408 32.24 14.56 -22.54
N GLU G 409 33.56 14.40 -22.64
CA GLU G 409 34.29 13.57 -21.69
C GLU G 409 34.30 14.23 -20.31
N LEU G 410 34.23 13.39 -19.27
CA LEU G 410 34.21 13.85 -17.90
C LEU G 410 35.46 13.37 -17.18
N THR G 411 36.13 14.28 -16.49
CA THR G 411 37.34 13.97 -15.73
C THR G 411 37.17 14.40 -14.29
N VAL G 412 37.83 13.68 -13.38
CA VAL G 412 37.76 13.95 -11.95
C VAL G 412 39.17 14.27 -11.44
N PHE G 413 39.28 15.35 -10.67
CA PHE G 413 40.54 15.79 -10.11
C PHE G 413 40.48 15.63 -8.59
N THR G 414 41.58 15.19 -7.99
CA THR G 414 41.60 14.96 -6.55
C THR G 414 43.03 15.11 -6.04
N GLY G 415 43.15 15.30 -4.73
CA GLY G 415 44.42 15.41 -4.07
C GLY G 415 44.26 15.77 -2.60
N PRO G 416 45.34 15.60 -1.83
CA PRO G 416 45.28 15.96 -0.41
C PRO G 416 45.06 17.45 -0.22
N THR G 417 44.35 17.79 0.86
CA THR G 417 44.07 19.18 1.17
C THR G 417 45.34 19.92 1.58
N GLY G 418 45.32 21.24 1.38
CA GLY G 418 46.45 22.08 1.70
C GLY G 418 47.53 22.15 0.64
N SER G 419 47.35 21.46 -0.49
CA SER G 419 48.31 21.48 -1.58
C SER G 419 47.95 22.53 -2.64
N GLY G 420 46.92 23.34 -2.38
CA GLY G 420 46.49 24.32 -3.36
C GLY G 420 45.95 23.69 -4.62
N LYS G 421 45.09 22.68 -4.48
CA LYS G 421 44.53 21.98 -5.62
C LYS G 421 43.45 22.83 -6.30
N THR G 422 43.05 23.91 -5.64
CA THR G 422 42.10 24.86 -6.19
C THR G 422 42.77 25.91 -7.06
N THR G 423 44.05 26.19 -6.83
CA THR G 423 44.78 27.12 -7.67
C THR G 423 45.12 26.48 -9.02
N PHE G 424 45.50 25.20 -9.00
CA PHE G 424 45.88 24.52 -10.24
C PHE G 424 44.71 24.45 -11.22
N ILE G 425 43.51 24.12 -10.72
CA ILE G 425 42.36 24.00 -11.61
C ILE G 425 42.00 25.36 -12.21
N SER G 426 42.20 26.44 -11.45
CA SER G 426 42.03 27.77 -12.02
C SER G 426 43.04 28.03 -13.13
N GLU G 427 44.30 27.62 -12.91
CA GLU G 427 45.31 27.75 -13.95
C GLU G 427 44.98 26.87 -15.16
N TYR G 428 44.50 25.66 -14.91
CA TYR G 428 44.14 24.75 -16.00
C TYR G 428 43.00 25.33 -16.83
N ALA G 429 41.98 25.88 -16.18
CA ALA G 429 40.86 26.47 -16.91
C ALA G 429 41.27 27.74 -17.64
N LEU G 430 42.12 28.56 -17.00
CA LEU G 430 42.51 29.84 -17.59
C LEU G 430 43.30 29.63 -18.88
N ASP G 431 44.22 28.66 -18.89
CA ASP G 431 45.00 28.41 -20.10
C ASP G 431 44.12 27.99 -21.25
N LEU G 432 43.16 27.10 -21.00
CA LEU G 432 42.20 26.71 -22.03
C LEU G 432 41.29 27.86 -22.40
N CYS G 433 40.92 28.69 -21.42
CA CYS G 433 40.08 29.85 -21.69
C CYS G 433 40.77 30.86 -22.59
N SER G 434 42.09 30.98 -22.47
CA SER G 434 42.84 31.94 -23.28
C SER G 434 42.81 31.61 -24.76
N GLN G 435 42.49 30.37 -25.13
CA GLN G 435 42.46 29.94 -26.51
C GLN G 435 41.07 30.07 -27.13
N GLY G 436 40.10 30.58 -26.39
CA GLY G 436 38.76 30.77 -26.92
C GLY G 436 37.80 29.64 -26.58
N VAL G 437 37.77 29.25 -25.31
CA VAL G 437 36.88 28.21 -24.83
C VAL G 437 36.01 28.78 -23.71
N ASN G 438 34.70 28.60 -23.82
CA ASN G 438 33.79 29.10 -22.79
C ASN G 438 33.90 28.25 -21.54
N THR G 439 34.16 28.89 -20.41
CA THR G 439 34.33 28.21 -19.13
C THR G 439 33.38 28.80 -18.09
N LEU G 440 32.86 27.92 -17.24
CA LEU G 440 31.96 28.30 -16.15
C LEU G 440 32.49 27.76 -14.84
N TRP G 441 32.42 28.59 -13.80
CA TRP G 441 32.92 28.24 -12.47
C TRP G 441 31.75 28.12 -11.50
N GLY G 442 31.62 26.94 -10.90
CA GLY G 442 30.62 26.72 -9.87
C GLY G 442 31.24 26.35 -8.55
N SER G 443 32.34 27.02 -8.20
CA SER G 443 33.09 26.69 -6.99
C SER G 443 32.24 26.90 -5.75
N PHE G 444 32.30 25.96 -4.83
CA PHE G 444 31.55 26.00 -3.57
C PHE G 444 32.55 25.94 -2.41
N GLU G 445 32.26 26.72 -1.36
CA GLU G 445 33.11 26.81 -0.18
C GLU G 445 34.50 27.35 -0.53
N ILE G 446 34.58 28.16 -1.60
CA ILE G 446 35.84 28.75 -2.02
C ILE G 446 35.83 30.26 -1.96
N SER G 447 34.67 30.90 -1.75
CA SER G 447 34.55 32.36 -1.74
C SER G 447 34.99 32.94 -3.09
N ASN G 448 34.17 32.64 -4.09
CA ASN G 448 34.45 32.93 -5.50
C ASN G 448 34.98 34.35 -5.73
N VAL G 449 34.65 35.29 -4.84
CA VAL G 449 35.26 36.62 -4.92
C VAL G 449 36.77 36.52 -4.76
N ARG G 450 37.23 35.71 -3.80
CA ARG G 450 38.67 35.46 -3.67
C ARG G 450 39.19 34.68 -4.87
N LEU G 451 38.39 33.74 -5.40
CA LEU G 451 38.81 32.96 -6.55
C LEU G 451 39.06 33.85 -7.76
N ALA G 452 38.22 34.87 -7.95
CA ALA G 452 38.43 35.80 -9.06
C ALA G 452 39.77 36.51 -8.93
N ARG G 453 40.14 36.91 -7.71
CA ARG G 453 41.43 37.53 -7.50
C ARG G 453 42.58 36.58 -7.85
N VAL G 454 42.48 35.32 -7.42
CA VAL G 454 43.53 34.36 -7.70
C VAL G 454 43.65 34.12 -9.20
N MET G 455 42.51 33.94 -9.89
CA MET G 455 42.54 33.69 -11.32
C MET G 455 43.09 34.89 -12.08
N LEU G 456 42.73 36.10 -11.66
CA LEU G 456 43.23 37.31 -12.32
C LEU G 456 44.74 37.43 -12.15
N THR G 457 45.26 37.10 -10.97
CA THR G 457 46.71 37.12 -10.78
C THR G 457 47.40 36.11 -11.70
N GLN G 458 46.77 34.95 -11.91
CA GLN G 458 47.32 33.98 -12.85
C GLN G 458 47.34 34.54 -14.27
N PHE G 459 46.30 35.31 -14.64
CA PHE G 459 46.29 35.94 -15.95
C PHE G 459 47.43 36.93 -16.10
N ALA G 460 47.71 37.70 -15.05
CA ALA G 460 48.81 38.66 -15.10
C ALA G 460 50.18 37.99 -15.13
N GLU G 461 50.23 36.68 -14.82
CA GLU G 461 51.48 35.93 -14.80
C GLU G 461 52.51 36.59 -13.87
N GLY G 462 52.06 36.92 -12.67
CA GLY G 462 52.93 37.57 -11.71
C GLY G 462 52.14 38.03 -10.50
N ARG G 463 52.71 38.97 -9.76
CA ARG G 463 52.12 39.49 -8.54
C ARG G 463 51.47 40.84 -8.84
N LEU G 464 50.15 40.93 -8.65
CA LEU G 464 49.42 42.17 -8.91
C LEU G 464 49.52 43.17 -7.78
N GLU G 465 50.04 42.77 -6.61
CA GLU G 465 50.17 43.71 -5.50
C GLU G 465 51.15 44.82 -5.84
N ASP G 466 52.28 44.46 -6.46
CA ASP G 466 53.26 45.48 -6.86
C ASP G 466 52.79 46.26 -8.08
N GLN G 467 52.02 45.63 -8.96
CA GLN G 467 51.54 46.25 -10.19
C GLN G 467 50.14 46.82 -10.04
N LEU G 468 49.78 47.31 -8.85
CA LEU G 468 48.45 47.87 -8.63
C LEU G 468 48.24 49.13 -9.46
N ASP G 469 49.31 49.83 -9.81
CA ASP G 469 49.17 51.03 -10.63
C ASP G 469 48.66 50.67 -12.03
N LYS G 470 49.19 49.61 -12.62
CA LYS G 470 48.75 49.14 -13.93
C LYS G 470 47.72 48.04 -13.79
N TYR G 471 46.57 48.39 -13.22
CA TYR G 471 45.50 47.45 -12.95
C TYR G 471 44.33 47.56 -13.92
N ASP G 472 44.03 48.77 -14.40
CA ASP G 472 42.93 48.94 -15.36
C ASP G 472 43.24 48.25 -16.68
N HIS G 473 44.51 48.27 -17.11
CA HIS G 473 44.87 47.63 -18.37
C HIS G 473 44.63 46.13 -18.32
N TRP G 474 45.03 45.48 -17.23
CA TRP G 474 44.79 44.04 -17.11
C TRP G 474 43.31 43.74 -16.85
N ALA G 475 42.60 44.65 -16.18
CA ALA G 475 41.18 44.46 -15.97
C ALA G 475 40.42 44.44 -17.29
N ASP G 476 40.77 45.35 -18.20
CA ASP G 476 40.14 45.34 -19.53
C ASP G 476 40.48 44.07 -20.29
N ARG G 477 41.74 43.63 -20.21
CA ARG G 477 42.14 42.39 -20.87
C ARG G 477 41.46 41.18 -20.25
N PHE G 478 41.16 41.25 -18.95
CA PHE G 478 40.49 40.14 -18.28
C PHE G 478 39.02 40.03 -18.69
N GLU G 479 38.37 41.16 -18.96
CA GLU G 479 36.94 41.17 -19.27
C GLU G 479 36.68 41.08 -20.77
N ASP G 480 37.40 40.18 -21.45
CA ASP G 480 37.09 39.85 -22.83
C ASP G 480 37.16 38.36 -23.13
N LEU G 481 37.74 37.54 -22.26
CA LEU G 481 37.72 36.10 -22.44
C LEU G 481 36.35 35.56 -22.06
N PRO G 482 35.94 34.42 -22.65
CA PRO G 482 34.70 33.78 -22.18
C PRO G 482 34.92 33.10 -20.84
N LEU G 483 34.41 33.73 -19.77
CA LEU G 483 34.62 33.23 -18.43
C LEU G 483 33.47 33.69 -17.54
N TYR G 484 32.82 32.73 -16.89
CA TYR G 484 31.62 33.01 -16.10
C TYR G 484 31.68 32.24 -14.79
N PHE G 485 30.92 32.73 -13.82
CA PHE G 485 30.91 32.17 -12.47
C PHE G 485 29.49 31.89 -12.03
N MET G 486 29.35 30.93 -11.11
CA MET G 486 28.05 30.58 -10.53
C MET G 486 28.01 31.04 -9.08
N THR G 487 26.94 31.75 -8.73
CA THR G 487 26.75 32.27 -7.38
C THR G 487 25.55 31.56 -6.76
N PHE G 488 25.82 30.64 -5.84
CA PHE G 488 24.79 29.93 -5.10
C PHE G 488 24.88 30.36 -3.64
N HIS G 489 23.84 31.04 -3.16
CA HIS G 489 23.84 31.55 -1.80
C HIS G 489 23.30 30.51 -0.82
N GLY G 490 22.09 30.00 -1.08
CA GLY G 490 21.48 29.01 -0.21
C GLY G 490 21.14 27.72 -0.91
N GLN G 491 20.98 27.76 -2.22
CA GLN G 491 20.61 26.56 -2.96
C GLN G 491 21.78 25.60 -3.05
N GLN G 492 21.54 24.34 -2.69
CA GLN G 492 22.57 23.32 -2.74
C GLN G 492 22.10 21.99 -3.33
N SER G 493 20.82 21.86 -3.69
CA SER G 493 20.30 20.60 -4.18
C SER G 493 20.90 20.26 -5.54
N ILE G 494 20.97 18.95 -5.81
CA ILE G 494 21.54 18.49 -7.08
C ILE G 494 20.64 18.88 -8.24
N ARG G 495 19.33 18.86 -8.04
CA ARG G 495 18.41 19.24 -9.11
C ARG G 495 18.60 20.71 -9.50
N THR G 496 18.77 21.59 -8.51
CA THR G 496 18.90 23.02 -8.78
C THR G 496 20.14 23.31 -9.62
N VAL G 497 21.27 22.70 -9.27
CA VAL G 497 22.51 23.01 -9.96
C VAL G 497 22.48 22.50 -11.40
N ILE G 498 21.74 21.41 -11.64
CA ILE G 498 21.71 20.83 -12.98
C ILE G 498 21.01 21.76 -13.96
N ASP G 499 19.84 22.29 -13.57
CA ASP G 499 19.11 23.16 -14.48
C ASP G 499 19.85 24.47 -14.72
N THR G 500 20.49 25.01 -13.68
CA THR G 500 21.27 26.23 -13.85
C THR G 500 22.45 26.01 -14.79
N MET G 501 23.14 24.87 -14.65
CA MET G 501 24.20 24.53 -15.60
C MET G 501 23.64 24.35 -17.00
N GLN G 502 22.49 23.67 -17.12
CA GLN G 502 21.85 23.54 -18.42
C GLN G 502 21.41 24.89 -18.96
N HIS G 503 20.90 25.77 -18.08
CA HIS G 503 20.52 27.11 -18.51
C HIS G 503 21.74 27.90 -18.98
N ALA G 504 22.87 27.75 -18.30
CA ALA G 504 24.07 28.49 -18.67
C ALA G 504 24.55 28.08 -20.06
N VAL G 505 24.49 26.79 -20.39
CA VAL G 505 24.92 26.33 -21.70
C VAL G 505 24.03 26.93 -22.80
N TYR G 506 22.73 26.96 -22.57
CA TYR G 506 21.82 27.50 -23.58
C TYR G 506 22.05 28.99 -23.81
N VAL G 507 22.32 29.75 -22.75
CA VAL G 507 22.37 31.20 -22.85
C VAL G 507 23.72 31.71 -23.37
N TYR G 508 24.82 31.04 -23.03
CA TYR G 508 26.14 31.55 -23.37
C TYR G 508 27.07 30.51 -23.98
N ASP G 509 26.53 29.36 -24.41
CA ASP G 509 27.32 28.31 -25.05
C ASP G 509 28.49 27.86 -24.17
N ILE G 510 28.17 27.52 -22.93
CA ILE G 510 29.19 27.09 -21.98
C ILE G 510 29.76 25.75 -22.45
N CYS G 511 31.05 25.75 -22.82
CA CYS G 511 31.71 24.55 -23.30
C CYS G 511 32.56 23.88 -22.23
N HIS G 512 32.59 24.42 -21.01
CA HIS G 512 33.42 23.84 -19.96
C HIS G 512 32.84 24.27 -18.61
N VAL G 513 32.57 23.29 -17.74
CA VAL G 513 32.05 23.54 -16.41
C VAL G 513 32.97 22.89 -15.40
N ILE G 514 33.39 23.65 -14.39
CA ILE G 514 34.26 23.17 -13.33
C ILE G 514 33.62 23.50 -11.99
N ILE G 515 33.50 22.49 -11.12
CA ILE G 515 32.99 22.65 -9.78
C ILE G 515 34.10 22.28 -8.80
N ASP G 516 34.37 23.17 -7.85
CA ASP G 516 35.51 22.99 -6.96
C ASP G 516 35.21 21.96 -5.87
N ASN G 517 34.12 22.15 -5.14
CA ASN G 517 33.77 21.27 -4.03
C ASN G 517 32.47 20.54 -4.36
N LEU G 518 32.51 19.21 -4.26
CA LEU G 518 31.32 18.39 -4.47
C LEU G 518 30.61 18.04 -3.19
N GLN G 519 31.33 18.03 -2.05
CA GLN G 519 30.69 17.72 -0.77
C GLN G 519 29.67 18.79 -0.39
N PHE G 520 29.95 20.06 -0.71
CA PHE G 520 29.00 21.12 -0.41
C PHE G 520 27.69 20.93 -1.15
N MET G 521 27.72 20.29 -2.32
CA MET G 521 26.49 20.01 -3.05
C MET G 521 25.65 18.94 -2.36
N MET G 522 26.29 18.04 -1.62
CA MET G 522 25.56 16.98 -0.92
C MET G 522 24.67 17.57 0.17
N GLY G 523 25.18 18.59 0.87
CA GLY G 523 24.43 19.23 1.93
N THR G 529 27.16 4.40 4.68
CA THR G 529 27.06 4.06 3.27
C THR G 529 26.20 5.07 2.51
N ASP G 530 25.51 5.93 3.26
CA ASP G 530 24.69 6.96 2.64
C ASP G 530 25.52 7.95 1.85
N ARG G 531 26.68 8.35 2.41
CA ARG G 531 27.55 9.29 1.70
C ARG G 531 28.10 8.69 0.42
N ILE G 532 28.48 7.41 0.45
CA ILE G 532 29.00 6.76 -0.74
C ILE G 532 27.91 6.65 -1.80
N ALA G 533 26.71 6.25 -1.41
CA ALA G 533 25.60 6.16 -2.35
C ALA G 533 25.25 7.53 -2.93
N ALA G 534 25.23 8.56 -2.08
CA ALA G 534 24.93 9.90 -2.56
C ALA G 534 26.01 10.40 -3.51
N GLN G 535 27.27 10.13 -3.20
CA GLN G 535 28.36 10.55 -4.07
C GLN G 535 28.30 9.84 -5.41
N ASP G 536 27.97 8.54 -5.41
CA ASP G 536 27.84 7.81 -6.65
C ASP G 536 26.71 8.37 -7.51
N TYR G 537 25.58 8.72 -6.87
CA TYR G 537 24.43 9.21 -7.62
C TYR G 537 24.73 10.52 -8.33
N ILE G 538 25.35 11.46 -7.62
CA ILE G 538 25.58 12.79 -8.20
C ILE G 538 26.61 12.71 -9.33
N ILE G 539 27.62 11.85 -9.18
CA ILE G 539 28.62 11.69 -10.24
C ILE G 539 27.97 11.17 -11.51
N GLY G 540 27.07 10.20 -11.37
CA GLY G 540 26.36 9.69 -12.54
C GLY G 540 25.50 10.76 -13.21
N VAL G 541 24.90 11.64 -12.39
CA VAL G 541 24.11 12.74 -12.96
C VAL G 541 24.99 13.68 -13.77
N PHE G 542 26.17 14.02 -13.25
CA PHE G 542 27.09 14.88 -14.00
C PHE G 542 27.55 14.19 -15.27
N ARG G 543 27.84 12.89 -15.21
CA ARG G 543 28.21 12.16 -16.41
C ARG G 543 27.07 12.15 -17.42
N LYS G 544 25.84 11.96 -16.95
CA LYS G 544 24.69 12.05 -17.84
C LYS G 544 24.54 13.45 -18.43
N PHE G 545 24.72 14.48 -17.60
CA PHE G 545 24.63 15.85 -18.09
C PHE G 545 25.75 16.16 -19.08
N ALA G 546 26.97 15.71 -18.78
CA ALA G 546 28.10 16.00 -19.67
C ALA G 546 27.93 15.30 -21.01
N THR G 547 27.49 14.04 -21.01
CA THR G 547 27.34 13.30 -22.26
C THR G 547 26.18 13.85 -23.09
N ASP G 548 25.05 14.15 -22.45
CA ASP G 548 23.88 14.62 -23.17
C ASP G 548 24.13 16.00 -23.78
N ASN G 549 24.77 16.90 -23.03
CA ASN G 549 24.99 18.26 -23.49
C ASN G 549 26.34 18.45 -24.18
N ASN G 550 27.16 17.40 -24.27
CA ASN G 550 28.46 17.44 -24.90
C ASN G 550 29.41 18.45 -24.28
N CYS G 551 29.10 18.94 -23.07
CA CYS G 551 29.94 19.92 -22.40
C CYS G 551 30.92 19.23 -21.46
N HIS G 552 32.20 19.58 -21.58
CA HIS G 552 33.21 19.00 -20.71
C HIS G 552 33.02 19.48 -19.29
N VAL G 553 33.01 18.55 -18.34
CA VAL G 553 32.81 18.85 -16.93
C VAL G 553 33.95 18.26 -16.14
N THR G 554 34.51 19.07 -15.24
CA THR G 554 35.60 18.67 -14.37
C THR G 554 35.16 18.81 -12.92
N LEU G 555 35.30 17.73 -12.16
CA LEU G 555 34.89 17.69 -10.76
C LEU G 555 36.13 17.52 -9.89
N VAL G 556 36.28 18.40 -8.90
CA VAL G 556 37.36 18.28 -7.92
C VAL G 556 36.79 17.70 -6.65
N ILE G 557 37.41 16.63 -6.15
CA ILE G 557 36.90 15.88 -5.02
C ILE G 557 37.71 16.23 -3.77
N HIS G 558 37.01 16.59 -2.69
CA HIS G 558 37.65 16.86 -1.42
C HIS G 558 37.49 15.66 -0.51
N PRO G 559 38.58 15.00 -0.07
CA PRO G 559 38.51 13.83 0.81
C PRO G 559 38.02 14.18 2.21
N GLY G 575 39.51 7.72 -6.16
CA GLY G 575 39.43 7.47 -4.74
C GLY G 575 38.10 6.88 -4.30
N SER G 576 37.01 7.57 -4.64
CA SER G 576 35.69 7.08 -4.29
C SER G 576 35.34 5.83 -5.08
N ALA G 577 34.59 4.94 -4.43
CA ALA G 577 34.18 3.69 -5.08
C ALA G 577 33.20 3.97 -6.21
N LYS G 578 33.31 3.16 -7.27
CA LYS G 578 32.47 3.20 -8.47
C LYS G 578 32.65 4.47 -9.28
N ALA G 579 33.53 5.39 -8.86
CA ALA G 579 33.71 6.63 -9.61
C ALA G 579 34.55 6.42 -10.87
N SER G 580 35.51 5.50 -10.83
CA SER G 580 36.38 5.30 -11.98
C SER G 580 35.61 4.79 -13.19
N GLN G 581 34.67 3.87 -12.96
CA GLN G 581 33.90 3.30 -14.07
C GLN G 581 33.08 4.37 -14.78
N GLU G 582 32.42 5.26 -14.01
CA GLU G 582 31.60 6.29 -14.62
C GLU G 582 32.45 7.38 -15.25
N ALA G 583 33.52 7.79 -14.58
CA ALA G 583 34.38 8.84 -15.10
C ALA G 583 35.21 8.33 -16.28
N ASP G 584 35.66 9.27 -17.11
CA ASP G 584 36.48 8.97 -18.28
C ASP G 584 37.97 9.16 -18.01
N ASN G 585 38.33 10.17 -17.23
CA ASN G 585 39.73 10.45 -16.91
C ASN G 585 39.85 10.77 -15.43
N VAL G 586 41.03 10.49 -14.88
CA VAL G 586 41.32 10.76 -13.48
C VAL G 586 42.63 11.54 -13.39
N LEU G 587 42.65 12.57 -12.53
CA LEU G 587 43.84 13.35 -12.25
C LEU G 587 44.05 13.40 -10.75
N ILE G 588 45.26 13.05 -10.31
CA ILE G 588 45.59 13.02 -8.89
C ILE G 588 46.82 13.90 -8.68
N LEU G 589 46.71 14.84 -7.73
CA LEU G 589 47.79 15.76 -7.41
C LEU G 589 48.29 15.43 -6.00
N GLN G 590 49.27 14.53 -5.93
CA GLN G 590 49.86 14.13 -4.66
C GLN G 590 51.05 15.02 -4.33
N ASP G 591 51.51 14.90 -3.09
CA ASP G 591 52.62 15.70 -2.58
C ASP G 591 53.75 14.79 -2.12
N ARG G 592 54.97 15.33 -2.18
CA ARG G 592 56.15 14.57 -1.77
C ARG G 592 57.07 15.43 -0.91
N GLY G 599 56.87 23.66 -1.87
CA GLY G 599 55.65 23.57 -2.65
C GLY G 599 55.82 22.83 -3.97
N LYS G 600 56.38 21.62 -3.88
CA LYS G 600 56.61 20.78 -5.04
C LYS G 600 55.65 19.59 -5.01
N ARG G 601 54.96 19.37 -6.12
CA ARG G 601 54.00 18.27 -6.21
C ARG G 601 54.11 17.56 -7.55
N TYR G 602 53.31 16.53 -7.76
CA TYR G 602 53.34 15.78 -9.01
C TYR G 602 51.93 15.31 -9.35
N LEU G 603 51.62 15.30 -10.65
CA LEU G 603 50.32 14.90 -11.15
C LEU G 603 50.42 13.51 -11.78
N GLN G 604 49.50 12.63 -11.39
CA GLN G 604 49.46 11.27 -11.92
C GLN G 604 48.09 11.01 -12.54
N VAL G 605 48.10 10.46 -13.75
CA VAL G 605 46.90 10.09 -14.48
C VAL G 605 46.92 8.58 -14.72
N SER G 606 45.85 7.90 -14.31
CA SER G 606 45.78 6.45 -14.43
C SER G 606 44.58 5.98 -15.24
N LYS G 607 43.91 6.87 -15.98
CA LYS G 607 42.76 6.49 -16.79
C LYS G 607 42.62 7.51 -17.91
N ASN G 608 42.72 7.04 -19.16
CA ASN G 608 42.57 7.89 -20.34
C ASN G 608 41.58 7.21 -21.28
N ARG G 609 40.37 7.76 -21.36
CA ARG G 609 39.36 7.18 -22.24
C ARG G 609 39.77 7.31 -23.71
N PHE G 610 40.28 8.47 -24.11
CA PHE G 610 40.53 8.73 -25.53
C PHE G 610 41.79 8.01 -26.01
N ASP G 611 42.81 7.92 -25.17
CA ASP G 611 44.11 7.39 -25.58
C ASP G 611 44.57 6.17 -24.80
N GLY G 612 44.16 6.01 -23.54
CA GLY G 612 44.66 4.90 -22.75
C GLY G 612 46.10 5.06 -22.31
N ASP G 613 46.59 6.30 -22.22
CA ASP G 613 47.97 6.57 -21.84
C ASP G 613 48.01 7.06 -20.40
N VAL G 614 48.91 6.48 -19.60
CA VAL G 614 49.05 6.82 -18.20
C VAL G 614 50.48 7.35 -17.97
N GLY G 615 50.66 8.00 -16.83
CA GLY G 615 51.97 8.53 -16.49
C GLY G 615 51.87 9.45 -15.29
N VAL G 616 53.02 10.02 -14.93
CA VAL G 616 53.11 10.93 -13.80
C VAL G 616 54.29 11.86 -14.03
N PHE G 617 54.09 13.15 -13.75
CA PHE G 617 55.12 14.16 -13.93
C PHE G 617 55.12 15.12 -12.75
N PRO G 618 56.28 15.61 -12.34
CA PRO G 618 56.34 16.57 -11.23
C PRO G 618 55.99 17.97 -11.67
N LEU G 619 55.68 18.81 -10.68
CA LEU G 619 55.38 20.21 -10.91
C LEU G 619 56.01 21.07 -9.83
N GLU G 620 56.37 22.30 -10.18
CA GLU G 620 56.91 23.28 -9.24
C GLU G 620 55.95 24.46 -9.18
N PHE G 621 55.51 24.79 -7.96
CA PHE G 621 54.56 25.88 -7.75
C PHE G 621 55.26 27.06 -7.08
N ASN G 622 55.07 28.25 -7.63
CA ASN G 622 55.61 29.48 -7.07
C ASN G 622 54.46 30.35 -6.59
N LYS G 623 54.51 30.75 -5.32
CA LYS G 623 53.45 31.57 -4.75
C LYS G 623 53.54 33.03 -5.21
N ASN G 624 54.68 33.45 -5.74
CA ASN G 624 54.82 34.83 -6.20
C ASN G 624 53.90 35.12 -7.37
N SER G 625 53.80 34.17 -8.32
CA SER G 625 52.97 34.33 -9.50
C SER G 625 51.74 33.43 -9.50
N LEU G 626 51.64 32.49 -8.56
CA LEU G 626 50.51 31.55 -8.49
C LEU G 626 50.38 30.75 -9.78
N THR G 627 51.52 30.42 -10.39
CA THR G 627 51.56 29.67 -11.63
C THR G 627 52.52 28.49 -11.48
N PHE G 628 52.05 27.31 -11.83
CA PHE G 628 52.89 26.12 -11.77
C PHE G 628 53.90 26.12 -12.91
N SER G 629 55.02 25.44 -12.67
CA SER G 629 56.11 25.38 -13.64
C SER G 629 56.84 24.05 -13.47
N ILE G 630 57.70 23.74 -14.44
CA ILE G 630 58.47 22.51 -14.41
C ILE G 630 59.87 22.77 -14.96
#